data_8KHQ
#
_entry.id   8KHQ
#
_cell.length_a   72.262
_cell.length_b   119.114
_cell.length_c   412.429
_cell.angle_alpha   90.00
_cell.angle_beta   90.00
_cell.angle_gamma   90.00
#
_symmetry.space_group_name_H-M   'P 21 21 21'
#
loop_
_entity.id
_entity.type
_entity.pdbx_description
1 polymer '5-histidylcysteine sulfoxide synthase/putative 4-mercaptohistidine N1-methyltranferase'
2 non-polymer 'COBALT (II) ION'
3 non-polymer HISTIDINE
4 non-polymer CYSTEINE
5 non-polymer DI(HYDROXYETHYL)ETHER
6 water water
#
_entity_poly.entity_id   1
_entity_poly.type   'polypeptide(L)'
_entity_poly.pdbx_seq_one_letter_code
;MGDRGPEFNKILLRPLLLKQKNPENLRQLIKKSFHRTFDTFESLFSMLRNDEAFYNRPEPLRHPHIFYFGHTAVFFINKL
ILSKIIDTRINAKMESIFAIGVDEMSWDDLNDDHYEWPSVEETRLYRNRVREVVDNLINTLPLELPITWDSPWWIILMGI
EHERIHIETSSVLIRQTDISLVLPQPEWSKCNVSGKAPENELLFVPGGEIEIGKYKSDDYYGWDNEYGKHKTVIPDFKAS
KYLVSNGEFMEFVKDGGYENDLWWEEEGLAWRNFKKAKHPIFWIPFKNEYRYRTLTEIVDMPLDWPVDVNYHEAKAFCNW
LSAKKGKPIRLPVEDEWYRLKEYCNVPDVSKWDEKAPANINLEHYASACPVTQFSFGNFYDVIGNVWQWTETPIYPFNGF
KIHPIYDDFSTPTFDNRHNLIKGGSFISTGNEILASSRYAFRRHFFQHAGFRYVESSYKEKINSSGYESDTQVSQYCEFG
WGDRYFGIENYPKRCAKICIEVTEGKPRKKALDVGCAIGRSTLELATSFESVTGLDFSARFIEMAERMRKDGSIRYTITT
EGELVEYKEATLPKRLAKVVDRVEFWQADACNLKPIFTGYDLVFAGNLIDRLYDPAKFLNDIGKRINSGGMLILTSPYTW
LEEFTPKQKWLGGFKQDGEPVKSIDGLKSHLKDSFKLIETRDIEFVIRETARKFQHSVAQMSIWEKILEVDLQGDHGLSA
WSHPQFEK
;
_entity_poly.pdbx_strand_id   A,B,C,D
#
# COMPACT_ATOMS: atom_id res chain seq x y z
N PHE A 8 -3.92 -15.36 66.96
CA PHE A 8 -2.78 -14.55 66.56
C PHE A 8 -1.99 -15.23 65.43
N ASN A 9 -2.01 -16.56 65.44
CA ASN A 9 -1.28 -17.31 64.41
C ASN A 9 -1.83 -17.04 63.02
N LYS A 10 -3.17 -17.08 62.88
CA LYS A 10 -3.82 -16.88 61.59
C LYS A 10 -4.64 -15.60 61.51
N ILE A 11 -4.79 -14.87 62.61
CA ILE A 11 -5.56 -13.63 62.58
C ILE A 11 -4.86 -12.57 61.74
N LEU A 12 -3.52 -12.58 61.71
CA LEU A 12 -2.78 -11.60 60.91
C LEU A 12 -3.03 -11.74 59.42
N LEU A 13 -3.65 -12.83 58.97
CA LEU A 13 -3.94 -12.99 57.55
C LEU A 13 -5.20 -12.26 57.12
N ARG A 14 -5.95 -11.65 58.05
CA ARG A 14 -7.08 -10.84 57.68
C ARG A 14 -6.61 -9.59 56.94
N PRO A 15 -7.44 -9.05 56.03
CA PRO A 15 -7.02 -7.85 55.30
C PRO A 15 -6.85 -6.67 56.25
N LEU A 16 -5.82 -5.88 56.01
CA LEU A 16 -5.48 -4.79 56.92
C LEU A 16 -6.39 -3.59 56.71
N LEU A 17 -6.97 -3.10 57.80
CA LEU A 17 -7.64 -1.81 57.77
C LEU A 17 -6.59 -0.72 57.64
N LEU A 18 -6.71 0.10 56.59
CA LEU A 18 -5.64 1.02 56.24
C LEU A 18 -5.79 2.42 56.84
N LYS A 19 -6.98 2.77 57.33
CA LYS A 19 -7.19 4.09 57.94
C LYS A 19 -6.98 4.03 59.44
N GLN A 20 -5.75 3.68 59.82
CA GLN A 20 -5.36 3.61 61.22
C GLN A 20 -5.07 5.01 61.76
N LYS A 21 -5.12 5.13 63.08
CA LYS A 21 -4.91 6.43 63.71
C LYS A 21 -3.45 6.87 63.63
N ASN A 22 -2.52 5.93 63.72
CA ASN A 22 -1.10 6.23 63.75
C ASN A 22 -0.43 5.62 62.52
N PRO A 23 0.37 6.40 61.78
CA PRO A 23 1.08 5.80 60.63
C PRO A 23 2.11 4.77 61.03
N GLU A 24 2.80 4.97 62.17
CA GLU A 24 3.79 4.00 62.59
C GLU A 24 3.16 2.71 63.11
N ASN A 25 1.94 2.79 63.63
CA ASN A 25 1.22 1.57 63.98
C ASN A 25 0.79 0.80 62.74
N LEU A 26 0.47 1.51 61.66
CA LEU A 26 0.16 0.84 60.41
C LEU A 26 1.41 0.25 59.77
N ARG A 27 2.57 0.82 60.04
CA ARG A 27 3.82 0.26 59.51
C ARG A 27 4.07 -1.13 60.07
N GLN A 28 3.94 -1.29 61.40
CA GLN A 28 4.20 -2.58 62.01
C GLN A 28 3.16 -3.61 61.60
N LEU A 29 1.91 -3.20 61.45
CA LEU A 29 0.88 -4.13 60.97
C LEU A 29 1.22 -4.64 59.59
N ILE A 30 1.66 -3.74 58.69
CA ILE A 30 2.04 -4.16 57.35
C ILE A 30 3.32 -5.00 57.39
N LYS A 31 4.24 -4.67 58.30
CA LYS A 31 5.44 -5.50 58.45
C LYS A 31 5.08 -6.90 58.92
N LYS A 32 4.16 -7.02 59.88
CA LYS A 32 3.77 -8.35 60.34
C LYS A 32 2.85 -9.04 59.34
N SER A 33 2.02 -8.27 58.62
CA SER A 33 1.17 -8.87 57.59
C SER A 33 2.00 -9.44 56.45
N PHE A 34 3.17 -8.87 56.18
CA PHE A 34 4.02 -9.36 55.10
C PHE A 34 4.74 -10.63 55.49
N HIS A 35 5.40 -10.63 56.66
CA HIS A 35 6.17 -11.80 57.06
C HIS A 35 5.27 -13.00 57.32
N ARG A 36 4.08 -12.77 57.89
CA ARG A 36 3.16 -13.87 58.13
C ARG A 36 2.65 -14.46 56.81
N THR A 37 2.34 -13.61 55.84
CA THR A 37 1.94 -14.10 54.53
C THR A 37 3.10 -14.83 53.85
N PHE A 38 4.30 -14.28 53.94
CA PHE A 38 5.47 -14.95 53.37
C PHE A 38 5.74 -16.26 54.07
N ASP A 39 5.60 -16.29 55.41
CA ASP A 39 5.76 -17.55 56.14
C ASP A 39 4.73 -18.58 55.72
N THR A 40 3.47 -18.15 55.58
CA THR A 40 2.39 -19.09 55.28
C THR A 40 2.59 -19.73 53.91
N PHE A 41 2.98 -18.94 52.90
CA PHE A 41 3.19 -19.49 51.58
C PHE A 41 4.35 -20.48 51.57
N GLU A 42 5.45 -20.16 52.26
CA GLU A 42 6.57 -21.09 52.33
C GLU A 42 6.22 -22.34 53.14
N SER A 43 5.37 -22.19 54.16
CA SER A 43 4.93 -23.35 54.92
C SER A 43 4.01 -24.25 54.10
N LEU A 44 3.28 -23.68 53.13
CA LEU A 44 2.38 -24.46 52.30
C LEU A 44 3.12 -25.57 51.56
N PHE A 45 4.32 -25.29 51.09
CA PHE A 45 5.07 -26.28 50.32
C PHE A 45 5.74 -27.33 51.19
N SER A 46 5.74 -27.16 52.52
CA SER A 46 6.17 -28.26 53.38
C SER A 46 5.29 -29.48 53.24
N MET A 47 4.12 -29.36 52.60
CA MET A 47 3.27 -30.49 52.29
C MET A 47 3.75 -31.26 51.07
N LEU A 48 4.80 -30.80 50.40
CA LEU A 48 5.45 -31.58 49.35
C LEU A 48 6.48 -32.49 49.99
N ARG A 49 6.49 -33.76 49.57
CA ARG A 49 7.28 -34.77 50.26
C ARG A 49 8.77 -34.45 50.22
N ASN A 50 9.27 -33.97 49.09
CA ASN A 50 10.70 -33.71 48.91
C ASN A 50 10.88 -32.60 47.87
N ASP A 51 12.14 -32.27 47.60
CA ASP A 51 12.42 -31.21 46.62
C ASP A 51 12.07 -31.64 45.20
N GLU A 52 12.20 -32.93 44.90
CA GLU A 52 11.89 -33.40 43.55
C GLU A 52 10.42 -33.20 43.21
N ALA A 53 9.54 -33.17 44.21
CA ALA A 53 8.11 -33.02 43.96
C ALA A 53 7.74 -31.61 43.54
N PHE A 54 8.61 -30.63 43.77
CA PHE A 54 8.35 -29.27 43.30
C PHE A 54 8.25 -29.20 41.78
N TYR A 55 8.84 -30.17 41.07
CA TYR A 55 8.86 -30.18 39.62
C TYR A 55 7.76 -31.04 39.02
N ASN A 56 6.80 -31.47 39.84
CA ASN A 56 5.65 -32.17 39.34
C ASN A 56 4.61 -31.16 38.84
N ARG A 57 3.93 -31.51 37.75
CA ARG A 57 2.85 -30.71 37.19
C ARG A 57 1.54 -31.40 37.51
N PRO A 58 0.91 -31.08 38.64
CA PRO A 58 -0.34 -31.78 39.00
C PRO A 58 -1.51 -31.42 38.10
N GLU A 59 -1.62 -30.16 37.69
CA GLU A 59 -2.68 -29.69 36.81
C GLU A 59 -2.10 -29.37 35.44
N PRO A 60 -2.55 -30.03 34.37
CA PRO A 60 -1.96 -29.77 33.05
C PRO A 60 -2.08 -28.33 32.58
N LEU A 61 -3.07 -27.59 33.06
CA LEU A 61 -3.28 -26.21 32.65
C LEU A 61 -2.46 -25.22 33.45
N ARG A 62 -1.52 -25.69 34.28
CA ARG A 62 -0.72 -24.82 35.12
C ARG A 62 0.73 -25.27 35.09
N HIS A 63 1.59 -24.46 35.72
CA HIS A 63 3.01 -24.73 35.83
C HIS A 63 3.28 -25.73 36.95
N PRO A 64 4.51 -26.24 37.05
CA PRO A 64 4.88 -27.03 38.23
C PRO A 64 4.83 -26.17 39.49
N HIS A 65 4.93 -26.84 40.64
CA HIS A 65 4.93 -26.12 41.91
C HIS A 65 6.09 -25.15 42.01
N ILE A 66 7.26 -25.53 41.48
CA ILE A 66 8.47 -24.72 41.64
C ILE A 66 8.28 -23.33 41.04
N PHE A 67 7.50 -23.22 39.96
CA PHE A 67 7.26 -21.91 39.37
C PHE A 67 6.56 -20.98 40.35
N TYR A 68 5.46 -21.44 40.95
CA TYR A 68 4.71 -20.59 41.86
C TYR A 68 5.47 -20.35 43.16
N PHE A 69 6.36 -21.28 43.52
CA PHE A 69 7.19 -21.10 44.71
C PHE A 69 8.04 -19.83 44.60
N GLY A 70 8.56 -19.55 43.42
CA GLY A 70 9.36 -18.35 43.24
C GLY A 70 8.58 -17.19 42.66
N HIS A 71 7.40 -17.48 42.10
CA HIS A 71 6.64 -16.46 41.40
C HIS A 71 6.13 -15.37 42.35
N THR A 72 5.74 -15.75 43.57
CA THR A 72 5.19 -14.76 44.49
C THR A 72 6.26 -13.82 45.02
N ALA A 73 7.51 -14.27 45.11
CA ALA A 73 8.60 -13.38 45.51
C ALA A 73 9.07 -12.52 44.34
N VAL A 74 9.21 -13.14 43.17
CA VAL A 74 9.58 -12.40 41.96
C VAL A 74 8.55 -11.31 41.67
N PHE A 75 7.28 -11.58 41.96
CA PHE A 75 6.23 -10.60 41.74
C PHE A 75 6.49 -9.31 42.51
N PHE A 76 7.04 -9.43 43.73
CA PHE A 76 7.42 -8.24 44.48
C PHE A 76 8.48 -7.42 43.73
N ILE A 77 9.55 -8.09 43.28
CA ILE A 77 10.65 -7.38 42.66
C ILE A 77 10.23 -6.73 41.35
N ASN A 78 9.47 -7.46 40.52
CA ASN A 78 9.07 -6.93 39.22
C ASN A 78 8.15 -5.72 39.36
N LYS A 79 7.30 -5.69 40.39
CA LYS A 79 6.42 -4.55 40.59
C LYS A 79 7.16 -3.38 41.23
N LEU A 80 8.10 -3.67 42.14
CA LEU A 80 8.87 -2.60 42.76
C LEU A 80 9.85 -1.97 41.77
N ILE A 81 10.33 -2.75 40.80
CA ILE A 81 11.17 -2.19 39.74
C ILE A 81 10.33 -1.35 38.79
N LEU A 82 9.16 -1.87 38.38
CA LEU A 82 8.32 -1.14 37.44
C LEU A 82 7.83 0.17 38.03
N SER A 83 7.43 0.16 39.30
CA SER A 83 7.00 1.38 39.97
C SER A 83 8.18 2.27 40.36
N LYS A 84 9.41 1.86 40.08
CA LYS A 84 10.62 2.63 40.38
C LYS A 84 10.77 2.88 41.88
N ILE A 85 10.22 1.98 42.70
CA ILE A 85 10.43 2.06 44.14
C ILE A 85 11.84 1.58 44.49
N ILE A 86 12.30 0.53 43.82
CA ILE A 86 13.69 0.09 43.88
C ILE A 86 14.25 0.13 42.47
N ASP A 87 15.58 0.14 42.37
CA ASP A 87 16.26 0.25 41.09
C ASP A 87 17.21 -0.90 40.79
N THR A 88 17.46 -1.80 41.74
CA THR A 88 18.39 -2.91 41.56
C THR A 88 17.65 -4.23 41.66
N ARG A 89 17.81 -5.09 40.65
CA ARG A 89 17.21 -6.41 40.66
C ARG A 89 18.06 -7.37 41.49
N ILE A 90 17.41 -8.42 42.00
CA ILE A 90 18.14 -9.41 42.78
C ILE A 90 18.73 -10.48 41.87
N ASN A 91 17.90 -11.06 41.00
CA ASN A 91 18.37 -12.04 40.03
C ASN A 91 17.47 -11.90 38.80
N ALA A 92 17.93 -11.12 37.81
CA ALA A 92 17.12 -10.86 36.62
C ALA A 92 16.79 -12.15 35.86
N LYS A 93 17.70 -13.13 35.90
CA LYS A 93 17.42 -14.42 35.27
C LYS A 93 16.17 -15.06 35.87
N MET A 94 16.15 -15.20 37.21
CA MET A 94 14.99 -15.82 37.85
C MET A 94 13.75 -14.95 37.73
N GLU A 95 13.90 -13.63 37.70
CA GLU A 95 12.75 -12.74 37.65
C GLU A 95 12.04 -12.78 36.30
N SER A 96 12.69 -13.30 35.27
CA SER A 96 12.00 -13.58 34.02
C SER A 96 11.34 -14.96 34.04
N ILE A 97 12.01 -15.97 34.60
CA ILE A 97 11.49 -17.33 34.53
C ILE A 97 10.27 -17.49 35.41
N PHE A 98 10.20 -16.75 36.53
CA PHE A 98 9.06 -16.79 37.44
C PHE A 98 8.08 -15.64 37.18
N ALA A 99 8.18 -14.99 36.03
CA ALA A 99 7.44 -13.75 35.80
C ALA A 99 5.93 -13.97 35.71
N ILE A 100 5.47 -14.58 34.63
CA ILE A 100 4.04 -14.66 34.32
C ILE A 100 3.57 -16.10 34.45
N GLY A 101 2.46 -16.28 35.16
CA GLY A 101 1.78 -17.55 35.21
C GLY A 101 1.05 -17.82 33.91
N VAL A 102 0.14 -18.80 33.96
CA VAL A 102 -0.61 -19.20 32.77
C VAL A 102 -2.10 -19.15 33.09
N ASP A 103 -2.86 -18.49 32.23
CA ASP A 103 -4.30 -18.69 32.16
C ASP A 103 -4.55 -19.41 30.86
N GLU A 104 -5.41 -18.82 30.03
CA GLU A 104 -5.52 -19.18 28.63
C GLU A 104 -5.78 -20.67 28.45
N MET A 105 -6.39 -21.31 29.45
CA MET A 105 -6.57 -22.76 29.42
C MET A 105 -7.94 -23.08 28.80
N SER A 106 -7.95 -23.34 27.50
CA SER A 106 -9.18 -23.79 26.82
C SER A 106 -9.46 -25.28 27.05
N TRP A 107 -8.96 -25.83 28.16
CA TRP A 107 -8.97 -27.26 28.49
C TRP A 107 -8.35 -28.13 27.38
N ASP A 108 -7.54 -27.54 26.51
CA ASP A 108 -6.82 -28.29 25.48
C ASP A 108 -5.34 -28.38 25.79
N LEU A 110 -1.86 -25.99 26.82
CA LEU A 110 -1.08 -27.20 27.05
C LEU A 110 0.41 -26.97 26.77
N ASN A 111 1.18 -26.73 27.82
CA ASN A 111 2.63 -26.61 27.70
C ASN A 111 3.29 -27.99 27.78
N ASP A 112 4.47 -28.10 27.17
CA ASP A 112 5.18 -29.37 27.04
C ASP A 112 6.60 -29.22 27.61
N ASP A 113 6.68 -29.03 28.92
CA ASP A 113 7.96 -28.90 29.63
C ASP A 113 8.81 -27.79 29.01
N HIS A 114 9.98 -28.16 28.47
CA HIS A 114 10.92 -27.25 27.82
C HIS A 114 11.20 -25.99 28.65
N TYR A 115 11.15 -26.11 29.97
CA TYR A 115 11.54 -25.06 30.90
C TYR A 115 12.70 -25.58 31.75
N GLU A 116 13.73 -24.74 31.90
CA GLU A 116 14.90 -25.08 32.72
C GLU A 116 14.69 -24.46 34.09
N TRP A 117 14.07 -25.22 35.00
CA TRP A 117 13.69 -24.68 36.29
C TRP A 117 14.90 -24.60 37.22
N PRO A 118 15.04 -23.52 37.99
CA PRO A 118 16.09 -23.48 39.01
C PRO A 118 15.85 -24.54 40.07
N SER A 119 16.89 -24.78 40.86
CA SER A 119 16.75 -25.76 41.94
C SER A 119 15.83 -25.21 43.03
N VAL A 120 15.34 -26.12 43.87
CA VAL A 120 14.48 -25.71 44.98
C VAL A 120 15.28 -24.90 46.00
N GLU A 121 16.54 -25.27 46.23
CA GLU A 121 17.36 -24.53 47.17
C GLU A 121 17.72 -23.15 46.60
N GLU A 122 17.95 -23.07 45.29
CA GLU A 122 18.19 -21.78 44.65
C GLU A 122 17.02 -20.84 44.90
N THR A 123 15.79 -21.34 44.73
CA THR A 123 14.61 -20.50 44.92
C THR A 123 14.40 -20.14 46.38
N ARG A 124 14.74 -21.05 47.30
CA ARG A 124 14.63 -20.71 48.72
C ARG A 124 15.53 -19.52 49.07
N LEU A 125 16.78 -19.55 48.58
CA LEU A 125 17.69 -18.45 48.88
C LEU A 125 17.26 -17.15 48.21
N TYR A 126 16.66 -17.23 47.02
CA TYR A 126 16.15 -16.03 46.39
C TYR A 126 15.01 -15.44 47.19
N ARG A 127 14.08 -16.28 47.65
CA ARG A 127 12.94 -15.79 48.42
C ARG A 127 13.39 -15.08 49.69
N ASN A 128 14.40 -15.63 50.37
CA ASN A 128 14.91 -15.00 51.58
C ASN A 128 15.49 -13.62 51.29
N ARG A 129 16.09 -13.44 50.12
CA ARG A 129 16.63 -12.14 49.76
C ARG A 129 15.53 -11.16 49.38
N VAL A 130 14.42 -11.64 48.83
CA VAL A 130 13.27 -10.77 48.59
C VAL A 130 12.68 -10.30 49.91
N ARG A 131 12.68 -11.18 50.92
CA ARG A 131 12.08 -10.82 52.21
C ARG A 131 12.83 -9.67 52.88
N GLU A 132 14.16 -9.64 52.77
CA GLU A 132 14.90 -8.57 53.41
C GLU A 132 14.72 -7.25 52.67
N VAL A 133 14.60 -7.30 51.34
CA VAL A 133 14.38 -6.09 50.56
C VAL A 133 13.06 -5.44 50.95
N VAL A 134 11.99 -6.22 50.97
CA VAL A 134 10.69 -5.68 51.35
C VAL A 134 10.69 -5.26 52.81
N ASP A 135 11.28 -6.08 53.68
CA ASP A 135 11.39 -5.70 55.09
C ASP A 135 12.16 -4.40 55.25
N ASN A 136 13.24 -4.24 54.49
CA ASN A 136 13.99 -2.98 54.54
C ASN A 136 13.15 -1.83 54.00
N LEU A 137 12.35 -2.08 52.97
CA LEU A 137 11.47 -1.04 52.45
C LEU A 137 10.40 -0.65 53.46
N ILE A 138 9.78 -1.65 54.10
CA ILE A 138 8.78 -1.36 55.14
C ILE A 138 9.40 -0.57 56.28
N ASN A 139 10.71 -0.72 56.50
CA ASN A 139 11.36 -0.01 57.59
C ASN A 139 11.77 1.41 57.20
N THR A 140 12.16 1.61 55.94
CA THR A 140 12.76 2.88 55.54
C THR A 140 11.84 3.78 54.73
N LEU A 141 10.81 3.23 54.08
CA LEU A 141 9.95 4.05 53.23
C LEU A 141 9.03 4.91 54.10
N PRO A 142 8.86 6.18 53.75
CA PRO A 142 7.91 7.02 54.50
C PRO A 142 6.48 6.57 54.28
N LEU A 143 5.67 6.72 55.32
CA LEU A 143 4.26 6.33 55.29
C LEU A 143 3.41 7.59 55.42
N GLU A 144 2.74 7.96 54.33
CA GLU A 144 1.86 9.12 54.31
C GLU A 144 0.42 8.66 54.25
N LEU A 145 -0.39 9.12 55.20
CA LEU A 145 -1.80 8.77 55.25
C LEU A 145 -2.65 9.85 54.59
N PRO A 146 -3.74 9.47 53.91
CA PRO A 146 -4.17 8.08 53.71
C PRO A 146 -3.40 7.37 52.61
N ILE A 147 -3.43 6.03 52.61
CA ILE A 147 -2.77 5.26 51.57
C ILE A 147 -3.56 5.39 50.27
N THR A 148 -2.91 5.90 49.23
CA THR A 148 -3.51 6.07 47.92
C THR A 148 -2.92 5.06 46.94
N TRP A 149 -3.46 5.07 45.72
CA TRP A 149 -2.94 4.17 44.69
C TRP A 149 -1.53 4.55 44.26
N ASP A 150 -1.16 5.82 44.40
CA ASP A 150 0.19 6.26 44.07
C ASP A 150 1.19 5.97 45.18
N SER A 151 0.71 5.67 46.39
CA SER A 151 1.61 5.41 47.51
C SER A 151 2.42 4.14 47.25
N PRO A 152 3.71 4.13 47.58
CA PRO A 152 4.49 2.89 47.43
C PRO A 152 3.96 1.74 48.25
N TRP A 153 3.26 2.03 49.36
CA TRP A 153 2.67 0.99 50.17
C TRP A 153 1.57 0.21 49.44
N TRP A 154 1.00 0.80 48.39
CA TRP A 154 0.00 0.06 47.61
C TRP A 154 0.66 -1.09 46.85
N ILE A 155 1.88 -0.89 46.37
CA ILE A 155 2.58 -1.95 45.66
C ILE A 155 2.97 -3.08 46.61
N ILE A 156 3.45 -2.73 47.80
CA ILE A 156 3.80 -3.74 48.79
C ILE A 156 2.57 -4.57 49.16
N LEU A 157 1.43 -3.90 49.36
CA LEU A 157 0.19 -4.62 49.65
C LEU A 157 -0.26 -5.46 48.46
N MET A 158 -0.05 -4.95 47.24
CA MET A 158 -0.38 -5.73 46.04
C MET A 158 0.38 -7.05 46.03
N GLY A 159 1.67 -7.02 46.39
CA GLY A 159 2.43 -8.25 46.44
C GLY A 159 1.94 -9.19 47.53
N ILE A 160 1.47 -8.62 48.65
CA ILE A 160 0.96 -9.44 49.75
C ILE A 160 -0.33 -10.13 49.34
N GLU A 161 -1.29 -9.36 48.82
CA GLU A 161 -2.58 -9.92 48.44
C GLU A 161 -2.47 -10.81 47.21
N HIS A 162 -1.44 -10.62 46.38
CA HIS A 162 -1.20 -11.54 45.28
C HIS A 162 -0.62 -12.85 45.78
N GLU A 163 0.23 -12.80 46.81
CA GLU A 163 0.76 -14.03 47.38
C GLU A 163 -0.34 -14.83 48.07
N ARG A 164 -1.28 -14.14 48.70
CA ARG A 164 -2.40 -14.83 49.35
C ARG A 164 -3.29 -15.54 48.35
N ILE A 165 -3.46 -14.96 47.15
CA ILE A 165 -4.18 -15.66 46.10
C ILE A 165 -3.47 -16.96 45.75
N HIS A 166 -2.13 -16.92 45.65
CA HIS A 166 -1.40 -18.12 45.31
C HIS A 166 -1.30 -19.10 46.47
N ILE A 167 -1.52 -18.63 47.71
CA ILE A 167 -1.66 -19.57 48.81
C ILE A 167 -2.83 -20.51 48.58
N GLU A 168 -3.96 -19.96 48.11
CA GLU A 168 -5.12 -20.81 47.83
C GLU A 168 -4.93 -21.60 46.55
N THR A 169 -4.49 -20.95 45.46
CA THR A 169 -4.45 -21.63 44.18
C THR A 169 -3.35 -22.69 44.14
N SER A 170 -2.29 -22.54 44.93
CA SER A 170 -1.30 -23.60 45.02
C SER A 170 -1.74 -24.72 45.95
N SER A 171 -2.61 -24.43 46.92
CA SER A 171 -3.13 -25.48 47.78
C SER A 171 -4.02 -26.43 46.98
N VAL A 172 -4.79 -25.89 46.04
CA VAL A 172 -5.54 -26.74 45.11
C VAL A 172 -4.57 -27.64 44.34
N LEU A 173 -3.48 -27.07 43.86
CA LEU A 173 -2.50 -27.85 43.10
C LEU A 173 -1.89 -28.94 43.97
N ILE A 174 -1.59 -28.61 45.24
CA ILE A 174 -1.11 -29.64 46.16
C ILE A 174 -2.16 -30.72 46.35
N ARG A 175 -3.42 -30.30 46.53
CA ARG A 175 -4.52 -31.25 46.64
C ARG A 175 -4.73 -32.06 45.38
N GLN A 176 -4.23 -31.58 44.24
CA GLN A 176 -4.27 -32.33 42.98
C GLN A 176 -3.01 -33.15 42.74
N THR A 177 -2.02 -33.06 43.64
CA THR A 177 -0.78 -33.80 43.47
C THR A 177 -0.95 -35.24 43.93
N ASP A 178 -0.25 -36.16 43.24
CA ASP A 178 -0.26 -37.57 43.59
C ASP A 178 -0.02 -37.76 45.08
N ILE A 179 -0.84 -38.62 45.70
CA ILE A 179 -0.79 -38.80 47.15
C ILE A 179 0.59 -39.24 47.61
N SER A 180 1.34 -39.96 46.77
CA SER A 180 2.66 -40.42 47.17
C SER A 180 3.69 -39.29 47.18
N LEU A 181 3.37 -38.13 46.61
CA LEU A 181 4.29 -37.01 46.55
C LEU A 181 3.96 -35.91 47.56
N VAL A 182 3.01 -36.16 48.47
CA VAL A 182 2.63 -35.17 49.47
C VAL A 182 2.90 -35.74 50.86
N LEU A 183 3.03 -34.83 51.83
CA LEU A 183 3.33 -35.18 53.20
C LEU A 183 2.39 -34.38 54.10
N PRO A 184 1.55 -35.03 54.91
CA PRO A 184 0.65 -34.28 55.79
C PRO A 184 1.42 -33.54 56.87
N GLN A 185 1.08 -32.28 57.08
CA GLN A 185 1.75 -31.44 58.06
C GLN A 185 0.75 -30.96 59.10
N PRO A 186 1.08 -31.04 60.40
CA PRO A 186 0.12 -30.63 61.44
C PRO A 186 -0.26 -29.16 61.37
N GLU A 187 0.55 -28.33 60.71
CA GLU A 187 0.19 -26.93 60.49
C GLU A 187 -0.95 -26.77 59.49
N TRP A 188 -1.31 -27.82 58.77
CA TRP A 188 -2.35 -27.81 57.74
C TRP A 188 -3.33 -28.94 57.98
N SER A 189 -3.83 -29.04 59.21
CA SER A 189 -4.69 -30.15 59.60
C SER A 189 -6.09 -30.01 58.99
N LYS A 190 -6.74 -31.14 58.82
CA LYS A 190 -8.08 -31.19 58.24
C LYS A 190 -9.14 -31.15 59.34
N CYS A 191 -10.38 -30.95 58.92
CA CYS A 191 -11.50 -31.16 59.84
C CYS A 191 -11.70 -32.65 60.07
N ASN A 192 -11.92 -33.02 61.33
CA ASN A 192 -12.02 -34.42 61.72
C ASN A 192 -13.45 -34.85 62.02
N VAL A 193 -14.43 -34.00 61.75
CA VAL A 193 -15.82 -34.27 62.08
C VAL A 193 -16.63 -34.33 60.79
N SER A 194 -17.39 -35.42 60.62
CA SER A 194 -18.27 -35.56 59.47
C SER A 194 -19.35 -36.57 59.83
N GLY A 195 -20.52 -36.40 59.24
CA GLY A 195 -21.61 -37.31 59.50
C GLY A 195 -22.62 -37.36 58.38
N LYS A 196 -23.85 -37.67 58.75
CA LYS A 196 -24.92 -37.84 57.78
C LYS A 196 -25.20 -36.54 57.04
N ALA A 197 -25.45 -36.64 55.74
CA ALA A 197 -25.77 -35.47 54.95
C ALA A 197 -27.19 -35.01 55.25
N PRO A 198 -27.39 -33.74 55.63
CA PRO A 198 -28.75 -33.24 55.83
C PRO A 198 -29.51 -33.14 54.53
N GLU A 199 -30.83 -33.00 54.67
CA GLU A 199 -31.71 -32.81 53.51
C GLU A 199 -31.79 -31.31 53.19
N ASN A 200 -31.33 -30.94 52.00
CA ASN A 200 -31.34 -29.54 51.61
C ASN A 200 -32.77 -29.10 51.28
N GLU A 201 -32.98 -27.78 51.27
CA GLU A 201 -34.28 -27.22 50.96
C GLU A 201 -34.11 -25.80 50.47
N LEU A 202 -35.12 -25.32 49.74
CA LEU A 202 -35.13 -23.97 49.20
C LEU A 202 -35.83 -23.03 50.16
N LEU A 203 -35.12 -22.00 50.61
CA LEU A 203 -35.64 -21.03 51.57
C LEU A 203 -35.89 -19.69 50.88
N PHE A 204 -36.78 -18.91 51.48
CA PHE A 204 -37.17 -17.64 50.88
C PHE A 204 -36.05 -16.61 51.01
N VAL A 205 -35.77 -15.92 49.91
CA VAL A 205 -34.85 -14.78 49.90
C VAL A 205 -35.56 -13.60 49.24
N PRO A 206 -35.65 -12.45 49.89
CA PRO A 206 -36.32 -11.30 49.28
C PRO A 206 -35.43 -10.59 48.28
N GLY A 207 -36.08 -9.99 47.28
CA GLY A 207 -35.40 -9.15 46.32
C GLY A 207 -35.26 -7.74 46.83
N GLY A 208 -34.82 -6.86 45.93
CA GLY A 208 -34.69 -5.46 46.26
C GLY A 208 -33.57 -4.83 45.47
N GLU A 209 -33.18 -3.63 45.92
CA GLU A 209 -32.16 -2.84 45.24
C GLU A 209 -30.78 -3.37 45.60
N ILE A 210 -30.05 -3.83 44.59
CA ILE A 210 -28.67 -4.25 44.76
C ILE A 210 -27.76 -3.08 44.42
N GLU A 211 -26.83 -2.75 45.32
CA GLU A 211 -25.88 -1.67 45.08
C GLU A 211 -24.51 -2.13 45.56
N ILE A 212 -23.67 -2.57 44.63
CA ILE A 212 -22.31 -2.99 44.95
C ILE A 212 -21.34 -2.08 44.20
N GLY A 213 -20.04 -2.29 44.42
CA GLY A 213 -19.05 -1.45 43.80
C GLY A 213 -18.31 -0.59 44.79
N LYS A 214 -16.98 -0.59 44.71
CA LYS A 214 -16.14 0.09 45.69
C LYS A 214 -15.83 1.51 45.22
N TYR A 215 -15.97 2.47 46.13
CA TYR A 215 -15.52 3.82 45.85
C TYR A 215 -13.99 3.87 45.89
N LYS A 216 -13.43 4.91 45.26
CA LYS A 216 -11.98 5.03 45.17
C LYS A 216 -11.34 5.21 46.55
N SER A 217 -12.06 5.83 47.48
CA SER A 217 -11.50 6.17 48.79
C SER A 217 -11.99 5.25 49.90
N ASP A 218 -12.22 3.98 49.59
CA ASP A 218 -12.61 3.01 50.62
C ASP A 218 -11.37 2.45 51.31
N ASP A 219 -11.62 1.69 52.39
CA ASP A 219 -10.59 1.51 53.40
C ASP A 219 -9.57 0.44 53.03
N TYR A 220 -10.02 -0.74 52.63
CA TYR A 220 -9.10 -1.85 52.43
C TYR A 220 -8.39 -1.74 51.08
N TYR A 221 -7.31 -2.51 50.95
CA TYR A 221 -6.72 -2.73 49.63
C TYR A 221 -7.72 -3.47 48.75
N GLY A 222 -7.71 -3.14 47.47
CA GLY A 222 -8.61 -3.79 46.53
C GLY A 222 -8.02 -3.80 45.14
N TRP A 223 -8.37 -4.84 44.40
CA TRP A 223 -7.99 -4.93 43.00
C TRP A 223 -8.88 -4.03 42.15
N ASP A 224 -8.45 -3.79 40.92
CA ASP A 224 -9.17 -2.82 40.08
C ASP A 224 -10.61 -3.28 39.82
N ASN A 225 -10.85 -4.58 39.69
CA ASN A 225 -12.19 -5.06 39.37
C ASN A 225 -13.18 -4.88 40.52
N GLU A 226 -12.73 -4.46 41.70
CA GLU A 226 -13.63 -4.22 42.81
C GLU A 226 -14.30 -2.85 42.74
N TYR A 227 -13.72 -1.90 42.01
CA TYR A 227 -14.16 -0.52 42.06
C TYR A 227 -15.15 -0.22 40.94
N GLY A 228 -16.05 0.71 41.21
CA GLY A 228 -17.10 1.11 40.30
C GLY A 228 -18.41 1.19 41.04
N LYS A 229 -19.50 1.21 40.27
CA LYS A 229 -20.86 1.27 40.81
C LYS A 229 -21.77 0.43 39.93
N HIS A 230 -22.52 -0.48 40.56
CA HIS A 230 -23.43 -1.37 39.83
C HIS A 230 -24.72 -1.50 40.61
N LYS A 231 -25.84 -1.19 39.96
CA LYS A 231 -27.16 -1.24 40.57
C LYS A 231 -28.10 -2.06 39.69
N THR A 232 -28.94 -2.87 40.35
CA THR A 232 -29.96 -3.65 39.66
C THR A 232 -31.02 -4.04 40.67
N VAL A 233 -32.15 -4.51 40.15
CA VAL A 233 -33.28 -4.94 40.97
C VAL A 233 -33.54 -6.41 40.68
N ILE A 234 -33.51 -7.23 41.72
CA ILE A 234 -33.80 -8.66 41.57
C ILE A 234 -35.09 -8.98 42.32
N PRO A 235 -35.86 -9.96 41.88
CA PRO A 235 -37.14 -10.27 42.53
C PRO A 235 -36.94 -11.21 43.71
N ASP A 236 -38.05 -11.53 44.37
CA ASP A 236 -38.05 -12.58 45.37
C ASP A 236 -37.67 -13.91 44.73
N PHE A 237 -36.79 -14.65 45.38
CA PHE A 237 -36.36 -15.95 44.88
C PHE A 237 -36.13 -16.88 46.06
N LYS A 238 -35.65 -18.08 45.77
CA LYS A 238 -35.35 -19.08 46.79
C LYS A 238 -33.92 -19.56 46.61
N ALA A 239 -33.21 -19.73 47.72
CA ALA A 239 -31.85 -20.24 47.71
C ALA A 239 -31.77 -21.46 48.62
N SER A 240 -30.88 -22.39 48.27
CA SER A 240 -30.76 -23.62 49.04
C SER A 240 -30.22 -23.33 50.43
N LYS A 241 -30.71 -24.08 51.42
CA LYS A 241 -30.33 -23.86 52.80
C LYS A 241 -28.83 -24.07 53.00
N TYR A 242 -28.31 -25.20 52.55
CA TYR A 242 -26.89 -25.50 52.66
C TYR A 242 -26.23 -25.46 51.28
N LEU A 243 -24.90 -25.46 51.29
CA LEU A 243 -24.18 -25.79 50.08
C LEU A 243 -24.43 -27.25 49.72
N VAL A 244 -24.23 -27.58 48.45
CA VAL A 244 -24.49 -28.93 47.98
C VAL A 244 -23.42 -29.86 48.53
N SER A 245 -23.82 -30.75 49.44
CA SER A 245 -22.89 -31.64 50.10
C SER A 245 -22.48 -32.78 49.17
N ASN A 246 -21.43 -33.50 49.57
CA ASN A 246 -21.04 -34.70 48.83
C ASN A 246 -22.20 -35.67 48.71
N GLY A 247 -22.96 -35.84 49.80
CA GLY A 247 -24.07 -36.77 49.78
C GLY A 247 -25.19 -36.34 48.85
N GLU A 248 -25.51 -35.05 48.84
CA GLU A 248 -26.52 -34.55 47.92
C GLU A 248 -26.08 -34.72 46.47
N PHE A 249 -24.80 -34.44 46.19
CA PHE A 249 -24.27 -34.65 44.86
C PHE A 249 -24.13 -36.14 44.53
N MET A 250 -24.03 -37.00 45.55
CA MET A 250 -23.93 -38.43 45.32
C MET A 250 -25.19 -38.97 44.65
N GLU A 251 -26.35 -38.40 44.97
CA GLU A 251 -27.59 -38.83 44.34
C GLU A 251 -27.56 -38.52 42.84
N PHE A 252 -27.02 -37.36 42.46
CA PHE A 252 -26.86 -37.03 41.06
C PHE A 252 -25.90 -38.00 40.36
N VAL A 253 -24.80 -38.35 41.01
CA VAL A 253 -23.83 -39.26 40.41
C VAL A 253 -24.42 -40.66 40.27
N LYS A 254 -25.16 -41.12 41.27
CA LYS A 254 -25.73 -42.45 41.22
C LYS A 254 -26.91 -42.55 40.25
N ASP A 255 -27.50 -41.42 39.87
CA ASP A 255 -28.55 -41.37 38.87
C ASP A 255 -28.00 -41.18 37.46
N GLY A 256 -26.73 -41.48 37.24
CA GLY A 256 -26.15 -41.37 35.91
C GLY A 256 -25.92 -39.95 35.46
N GLY A 257 -25.57 -39.05 36.37
CA GLY A 257 -25.45 -37.65 36.00
C GLY A 257 -24.35 -37.39 34.99
N TYR A 258 -23.20 -38.04 35.16
CA TYR A 258 -22.13 -37.93 34.18
C TYR A 258 -22.38 -38.76 32.94
N GLU A 259 -23.38 -39.65 32.97
CA GLU A 259 -23.74 -40.47 31.83
C GLU A 259 -24.89 -39.91 31.02
N ASN A 260 -25.66 -38.96 31.57
CA ASN A 260 -26.85 -38.42 30.93
C ASN A 260 -26.52 -37.06 30.34
N ASP A 261 -26.45 -37.00 29.00
CA ASP A 261 -26.08 -35.76 28.32
C ASP A 261 -27.13 -34.67 28.42
N LEU A 262 -28.35 -34.99 28.86
CA LEU A 262 -29.41 -34.00 28.91
C LEU A 262 -29.10 -32.86 29.87
N TRP A 263 -28.31 -33.13 30.91
CA TRP A 263 -28.06 -32.15 31.95
C TRP A 263 -26.92 -31.20 31.61
N TRP A 264 -26.08 -31.54 30.64
CA TRP A 264 -24.84 -30.80 30.40
C TRP A 264 -25.05 -29.76 29.30
N GLU A 265 -24.75 -28.50 29.61
CA GLU A 265 -24.74 -27.45 28.60
C GLU A 265 -23.71 -27.77 27.53
N GLU A 266 -23.76 -27.01 26.43
CA GLU A 266 -22.95 -27.36 25.26
C GLU A 266 -21.46 -27.24 25.58
N GLU A 267 -21.07 -26.26 26.39
CA GLU A 267 -19.65 -26.15 26.76
C GLU A 267 -19.26 -27.23 27.75
N GLY A 268 -20.10 -27.47 28.77
CA GLY A 268 -19.79 -28.48 29.76
C GLY A 268 -19.79 -29.89 29.18
N LEU A 269 -20.72 -30.17 28.27
CA LEU A 269 -20.71 -31.47 27.59
C LEU A 269 -19.40 -31.67 26.83
N ALA A 270 -18.91 -30.61 26.18
CA ALA A 270 -17.65 -30.73 25.46
C ALA A 270 -16.49 -30.96 26.41
N TRP A 271 -16.51 -30.31 27.58
CA TRP A 271 -15.46 -30.53 28.56
C TRP A 271 -15.55 -31.92 29.17
N ARG A 272 -16.77 -32.37 29.48
CA ARG A 272 -16.93 -33.66 30.15
C ARG A 272 -16.44 -34.80 29.25
N ASN A 273 -16.76 -34.75 27.95
CA ASN A 273 -16.34 -35.82 27.06
C ASN A 273 -14.84 -35.77 26.79
N PHE A 274 -14.24 -34.59 26.83
CA PHE A 274 -12.79 -34.50 26.65
C PHE A 274 -12.05 -35.09 27.85
N LYS A 275 -12.39 -34.64 29.05
CA LYS A 275 -11.77 -35.16 30.25
C LYS A 275 -12.20 -36.59 30.56
N LYS A 276 -13.24 -37.09 29.87
CA LYS A 276 -13.86 -38.38 30.18
C LYS A 276 -14.27 -38.44 31.64
N ALA A 277 -14.84 -37.33 32.13
CA ALA A 277 -15.16 -37.19 33.53
C ALA A 277 -16.33 -38.08 33.92
N LYS A 278 -16.16 -38.85 34.98
CA LYS A 278 -17.21 -39.70 35.53
C LYS A 278 -17.57 -39.36 36.96
N HIS A 279 -16.80 -38.52 37.64
CA HIS A 279 -17.01 -38.23 39.06
C HIS A 279 -16.24 -36.97 39.40
N PRO A 280 -16.55 -36.32 40.52
CA PRO A 280 -15.83 -35.10 40.90
C PRO A 280 -14.33 -35.32 41.02
N ILE A 281 -13.58 -34.22 40.90
CA ILE A 281 -12.13 -34.28 40.75
C ILE A 281 -11.44 -34.72 42.03
N PHE A 282 -12.06 -34.56 43.20
CA PHE A 282 -11.48 -35.01 44.46
C PHE A 282 -12.22 -36.21 45.03
N TRP A 283 -12.92 -36.97 44.19
CA TRP A 283 -13.47 -38.26 44.57
C TRP A 283 -12.57 -39.36 44.02
N ILE A 284 -12.14 -40.26 44.88
CA ILE A 284 -11.22 -41.34 44.50
C ILE A 284 -12.04 -42.62 44.39
N PRO A 285 -12.12 -43.24 43.22
CA PRO A 285 -12.85 -44.52 43.10
C PRO A 285 -12.19 -45.59 43.94
N PHE A 286 -12.98 -46.20 44.82
CA PHE A 286 -12.51 -47.26 45.72
C PHE A 286 -13.55 -48.38 45.69
N LYS A 287 -13.24 -49.44 44.94
CA LYS A 287 -14.14 -50.59 44.76
C LYS A 287 -15.45 -50.05 44.18
N ASN A 288 -16.60 -50.31 44.78
CA ASN A 288 -17.86 -49.75 44.32
C ASN A 288 -18.18 -48.41 44.99
N GLU A 289 -17.33 -47.96 45.91
CA GLU A 289 -17.57 -46.74 46.68
C GLU A 289 -16.63 -45.63 46.22
N TYR A 290 -16.72 -44.49 46.90
CA TYR A 290 -15.90 -43.33 46.63
C TYR A 290 -15.22 -42.87 47.91
N ARG A 291 -13.94 -42.51 47.80
CA ARG A 291 -13.19 -41.90 48.89
C ARG A 291 -12.90 -40.44 48.57
N TYR A 292 -12.47 -39.71 49.59
CA TYR A 292 -12.34 -38.27 49.54
C TYR A 292 -10.88 -37.86 49.72
N ARG A 293 -10.47 -36.82 48.99
CA ARG A 293 -9.10 -36.34 49.00
C ARG A 293 -9.07 -34.94 49.59
N THR A 294 -8.49 -34.81 50.78
CA THR A 294 -8.18 -33.49 51.32
C THR A 294 -6.86 -33.02 50.72
N LEU A 295 -6.21 -32.02 51.33
CA LEU A 295 -4.97 -31.51 50.76
C LEU A 295 -3.92 -32.62 50.62
N THR A 296 -3.70 -33.39 51.69
CA THR A 296 -2.65 -34.38 51.71
C THR A 296 -3.12 -35.75 52.20
N GLU A 297 -4.43 -35.97 52.34
CA GLU A 297 -4.91 -37.22 52.90
C GLU A 297 -6.09 -37.74 52.09
N ILE A 298 -6.19 -39.06 52.02
CA ILE A 298 -7.34 -39.74 51.44
C ILE A 298 -8.13 -40.36 52.58
N VAL A 299 -9.36 -39.91 52.77
CA VAL A 299 -10.18 -40.31 53.89
C VAL A 299 -11.53 -40.79 53.36
N ASP A 300 -12.28 -41.47 54.22
CA ASP A 300 -13.63 -41.88 53.86
C ASP A 300 -14.48 -40.66 53.56
N MET A 301 -15.45 -40.85 52.67
CA MET A 301 -16.24 -39.74 52.15
C MET A 301 -16.96 -39.01 53.26
N PRO A 302 -16.69 -37.72 53.47
CA PRO A 302 -17.49 -36.94 54.42
C PRO A 302 -18.75 -36.44 53.73
N LEU A 303 -19.88 -37.12 53.97
CA LEU A 303 -21.09 -36.87 53.19
C LEU A 303 -21.71 -35.51 53.48
N ASP A 304 -21.45 -34.91 54.64
CA ASP A 304 -22.01 -33.61 54.97
C ASP A 304 -21.05 -32.46 54.68
N TRP A 305 -19.88 -32.74 54.10
CA TRP A 305 -19.02 -31.69 53.60
C TRP A 305 -19.46 -31.28 52.20
N PRO A 306 -19.17 -30.05 51.79
CA PRO A 306 -19.57 -29.62 50.45
C PRO A 306 -18.78 -30.35 49.38
N VAL A 307 -19.41 -30.49 48.22
CA VAL A 307 -18.78 -31.13 47.07
C VAL A 307 -17.91 -30.11 46.35
N ASP A 308 -16.85 -30.59 45.69
CA ASP A 308 -15.92 -29.76 44.94
C ASP A 308 -16.15 -30.02 43.45
N VAL A 309 -16.65 -29.01 42.73
CA VAL A 309 -16.99 -29.14 41.32
C VAL A 309 -16.59 -27.86 40.60
N ASN A 310 -16.39 -27.98 39.29
CA ASN A 310 -16.29 -26.80 38.45
C ASN A 310 -17.70 -26.30 38.12
N TYR A 311 -17.78 -25.28 37.26
CA TYR A 311 -19.10 -24.76 36.90
C TYR A 311 -19.91 -25.78 36.12
N HIS A 312 -19.26 -26.52 35.21
CA HIS A 312 -20.00 -27.44 34.34
C HIS A 312 -20.69 -28.53 35.14
N GLU A 313 -20.03 -29.07 36.16
CA GLU A 313 -20.65 -30.11 36.97
C GLU A 313 -21.80 -29.55 37.81
N ALA A 314 -21.59 -28.39 38.42
CA ALA A 314 -22.64 -27.79 39.24
C ALA A 314 -23.86 -27.43 38.39
N LYS A 315 -23.63 -26.88 37.20
CA LYS A 315 -24.73 -26.55 36.31
C LYS A 315 -25.48 -27.81 35.86
N ALA A 316 -24.73 -28.88 35.56
CA ALA A 316 -25.37 -30.14 35.18
C ALA A 316 -26.21 -30.69 36.33
N PHE A 317 -25.75 -30.54 37.57
CA PHE A 317 -26.56 -30.93 38.71
C PHE A 317 -27.84 -30.12 38.78
N CYS A 318 -27.76 -28.81 38.51
CA CYS A 318 -28.95 -27.97 38.59
C CYS A 318 -29.96 -28.29 37.49
N ASN A 319 -29.48 -28.67 36.30
CA ASN A 319 -30.39 -29.09 35.27
C ASN A 319 -31.02 -30.45 35.61
N TRP A 320 -30.25 -31.33 36.24
CA TRP A 320 -30.80 -32.60 36.68
C TRP A 320 -31.83 -32.40 37.79
N LEU A 321 -31.50 -31.55 38.77
CA LEU A 321 -32.42 -31.32 39.87
C LEU A 321 -33.71 -30.65 39.40
N SER A 322 -33.62 -29.77 38.40
CA SER A 322 -34.82 -29.14 37.85
C SER A 322 -35.81 -30.18 37.31
N ALA A 323 -35.29 -31.28 36.74
CA ALA A 323 -36.17 -32.32 36.23
C ALA A 323 -36.81 -33.10 37.37
N LYS A 324 -36.09 -33.30 38.47
CA LYS A 324 -36.67 -34.03 39.60
C LYS A 324 -37.72 -33.19 40.32
N LYS A 325 -37.38 -31.93 40.62
CA LYS A 325 -38.28 -31.06 41.37
C LYS A 325 -39.36 -30.43 40.49
N GLY A 326 -39.25 -30.55 39.17
CA GLY A 326 -40.21 -29.91 38.29
C GLY A 326 -40.20 -28.40 38.33
N LYS A 327 -39.15 -27.80 38.89
CA LYS A 327 -39.02 -26.36 39.00
C LYS A 327 -37.70 -25.90 38.40
N PRO A 328 -37.68 -24.71 37.80
CA PRO A 328 -36.41 -24.19 37.27
C PRO A 328 -35.41 -23.86 38.36
N ILE A 329 -34.35 -24.65 38.47
CA ILE A 329 -33.28 -24.44 39.44
C ILE A 329 -31.99 -24.18 38.67
N ARG A 330 -31.22 -23.19 39.15
CA ARG A 330 -29.99 -22.81 38.49
C ARG A 330 -29.02 -22.29 39.54
N LEU A 331 -27.82 -21.96 39.08
CA LEU A 331 -26.83 -21.30 39.93
C LEU A 331 -27.19 -19.82 40.07
N PRO A 332 -26.80 -19.19 41.18
CA PRO A 332 -27.15 -17.78 41.38
C PRO A 332 -26.30 -16.88 40.50
N VAL A 333 -26.79 -15.66 40.30
CA VAL A 333 -25.95 -14.60 39.74
C VAL A 333 -25.22 -13.94 40.90
N GLU A 334 -24.18 -13.17 40.56
CA GLU A 334 -23.42 -12.50 41.60
C GLU A 334 -24.30 -11.61 42.47
N ASP A 335 -25.26 -10.92 41.84
CA ASP A 335 -26.16 -10.04 42.60
C ASP A 335 -27.02 -10.84 43.57
N GLU A 336 -27.49 -12.02 43.17
CA GLU A 336 -28.32 -12.83 44.05
C GLU A 336 -27.54 -13.30 45.29
N TRP A 337 -26.24 -13.53 45.14
CA TRP A 337 -25.44 -13.88 46.32
C TRP A 337 -25.24 -12.68 47.22
N TYR A 338 -25.04 -11.49 46.64
CA TYR A 338 -24.93 -10.28 47.45
C TYR A 338 -26.22 -10.00 48.19
N ARG A 339 -27.36 -10.22 47.52
CA ARG A 339 -28.64 -10.05 48.20
C ARG A 339 -28.78 -11.05 49.34
N LEU A 340 -28.40 -12.30 49.11
CA LEU A 340 -28.47 -13.31 50.16
C LEU A 340 -27.61 -12.94 51.35
N LYS A 341 -26.38 -12.46 51.09
CA LYS A 341 -25.49 -12.08 52.17
C LYS A 341 -26.09 -10.94 52.99
N GLU A 342 -26.63 -9.92 52.33
CA GLU A 342 -27.23 -8.80 53.04
C GLU A 342 -28.48 -9.24 53.80
N TYR A 343 -29.28 -10.13 53.19
CA TYR A 343 -30.47 -10.65 53.86
C TYR A 343 -30.09 -11.45 55.10
N CYS A 344 -29.04 -12.26 55.01
CA CYS A 344 -28.56 -13.02 56.16
C CYS A 344 -27.78 -12.19 57.16
N ASN A 345 -27.48 -10.93 56.83
CA ASN A 345 -26.71 -10.05 57.71
C ASN A 345 -25.38 -10.67 58.08
N VAL A 346 -24.66 -11.11 57.05
CA VAL A 346 -23.30 -11.64 57.26
C VAL A 346 -22.39 -10.49 57.70
N PRO A 347 -21.65 -10.63 58.79
CA PRO A 347 -20.81 -9.50 59.25
C PRO A 347 -19.52 -9.41 58.45
N ASP A 348 -19.13 -8.17 58.17
CA ASP A 348 -17.89 -7.92 57.46
C ASP A 348 -16.69 -8.27 58.35
N VAL A 349 -15.51 -8.35 57.72
CA VAL A 349 -14.31 -8.77 58.43
C VAL A 349 -13.98 -7.82 59.56
N SER A 350 -14.31 -6.53 59.41
CA SER A 350 -13.99 -5.54 60.41
C SER A 350 -14.73 -5.76 61.73
N LYS A 351 -15.81 -6.55 61.71
CA LYS A 351 -16.62 -6.78 62.90
C LYS A 351 -16.36 -8.14 63.54
N TRP A 352 -15.39 -8.91 63.04
CA TRP A 352 -15.16 -10.25 63.55
C TRP A 352 -14.47 -10.22 64.91
N ASP A 353 -14.67 -11.29 65.69
CA ASP A 353 -14.06 -11.41 67.00
C ASP A 353 -12.72 -12.13 66.92
N GLU A 354 -12.39 -12.93 67.93
CA GLU A 354 -11.12 -13.66 67.92
C GLU A 354 -11.11 -14.78 66.90
N LYS A 355 -12.28 -15.34 66.58
CA LYS A 355 -12.41 -16.40 65.60
C LYS A 355 -13.35 -15.96 64.49
N ALA A 356 -13.01 -16.34 63.25
CA ALA A 356 -13.86 -16.00 62.13
C ALA A 356 -15.19 -16.76 62.22
N PRO A 357 -16.31 -16.12 61.90
CA PRO A 357 -17.61 -16.80 62.02
C PRO A 357 -17.90 -17.70 60.83
N ALA A 358 -16.86 -18.17 60.14
CA ALA A 358 -17.03 -19.10 59.03
C ALA A 358 -15.74 -19.88 58.87
N ASN A 359 -15.83 -20.98 58.12
CA ASN A 359 -14.67 -21.81 57.78
C ASN A 359 -13.89 -21.05 56.70
N ILE A 360 -13.02 -20.13 57.13
CA ILE A 360 -12.41 -19.18 56.22
C ILE A 360 -11.14 -18.64 56.85
N ASN A 361 -10.24 -18.11 56.01
CA ASN A 361 -9.01 -17.43 56.44
C ASN A 361 -8.09 -18.35 57.24
N LEU A 362 -8.20 -19.66 57.02
CA LEU A 362 -7.36 -20.65 57.70
C LEU A 362 -7.48 -20.55 59.22
N GLU A 363 -8.61 -20.02 59.69
CA GLU A 363 -8.82 -19.83 61.12
C GLU A 363 -9.46 -21.03 61.80
N HIS A 364 -9.90 -22.03 61.03
CA HIS A 364 -10.55 -23.19 61.63
C HIS A 364 -9.93 -24.49 61.13
N TYR A 365 -9.90 -24.67 59.82
CA TYR A 365 -9.41 -25.92 59.22
C TYR A 365 -8.64 -25.62 57.94
N ALA A 366 -7.83 -26.60 57.54
CA ALA A 366 -7.22 -26.61 56.22
C ALA A 366 -7.98 -27.52 55.26
N SER A 367 -9.30 -27.61 55.44
CA SER A 367 -10.17 -28.34 54.55
C SER A 367 -11.59 -27.85 54.79
N ALA A 368 -12.54 -28.43 54.06
CA ALA A 368 -13.94 -28.12 54.29
C ALA A 368 -14.42 -28.76 55.60
N CYS A 369 -15.59 -28.33 56.05
CA CYS A 369 -16.24 -28.83 57.25
C CYS A 369 -17.68 -29.15 56.92
N PRO A 370 -18.42 -29.79 57.83
CA PRO A 370 -19.84 -30.05 57.55
C PRO A 370 -20.61 -28.79 57.18
N VAL A 371 -21.57 -28.95 56.28
CA VAL A 371 -22.38 -27.84 55.79
C VAL A 371 -23.34 -27.36 56.87
N THR A 372 -23.34 -28.04 58.02
CA THR A 372 -24.22 -27.71 59.13
C THR A 372 -23.49 -26.99 60.27
N GLN A 373 -22.25 -26.59 60.06
CA GLN A 373 -21.46 -26.03 61.15
C GLN A 373 -21.63 -24.51 61.29
N PHE A 374 -21.53 -23.77 60.19
CA PHE A 374 -21.53 -22.31 60.22
C PHE A 374 -22.83 -21.79 59.60
N SER A 375 -23.66 -21.18 60.44
CA SER A 375 -24.94 -20.64 59.99
C SER A 375 -24.87 -19.12 59.91
N PHE A 376 -25.68 -18.55 59.03
CA PHE A 376 -25.81 -17.11 58.86
C PHE A 376 -27.29 -16.84 58.65
N GLY A 377 -27.98 -16.52 59.75
CA GLY A 377 -29.42 -16.40 59.70
C GLY A 377 -30.10 -17.74 59.51
N ASN A 378 -30.89 -17.87 58.46
CA ASN A 378 -31.53 -19.13 58.12
C ASN A 378 -30.68 -20.00 57.19
N PHE A 379 -29.53 -19.50 56.75
CA PHE A 379 -28.72 -20.20 55.75
C PHE A 379 -27.39 -20.64 56.37
N TYR A 380 -26.66 -21.44 55.61
CA TYR A 380 -25.40 -22.01 56.04
C TYR A 380 -24.35 -21.81 54.96
N ASP A 381 -23.12 -21.52 55.38
CA ASP A 381 -21.99 -21.33 54.47
C ASP A 381 -22.30 -20.28 53.40
N VAL A 382 -22.89 -19.17 53.82
CA VAL A 382 -23.01 -18.02 52.92
C VAL A 382 -21.63 -17.47 52.59
N ILE A 383 -20.72 -17.50 53.56
CA ILE A 383 -19.31 -17.27 53.34
C ILE A 383 -18.55 -18.43 53.95
N GLY A 384 -17.37 -18.73 53.40
CA GLY A 384 -16.52 -19.76 53.96
C GLY A 384 -16.85 -21.16 53.46
N ASN A 385 -16.04 -22.11 53.93
CA ASN A 385 -16.08 -23.52 53.56
C ASN A 385 -15.53 -23.79 52.16
N VAL A 386 -16.32 -23.49 51.12
CA VAL A 386 -15.85 -23.59 49.75
C VAL A 386 -16.47 -22.43 48.99
N TRP A 387 -15.86 -22.09 47.85
CA TRP A 387 -16.42 -21.06 46.99
C TRP A 387 -17.76 -21.53 46.43
N GLN A 388 -18.58 -20.56 46.02
CA GLN A 388 -19.88 -20.84 45.43
C GLN A 388 -19.88 -20.33 44.00
N TRP A 389 -20.04 -21.24 43.04
CA TRP A 389 -20.08 -20.84 41.63
C TRP A 389 -21.29 -19.96 41.35
N THR A 390 -21.11 -19.02 40.44
CA THR A 390 -22.22 -18.20 39.95
C THR A 390 -22.30 -18.32 38.43
N GLU A 391 -23.37 -17.75 37.88
CA GLU A 391 -23.57 -17.72 36.43
C GLU A 391 -23.19 -16.39 35.82
N THR A 392 -22.50 -15.54 36.57
CA THR A 392 -22.18 -14.20 36.08
C THR A 392 -20.71 -14.16 35.70
N PRO A 393 -20.37 -14.08 34.41
CA PRO A 393 -18.97 -13.85 34.05
C PRO A 393 -18.50 -12.51 34.59
N ILE A 394 -17.25 -12.48 35.06
CA ILE A 394 -16.74 -11.26 35.68
C ILE A 394 -16.70 -10.14 34.64
N TYR A 395 -17.01 -8.94 35.09
CA TYR A 395 -17.16 -7.78 34.20
C TYR A 395 -16.81 -6.54 34.99
N PRO A 396 -16.37 -5.48 34.33
CA PRO A 396 -16.01 -4.24 35.06
C PRO A 396 -17.24 -3.39 35.34
N PHE A 397 -17.33 -2.91 36.57
CA PHE A 397 -18.37 -1.96 36.94
C PHE A 397 -18.18 -0.64 36.20
N ASN A 398 -19.25 0.15 36.14
CA ASN A 398 -19.14 1.50 35.59
C ASN A 398 -18.26 2.33 36.52
N GLY A 399 -17.17 2.87 35.97
CA GLY A 399 -16.15 3.53 36.76
C GLY A 399 -14.89 2.73 36.95
N PHE A 400 -14.79 1.55 36.32
CA PHE A 400 -13.62 0.71 36.46
C PHE A 400 -12.38 1.41 35.90
N LYS A 401 -11.29 1.35 36.66
CA LYS A 401 -10.04 1.96 36.27
C LYS A 401 -8.89 1.05 36.65
N ILE A 402 -8.02 0.74 35.70
CA ILE A 402 -6.91 -0.16 35.98
C ILE A 402 -5.83 0.58 36.78
N HIS A 403 -5.02 -0.19 37.50
CA HIS A 403 -3.85 0.39 38.18
C HIS A 403 -2.64 0.31 37.25
N PRO A 404 -1.88 1.39 37.10
CA PRO A 404 -0.81 1.41 36.09
C PRO A 404 0.28 0.36 36.30
N ILE A 405 0.47 -0.12 37.53
CA ILE A 405 1.52 -1.09 37.80
C ILE A 405 1.08 -2.52 37.48
N TYR A 406 -0.22 -2.76 37.34
CA TYR A 406 -0.75 -4.08 37.00
C TYR A 406 -2.01 -3.85 36.18
N ASP A 407 -1.83 -3.34 34.96
CA ASP A 407 -2.96 -2.94 34.14
C ASP A 407 -3.75 -4.12 33.60
N ASP A 408 -3.15 -5.31 33.55
CA ASP A 408 -3.80 -6.49 33.00
C ASP A 408 -4.14 -7.53 34.07
N PHE A 409 -4.39 -7.08 35.30
CA PHE A 409 -4.75 -8.01 36.36
C PHE A 409 -6.10 -8.65 36.08
N SER A 410 -7.10 -7.85 35.72
CA SER A 410 -8.44 -8.36 35.47
C SER A 410 -8.94 -8.17 34.05
N THR A 411 -8.42 -7.18 33.31
CA THR A 411 -8.94 -6.92 31.97
C THR A 411 -8.86 -8.11 31.01
N PRO A 412 -7.88 -9.01 31.08
CA PRO A 412 -7.95 -10.21 30.22
C PRO A 412 -9.05 -11.17 30.62
N THR A 413 -9.53 -11.12 31.86
CA THR A 413 -10.59 -12.01 32.31
C THR A 413 -11.98 -11.50 31.93
N PHE A 414 -12.09 -10.29 31.39
CA PHE A 414 -13.37 -9.75 30.94
C PHE A 414 -13.71 -10.27 29.55
N ASP A 415 -13.85 -11.60 29.45
CA ASP A 415 -14.07 -12.26 28.17
C ASP A 415 -15.31 -13.13 28.15
N ASN A 416 -16.20 -12.99 29.13
CA ASN A 416 -17.41 -13.81 29.27
C ASN A 416 -17.10 -15.29 29.43
N ARG A 417 -15.86 -15.62 29.83
CA ARG A 417 -15.49 -17.01 30.07
C ARG A 417 -15.09 -17.29 31.51
N HIS A 418 -14.86 -16.26 32.33
CA HIS A 418 -14.48 -16.44 33.73
C HIS A 418 -15.70 -16.16 34.59
N ASN A 419 -16.30 -17.23 35.12
CA ASN A 419 -17.48 -17.08 35.97
C ASN A 419 -17.08 -16.69 37.39
N LEU A 420 -17.87 -15.80 37.98
CA LEU A 420 -17.58 -15.33 39.33
C LEU A 420 -17.89 -16.40 40.36
N ILE A 421 -17.08 -16.44 41.42
CA ILE A 421 -17.31 -17.30 42.57
C ILE A 421 -17.27 -16.41 43.81
N LYS A 422 -18.12 -16.75 44.79
CA LYS A 422 -18.33 -15.89 45.96
C LYS A 422 -18.15 -16.70 47.25
N GLY A 423 -17.94 -15.97 48.34
CA GLY A 423 -17.90 -16.57 49.66
C GLY A 423 -16.51 -16.83 50.20
N GLY A 424 -15.63 -17.37 49.37
CA GLY A 424 -14.33 -17.81 49.83
C GLY A 424 -14.38 -19.17 50.48
N SER A 425 -13.22 -19.83 50.51
CA SER A 425 -13.08 -21.17 51.05
C SER A 425 -12.34 -21.12 52.37
N PHE A 426 -12.11 -22.31 52.95
CA PHE A 426 -11.37 -22.42 54.20
C PHE A 426 -9.99 -21.78 54.12
N ILE A 427 -9.39 -21.75 52.93
CA ILE A 427 -8.03 -21.26 52.75
C ILE A 427 -8.00 -19.88 52.11
N SER A 428 -9.14 -19.30 51.78
CA SER A 428 -9.17 -17.94 51.26
C SER A 428 -8.77 -16.96 52.36
N THR A 429 -7.80 -16.11 52.07
CA THR A 429 -7.22 -15.22 53.06
C THR A 429 -7.16 -13.79 52.52
N GLY A 430 -6.91 -12.85 53.43
CA GLY A 430 -6.64 -11.48 53.04
C GLY A 430 -7.77 -10.85 52.26
N ASN A 431 -7.43 -10.32 51.08
CA ASN A 431 -8.43 -9.65 50.24
C ASN A 431 -9.58 -10.57 49.87
N GLU A 432 -9.32 -11.87 49.75
CA GLU A 432 -10.36 -12.80 49.30
C GLU A 432 -11.55 -12.87 50.26
N ILE A 433 -11.37 -12.53 51.53
CA ILE A 433 -12.46 -12.62 52.49
C ILE A 433 -13.22 -11.32 52.66
N LEU A 434 -12.87 -10.28 51.89
CA LEU A 434 -13.67 -9.06 51.87
C LEU A 434 -14.91 -9.27 51.00
N ALA A 435 -15.96 -8.53 51.33
CA ALA A 435 -17.22 -8.64 50.58
C ALA A 435 -17.05 -8.11 49.16
N SER A 436 -16.27 -7.04 49.00
CA SER A 436 -16.13 -6.38 47.71
C SER A 436 -15.22 -7.13 46.74
N SER A 437 -14.43 -8.09 47.21
CA SER A 437 -13.51 -8.79 46.32
C SER A 437 -14.28 -9.65 45.32
N ARG A 438 -13.72 -9.79 44.12
CA ARG A 438 -14.38 -10.48 43.02
C ARG A 438 -13.36 -11.36 42.32
N TYR A 439 -13.52 -12.68 42.46
CA TYR A 439 -12.63 -13.65 41.86
C TYR A 439 -13.41 -14.56 40.92
N ALA A 440 -12.81 -14.88 39.78
CA ALA A 440 -13.50 -15.62 38.73
C ALA A 440 -12.54 -16.63 38.10
N PHE A 441 -13.11 -17.67 37.50
CA PHE A 441 -12.34 -18.75 36.94
C PHE A 441 -13.04 -19.29 35.69
N ARG A 442 -12.24 -19.85 34.79
CA ARG A 442 -12.80 -20.60 33.68
C ARG A 442 -13.75 -21.67 34.20
N ARG A 443 -14.85 -21.86 33.48
CA ARG A 443 -15.93 -22.71 33.98
C ARG A 443 -15.52 -24.17 34.12
N HIS A 444 -14.37 -24.56 33.58
CA HIS A 444 -13.88 -25.93 33.73
C HIS A 444 -12.82 -26.07 34.82
N PHE A 445 -12.36 -24.97 35.40
CA PHE A 445 -11.24 -25.02 36.33
C PHE A 445 -11.70 -25.46 37.71
N PHE A 446 -10.81 -26.15 38.42
CA PHE A 446 -11.10 -26.70 39.74
C PHE A 446 -10.44 -25.88 40.83
N GLN A 447 -11.20 -25.65 41.90
CA GLN A 447 -10.72 -24.97 43.09
C GLN A 447 -11.33 -25.65 44.31
N HIS A 448 -11.13 -25.09 45.49
CA HIS A 448 -11.94 -25.44 46.66
C HIS A 448 -13.29 -24.74 46.50
N ALA A 449 -14.04 -25.20 45.51
CA ALA A 449 -15.26 -24.52 45.08
C ALA A 449 -16.40 -25.51 44.92
N GLY A 450 -17.52 -25.23 45.57
CA GLY A 450 -18.73 -26.00 45.40
C GLY A 450 -19.84 -25.13 44.83
N PHE A 451 -21.08 -25.30 45.31
CA PHE A 451 -22.15 -24.46 44.80
C PHE A 451 -23.38 -24.59 45.68
N ARG A 452 -24.11 -23.48 45.77
CA ARG A 452 -25.47 -23.43 46.25
C ARG A 452 -26.36 -23.13 45.05
N TYR A 453 -27.56 -23.71 45.01
CA TYR A 453 -28.47 -23.44 43.91
C TYR A 453 -29.61 -22.55 44.34
N VAL A 454 -30.27 -21.94 43.35
CA VAL A 454 -31.38 -21.03 43.58
C VAL A 454 -32.54 -21.39 42.66
N GLU A 455 -33.71 -20.85 42.98
CA GLU A 455 -34.88 -20.88 42.11
C GLU A 455 -35.32 -19.45 41.90
N SER A 456 -35.16 -18.94 40.67
CA SER A 456 -35.45 -17.54 40.40
C SER A 456 -35.86 -17.37 38.95
N SER A 457 -36.81 -16.46 38.73
CA SER A 457 -37.23 -16.06 37.40
C SER A 457 -36.38 -14.92 36.84
N TYR A 458 -35.44 -14.41 37.61
CA TYR A 458 -34.60 -13.29 37.19
C TYR A 458 -33.73 -13.71 36.01
N LYS A 459 -33.80 -12.92 34.94
CA LYS A 459 -33.00 -13.14 33.73
C LYS A 459 -31.96 -12.04 33.66
N GLU A 460 -30.73 -12.36 34.02
CA GLU A 460 -29.67 -11.37 34.07
C GLU A 460 -29.23 -10.98 32.66
N LYS A 461 -29.00 -9.69 32.45
CA LYS A 461 -28.55 -9.18 31.17
C LYS A 461 -27.03 -9.14 31.13
N ILE A 462 -26.43 -9.84 30.18
CA ILE A 462 -24.99 -9.83 29.96
C ILE A 462 -24.69 -8.95 28.76
N ASN A 463 -23.70 -8.07 28.90
CA ASN A 463 -23.33 -7.17 27.83
C ASN A 463 -22.17 -7.75 27.03
N SER A 464 -21.78 -7.05 25.96
CA SER A 464 -20.61 -7.46 25.20
C SER A 464 -19.37 -7.43 26.09
N SER A 465 -18.56 -8.47 25.96
CA SER A 465 -17.40 -8.62 26.83
C SER A 465 -16.21 -7.85 26.26
N GLY A 466 -15.20 -7.67 27.10
CA GLY A 466 -13.93 -7.13 26.69
C GLY A 466 -13.97 -5.66 26.29
N TYR A 467 -12.91 -5.27 25.61
CA TYR A 467 -12.74 -3.92 25.09
C TYR A 467 -12.53 -3.99 23.58
N GLU A 468 -13.21 -3.12 22.85
CA GLU A 468 -13.01 -3.05 21.41
C GLU A 468 -11.62 -2.52 21.10
N SER A 469 -10.90 -3.21 20.22
CA SER A 469 -9.51 -2.88 19.95
C SER A 469 -9.19 -2.68 18.47
N ASP A 470 -10.17 -2.82 17.58
CA ASP A 470 -9.94 -2.49 16.18
C ASP A 470 -9.51 -1.04 16.08
N THR A 471 -8.35 -0.81 15.46
CA THR A 471 -7.76 0.53 15.47
C THR A 471 -8.70 1.57 14.89
N GLN A 472 -9.44 1.20 13.85
CA GLN A 472 -10.35 2.16 13.24
C GLN A 472 -11.55 2.46 14.14
N VAL A 473 -12.12 1.43 14.76
CA VAL A 473 -13.20 1.66 15.72
C VAL A 473 -12.68 2.37 16.97
N SER A 474 -11.44 2.09 17.38
CA SER A 474 -10.88 2.72 18.57
C SER A 474 -10.76 4.24 18.37
N GLN A 475 -10.24 4.65 17.21
CA GLN A 475 -10.02 6.07 16.98
C GLN A 475 -11.32 6.85 17.00
N TYR A 476 -12.36 6.33 16.34
CA TYR A 476 -13.60 7.09 16.24
C TYR A 476 -14.44 7.02 17.51
N CYS A 477 -14.29 5.95 18.29
CA CYS A 477 -14.81 5.97 19.65
C CYS A 477 -14.19 7.10 20.44
N GLU A 478 -12.86 7.23 20.37
CA GLU A 478 -12.16 8.33 21.03
C GLU A 478 -12.53 9.67 20.40
N PHE A 479 -12.75 9.70 19.08
CA PHE A 479 -13.05 10.96 18.41
C PHE A 479 -14.38 11.53 18.85
N GLY A 480 -15.36 10.67 19.12
CA GLY A 480 -16.68 11.14 19.50
C GLY A 480 -16.95 11.08 20.99
N TRP A 481 -16.25 10.22 21.71
CA TRP A 481 -16.54 10.00 23.12
C TRP A 481 -15.31 10.09 24.03
N GLY A 482 -14.15 10.49 23.52
CA GLY A 482 -12.93 10.56 24.29
C GLY A 482 -12.65 11.93 24.84
N ASP A 483 -11.37 12.22 25.07
CA ASP A 483 -10.95 13.46 25.69
C ASP A 483 -10.56 14.49 24.63
N ARG A 484 -10.36 15.73 25.09
CA ARG A 484 -9.93 16.81 24.21
C ARG A 484 -8.41 16.82 24.12
N TYR A 485 -7.89 16.98 22.90
CA TYR A 485 -6.46 17.05 22.66
C TYR A 485 -6.12 18.41 22.06
N PHE A 486 -5.00 18.98 22.53
CA PHE A 486 -4.58 20.32 22.14
C PHE A 486 -5.67 21.36 22.41
N GLY A 487 -6.53 21.08 23.40
CA GLY A 487 -7.55 22.04 23.77
C GLY A 487 -8.67 22.21 22.77
N ILE A 488 -8.78 21.31 21.80
CA ILE A 488 -9.83 21.39 20.79
C ILE A 488 -11.05 20.66 21.31
N GLU A 489 -12.18 21.37 21.35
CA GLU A 489 -13.41 20.79 21.88
C GLU A 489 -13.91 19.67 20.97
N ASN A 490 -14.84 18.89 21.49
CA ASN A 490 -15.32 17.70 20.80
C ASN A 490 -15.93 18.08 19.45
N TYR A 491 -15.43 17.44 18.39
CA TYR A 491 -15.84 17.82 17.04
C TYR A 491 -17.25 17.34 16.72
N PRO A 492 -17.61 16.07 16.93
CA PRO A 492 -19.02 15.70 16.70
C PRO A 492 -20.00 16.51 17.53
N LYS A 493 -19.65 16.87 18.76
CA LYS A 493 -20.56 17.64 19.60
C LYS A 493 -20.67 19.08 19.12
N ARG A 494 -19.52 19.71 18.84
CA ARG A 494 -19.53 21.10 18.38
C ARG A 494 -20.33 21.25 17.10
N CYS A 495 -20.16 20.33 16.15
CA CYS A 495 -20.93 20.40 14.91
C CYS A 495 -22.41 20.28 15.19
N ALA A 496 -22.80 19.35 16.07
CA ALA A 496 -24.21 19.19 16.40
C ALA A 496 -24.76 20.44 17.10
N LYS A 497 -23.95 21.07 17.94
CA LYS A 497 -24.38 22.30 18.61
C LYS A 497 -24.60 23.42 17.61
N ILE A 498 -23.78 23.48 16.56
CA ILE A 498 -23.98 24.49 15.52
C ILE A 498 -25.24 24.19 14.72
N CYS A 499 -25.51 22.90 14.49
CA CYS A 499 -26.76 22.53 13.81
C CYS A 499 -27.97 23.00 14.61
N ILE A 500 -27.94 22.80 15.92
CA ILE A 500 -29.00 23.31 16.78
C ILE A 500 -29.01 24.83 16.78
N GLU A 501 -27.83 25.45 16.68
CA GLU A 501 -27.75 26.91 16.68
C GLU A 501 -28.44 27.50 15.46
N VAL A 502 -28.07 27.03 14.26
CA VAL A 502 -28.57 27.64 13.03
C VAL A 502 -29.98 27.19 12.66
N THR A 503 -30.62 26.35 13.48
CA THR A 503 -32.00 25.96 13.25
C THR A 503 -32.95 26.50 14.32
N GLU A 504 -32.53 27.53 15.06
CA GLU A 504 -33.40 28.17 16.02
C GLU A 504 -34.57 28.84 15.31
N GLY A 505 -35.78 28.63 15.81
CA GLY A 505 -36.96 29.17 15.17
C GLY A 505 -37.39 28.46 13.91
N LYS A 506 -36.81 27.31 13.62
CA LYS A 506 -37.10 26.53 12.42
C LYS A 506 -37.62 25.15 12.81
N PRO A 507 -38.27 24.44 11.88
CA PRO A 507 -38.81 23.12 12.22
C PRO A 507 -37.71 22.15 12.66
N ARG A 508 -38.07 21.29 13.60
CA ARG A 508 -37.15 20.30 14.17
C ARG A 508 -37.84 18.96 14.37
N LYS A 509 -38.65 18.55 13.40
CA LYS A 509 -39.33 17.25 13.48
C LYS A 509 -38.36 16.10 13.20
N LYS A 510 -37.69 16.14 12.05
CA LYS A 510 -36.84 15.04 11.60
C LYS A 510 -35.45 15.56 11.24
N ALA A 511 -34.43 14.81 11.63
CA ALA A 511 -33.04 15.15 11.31
C ALA A 511 -32.31 13.88 10.90
N LEU A 512 -31.33 14.05 10.02
CA LEU A 512 -30.54 12.93 9.52
C LEU A 512 -29.07 13.25 9.67
N ASP A 513 -28.31 12.29 10.19
CA ASP A 513 -26.87 12.45 10.41
C ASP A 513 -26.16 11.39 9.59
N VAL A 514 -25.67 11.78 8.39
CA VAL A 514 -24.98 10.87 7.49
C VAL A 514 -23.50 10.86 7.84
N GLY A 515 -22.90 9.67 7.86
CA GLY A 515 -21.56 9.52 8.38
C GLY A 515 -21.50 9.71 9.88
N CYS A 516 -22.46 9.12 10.60
CA CYS A 516 -22.61 9.38 12.03
C CYS A 516 -21.49 8.75 12.86
N ALA A 517 -20.78 7.76 12.31
CA ALA A 517 -19.67 7.08 12.99
C ALA A 517 -20.21 6.49 14.30
N ILE A 518 -19.64 6.82 15.47
CA ILE A 518 -20.06 6.23 16.72
C ILE A 518 -21.20 7.06 17.32
N GLY A 519 -21.71 7.99 16.53
CA GLY A 519 -22.99 8.61 16.83
C GLY A 519 -23.03 9.65 17.92
N ARG A 520 -21.91 10.33 18.20
CA ARG A 520 -21.96 11.39 19.19
C ARG A 520 -22.84 12.55 18.72
N SER A 521 -22.66 12.98 17.47
CA SER A 521 -23.47 14.07 16.94
C SER A 521 -24.93 13.66 16.80
N THR A 522 -25.20 12.38 16.56
CA THR A 522 -26.57 11.91 16.42
C THR A 522 -27.33 12.07 17.74
N LEU A 523 -26.73 11.62 18.84
CA LEU A 523 -27.38 11.76 20.13
C LEU A 523 -27.44 13.22 20.59
N GLU A 524 -26.45 14.03 20.19
CA GLU A 524 -26.49 15.45 20.51
C GLU A 524 -27.62 16.14 19.77
N LEU A 525 -27.84 15.77 18.50
CA LEU A 525 -28.93 16.36 17.73
C LEU A 525 -30.30 15.98 18.29
N ALA A 526 -30.39 14.80 18.92
CA ALA A 526 -31.68 14.33 19.44
C ALA A 526 -32.18 15.14 20.62
N THR A 527 -31.35 16.02 21.19
CA THR A 527 -31.81 16.87 22.29
C THR A 527 -32.75 17.97 21.80
N SER A 528 -32.65 18.36 20.53
CA SER A 528 -33.52 19.39 19.97
C SER A 528 -34.38 18.93 18.81
N PHE A 529 -34.06 17.80 18.18
CA PHE A 529 -34.82 17.29 17.06
C PHE A 529 -35.61 16.06 17.49
N GLU A 530 -36.89 16.02 17.12
CA GLU A 530 -37.79 14.97 17.62
C GLU A 530 -37.39 13.59 17.12
N SER A 531 -36.86 13.49 15.91
CA SER A 531 -36.47 12.20 15.35
C SER A 531 -35.15 12.40 14.60
N VAL A 532 -34.10 11.70 15.05
CA VAL A 532 -32.79 11.78 14.42
C VAL A 532 -32.38 10.38 13.99
N THR A 533 -31.84 10.27 12.78
CA THR A 533 -31.38 9.01 12.21
C THR A 533 -29.88 9.11 11.93
N GLY A 534 -29.13 8.11 12.39
CA GLY A 534 -27.70 8.05 12.14
C GLY A 534 -27.40 6.97 11.10
N LEU A 535 -26.64 7.36 10.08
CA LEU A 535 -26.28 6.48 8.99
C LEU A 535 -24.78 6.47 8.79
N ASP A 536 -24.22 5.30 8.54
CA ASP A 536 -22.80 5.18 8.28
C ASP A 536 -22.57 3.93 7.42
N PHE A 537 -21.57 4.02 6.54
CA PHE A 537 -21.28 2.89 5.67
C PHE A 537 -20.72 1.70 6.43
N SER A 538 -20.06 1.96 7.57
CA SER A 538 -19.42 0.90 8.33
C SER A 538 -20.44 0.21 9.23
N ALA A 539 -20.61 -1.10 9.05
CA ALA A 539 -21.46 -1.87 9.96
C ALA A 539 -20.86 -1.92 11.35
N ARG A 540 -19.53 -1.86 11.45
CA ARG A 540 -18.88 -1.84 12.75
C ARG A 540 -19.18 -0.56 13.50
N PHE A 541 -19.13 0.59 12.81
CA PHE A 541 -19.47 1.86 13.46
C PHE A 541 -20.91 1.87 13.97
N ILE A 542 -21.84 1.37 13.16
CA ILE A 542 -23.25 1.37 13.56
C ILE A 542 -23.48 0.44 14.74
N GLU A 543 -22.77 -0.69 14.79
CA GLU A 543 -22.91 -1.58 15.92
C GLU A 543 -22.48 -0.92 17.23
N MET A 544 -21.36 -0.19 17.19
CA MET A 544 -20.91 0.52 18.38
C MET A 544 -21.81 1.70 18.70
N ALA A 545 -22.34 2.36 17.68
CA ALA A 545 -23.23 3.49 17.91
C ALA A 545 -24.55 3.03 18.51
N GLU A 546 -25.05 1.87 18.09
CA GLU A 546 -26.27 1.32 18.67
C GLU A 546 -26.02 0.80 20.08
N ARG A 547 -24.85 0.21 20.31
CA ARG A 547 -24.52 -0.29 21.64
C ARG A 547 -24.48 0.85 22.66
N MET A 548 -23.90 1.99 22.27
CA MET A 548 -23.90 3.15 23.16
C MET A 548 -25.32 3.64 23.41
N ARG A 549 -26.20 3.52 22.43
CA ARG A 549 -27.58 3.99 22.61
C ARG A 549 -28.36 3.06 23.53
N LYS A 550 -28.28 1.75 23.30
CA LYS A 550 -29.01 0.80 24.13
C LYS A 550 -28.40 0.69 25.52
N ASP A 551 -27.11 0.30 25.59
CA ASP A 551 -26.48 0.00 26.87
C ASP A 551 -26.15 1.25 27.66
N GLY A 552 -25.90 2.38 27.00
CA GLY A 552 -25.52 3.58 27.68
C GLY A 552 -24.04 3.72 27.96
N SER A 553 -23.22 2.77 27.53
CA SER A 553 -21.79 2.86 27.73
C SER A 553 -21.08 1.92 26.75
N ILE A 554 -19.87 2.32 26.35
CA ILE A 554 -19.03 1.51 25.49
C ILE A 554 -17.64 1.43 26.10
N ARG A 555 -16.91 0.38 25.75
CA ARG A 555 -15.55 0.19 26.23
C ARG A 555 -14.63 -0.10 25.05
N TYR A 556 -13.46 0.51 25.07
CA TYR A 556 -12.51 0.37 23.96
C TYR A 556 -11.11 0.67 24.48
N THR A 557 -10.12 0.33 23.67
CA THR A 557 -8.71 0.57 23.98
C THR A 557 -8.11 1.49 22.93
N ILE A 558 -7.34 2.48 23.38
CA ILE A 558 -6.61 3.37 22.48
C ILE A 558 -5.12 3.10 22.66
N THR A 559 -4.38 3.21 21.56
CA THR A 559 -2.95 2.93 21.59
C THR A 559 -2.19 4.04 22.31
N THR A 560 -1.24 3.65 23.16
CA THR A 560 -0.26 4.59 23.71
C THR A 560 1.07 4.48 22.96
N GLU A 561 1.72 3.32 23.05
CA GLU A 561 2.91 3.02 22.26
C GLU A 561 2.82 1.58 21.80
N GLY A 562 2.95 1.37 20.49
CA GLY A 562 3.00 0.02 19.95
C GLY A 562 1.74 -0.75 20.26
N GLU A 563 1.90 -1.87 20.98
CA GLU A 563 0.79 -2.71 21.41
C GLU A 563 0.19 -2.29 22.74
N LEU A 564 0.89 -1.44 23.51
CA LEU A 564 0.35 -1.00 24.79
C LEU A 564 -0.86 -0.11 24.57
N VAL A 565 -1.83 -0.22 25.48
CA VAL A 565 -3.11 0.45 25.33
C VAL A 565 -3.50 1.08 26.65
N GLU A 566 -4.47 1.98 26.58
CA GLU A 566 -5.22 2.46 27.73
C GLU A 566 -6.67 2.00 27.61
N TYR A 567 -7.21 1.49 28.71
CA TYR A 567 -8.59 1.01 28.74
C TYR A 567 -9.51 2.18 29.03
N LYS A 568 -10.45 2.44 28.12
CA LYS A 568 -11.37 3.56 28.24
C LYS A 568 -12.81 3.04 28.33
N GLU A 569 -13.62 3.76 29.10
CA GLU A 569 -15.05 3.48 29.18
C GLU A 569 -15.80 4.80 29.01
N ALA A 570 -16.55 4.92 27.92
CA ALA A 570 -17.38 6.08 27.65
C ALA A 570 -18.81 5.76 28.08
N THR A 571 -19.30 6.48 29.08
CA THR A 571 -20.66 6.29 29.57
C THR A 571 -21.54 7.45 29.11
N LEU A 572 -22.74 7.12 28.67
CA LEU A 572 -23.65 8.13 28.14
C LEU A 572 -24.05 9.10 29.24
N PRO A 573 -23.84 10.40 29.07
CA PRO A 573 -24.28 11.36 30.09
C PRO A 573 -25.79 11.38 30.23
N LYS A 574 -26.23 11.96 31.34
CA LYS A 574 -27.66 11.94 31.67
C LYS A 574 -28.48 12.67 30.61
N ARG A 575 -27.95 13.78 30.08
CA ARG A 575 -28.71 14.59 29.14
C ARG A 575 -28.91 13.86 27.81
N LEU A 576 -27.98 12.99 27.43
CA LEU A 576 -28.14 12.20 26.21
C LEU A 576 -28.89 10.90 26.45
N ALA A 577 -28.87 10.38 27.69
CA ALA A 577 -29.62 9.16 27.99
C ALA A 577 -31.12 9.39 27.88
N LYS A 578 -31.59 10.64 28.01
CA LYS A 578 -33.02 10.91 27.93
C LYS A 578 -33.56 10.74 26.51
N VAL A 579 -32.73 11.00 25.51
CA VAL A 579 -33.20 11.11 24.14
C VAL A 579 -32.83 9.88 23.31
N VAL A 580 -32.45 8.78 23.95
CA VAL A 580 -32.05 7.59 23.20
C VAL A 580 -33.23 7.01 22.42
N ASP A 581 -34.46 7.23 22.90
CA ASP A 581 -35.63 6.70 22.21
C ASP A 581 -35.97 7.46 20.94
N ARG A 582 -35.31 8.59 20.68
CA ARG A 582 -35.54 9.38 19.48
C ARG A 582 -34.48 9.14 18.40
N VAL A 583 -33.62 8.14 18.59
CA VAL A 583 -32.47 7.90 17.72
C VAL A 583 -32.58 6.50 17.11
N GLU A 584 -32.26 6.40 15.83
CA GLU A 584 -32.10 5.12 15.14
C GLU A 584 -30.76 5.13 14.41
N PHE A 585 -30.08 3.98 14.43
CA PHE A 585 -28.81 3.80 13.74
C PHE A 585 -28.94 2.70 12.70
N TRP A 586 -28.52 2.98 11.47
CA TRP A 586 -28.59 2.00 10.38
C TRP A 586 -27.32 2.10 9.53
N GLN A 587 -26.94 0.97 8.95
CA GLN A 587 -25.86 0.94 7.97
C GLN A 587 -26.41 1.40 6.61
N ALA A 588 -25.68 2.28 5.94
CA ALA A 588 -26.20 2.86 4.70
C ALA A 588 -25.08 3.47 3.87
N ASP A 589 -25.20 3.33 2.55
CA ASP A 589 -24.30 3.99 1.61
C ASP A 589 -24.91 5.32 1.21
N ALA A 590 -24.23 6.42 1.52
CA ALA A 590 -24.78 7.74 1.30
C ALA A 590 -25.04 8.03 -0.16
N CYS A 591 -24.38 7.33 -1.08
CA CYS A 591 -24.58 7.53 -2.50
C CYS A 591 -25.74 6.71 -3.07
N ASN A 592 -26.35 5.84 -2.25
CA ASN A 592 -27.51 5.06 -2.66
C ASN A 592 -28.37 4.83 -1.42
N LEU A 593 -28.95 5.93 -0.91
CA LEU A 593 -29.81 5.84 0.26
C LEU A 593 -31.15 5.21 -0.10
N LYS A 594 -31.68 4.42 0.83
CA LYS A 594 -33.01 3.85 0.64
C LYS A 594 -34.05 4.96 0.58
N PRO A 595 -35.13 4.78 -0.19
CA PRO A 595 -36.11 5.86 -0.33
C PRO A 595 -36.81 6.22 0.97
N ILE A 596 -36.80 5.33 1.97
CA ILE A 596 -37.51 5.59 3.21
C ILE A 596 -36.88 6.75 3.99
N PHE A 597 -35.59 7.03 3.77
CA PHE A 597 -34.90 8.11 4.47
C PHE A 597 -35.17 9.42 3.73
N THR A 598 -36.24 10.10 4.11
CA THR A 598 -36.61 11.35 3.46
C THR A 598 -37.42 12.20 4.44
N GLY A 599 -37.77 13.41 4.01
CA GLY A 599 -38.59 14.31 4.80
C GLY A 599 -37.87 14.93 5.99
N TYR A 600 -36.65 15.40 5.80
CA TYR A 600 -35.82 15.88 6.89
C TYR A 600 -35.82 17.40 6.95
N ASP A 601 -35.89 17.93 8.18
CA ASP A 601 -35.73 19.36 8.40
C ASP A 601 -34.26 19.76 8.50
N LEU A 602 -33.38 18.80 8.77
CA LEU A 602 -31.94 19.05 8.81
C LEU A 602 -31.22 17.76 8.43
N VAL A 603 -30.27 17.87 7.50
CA VAL A 603 -29.37 16.78 7.17
C VAL A 603 -27.95 17.25 7.42
N PHE A 604 -27.25 16.57 8.32
CA PHE A 604 -25.86 16.87 8.63
C PHE A 604 -24.96 15.74 8.13
N ALA A 605 -23.87 16.11 7.47
CA ALA A 605 -22.89 15.15 6.94
C ALA A 605 -21.51 15.65 7.31
N GLY A 606 -20.91 15.05 8.34
CA GLY A 606 -19.63 15.47 8.85
C GLY A 606 -18.49 14.64 8.28
N ASN A 607 -17.52 15.32 7.68
CA ASN A 607 -16.31 14.70 7.16
C ASN A 607 -16.65 13.53 6.23
N LEU A 608 -17.55 13.79 5.28
CA LEU A 608 -18.09 12.73 4.44
C LEU A 608 -17.91 12.96 2.95
N ILE A 609 -18.17 14.18 2.46
CA ILE A 609 -18.28 14.39 1.02
C ILE A 609 -16.98 14.06 0.31
N ASP A 610 -15.84 14.28 0.96
CA ASP A 610 -14.55 13.92 0.39
C ASP A 610 -14.18 12.47 0.64
N ARG A 611 -15.13 11.64 1.07
CA ARG A 611 -14.93 10.22 1.27
C ARG A 611 -15.94 9.39 0.46
N LEU A 612 -16.75 10.04 -0.36
CA LEU A 612 -17.77 9.36 -1.16
C LEU A 612 -17.27 9.21 -2.60
N TYR A 613 -17.59 8.06 -3.22
CA TYR A 613 -17.13 7.83 -4.58
C TYR A 613 -17.87 8.69 -5.59
N ASP A 614 -19.08 9.16 -5.26
CA ASP A 614 -19.85 10.05 -6.13
C ASP A 614 -20.52 11.11 -5.27
N PRO A 615 -19.75 12.09 -4.79
CA PRO A 615 -20.35 13.13 -3.93
C PRO A 615 -21.41 13.96 -4.64
N ALA A 616 -21.29 14.16 -5.96
CA ALA A 616 -22.31 14.91 -6.68
C ALA A 616 -23.66 14.21 -6.61
N LYS A 617 -23.66 12.88 -6.74
CA LYS A 617 -24.91 12.13 -6.70
C LYS A 617 -25.54 12.19 -5.31
N PHE A 618 -24.72 12.18 -4.26
CA PHE A 618 -25.25 12.33 -2.91
C PHE A 618 -25.90 13.70 -2.72
N LEU A 619 -25.24 14.76 -3.20
CA LEU A 619 -25.81 16.09 -3.10
C LEU A 619 -27.08 16.22 -3.92
N ASN A 620 -27.17 15.51 -5.05
CA ASN A 620 -28.38 15.53 -5.84
C ASN A 620 -29.48 14.67 -5.22
N ASP A 621 -29.11 13.58 -4.55
CA ASP A 621 -30.12 12.71 -3.95
C ASP A 621 -30.63 13.26 -2.62
N ILE A 622 -29.75 13.86 -1.83
CA ILE A 622 -30.15 14.32 -0.50
C ILE A 622 -31.01 15.57 -0.57
N GLY A 623 -30.92 16.33 -1.67
CA GLY A 623 -31.76 17.51 -1.81
C GLY A 623 -33.23 17.15 -1.94
N LYS A 624 -33.54 16.08 -2.68
CA LYS A 624 -34.91 15.63 -2.84
C LYS A 624 -35.52 15.14 -1.53
N ARG A 625 -34.72 14.99 -0.48
CA ARG A 625 -35.17 14.38 0.77
C ARG A 625 -35.23 15.38 1.92
N ILE A 626 -34.90 16.64 1.68
CA ILE A 626 -34.99 17.69 2.68
C ILE A 626 -36.24 18.52 2.42
N ASN A 627 -36.98 18.82 3.49
CA ASN A 627 -38.19 19.61 3.36
C ASN A 627 -37.87 21.03 2.88
N SER A 628 -38.90 21.69 2.34
CA SER A 628 -38.75 23.07 1.89
C SER A 628 -38.29 23.96 3.03
N GLY A 629 -37.23 24.73 2.79
CA GLY A 629 -36.65 25.55 3.83
C GLY A 629 -35.83 24.80 4.86
N GLY A 630 -35.53 23.52 4.61
CA GLY A 630 -34.68 22.76 5.50
C GLY A 630 -33.21 23.10 5.32
N MET A 631 -32.41 22.60 6.26
CA MET A 631 -30.99 22.94 6.33
C MET A 631 -30.13 21.74 5.96
N LEU A 632 -29.19 21.96 5.05
CA LEU A 632 -28.14 20.99 4.75
C LEU A 632 -26.83 21.56 5.26
N ILE A 633 -26.14 20.81 6.10
CA ILE A 633 -24.89 21.25 6.71
C ILE A 633 -23.82 20.20 6.40
N LEU A 634 -22.74 20.64 5.76
CA LEU A 634 -21.64 19.79 5.37
C LEU A 634 -20.33 20.30 5.97
N THR A 635 -19.53 19.38 6.48
CA THR A 635 -18.17 19.70 6.92
C THR A 635 -17.20 18.77 6.20
N SER A 636 -16.04 19.31 5.81
CA SER A 636 -15.04 18.51 5.14
C SER A 636 -13.71 19.25 5.14
N PRO A 637 -12.59 18.55 5.30
CA PRO A 637 -11.29 19.18 5.06
C PRO A 637 -10.90 19.22 3.60
N TYR A 638 -11.76 18.68 2.72
CA TYR A 638 -11.53 18.65 1.28
C TYR A 638 -10.29 17.84 0.91
N THR A 639 -10.15 16.65 1.54
CA THR A 639 -9.03 15.74 1.27
C THR A 639 -9.38 14.86 0.07
N TRP A 640 -9.41 15.47 -1.10
CA TRP A 640 -9.75 14.76 -2.32
C TRP A 640 -8.63 13.80 -2.70
N LEU A 641 -8.96 12.52 -2.84
CA LEU A 641 -7.99 11.48 -3.17
C LEU A 641 -8.65 10.46 -4.08
N GLU A 642 -7.88 9.94 -5.04
CA GLU A 642 -8.36 8.85 -5.89
C GLU A 642 -8.68 7.60 -5.10
N GLU A 643 -8.25 7.52 -3.83
CA GLU A 643 -8.60 6.39 -2.99
C GLU A 643 -10.10 6.32 -2.73
N PHE A 644 -10.75 7.47 -2.61
CA PHE A 644 -12.18 7.54 -2.36
C PHE A 644 -13.00 7.99 -3.57
N THR A 645 -12.51 8.97 -4.32
CA THR A 645 -13.29 9.62 -5.36
C THR A 645 -12.49 9.71 -6.65
N PRO A 646 -13.07 9.36 -7.78
CA PRO A 646 -12.39 9.62 -9.06
C PRO A 646 -12.26 11.12 -9.30
N LYS A 647 -11.16 11.50 -9.96
CA LYS A 647 -10.85 12.92 -10.15
C LYS A 647 -11.95 13.63 -10.91
N GLN A 648 -12.62 12.94 -11.85
CA GLN A 648 -13.73 13.55 -12.57
C GLN A 648 -14.91 13.88 -11.66
N LYS A 649 -15.02 13.21 -10.51
CA LYS A 649 -16.13 13.42 -9.60
C LYS A 649 -15.75 14.22 -8.36
N TRP A 650 -14.59 14.88 -8.37
CA TRP A 650 -14.24 15.79 -7.29
C TRP A 650 -15.07 17.05 -7.38
N LEU A 651 -15.44 17.61 -6.23
CA LEU A 651 -16.13 18.88 -6.21
C LEU A 651 -15.19 20.06 -6.26
N GLY A 652 -13.91 19.84 -5.97
CA GLY A 652 -12.91 20.88 -6.03
C GLY A 652 -11.52 20.30 -6.10
N GLY A 653 -10.53 21.18 -6.01
CA GLY A 653 -9.15 20.74 -6.07
C GLY A 653 -8.65 20.43 -7.45
N PHE A 654 -9.19 21.09 -8.48
CA PHE A 654 -8.77 20.86 -9.86
C PHE A 654 -8.94 22.15 -10.64
N LYS A 655 -8.26 22.24 -11.77
CA LYS A 655 -8.34 23.40 -12.64
C LYS A 655 -9.24 23.12 -13.83
N GLN A 656 -10.07 24.10 -14.18
CA GLN A 656 -10.98 23.99 -15.30
C GLN A 656 -11.03 25.32 -16.03
N ASP A 657 -10.94 25.28 -17.37
CA ASP A 657 -10.84 26.48 -18.19
C ASP A 657 -9.64 27.33 -17.77
N GLY A 658 -8.63 26.69 -17.18
CA GLY A 658 -7.45 27.39 -16.72
C GLY A 658 -7.61 28.13 -15.42
N GLU A 659 -8.75 27.99 -14.74
CA GLU A 659 -8.96 28.63 -13.46
C GLU A 659 -9.16 27.57 -12.37
N PRO A 660 -8.60 27.79 -11.18
CA PRO A 660 -8.79 26.82 -10.10
C PRO A 660 -10.23 26.81 -9.62
N VAL A 661 -10.75 25.60 -9.38
CA VAL A 661 -12.08 25.40 -8.84
C VAL A 661 -11.92 24.96 -7.39
N LYS A 662 -12.22 25.85 -6.46
CA LYS A 662 -12.19 25.52 -5.05
C LYS A 662 -13.43 24.71 -4.68
N SER A 663 -13.30 23.89 -3.62
CA SER A 663 -14.38 22.98 -3.25
C SER A 663 -15.64 23.73 -2.85
N ILE A 664 -15.48 24.86 -2.14
CA ILE A 664 -16.66 25.64 -1.76
C ILE A 664 -17.35 26.20 -2.99
N ASP A 665 -16.58 26.56 -4.02
CA ASP A 665 -17.18 27.04 -5.26
C ASP A 665 -17.84 25.91 -6.03
N GLY A 666 -17.25 24.72 -5.97
CA GLY A 666 -17.91 23.55 -6.56
C GLY A 666 -19.18 23.16 -5.82
N LEU A 667 -19.26 23.49 -4.54
CA LEU A 667 -20.46 23.19 -3.76
C LEU A 667 -21.60 24.12 -4.14
N LYS A 668 -21.32 25.41 -4.32
CA LYS A 668 -22.32 26.32 -4.85
C LYS A 668 -22.79 25.87 -6.23
N SER A 669 -21.89 25.32 -7.04
CA SER A 669 -22.22 24.94 -8.40
C SER A 669 -23.20 23.78 -8.43
N HIS A 670 -22.99 22.76 -7.59
CA HIS A 670 -23.89 21.62 -7.54
C HIS A 670 -25.15 21.90 -6.73
N LEU A 671 -25.14 22.92 -5.87
CA LEU A 671 -26.30 23.27 -5.07
C LEU A 671 -26.91 24.59 -5.51
N LYS A 672 -26.64 25.02 -6.74
CA LYS A 672 -27.14 26.31 -7.22
C LYS A 672 -28.65 26.26 -7.41
N ASP A 673 -29.15 25.20 -8.03
CA ASP A 673 -30.56 25.14 -8.42
C ASP A 673 -31.50 24.94 -7.24
N SER A 674 -31.03 24.37 -6.12
CA SER A 674 -31.93 23.98 -5.05
C SER A 674 -31.50 24.41 -3.65
N PHE A 675 -30.32 25.00 -3.47
CA PHE A 675 -29.88 25.39 -2.13
C PHE A 675 -29.22 26.76 -2.16
N LYS A 676 -29.17 27.38 -0.99
CA LYS A 676 -28.62 28.72 -0.81
C LYS A 676 -27.66 28.70 0.38
N LEU A 677 -26.47 29.26 0.18
CA LEU A 677 -25.43 29.20 1.20
C LEU A 677 -25.65 30.26 2.26
N ILE A 678 -25.81 29.82 3.52
CA ILE A 678 -26.03 30.77 4.62
C ILE A 678 -24.71 31.35 5.10
N GLU A 679 -23.79 30.47 5.52
CA GLU A 679 -22.49 30.92 6.03
C GLU A 679 -21.53 29.73 5.99
N THR A 680 -20.25 30.04 6.12
CA THR A 680 -19.20 29.04 6.24
C THR A 680 -18.42 29.29 7.53
N ARG A 681 -17.86 28.22 8.08
CA ARG A 681 -17.14 28.31 9.35
C ARG A 681 -16.00 27.31 9.34
N ASP A 682 -14.88 27.67 9.97
CA ASP A 682 -13.73 26.81 10.10
C ASP A 682 -13.72 26.16 11.48
N ILE A 683 -13.64 24.82 11.51
CA ILE A 683 -13.74 24.06 12.74
C ILE A 683 -12.56 23.08 12.81
N GLU A 684 -11.74 23.21 13.85
CA GLU A 684 -10.63 22.29 14.04
C GLU A 684 -11.10 20.97 14.65
N PHE A 685 -10.38 19.90 14.34
CA PHE A 685 -10.62 18.63 15.00
C PHE A 685 -9.34 17.83 15.10
N VAL A 686 -9.25 17.00 16.12
CA VAL A 686 -8.08 16.19 16.40
C VAL A 686 -8.50 14.73 16.47
N ILE A 687 -7.78 13.86 15.75
CA ILE A 687 -8.02 12.44 15.76
C ILE A 687 -6.75 11.76 16.27
N ARG A 688 -6.87 11.07 17.40
CA ARG A 688 -5.71 10.48 18.07
C ARG A 688 -5.34 9.15 17.41
N GLU A 689 -4.06 9.00 17.09
CA GLU A 689 -3.51 7.74 16.60
C GLU A 689 -2.77 6.99 17.71
N THR A 690 -1.77 7.62 18.31
CA THR A 690 -1.07 7.07 19.46
C THR A 690 -1.11 8.08 20.60
N ALA A 691 -0.33 7.85 21.65
CA ALA A 691 -0.21 8.83 22.72
C ALA A 691 0.55 10.08 22.28
N ARG A 692 1.24 10.03 21.14
CA ARG A 692 2.06 11.15 20.68
C ARG A 692 1.83 11.55 19.24
N LYS A 693 1.01 10.83 18.48
CA LYS A 693 0.76 11.13 17.07
C LYS A 693 -0.71 11.39 16.85
N PHE A 694 -1.02 12.55 16.26
CA PHE A 694 -2.38 12.96 16.03
C PHE A 694 -2.54 13.51 14.62
N GLN A 695 -3.78 13.49 14.13
CA GLN A 695 -4.19 14.29 12.99
C GLN A 695 -4.88 15.54 13.51
N HIS A 696 -4.39 16.71 13.08
CA HIS A 696 -4.96 17.99 13.45
C HIS A 696 -5.35 18.71 12.17
N SER A 697 -6.66 18.85 11.94
CA SER A 697 -7.17 19.38 10.69
C SER A 697 -8.14 20.52 10.95
N VAL A 698 -8.41 21.28 9.89
CA VAL A 698 -9.32 22.42 9.94
C VAL A 698 -10.37 22.18 8.88
N ALA A 699 -11.51 21.60 9.28
CA ALA A 699 -12.59 21.36 8.33
C ALA A 699 -13.37 22.65 8.09
N GLN A 700 -14.02 22.71 6.92
CA GLN A 700 -14.91 23.82 6.59
C GLN A 700 -16.35 23.34 6.68
N MET A 701 -17.13 23.97 7.54
CA MET A 701 -18.57 23.73 7.60
C MET A 701 -19.28 24.71 6.68
N SER A 702 -20.16 24.18 5.84
CA SER A 702 -20.97 24.98 4.93
C SER A 702 -22.43 24.77 5.28
N ILE A 703 -23.15 25.85 5.49
CA ILE A 703 -24.53 25.82 5.97
C ILE A 703 -25.45 26.26 4.83
N TRP A 704 -26.33 25.35 4.40
CA TRP A 704 -27.20 25.57 3.25
C TRP A 704 -28.66 25.55 3.69
N GLU A 705 -29.49 26.28 2.96
CA GLU A 705 -30.93 26.30 3.19
C GLU A 705 -31.66 25.96 1.89
N LYS A 706 -32.70 25.16 2.01
CA LYS A 706 -33.46 24.72 0.84
C LYS A 706 -34.29 25.86 0.26
N ILE A 707 -34.30 25.97 -1.07
CA ILE A 707 -35.11 26.97 -1.73
C ILE A 707 -36.59 26.57 -1.65
N LEU A 708 -37.45 27.53 -1.34
CA LEU A 708 -38.88 27.27 -1.24
C LEU A 708 -39.49 26.97 -2.60
N ASN B 9 -49.38 -4.76 -45.88
CA ASN B 9 -48.55 -3.57 -45.75
C ASN B 9 -47.72 -3.62 -44.48
N LYS B 10 -48.38 -3.53 -43.33
CA LYS B 10 -47.71 -3.57 -42.04
C LYS B 10 -47.28 -4.98 -41.64
N ILE B 11 -47.52 -5.98 -42.49
CA ILE B 11 -47.03 -7.33 -42.20
C ILE B 11 -45.52 -7.37 -42.21
N LEU B 12 -44.88 -6.51 -43.01
CA LEU B 12 -43.42 -6.47 -43.07
C LEU B 12 -42.77 -6.16 -41.73
N LEU B 13 -43.52 -5.61 -40.78
CA LEU B 13 -42.96 -5.27 -39.47
C LEU B 13 -43.01 -6.44 -38.48
N ARG B 14 -43.62 -7.55 -38.86
CA ARG B 14 -43.51 -8.75 -38.04
C ARG B 14 -42.07 -9.26 -38.05
N PRO B 15 -41.65 -9.96 -37.00
CA PRO B 15 -40.28 -10.50 -36.99
C PRO B 15 -40.09 -11.53 -38.10
N LEU B 16 -38.89 -11.54 -38.67
CA LEU B 16 -38.56 -12.41 -39.78
C LEU B 16 -38.13 -13.79 -39.29
N LEU B 17 -38.75 -14.83 -39.83
CA LEU B 17 -38.25 -16.19 -39.66
C LEU B 17 -36.96 -16.35 -40.45
N LEU B 18 -35.89 -16.75 -39.79
CA LEU B 18 -34.58 -16.80 -40.42
C LEU B 18 -34.23 -18.17 -40.99
N LYS B 19 -35.06 -19.18 -40.75
CA LYS B 19 -34.85 -20.49 -41.34
C LYS B 19 -35.68 -20.66 -42.62
N GLN B 20 -35.42 -19.75 -43.56
CA GLN B 20 -36.11 -19.75 -44.83
C GLN B 20 -35.55 -20.85 -45.74
N LYS B 21 -36.34 -21.20 -46.76
CA LYS B 21 -35.93 -22.26 -47.68
C LYS B 21 -34.81 -21.79 -48.62
N ASN B 22 -34.79 -20.51 -48.97
CA ASN B 22 -33.85 -19.97 -49.93
C ASN B 22 -33.06 -18.83 -49.30
N PRO B 23 -31.73 -18.81 -49.45
CA PRO B 23 -30.97 -17.67 -48.91
C PRO B 23 -31.28 -16.36 -49.61
N GLU B 24 -31.53 -16.40 -50.93
CA GLU B 24 -31.83 -15.16 -51.65
C GLU B 24 -33.23 -14.65 -51.33
N ASN B 25 -34.17 -15.54 -50.98
CA ASN B 25 -35.47 -15.10 -50.51
C ASN B 25 -35.35 -14.40 -49.16
N LEU B 26 -34.48 -14.91 -48.28
CA LEU B 26 -34.24 -14.24 -47.01
C LEU B 26 -33.55 -12.89 -47.20
N ARG B 27 -32.72 -12.78 -48.23
CA ARG B 27 -32.06 -11.51 -48.52
C ARG B 27 -33.08 -10.43 -48.85
N GLN B 28 -34.07 -10.74 -49.70
CA GLN B 28 -35.06 -9.75 -50.09
C GLN B 28 -36.00 -9.41 -48.94
N LEU B 29 -36.33 -10.38 -48.10
CA LEU B 29 -37.16 -10.08 -46.94
C LEU B 29 -36.45 -9.16 -45.96
N ILE B 30 -35.16 -9.39 -45.73
CA ILE B 30 -34.39 -8.50 -44.87
C ILE B 30 -34.23 -7.13 -45.53
N LYS B 31 -34.10 -7.10 -46.86
CA LYS B 31 -34.03 -5.83 -47.56
C LYS B 31 -35.33 -5.05 -47.42
N LYS B 32 -36.47 -5.73 -47.61
CA LYS B 32 -37.76 -5.07 -47.42
C LYS B 32 -37.98 -4.70 -45.95
N SER B 33 -37.58 -5.58 -45.04
CA SER B 33 -37.77 -5.31 -43.62
C SER B 33 -36.97 -4.10 -43.17
N PHE B 34 -35.78 -3.90 -43.75
CA PHE B 34 -34.94 -2.77 -43.36
C PHE B 34 -35.54 -1.45 -43.83
N HIS B 35 -35.91 -1.37 -45.11
CA HIS B 35 -36.46 -0.12 -45.64
C HIS B 35 -37.80 0.20 -44.99
N ARG B 36 -38.64 -0.81 -44.75
CA ARG B 36 -39.93 -0.58 -44.11
C ARG B 36 -39.74 -0.05 -42.69
N THR B 37 -38.84 -0.66 -41.92
CA THR B 37 -38.57 -0.18 -40.56
C THR B 37 -37.97 1.21 -40.59
N PHE B 38 -37.04 1.45 -41.51
CA PHE B 38 -36.49 2.79 -41.70
C PHE B 38 -37.60 3.77 -42.11
N ASP B 39 -38.49 3.34 -43.00
CA ASP B 39 -39.61 4.19 -43.40
C ASP B 39 -40.51 4.52 -42.22
N THR B 40 -40.86 3.50 -41.42
CA THR B 40 -41.79 3.71 -40.32
C THR B 40 -41.23 4.67 -39.28
N PHE B 41 -39.94 4.54 -38.97
CA PHE B 41 -39.34 5.43 -37.98
C PHE B 41 -39.31 6.87 -38.47
N GLU B 42 -38.98 7.08 -39.75
CA GLU B 42 -38.97 8.43 -40.29
C GLU B 42 -40.39 8.96 -40.46
N SER B 43 -41.36 8.08 -40.73
CA SER B 43 -42.75 8.51 -40.81
C SER B 43 -43.28 8.94 -39.44
N LEU B 44 -42.77 8.34 -38.37
CA LEU B 44 -43.22 8.69 -37.03
C LEU B 44 -42.99 10.17 -36.73
N PHE B 45 -41.84 10.70 -37.13
CA PHE B 45 -41.51 12.09 -36.83
C PHE B 45 -42.28 13.09 -37.68
N SER B 46 -43.09 12.62 -38.64
CA SER B 46 -44.02 13.53 -39.30
C SER B 46 -45.09 14.04 -38.36
N MET B 47 -45.20 13.48 -37.15
CA MET B 47 -46.10 13.96 -36.12
C MET B 47 -45.55 15.13 -35.34
N LEU B 48 -44.35 15.62 -35.66
CA LEU B 48 -43.83 16.85 -35.10
C LEU B 48 -44.12 17.99 -36.08
N ARG B 49 -44.60 19.12 -35.55
CA ARG B 49 -45.19 20.14 -36.41
C ARG B 49 -44.15 20.73 -37.37
N ASN B 50 -42.91 20.87 -36.92
CA ASN B 50 -41.86 21.45 -37.75
C ASN B 50 -40.51 20.96 -37.24
N ASP B 51 -39.44 21.40 -37.92
CA ASP B 51 -38.10 21.00 -37.54
C ASP B 51 -37.76 21.48 -36.13
N GLU B 52 -38.24 22.66 -35.76
CA GLU B 52 -37.94 23.20 -34.44
C GLU B 52 -38.47 22.31 -33.33
N ALA B 53 -39.54 21.55 -33.60
CA ALA B 53 -40.09 20.66 -32.59
C ALA B 53 -39.19 19.47 -32.29
N PHE B 54 -38.21 19.19 -33.15
CA PHE B 54 -37.27 18.11 -32.88
C PHE B 54 -36.40 18.40 -31.67
N TYR B 55 -36.22 19.66 -31.31
CA TYR B 55 -35.37 20.05 -30.20
C TYR B 55 -36.12 20.23 -28.89
N ASN B 56 -37.37 19.77 -28.82
CA ASN B 56 -38.08 19.76 -27.55
C ASN B 56 -37.72 18.52 -26.76
N ARG B 57 -37.60 18.67 -25.45
CA ARG B 57 -37.37 17.57 -24.52
C ARG B 57 -38.67 17.25 -23.80
N PRO B 58 -39.54 16.41 -24.37
CA PRO B 58 -40.83 16.15 -23.70
C PRO B 58 -40.69 15.41 -22.39
N GLU B 59 -39.70 14.52 -22.26
CA GLU B 59 -39.49 13.75 -21.04
C GLU B 59 -38.18 14.19 -20.41
N PRO B 60 -38.19 14.71 -19.18
CA PRO B 60 -36.93 15.19 -18.57
C PRO B 60 -35.86 14.12 -18.44
N LEU B 61 -36.25 12.85 -18.38
CA LEU B 61 -35.30 11.75 -18.21
C LEU B 61 -34.73 11.24 -19.53
N ARG B 62 -35.07 11.86 -20.65
CA ARG B 62 -34.61 11.41 -21.96
C ARG B 62 -34.09 12.60 -22.76
N HIS B 63 -33.58 12.30 -23.95
CA HIS B 63 -33.06 13.32 -24.85
C HIS B 63 -34.19 13.93 -25.68
N PRO B 64 -33.94 15.05 -26.35
CA PRO B 64 -34.92 15.56 -27.32
C PRO B 64 -35.08 14.61 -28.51
N HIS B 65 -36.14 14.86 -29.28
CA HIS B 65 -36.46 13.99 -30.41
C HIS B 65 -35.32 13.91 -31.42
N ILE B 66 -34.52 14.98 -31.54
CA ILE B 66 -33.46 15.01 -32.55
C ILE B 66 -32.45 13.89 -32.30
N PHE B 67 -32.16 13.60 -31.03
CA PHE B 67 -31.15 12.60 -30.71
C PHE B 67 -31.56 11.23 -31.25
N TYR B 68 -32.77 10.78 -30.91
CA TYR B 68 -33.23 9.48 -31.39
C TYR B 68 -33.45 9.48 -32.90
N PHE B 69 -33.64 10.65 -33.51
CA PHE B 69 -33.81 10.72 -34.95
C PHE B 69 -32.54 10.29 -35.66
N GLY B 70 -31.39 10.63 -35.10
CA GLY B 70 -30.11 10.21 -35.67
C GLY B 70 -29.57 8.96 -35.01
N HIS B 71 -30.07 8.65 -33.82
CA HIS B 71 -29.52 7.55 -33.03
C HIS B 71 -29.68 6.22 -33.74
N THR B 72 -30.85 5.98 -34.35
CA THR B 72 -31.10 4.67 -34.93
C THR B 72 -30.31 4.47 -36.23
N ALA B 73 -29.96 5.55 -36.91
CA ALA B 73 -29.09 5.43 -38.07
C ALA B 73 -27.63 5.34 -37.67
N VAL B 74 -27.22 6.18 -36.70
CA VAL B 74 -25.87 6.10 -36.16
C VAL B 74 -25.61 4.73 -35.54
N PHE B 75 -26.64 4.10 -34.97
CA PHE B 75 -26.48 2.78 -34.38
C PHE B 75 -25.97 1.78 -35.42
N PHE B 76 -26.49 1.86 -36.65
CA PHE B 76 -26.02 0.96 -37.71
C PHE B 76 -24.53 1.12 -37.95
N ILE B 77 -24.06 2.37 -38.05
CA ILE B 77 -22.67 2.60 -38.42
C ILE B 77 -21.72 2.17 -37.30
N ASN B 78 -22.07 2.49 -36.05
CA ASN B 78 -21.20 2.14 -34.94
C ASN B 78 -21.04 0.62 -34.81
N LYS B 79 -22.13 -0.13 -34.98
CA LYS B 79 -22.04 -1.58 -34.85
C LYS B 79 -21.33 -2.19 -36.06
N LEU B 80 -21.62 -1.70 -37.26
CA LEU B 80 -20.94 -2.23 -38.45
C LEU B 80 -19.46 -1.88 -38.45
N ILE B 81 -19.07 -0.77 -37.82
CA ILE B 81 -17.66 -0.46 -37.66
C ILE B 81 -17.03 -1.37 -36.61
N LEU B 82 -17.69 -1.52 -35.47
CA LEU B 82 -17.16 -2.36 -34.40
C LEU B 82 -17.03 -3.81 -34.86
N SER B 83 -18.04 -4.33 -35.57
CA SER B 83 -17.99 -5.69 -36.10
C SER B 83 -17.13 -5.81 -37.34
N LYS B 84 -16.44 -4.73 -37.73
CA LYS B 84 -15.50 -4.72 -38.86
C LYS B 84 -16.16 -5.12 -40.16
N ILE B 85 -17.48 -4.93 -40.28
CA ILE B 85 -18.16 -5.23 -41.53
C ILE B 85 -17.92 -4.13 -42.56
N ILE B 86 -17.92 -2.87 -42.11
CA ILE B 86 -17.45 -1.75 -42.92
C ILE B 86 -16.28 -1.12 -42.19
N ASP B 87 -15.46 -0.39 -42.95
CA ASP B 87 -14.26 0.24 -42.41
C ASP B 87 -14.25 1.75 -42.52
N THR B 88 -15.20 2.35 -43.23
CA THR B 88 -15.24 3.80 -43.44
C THR B 88 -16.50 4.37 -42.83
N ARG B 89 -16.33 5.40 -42.00
CA ARG B 89 -17.47 6.06 -41.36
C ARG B 89 -18.07 7.10 -42.29
N ILE B 90 -19.36 7.39 -42.07
CA ILE B 90 -20.04 8.37 -42.89
C ILE B 90 -19.83 9.78 -42.34
N ASN B 91 -20.07 9.95 -41.04
CA ASN B 91 -19.84 11.23 -40.37
C ASN B 91 -19.47 10.90 -38.93
N ALA B 92 -18.16 10.88 -38.64
CA ALA B 92 -17.70 10.48 -37.32
C ALA B 92 -18.23 11.41 -36.22
N LYS B 93 -18.38 12.70 -36.54
CA LYS B 93 -18.91 13.65 -35.58
C LYS B 93 -20.32 13.24 -35.12
N MET B 94 -21.22 13.05 -36.08
CA MET B 94 -22.60 12.68 -35.75
C MET B 94 -22.66 11.30 -35.12
N GLU B 95 -21.82 10.37 -35.59
CA GLU B 95 -21.79 9.03 -35.03
C GLU B 95 -21.37 9.02 -33.56
N SER B 96 -20.80 10.13 -33.08
CA SER B 96 -20.52 10.29 -31.66
C SER B 96 -21.60 11.05 -30.92
N ILE B 97 -22.26 12.00 -31.59
CA ILE B 97 -23.30 12.79 -30.92
C ILE B 97 -24.54 11.94 -30.69
N PHE B 98 -24.90 11.09 -31.65
CA PHE B 98 -26.06 10.21 -31.55
C PHE B 98 -25.70 8.81 -31.06
N ALA B 99 -24.55 8.67 -30.40
CA ALA B 99 -24.02 7.34 -30.10
C ALA B 99 -24.84 6.63 -29.04
N ILE B 100 -24.88 7.19 -27.83
CA ILE B 100 -25.41 6.49 -26.67
C ILE B 100 -26.60 7.25 -26.12
N GLY B 101 -27.71 6.55 -25.92
CA GLY B 101 -28.85 7.07 -25.20
C GLY B 101 -28.58 7.08 -23.71
N VAL B 102 -29.66 7.30 -22.95
CA VAL B 102 -29.56 7.42 -21.51
C VAL B 102 -30.62 6.55 -20.85
N ASP B 103 -30.18 5.76 -19.88
CA ASP B 103 -31.06 5.20 -18.86
C ASP B 103 -30.70 5.85 -17.53
N GLU B 104 -30.46 5.09 -16.46
CA GLU B 104 -29.85 5.58 -15.23
C GLU B 104 -30.43 6.90 -14.77
N MET B 105 -31.69 7.17 -15.11
CA MET B 105 -32.28 8.48 -14.86
C MET B 105 -32.94 8.59 -13.50
N SER B 106 -33.49 7.49 -12.99
CA SER B 106 -34.22 7.46 -11.71
C SER B 106 -35.36 8.47 -11.80
N TRP B 107 -35.65 9.22 -10.73
CA TRP B 107 -36.70 10.23 -10.79
C TRP B 107 -36.26 11.49 -10.06
N ASN B 111 -28.03 13.83 -17.98
CA ASN B 111 -26.91 13.89 -18.95
C ASN B 111 -27.37 14.69 -20.17
N ASP B 112 -26.49 15.55 -20.67
CA ASP B 112 -26.66 16.44 -21.86
C ASP B 112 -27.60 17.60 -21.53
N ASP B 113 -27.07 18.82 -21.47
CA ASP B 113 -27.78 20.06 -21.19
C ASP B 113 -28.36 20.59 -22.51
N HIS B 114 -28.95 21.78 -22.44
CA HIS B 114 -29.63 22.37 -23.61
C HIS B 114 -28.57 23.08 -24.45
N TYR B 115 -27.92 22.30 -25.31
CA TYR B 115 -26.76 22.71 -26.08
C TYR B 115 -27.05 22.61 -27.57
N GLU B 116 -26.01 22.76 -28.39
CA GLU B 116 -26.16 22.87 -29.83
C GLU B 116 -26.17 21.48 -30.46
N TRP B 117 -27.36 21.02 -30.85
CA TRP B 117 -27.55 19.77 -31.59
C TRP B 117 -27.39 20.01 -33.08
N PRO B 118 -27.12 18.95 -33.86
CA PRO B 118 -27.11 19.10 -35.32
C PRO B 118 -28.50 19.43 -35.85
N SER B 119 -28.52 20.03 -37.03
CA SER B 119 -29.78 20.44 -37.63
C SER B 119 -30.58 19.20 -38.05
N VAL B 120 -31.89 19.41 -38.21
CA VAL B 120 -32.76 18.32 -38.64
C VAL B 120 -32.49 17.96 -40.09
N GLU B 121 -32.22 18.97 -40.94
CA GLU B 121 -31.87 18.70 -42.33
C GLU B 121 -30.55 17.96 -42.43
N GLU B 122 -29.59 18.29 -41.55
CA GLU B 122 -28.35 17.54 -41.48
C GLU B 122 -28.61 16.07 -41.21
N THR B 123 -29.44 15.78 -40.20
CA THR B 123 -29.72 14.40 -39.83
C THR B 123 -30.49 13.67 -40.91
N ARG B 124 -31.40 14.35 -41.62
CA ARG B 124 -32.12 13.71 -42.71
C ARG B 124 -31.16 13.18 -43.77
N LEU B 125 -30.25 14.04 -44.23
CA LEU B 125 -29.30 13.62 -45.26
C LEU B 125 -28.37 12.53 -44.74
N TYR B 126 -28.01 12.59 -43.46
CA TYR B 126 -27.17 11.53 -42.89
C TYR B 126 -27.90 10.20 -42.90
N ARG B 127 -29.19 10.19 -42.53
CA ARG B 127 -29.96 8.96 -42.53
C ARG B 127 -30.04 8.37 -43.94
N ASN B 128 -30.27 9.22 -44.94
CA ASN B 128 -30.33 8.75 -46.32
C ASN B 128 -29.04 8.08 -46.75
N ARG B 129 -27.90 8.57 -46.25
CA ARG B 129 -26.62 7.96 -46.59
C ARG B 129 -26.44 6.63 -45.85
N VAL B 130 -26.95 6.54 -44.62
CA VAL B 130 -26.94 5.27 -43.91
C VAL B 130 -27.82 4.25 -44.63
N ARG B 131 -28.96 4.71 -45.15
CA ARG B 131 -29.87 3.80 -45.84
C ARG B 131 -29.21 3.12 -47.03
N GLU B 132 -28.44 3.88 -47.82
CA GLU B 132 -27.82 3.29 -49.00
C GLU B 132 -26.63 2.40 -48.65
N VAL B 133 -25.94 2.70 -47.55
CA VAL B 133 -24.84 1.83 -47.12
C VAL B 133 -25.38 0.47 -46.69
N VAL B 134 -26.41 0.46 -45.86
CA VAL B 134 -26.99 -0.81 -45.42
C VAL B 134 -27.65 -1.53 -46.58
N ASP B 135 -28.37 -0.80 -47.44
CA ASP B 135 -28.96 -1.41 -48.62
C ASP B 135 -27.89 -2.05 -49.50
N ASN B 136 -26.74 -1.38 -49.64
CA ASN B 136 -25.65 -1.94 -50.42
C ASN B 136 -25.11 -3.21 -49.77
N LEU B 137 -25.07 -3.25 -48.44
CA LEU B 137 -24.60 -4.45 -47.75
C LEU B 137 -25.58 -5.60 -47.93
N ILE B 138 -26.88 -5.33 -47.86
CA ILE B 138 -27.87 -6.37 -48.06
C ILE B 138 -27.80 -6.92 -49.48
N ASN B 139 -27.37 -6.09 -50.43
CA ASN B 139 -27.22 -6.55 -51.81
C ASN B 139 -25.91 -7.30 -52.04
N THR B 140 -24.83 -6.92 -51.36
CA THR B 140 -23.50 -7.43 -51.68
C THR B 140 -22.95 -8.42 -50.67
N LEU B 141 -23.42 -8.41 -49.43
CA LEU B 141 -22.90 -9.37 -48.44
C LEU B 141 -23.35 -10.78 -48.80
N PRO B 142 -22.46 -11.75 -48.72
CA PRO B 142 -22.89 -13.15 -48.89
C PRO B 142 -23.77 -13.58 -47.72
N LEU B 143 -24.80 -14.35 -48.04
CA LEU B 143 -25.75 -14.86 -47.04
C LEU B 143 -25.54 -16.36 -46.93
N GLU B 144 -24.92 -16.79 -45.84
CA GLU B 144 -24.67 -18.20 -45.56
C GLU B 144 -25.64 -18.67 -44.48
N LEU B 145 -26.42 -19.71 -44.79
CA LEU B 145 -27.39 -20.31 -43.89
C LEU B 145 -26.76 -21.46 -43.10
N PRO B 146 -27.18 -21.66 -41.84
CA PRO B 146 -28.13 -20.80 -41.14
C PRO B 146 -27.46 -19.54 -40.62
N ILE B 147 -28.25 -18.50 -40.36
CA ILE B 147 -27.69 -17.28 -39.80
C ILE B 147 -27.32 -17.51 -38.33
N THR B 148 -26.07 -17.22 -38.00
CA THR B 148 -25.55 -17.39 -36.65
C THR B 148 -25.23 -16.03 -36.04
N TRP B 149 -24.85 -16.05 -34.77
CA TRP B 149 -24.47 -14.81 -34.09
C TRP B 149 -23.23 -14.19 -34.72
N ASP B 150 -22.33 -15.02 -35.28
CA ASP B 150 -21.14 -14.53 -35.95
C ASP B 150 -21.43 -13.98 -37.33
N SER B 151 -22.60 -14.26 -37.89
CA SER B 151 -22.91 -13.82 -39.25
C SER B 151 -23.07 -12.31 -39.28
N PRO B 152 -22.64 -11.65 -40.36
CA PRO B 152 -22.87 -10.21 -40.48
C PRO B 152 -24.34 -9.84 -40.51
N TRP B 153 -25.19 -10.74 -41.00
CA TRP B 153 -26.63 -10.47 -41.04
C TRP B 153 -27.24 -10.35 -39.65
N TRP B 154 -26.56 -10.86 -38.62
CA TRP B 154 -27.04 -10.65 -37.26
C TRP B 154 -26.95 -9.19 -36.87
N ILE B 155 -25.90 -8.50 -37.33
CA ILE B 155 -25.76 -7.08 -37.02
C ILE B 155 -26.81 -6.26 -37.77
N ILE B 156 -27.05 -6.59 -39.04
CA ILE B 156 -28.10 -5.92 -39.79
C ILE B 156 -29.44 -6.09 -39.09
N LEU B 157 -29.74 -7.31 -38.64
CA LEU B 157 -30.99 -7.56 -37.93
C LEU B 157 -31.01 -6.84 -36.59
N MET B 158 -29.87 -6.79 -35.90
CA MET B 158 -29.79 -6.10 -34.63
C MET B 158 -30.15 -4.63 -34.78
N GLY B 159 -29.64 -3.98 -35.83
CA GLY B 159 -29.96 -2.58 -36.05
C GLY B 159 -31.40 -2.35 -36.39
N ILE B 160 -32.01 -3.27 -37.15
CA ILE B 160 -33.43 -3.14 -37.50
C ILE B 160 -34.30 -3.24 -36.26
N GLU B 161 -34.10 -4.30 -35.46
CA GLU B 161 -34.89 -4.47 -34.24
C GLU B 161 -34.62 -3.35 -33.25
N HIS B 162 -33.40 -2.82 -33.22
CA HIS B 162 -33.11 -1.67 -32.37
C HIS B 162 -33.96 -0.48 -32.76
N GLU B 163 -34.07 -0.20 -34.06
CA GLU B 163 -34.91 0.89 -34.53
C GLU B 163 -36.38 0.65 -34.17
N ARG B 164 -36.82 -0.61 -34.19
CA ARG B 164 -38.20 -0.91 -33.82
C ARG B 164 -38.48 -0.59 -32.36
N ILE B 165 -37.50 -0.82 -31.48
CA ILE B 165 -37.67 -0.41 -30.08
C ILE B 165 -37.88 1.09 -30.00
N HIS B 166 -37.08 1.87 -30.74
CA HIS B 166 -37.19 3.32 -30.68
C HIS B 166 -38.43 3.84 -31.39
N ILE B 167 -39.01 3.07 -32.31
CA ILE B 167 -40.31 3.43 -32.86
C ILE B 167 -41.33 3.52 -31.74
N GLU B 168 -41.26 2.60 -30.77
CA GLU B 168 -42.22 2.61 -29.68
C GLU B 168 -41.88 3.65 -28.63
N THR B 169 -40.61 3.76 -28.23
CA THR B 169 -40.26 4.68 -27.14
C THR B 169 -40.30 6.13 -27.60
N SER B 170 -40.09 6.40 -28.89
CA SER B 170 -40.26 7.75 -29.39
C SER B 170 -41.71 8.12 -29.61
N SER B 171 -42.59 7.13 -29.82
CA SER B 171 -44.01 7.44 -29.88
C SER B 171 -44.54 7.87 -28.52
N VAL B 172 -43.97 7.32 -27.43
CA VAL B 172 -44.31 7.82 -26.10
C VAL B 172 -43.82 9.24 -25.94
N LEU B 173 -42.58 9.52 -26.39
CA LEU B 173 -42.06 10.88 -26.30
C LEU B 173 -42.91 11.85 -27.10
N ILE B 174 -43.37 11.42 -28.28
CA ILE B 174 -44.29 12.25 -29.06
C ILE B 174 -45.60 12.45 -28.29
N ARG B 175 -46.07 11.39 -27.63
CA ARG B 175 -47.30 11.48 -26.86
C ARG B 175 -47.14 12.37 -25.64
N GLN B 176 -45.92 12.50 -25.14
CA GLN B 176 -45.61 13.39 -24.03
C GLN B 176 -45.28 14.81 -24.48
N THR B 177 -45.23 15.06 -25.78
CA THR B 177 -44.91 16.39 -26.29
C THR B 177 -46.13 17.30 -26.17
N ASP B 178 -45.87 18.58 -25.90
CA ASP B 178 -46.93 19.57 -25.81
C ASP B 178 -47.84 19.50 -27.04
N ILE B 179 -49.16 19.56 -26.81
CA ILE B 179 -50.13 19.29 -27.86
C ILE B 179 -49.95 20.25 -29.05
N SER B 180 -49.41 21.44 -28.79
CA SER B 180 -49.20 22.42 -29.86
C SER B 180 -48.02 22.06 -30.76
N LEU B 181 -47.12 21.18 -30.31
CA LEU B 181 -45.94 20.82 -31.07
C LEU B 181 -46.12 19.58 -31.93
N VAL B 182 -47.32 18.99 -31.95
CA VAL B 182 -47.57 17.79 -32.72
C VAL B 182 -48.68 18.04 -33.73
N LEU B 183 -48.70 17.21 -34.77
CA LEU B 183 -49.66 17.33 -35.86
C LEU B 183 -50.19 15.94 -36.15
N PRO B 184 -51.51 15.72 -36.12
CA PRO B 184 -52.05 14.38 -36.39
C PRO B 184 -51.83 13.98 -37.84
N GLN B 185 -51.35 12.75 -38.04
CA GLN B 185 -51.13 12.21 -39.36
C GLN B 185 -52.02 10.99 -39.59
N PRO B 186 -52.61 10.85 -40.79
CA PRO B 186 -53.50 9.71 -41.03
C PRO B 186 -52.79 8.36 -41.02
N GLU B 187 -51.48 8.31 -41.25
CA GLU B 187 -50.74 7.07 -41.12
C GLU B 187 -50.67 6.59 -39.67
N TRP B 188 -51.00 7.45 -38.72
CA TRP B 188 -50.98 7.13 -37.30
C TRP B 188 -52.34 7.42 -36.67
N SER B 189 -53.40 6.91 -37.29
CA SER B 189 -54.74 7.19 -36.83
C SER B 189 -55.02 6.43 -35.53
N LYS B 190 -55.86 7.03 -34.69
CA LYS B 190 -56.23 6.46 -33.42
C LYS B 190 -57.51 5.65 -33.55
N CYS B 191 -57.79 4.87 -32.50
CA CYS B 191 -59.06 4.15 -32.42
C CYS B 191 -60.18 5.13 -32.13
N ASN B 192 -61.28 5.01 -32.87
CA ASN B 192 -62.41 5.92 -32.75
C ASN B 192 -63.58 5.32 -31.99
N VAL B 193 -63.42 4.12 -31.44
CA VAL B 193 -64.49 3.42 -30.74
C VAL B 193 -64.15 3.39 -29.24
N SER B 194 -65.16 3.67 -28.42
CA SER B 194 -65.03 3.64 -26.97
C SER B 194 -66.43 3.68 -26.37
N GLY B 195 -66.62 2.92 -25.29
CA GLY B 195 -67.92 2.86 -24.64
C GLY B 195 -67.86 2.76 -23.14
N LYS B 196 -68.92 2.24 -22.53
CA LYS B 196 -68.99 2.11 -21.09
C LYS B 196 -67.95 1.10 -20.60
N ALA B 197 -67.33 1.41 -19.47
CA ALA B 197 -66.28 0.54 -18.93
C ALA B 197 -66.89 -0.73 -18.38
N PRO B 198 -66.36 -1.90 -18.73
CA PRO B 198 -66.88 -3.16 -18.19
C PRO B 198 -66.39 -3.40 -16.77
N GLU B 199 -67.14 -4.25 -16.06
CA GLU B 199 -66.81 -4.63 -14.69
C GLU B 199 -65.82 -5.79 -14.72
N ASN B 200 -64.62 -5.57 -14.20
CA ASN B 200 -63.60 -6.60 -14.19
C ASN B 200 -63.92 -7.68 -13.17
N GLU B 201 -63.26 -8.83 -13.32
CA GLU B 201 -63.44 -9.95 -12.42
C GLU B 201 -62.19 -10.83 -12.47
N LEU B 202 -61.96 -11.56 -11.38
CA LEU B 202 -60.81 -12.46 -11.28
C LEU B 202 -61.21 -13.84 -11.77
N LEU B 203 -60.50 -14.35 -12.77
CA LEU B 203 -60.80 -15.63 -13.38
C LEU B 203 -59.70 -16.63 -13.07
N PHE B 204 -60.08 -17.91 -13.02
CA PHE B 204 -59.14 -18.97 -12.67
C PHE B 204 -58.06 -19.12 -13.72
N VAL B 205 -56.81 -19.27 -13.27
CA VAL B 205 -55.68 -19.58 -14.13
C VAL B 205 -54.93 -20.74 -13.49
N PRO B 206 -54.75 -21.86 -14.18
CA PRO B 206 -54.02 -22.99 -13.58
C PRO B 206 -52.53 -22.72 -13.53
N GLY B 207 -51.88 -23.41 -12.60
CA GLY B 207 -50.43 -23.39 -12.49
C GLY B 207 -49.80 -24.54 -13.25
N GLY B 208 -48.56 -24.85 -12.88
CA GLY B 208 -47.87 -25.98 -13.45
C GLY B 208 -46.41 -25.66 -13.66
N GLU B 209 -45.80 -26.41 -14.58
CA GLU B 209 -44.38 -26.27 -14.87
C GLU B 209 -44.17 -25.13 -15.86
N ILE B 210 -43.36 -24.16 -15.48
CA ILE B 210 -42.97 -23.06 -16.35
C ILE B 210 -41.61 -23.38 -16.93
N GLU B 211 -41.49 -23.32 -18.25
CA GLU B 211 -40.22 -23.58 -18.93
C GLU B 211 -40.06 -22.55 -20.04
N ILE B 212 -39.29 -21.50 -19.76
CA ILE B 212 -39.00 -20.45 -20.73
C ILE B 212 -37.51 -20.46 -21.02
N GLY B 213 -37.11 -19.63 -21.97
CA GLY B 213 -35.71 -19.55 -22.36
C GLY B 213 -35.49 -20.02 -23.78
N LYS B 214 -34.70 -19.26 -24.52
CA LYS B 214 -34.44 -19.55 -25.93
C LYS B 214 -33.16 -20.37 -26.07
N TYR B 215 -33.22 -21.39 -26.91
CA TYR B 215 -32.02 -22.12 -27.28
C TYR B 215 -31.18 -21.32 -28.28
N LYS B 216 -29.90 -21.67 -28.37
CA LYS B 216 -28.99 -20.94 -29.25
C LYS B 216 -29.41 -21.07 -30.71
N SER B 217 -30.03 -22.17 -31.09
CA SER B 217 -30.37 -22.46 -32.48
C SER B 217 -31.87 -22.35 -32.75
N ASP B 218 -32.53 -21.40 -32.10
CA ASP B 218 -33.93 -21.14 -32.40
C ASP B 218 -34.03 -20.06 -33.49
N ASP B 219 -35.24 -19.92 -34.06
CA ASP B 219 -35.37 -19.38 -35.41
C ASP B 219 -35.21 -17.86 -35.46
N TYR B 220 -35.91 -17.13 -34.60
CA TYR B 220 -35.96 -15.68 -34.76
C TYR B 220 -34.69 -15.01 -34.27
N TYR B 221 -34.54 -13.74 -34.64
CA TYR B 221 -33.53 -12.90 -33.99
C TYR B 221 -33.94 -12.65 -32.55
N GLY B 222 -32.95 -12.62 -31.66
CA GLY B 222 -33.21 -12.40 -30.25
C GLY B 222 -32.08 -11.64 -29.62
N TRP B 223 -32.41 -10.91 -28.56
CA TRP B 223 -31.41 -10.25 -27.75
C TRP B 223 -30.81 -11.24 -26.75
N ASP B 224 -29.69 -10.82 -26.13
CA ASP B 224 -28.98 -11.72 -25.23
C ASP B 224 -29.86 -12.18 -24.07
N ASN B 225 -30.73 -11.31 -23.57
CA ASN B 225 -31.54 -11.65 -22.41
C ASN B 225 -32.67 -12.63 -22.73
N GLU B 226 -32.83 -13.04 -23.98
CA GLU B 226 -33.84 -14.03 -24.33
C GLU B 226 -33.35 -15.47 -24.21
N TYR B 227 -32.04 -15.68 -24.17
CA TYR B 227 -31.45 -17.00 -24.24
C TYR B 227 -31.11 -17.52 -22.85
N GLY B 228 -31.10 -18.85 -22.72
CA GLY B 228 -30.87 -19.53 -21.46
C GLY B 228 -32.01 -20.46 -21.14
N LYS B 229 -32.02 -20.93 -19.88
CA LYS B 229 -33.05 -21.83 -19.39
C LYS B 229 -33.53 -21.36 -18.03
N HIS B 230 -34.85 -21.37 -17.85
CA HIS B 230 -35.48 -21.04 -16.58
C HIS B 230 -36.65 -21.97 -16.36
N LYS B 231 -36.63 -22.71 -15.26
CA LYS B 231 -37.68 -23.66 -14.93
C LYS B 231 -38.14 -23.45 -13.50
N THR B 232 -39.45 -23.52 -13.29
CA THR B 232 -40.03 -23.38 -11.97
C THR B 232 -41.46 -23.90 -12.01
N VAL B 233 -42.03 -24.11 -10.82
CA VAL B 233 -43.40 -24.58 -10.67
C VAL B 233 -44.18 -23.52 -9.92
N ILE B 234 -45.34 -23.12 -10.48
CA ILE B 234 -46.18 -22.09 -9.87
C ILE B 234 -47.55 -22.70 -9.58
N PRO B 235 -48.25 -22.24 -8.55
CA PRO B 235 -49.55 -22.82 -8.20
C PRO B 235 -50.69 -22.19 -8.98
N ASP B 236 -51.87 -22.78 -8.80
CA ASP B 236 -53.09 -22.17 -9.34
C ASP B 236 -53.28 -20.78 -8.77
N PHE B 237 -53.77 -19.87 -9.60
CA PHE B 237 -54.05 -18.52 -9.15
C PHE B 237 -55.22 -17.97 -9.95
N LYS B 238 -55.50 -16.68 -9.78
CA LYS B 238 -56.52 -15.99 -10.54
C LYS B 238 -55.93 -14.74 -11.16
N ALA B 239 -56.44 -14.35 -12.32
CA ALA B 239 -55.99 -13.16 -13.03
C ALA B 239 -57.20 -12.39 -13.52
N SER B 240 -57.06 -11.06 -13.58
CA SER B 240 -58.19 -10.23 -13.98
C SER B 240 -58.54 -10.50 -15.44
N LYS B 241 -59.85 -10.48 -15.73
CA LYS B 241 -60.33 -10.78 -17.07
C LYS B 241 -59.82 -9.77 -18.09
N TYR B 242 -60.02 -8.49 -17.83
CA TYR B 242 -59.56 -7.41 -18.68
C TYR B 242 -58.35 -6.73 -18.07
N LEU B 243 -57.62 -6.00 -18.91
CA LEU B 243 -56.68 -5.02 -18.38
C LEU B 243 -57.45 -3.96 -17.60
N VAL B 244 -56.75 -3.26 -16.72
CA VAL B 244 -57.40 -2.23 -15.90
C VAL B 244 -57.72 -1.04 -16.81
N SER B 245 -59.01 -0.77 -16.99
CA SER B 245 -59.43 0.32 -17.87
C SER B 245 -59.34 1.65 -17.15
N ASN B 246 -59.38 2.73 -17.94
CA ASN B 246 -59.41 4.08 -17.36
C ASN B 246 -60.56 4.21 -16.38
N GLY B 247 -61.73 3.65 -16.72
CA GLY B 247 -62.86 3.71 -15.81
C GLY B 247 -62.63 2.93 -14.52
N GLU B 248 -62.00 1.76 -14.64
CA GLU B 248 -61.69 0.98 -13.44
C GLU B 248 -60.68 1.71 -12.55
N PHE B 249 -59.65 2.30 -13.16
CA PHE B 249 -58.67 3.08 -12.42
C PHE B 249 -59.26 4.36 -11.86
N MET B 250 -60.33 4.87 -12.48
CA MET B 250 -60.96 6.09 -11.98
C MET B 250 -61.48 5.91 -10.56
N GLU B 251 -61.98 4.71 -10.24
CA GLU B 251 -62.44 4.41 -8.88
C GLU B 251 -61.31 4.56 -7.87
N PHE B 252 -60.11 4.09 -8.22
CA PHE B 252 -58.95 4.28 -7.35
C PHE B 252 -58.62 5.77 -7.20
N VAL B 253 -58.72 6.53 -8.29
CA VAL B 253 -58.37 7.95 -8.24
C VAL B 253 -59.39 8.71 -7.41
N LYS B 254 -60.68 8.41 -7.59
CA LYS B 254 -61.73 9.10 -6.84
C LYS B 254 -61.79 8.68 -5.38
N ASP B 255 -61.17 7.56 -5.01
CA ASP B 255 -61.05 7.14 -3.62
C ASP B 255 -59.75 7.64 -2.99
N GLY B 256 -59.19 8.73 -3.52
CA GLY B 256 -57.97 9.30 -2.96
C GLY B 256 -56.74 8.45 -3.14
N GLY B 257 -56.62 7.77 -4.28
CA GLY B 257 -55.51 6.84 -4.48
C GLY B 257 -54.15 7.52 -4.43
N TYR B 258 -54.03 8.63 -5.16
CA TYR B 258 -52.80 9.42 -5.11
C TYR B 258 -52.67 10.24 -3.83
N GLU B 259 -53.71 10.29 -3.00
CA GLU B 259 -53.68 11.01 -1.73
C GLU B 259 -53.41 10.11 -0.54
N ASN B 260 -53.51 8.79 -0.71
CA ASN B 260 -53.40 7.83 0.39
C ASN B 260 -52.03 7.16 0.31
N ASP B 261 -51.19 7.41 1.32
CA ASP B 261 -49.84 6.87 1.32
C ASP B 261 -49.80 5.36 1.59
N LEU B 262 -50.88 4.78 2.10
CA LEU B 262 -50.86 3.37 2.49
C LEU B 262 -50.70 2.42 1.32
N TRP B 263 -51.10 2.84 0.12
CA TRP B 263 -51.06 1.94 -1.03
C TRP B 263 -49.72 1.94 -1.75
N TRP B 264 -48.88 2.94 -1.50
CA TRP B 264 -47.65 3.14 -2.24
C TRP B 264 -46.47 2.51 -1.50
N GLU B 265 -45.73 1.66 -2.20
CA GLU B 265 -44.48 1.14 -1.66
C GLU B 265 -43.50 2.27 -1.45
N GLU B 266 -42.46 2.01 -0.66
CA GLU B 266 -41.54 3.07 -0.25
C GLU B 266 -40.89 3.74 -1.46
N GLU B 267 -40.49 2.95 -2.46
CA GLU B 267 -39.91 3.55 -3.66
C GLU B 267 -40.96 4.33 -4.43
N GLY B 268 -42.18 3.78 -4.54
CA GLY B 268 -43.23 4.47 -5.27
C GLY B 268 -43.69 5.74 -4.58
N LEU B 269 -43.76 5.72 -3.24
CA LEU B 269 -44.16 6.92 -2.52
C LEU B 269 -43.17 8.05 -2.75
N ALA B 270 -41.86 7.75 -2.72
CA ALA B 270 -40.86 8.77 -2.98
C ALA B 270 -41.03 9.36 -4.38
N TRP B 271 -41.35 8.51 -5.37
CA TRP B 271 -41.54 9.01 -6.73
C TRP B 271 -42.77 9.90 -6.81
N ARG B 272 -43.88 9.45 -6.21
CA ARG B 272 -45.12 10.21 -6.30
C ARG B 272 -44.98 11.59 -5.69
N ASN B 273 -44.27 11.68 -4.55
CA ASN B 273 -44.06 12.98 -3.94
C ASN B 273 -43.13 13.86 -4.77
N PHE B 274 -42.18 13.26 -5.48
CA PHE B 274 -41.21 14.05 -6.22
C PHE B 274 -41.84 14.70 -7.45
N LYS B 275 -42.61 13.94 -8.22
CA LYS B 275 -43.31 14.49 -9.38
C LYS B 275 -44.67 15.08 -9.04
N LYS B 276 -45.07 15.04 -7.77
CA LYS B 276 -46.36 15.59 -7.32
C LYS B 276 -47.52 15.00 -8.10
N ALA B 277 -47.40 13.73 -8.48
CA ALA B 277 -48.37 13.09 -9.35
C ALA B 277 -49.72 12.96 -8.63
N LYS B 278 -50.77 13.47 -9.26
CA LYS B 278 -52.13 13.35 -8.75
C LYS B 278 -53.05 12.57 -9.67
N HIS B 279 -52.55 12.10 -10.81
CA HIS B 279 -53.37 11.42 -11.80
C HIS B 279 -52.46 10.77 -12.83
N PRO B 280 -52.95 9.75 -13.57
CA PRO B 280 -52.14 9.12 -14.61
C PRO B 280 -51.49 10.10 -15.57
N ILE B 281 -50.39 9.70 -16.20
CA ILE B 281 -49.57 10.64 -16.95
C ILE B 281 -50.30 11.16 -18.19
N PHE B 282 -51.17 10.36 -18.81
CA PHE B 282 -51.87 10.77 -20.02
C PHE B 282 -53.32 11.16 -19.75
N TRP B 283 -53.64 11.56 -18.53
CA TRP B 283 -54.91 12.19 -18.21
C TRP B 283 -54.71 13.70 -18.13
N ILE B 284 -55.55 14.45 -18.83
CA ILE B 284 -55.46 15.90 -18.90
C ILE B 284 -56.62 16.48 -18.08
N PRO B 285 -56.35 17.19 -16.99
CA PRO B 285 -57.44 17.76 -16.18
C PRO B 285 -58.17 18.85 -16.94
N PHE B 286 -59.47 18.68 -17.12
CA PHE B 286 -60.34 19.65 -17.79
C PHE B 286 -61.48 19.95 -16.83
N LYS B 287 -61.41 21.11 -16.16
CA LYS B 287 -62.31 21.44 -15.06
C LYS B 287 -62.29 20.33 -14.02
N ASN B 288 -63.44 19.75 -13.72
CA ASN B 288 -63.51 18.70 -12.71
C ASN B 288 -63.50 17.29 -13.31
N GLU B 289 -63.33 17.17 -14.63
CA GLU B 289 -63.27 15.88 -15.29
C GLU B 289 -61.84 15.62 -15.79
N TYR B 290 -61.65 14.46 -16.42
CA TYR B 290 -60.35 14.07 -16.97
C TYR B 290 -60.50 13.75 -18.45
N ARG B 291 -59.62 14.33 -19.27
CA ARG B 291 -59.52 13.99 -20.68
C ARG B 291 -58.33 13.09 -20.92
N TYR B 292 -58.26 12.53 -22.13
CA TYR B 292 -57.31 11.49 -22.48
C TYR B 292 -56.46 11.94 -23.65
N ARG B 293 -55.18 11.54 -23.64
CA ARG B 293 -54.20 12.01 -24.62
C ARG B 293 -53.70 10.83 -25.43
N THR B 294 -54.09 10.78 -26.70
CA THR B 294 -53.49 9.85 -27.65
C THR B 294 -52.17 10.46 -28.15
N LEU B 295 -51.62 9.91 -29.24
CA LEU B 295 -50.34 10.40 -29.75
C LEU B 295 -50.41 11.90 -30.05
N THR B 296 -51.43 12.33 -30.77
CA THR B 296 -51.49 13.70 -31.25
C THR B 296 -52.82 14.40 -30.95
N GLU B 297 -53.72 13.77 -30.19
CA GLU B 297 -55.04 14.34 -29.96
C GLU B 297 -55.40 14.25 -28.48
N ILE B 298 -56.22 15.20 -28.04
CA ILE B 298 -56.82 15.19 -26.72
C ILE B 298 -58.31 14.95 -26.90
N VAL B 299 -58.79 13.79 -26.44
CA VAL B 299 -60.17 13.39 -26.63
C VAL B 299 -60.83 13.19 -25.27
N ASP B 300 -62.15 13.04 -25.30
CA ASP B 300 -62.88 12.67 -24.10
C ASP B 300 -62.41 11.31 -23.61
N MET B 301 -62.55 11.09 -22.30
CA MET B 301 -62.00 9.90 -21.68
C MET B 301 -62.64 8.64 -22.26
N PRO B 302 -61.87 7.76 -22.91
CA PRO B 302 -62.40 6.46 -23.29
C PRO B 302 -62.34 5.50 -22.11
N LEU B 303 -63.47 5.35 -21.42
CA LEU B 303 -63.47 4.64 -20.14
C LEU B 303 -63.15 3.15 -20.30
N ASP B 304 -63.46 2.55 -21.45
CA ASP B 304 -63.17 1.14 -21.66
C ASP B 304 -61.81 0.89 -22.28
N TRP B 305 -60.97 1.95 -22.47
CA TRP B 305 -59.59 1.69 -22.90
C TRP B 305 -58.71 1.43 -21.68
N PRO B 306 -57.59 0.71 -21.85
CA PRO B 306 -56.70 0.50 -20.70
C PRO B 306 -56.08 1.80 -20.21
N VAL B 307 -55.71 1.81 -18.94
CA VAL B 307 -55.06 2.96 -18.33
C VAL B 307 -53.56 2.84 -18.56
N ASP B 308 -52.89 3.98 -18.68
CA ASP B 308 -51.43 4.04 -18.84
C ASP B 308 -50.83 4.48 -17.51
N VAL B 309 -50.13 3.56 -16.85
CA VAL B 309 -49.51 3.83 -15.56
C VAL B 309 -48.12 3.21 -15.52
N ASN B 310 -47.30 3.70 -14.60
CA ASN B 310 -46.02 3.06 -14.32
C ASN B 310 -46.23 1.96 -13.28
N TYR B 311 -45.14 1.30 -12.89
CA TYR B 311 -45.26 0.24 -11.90
C TYR B 311 -45.80 0.76 -10.58
N HIS B 312 -45.30 1.91 -10.13
CA HIS B 312 -45.70 2.43 -8.82
C HIS B 312 -47.21 2.67 -8.75
N GLU B 313 -47.78 3.25 -9.81
CA GLU B 313 -49.23 3.49 -9.81
C GLU B 313 -50.00 2.18 -9.88
N ALA B 314 -49.57 1.25 -10.73
CA ALA B 314 -50.23 -0.05 -10.83
C ALA B 314 -50.17 -0.79 -9.49
N LYS B 315 -49.00 -0.80 -8.85
CA LYS B 315 -48.85 -1.49 -7.58
C LYS B 315 -49.70 -0.85 -6.49
N ALA B 316 -49.78 0.48 -6.48
CA ALA B 316 -50.61 1.16 -5.50
C ALA B 316 -52.08 0.81 -5.70
N PHE B 317 -52.53 0.70 -6.96
CA PHE B 317 -53.88 0.26 -7.24
C PHE B 317 -54.13 -1.14 -6.70
N CYS B 318 -53.17 -2.05 -6.88
CA CYS B 318 -53.35 -3.41 -6.41
C CYS B 318 -53.38 -3.48 -4.90
N ASN B 319 -52.59 -2.64 -4.22
CA ASN B 319 -52.62 -2.61 -2.77
C ASN B 319 -53.94 -2.04 -2.26
N TRP B 320 -54.48 -1.05 -2.97
CA TRP B 320 -55.78 -0.48 -2.61
C TRP B 320 -56.90 -1.50 -2.84
N LEU B 321 -56.88 -2.16 -4.00
CA LEU B 321 -57.88 -3.20 -4.28
C LEU B 321 -57.77 -4.35 -3.29
N SER B 322 -56.57 -4.62 -2.78
CA SER B 322 -56.41 -5.70 -1.80
C SER B 322 -57.17 -5.39 -0.51
N ALA B 323 -57.19 -4.11 -0.12
CA ALA B 323 -57.92 -3.74 1.09
C ALA B 323 -59.43 -3.78 0.87
N LYS B 324 -59.89 -3.46 -0.34
CA LYS B 324 -61.32 -3.52 -0.62
C LYS B 324 -61.81 -4.95 -0.68
N LYS B 325 -61.12 -5.80 -1.45
CA LYS B 325 -61.53 -7.19 -1.62
C LYS B 325 -61.20 -8.06 -0.41
N GLY B 326 -60.31 -7.60 0.46
CA GLY B 326 -59.84 -8.46 1.53
C GLY B 326 -59.04 -9.66 1.05
N LYS B 327 -58.50 -9.60 -0.16
CA LYS B 327 -57.71 -10.65 -0.77
C LYS B 327 -56.33 -10.12 -1.12
N PRO B 328 -55.33 -11.00 -1.25
CA PRO B 328 -54.01 -10.54 -1.66
C PRO B 328 -53.89 -10.37 -3.17
N ILE B 329 -54.10 -9.14 -3.66
CA ILE B 329 -54.04 -8.84 -5.08
C ILE B 329 -52.76 -8.07 -5.37
N ARG B 330 -52.02 -8.52 -6.39
CA ARG B 330 -50.76 -7.89 -6.77
C ARG B 330 -50.63 -7.94 -8.28
N LEU B 331 -49.49 -7.50 -8.77
CA LEU B 331 -49.16 -7.65 -10.18
C LEU B 331 -48.55 -9.03 -10.42
N PRO B 332 -48.73 -9.59 -11.62
CA PRO B 332 -48.19 -10.92 -11.89
C PRO B 332 -46.67 -10.90 -11.98
N VAL B 333 -46.09 -12.07 -11.77
CA VAL B 333 -44.68 -12.27 -12.08
C VAL B 333 -44.60 -12.70 -13.54
N GLU B 334 -43.40 -12.58 -14.12
CA GLU B 334 -43.20 -12.94 -15.52
C GLU B 334 -43.65 -14.38 -15.79
N ASP B 335 -43.38 -15.29 -14.85
CA ASP B 335 -43.77 -16.68 -15.04
C ASP B 335 -45.28 -16.82 -15.10
N GLU B 336 -46.01 -16.05 -14.29
CA GLU B 336 -47.47 -16.12 -14.31
C GLU B 336 -48.03 -15.61 -15.63
N TRP B 337 -47.41 -14.60 -16.25
CA TRP B 337 -47.90 -14.14 -17.55
C TRP B 337 -47.68 -15.19 -18.62
N TYR B 338 -46.51 -15.85 -18.62
CA TYR B 338 -46.30 -16.94 -19.57
C TYR B 338 -47.29 -18.06 -19.33
N ARG B 339 -47.59 -18.37 -18.07
CA ARG B 339 -48.58 -19.40 -17.77
C ARG B 339 -49.95 -19.01 -18.31
N LEU B 340 -50.33 -17.73 -18.15
CA LEU B 340 -51.62 -17.28 -18.67
C LEU B 340 -51.67 -17.38 -20.19
N LYS B 341 -50.57 -17.04 -20.86
CA LYS B 341 -50.54 -17.09 -22.32
C LYS B 341 -50.74 -18.52 -22.84
N GLU B 342 -50.10 -19.49 -22.19
CA GLU B 342 -50.29 -20.88 -22.59
C GLU B 342 -51.72 -21.36 -22.31
N TYR B 343 -52.26 -20.98 -21.14
CA TYR B 343 -53.61 -21.40 -20.78
C TYR B 343 -54.65 -20.82 -21.73
N CYS B 344 -54.44 -19.58 -22.18
CA CYS B 344 -55.35 -18.96 -23.13
C CYS B 344 -55.09 -19.38 -24.57
N ASN B 345 -53.97 -20.07 -24.82
CA ASN B 345 -53.63 -20.54 -26.16
C ASN B 345 -53.43 -19.38 -27.14
N VAL B 346 -52.64 -18.40 -26.72
CA VAL B 346 -52.28 -17.28 -27.59
C VAL B 346 -51.38 -17.78 -28.70
N PRO B 347 -51.75 -17.59 -29.97
CA PRO B 347 -50.91 -18.10 -31.06
C PRO B 347 -49.67 -17.24 -31.26
N ASP B 348 -48.56 -17.90 -31.58
CA ASP B 348 -47.33 -17.20 -31.89
C ASP B 348 -47.44 -16.48 -33.22
N VAL B 349 -46.51 -15.54 -33.45
CA VAL B 349 -46.57 -14.70 -34.65
C VAL B 349 -46.47 -15.54 -35.91
N SER B 350 -45.77 -16.67 -35.85
CA SER B 350 -45.66 -17.53 -37.03
C SER B 350 -46.99 -18.14 -37.43
N LYS B 351 -47.97 -18.14 -36.54
CA LYS B 351 -49.28 -18.73 -36.81
C LYS B 351 -50.35 -17.70 -37.13
N TRP B 352 -50.01 -16.41 -37.15
CA TRP B 352 -51.00 -15.38 -37.42
C TRP B 352 -51.41 -15.39 -38.89
N ASP B 353 -52.65 -14.99 -39.15
CA ASP B 353 -53.15 -14.88 -40.51
C ASP B 353 -52.84 -13.51 -41.09
N GLU B 354 -53.72 -12.99 -41.94
CA GLU B 354 -53.46 -11.70 -42.59
C GLU B 354 -53.51 -10.54 -41.60
N LYS B 355 -54.19 -10.70 -40.48
CA LYS B 355 -54.32 -9.63 -39.49
C LYS B 355 -54.05 -10.20 -38.10
N ALA B 356 -53.32 -9.42 -37.30
CA ALA B 356 -52.90 -9.88 -35.99
C ALA B 356 -54.11 -10.06 -35.07
N PRO B 357 -54.11 -11.09 -34.22
CA PRO B 357 -55.25 -11.31 -33.33
C PRO B 357 -55.18 -10.46 -32.08
N ALA B 358 -54.60 -9.28 -32.20
CA ALA B 358 -54.41 -8.39 -31.05
C ALA B 358 -54.12 -6.99 -31.56
N ASN B 359 -54.29 -6.00 -30.67
CA ASN B 359 -53.97 -4.62 -30.98
C ASN B 359 -52.47 -4.44 -30.81
N ILE B 360 -51.73 -4.78 -31.86
CA ILE B 360 -50.28 -4.91 -31.78
C ILE B 360 -49.70 -4.74 -33.18
N ASN B 361 -48.39 -4.50 -33.24
CA ASN B 361 -47.64 -4.43 -34.50
C ASN B 361 -48.18 -3.37 -35.44
N LEU B 362 -48.84 -2.36 -34.90
CA LEU B 362 -49.39 -1.25 -35.69
C LEU B 362 -50.32 -1.76 -36.79
N GLU B 363 -50.92 -2.93 -36.56
CA GLU B 363 -51.79 -3.54 -37.57
C GLU B 363 -53.25 -3.11 -37.43
N HIS B 364 -53.60 -2.37 -36.38
CA HIS B 364 -54.98 -1.93 -36.20
C HIS B 364 -55.07 -0.44 -35.90
N TYR B 365 -54.36 0.03 -34.87
CA TYR B 365 -54.48 1.41 -34.42
C TYR B 365 -53.13 1.94 -33.97
N ALA B 366 -53.00 3.26 -34.01
CA ALA B 366 -51.88 3.97 -33.39
C ALA B 366 -52.23 4.46 -31.98
N SER B 367 -53.04 3.69 -31.27
CA SER B 367 -53.39 3.97 -29.88
C SER B 367 -53.98 2.70 -29.31
N ALA B 368 -54.35 2.76 -28.03
CA ALA B 368 -55.04 1.64 -27.42
C ALA B 368 -56.46 1.53 -27.98
N CYS B 369 -57.13 0.44 -27.62
CA CYS B 369 -58.49 0.15 -28.04
C CYS B 369 -59.27 -0.35 -26.82
N PRO B 370 -60.59 -0.52 -26.90
CA PRO B 370 -61.34 -1.03 -25.75
C PRO B 370 -60.83 -2.39 -25.30
N VAL B 371 -60.95 -2.65 -24.00
CA VAL B 371 -60.40 -3.85 -23.40
C VAL B 371 -61.31 -5.03 -23.70
N THR B 372 -62.43 -4.77 -24.38
CA THR B 372 -63.38 -5.81 -24.72
C THR B 372 -63.30 -6.22 -26.19
N GLN B 373 -62.25 -5.82 -26.91
CA GLN B 373 -62.18 -6.09 -28.34
C GLN B 373 -61.48 -7.40 -28.66
N PHE B 374 -60.25 -7.59 -28.18
CA PHE B 374 -59.45 -8.75 -28.52
C PHE B 374 -59.46 -9.74 -27.36
N SER B 375 -60.05 -10.91 -27.58
CA SER B 375 -60.13 -11.96 -26.58
C SER B 375 -59.11 -13.06 -26.87
N PHE B 376 -58.72 -13.76 -25.80
CA PHE B 376 -57.80 -14.90 -25.88
C PHE B 376 -58.32 -15.91 -24.86
N GLY B 377 -59.15 -16.85 -25.34
CA GLY B 377 -59.82 -17.77 -24.45
C GLY B 377 -60.85 -17.07 -23.59
N ASN B 378 -60.69 -17.17 -22.26
CA ASN B 378 -61.58 -16.48 -21.35
C ASN B 378 -61.13 -15.06 -21.02
N PHE B 379 -59.92 -14.67 -21.43
CA PHE B 379 -59.34 -13.39 -21.05
C PHE B 379 -59.23 -12.47 -22.27
N TYR B 380 -58.92 -11.21 -21.98
CA TYR B 380 -58.79 -10.19 -23.00
C TYR B 380 -57.43 -9.52 -22.88
N ASP B 381 -56.86 -9.15 -24.03
CA ASP B 381 -55.60 -8.42 -24.10
C ASP B 381 -54.46 -9.12 -23.35
N VAL B 382 -54.39 -10.44 -23.51
CA VAL B 382 -53.22 -11.17 -23.00
C VAL B 382 -51.96 -10.71 -23.73
N ILE B 383 -52.10 -10.35 -25.00
CA ILE B 383 -51.06 -9.64 -25.74
C ILE B 383 -51.72 -8.44 -26.41
N GLY B 384 -50.94 -7.39 -26.61
CA GLY B 384 -51.42 -6.24 -27.33
C GLY B 384 -52.17 -5.23 -26.48
N ASN B 385 -52.59 -4.16 -27.14
CA ASN B 385 -53.22 -2.98 -26.55
C ASN B 385 -52.22 -2.12 -25.79
N VAL B 386 -51.82 -2.56 -24.59
CA VAL B 386 -50.75 -1.89 -23.86
C VAL B 386 -49.94 -2.98 -23.18
N TRP B 387 -48.68 -2.64 -22.86
CA TRP B 387 -47.86 -3.55 -22.07
C TRP B 387 -48.50 -3.78 -20.70
N GLN B 388 -48.15 -4.91 -20.10
CA GLN B 388 -48.60 -5.27 -18.77
C GLN B 388 -47.40 -5.32 -17.84
N TRP B 389 -47.41 -4.46 -16.81
CA TRP B 389 -46.34 -4.48 -15.82
C TRP B 389 -46.31 -5.80 -15.07
N THR B 390 -45.13 -6.21 -14.65
CA THR B 390 -44.93 -7.38 -13.81
C THR B 390 -44.20 -6.96 -12.53
N GLU B 391 -44.05 -7.92 -11.62
CA GLU B 391 -43.30 -7.71 -10.39
C GLU B 391 -41.89 -8.31 -10.44
N THR B 392 -41.47 -8.78 -11.62
CA THR B 392 -40.19 -9.46 -11.74
C THR B 392 -39.16 -8.49 -12.31
N PRO B 393 -38.16 -8.08 -11.54
CA PRO B 393 -37.03 -7.37 -12.14
C PRO B 393 -36.33 -8.28 -13.14
N ILE B 394 -35.97 -7.71 -14.29
CA ILE B 394 -35.39 -8.50 -15.35
C ILE B 394 -34.06 -9.08 -14.88
N TYR B 395 -33.79 -10.33 -15.28
CA TYR B 395 -32.64 -11.07 -14.81
C TYR B 395 -32.18 -11.99 -15.92
N PRO B 396 -30.90 -12.35 -15.97
CA PRO B 396 -30.43 -13.27 -17.01
C PRO B 396 -30.71 -14.72 -16.65
N PHE B 397 -31.19 -15.48 -17.63
CA PHE B 397 -31.40 -16.91 -17.44
C PHE B 397 -30.07 -17.63 -17.27
N ASN B 398 -30.13 -18.85 -16.76
CA ASN B 398 -28.94 -19.70 -16.71
C ASN B 398 -28.56 -20.07 -18.14
N GLY B 399 -27.34 -19.69 -18.54
CA GLY B 399 -26.92 -19.81 -19.92
C GLY B 399 -26.82 -18.50 -20.66
N PHE B 400 -27.04 -17.39 -19.98
CA PHE B 400 -27.00 -16.07 -20.62
C PHE B 400 -25.59 -15.73 -21.10
N LYS B 401 -25.49 -15.36 -22.37
CA LYS B 401 -24.22 -14.93 -22.97
C LYS B 401 -24.45 -13.63 -23.72
N ILE B 402 -23.55 -12.67 -23.54
CA ILE B 402 -23.66 -11.40 -24.23
C ILE B 402 -23.17 -11.54 -25.66
N HIS B 403 -23.69 -10.68 -26.54
CA HIS B 403 -23.11 -10.61 -27.87
C HIS B 403 -21.91 -9.66 -27.87
N PRO B 404 -20.81 -10.03 -28.50
CA PRO B 404 -19.60 -9.18 -28.44
C PRO B 404 -19.81 -7.78 -29.01
N ILE B 405 -20.70 -7.62 -30.01
CA ILE B 405 -20.90 -6.31 -30.61
C ILE B 405 -21.78 -5.40 -29.76
N TYR B 406 -22.63 -5.96 -28.89
CA TYR B 406 -23.45 -5.17 -27.98
C TYR B 406 -23.48 -5.89 -26.62
N ASP B 407 -22.35 -5.82 -25.91
CA ASP B 407 -22.18 -6.59 -24.68
C ASP B 407 -22.91 -5.97 -23.49
N ASP B 408 -23.35 -4.72 -23.59
CA ASP B 408 -24.04 -4.04 -22.50
C ASP B 408 -25.48 -3.71 -22.86
N PHE B 409 -26.11 -4.51 -23.72
CA PHE B 409 -27.50 -4.27 -24.07
C PHE B 409 -28.42 -4.57 -22.89
N SER B 410 -28.20 -5.69 -22.21
CA SER B 410 -29.04 -6.11 -21.10
C SER B 410 -28.37 -5.98 -19.73
N THR B 411 -27.06 -6.23 -19.66
CA THR B 411 -26.42 -6.36 -18.36
C THR B 411 -26.61 -5.16 -17.42
N PRO B 412 -26.61 -3.91 -17.88
CA PRO B 412 -26.86 -2.81 -16.93
C PRO B 412 -28.27 -2.79 -16.37
N THR B 413 -29.22 -3.50 -17.00
CA THR B 413 -30.59 -3.57 -16.49
C THR B 413 -30.77 -4.66 -15.46
N PHE B 414 -29.74 -5.46 -15.17
CA PHE B 414 -29.79 -6.50 -14.14
C PHE B 414 -29.45 -5.89 -12.78
N ASP B 415 -30.22 -4.86 -12.41
CA ASP B 415 -29.96 -4.09 -11.21
C ASP B 415 -31.08 -4.21 -10.17
N ASN B 416 -32.01 -5.16 -10.35
CA ASN B 416 -33.22 -5.27 -9.52
C ASN B 416 -34.08 -4.02 -9.56
N ARG B 417 -33.87 -3.14 -10.54
CA ARG B 417 -34.65 -1.91 -10.68
C ARG B 417 -35.48 -1.86 -11.95
N HIS B 418 -35.21 -2.74 -12.92
CA HIS B 418 -35.92 -2.75 -14.20
C HIS B 418 -36.91 -3.90 -14.20
N ASN B 419 -38.17 -3.59 -13.95
CA ASN B 419 -39.21 -4.62 -13.91
C ASN B 419 -39.68 -4.97 -15.31
N LEU B 420 -39.90 -6.27 -15.54
CA LEU B 420 -40.34 -6.74 -16.85
C LEU B 420 -41.76 -6.27 -17.15
N ILE B 421 -42.02 -6.04 -18.43
CA ILE B 421 -43.37 -5.81 -18.95
C ILE B 421 -43.61 -6.83 -20.05
N LYS B 422 -44.85 -7.32 -20.15
CA LYS B 422 -45.19 -8.39 -21.08
C LYS B 422 -46.37 -7.98 -21.95
N GLY B 423 -46.46 -8.62 -23.11
CA GLY B 423 -47.64 -8.52 -23.94
C GLY B 423 -47.48 -7.71 -25.21
N GLY B 424 -46.82 -6.57 -25.10
CA GLY B 424 -46.73 -5.65 -26.21
C GLY B 424 -47.91 -4.69 -26.26
N SER B 425 -47.68 -3.55 -26.91
CA SER B 425 -48.70 -2.53 -27.06
C SER B 425 -49.14 -2.45 -28.52
N PHE B 426 -49.97 -1.46 -28.83
CA PHE B 426 -50.41 -1.27 -30.21
C PHE B 426 -49.25 -1.00 -31.15
N ILE B 427 -48.17 -0.41 -30.64
CA ILE B 427 -47.04 0.02 -31.46
C ILE B 427 -45.82 -0.88 -31.29
N SER B 428 -45.90 -1.92 -30.48
CA SER B 428 -44.81 -2.88 -30.40
C SER B 428 -44.69 -3.64 -31.71
N THR B 429 -43.49 -3.66 -32.28
CA THR B 429 -43.27 -4.27 -33.59
C THR B 429 -42.08 -5.23 -33.52
N GLY B 430 -41.98 -6.07 -34.55
CA GLY B 430 -40.80 -6.89 -34.76
C GLY B 430 -40.53 -7.81 -33.59
N ASN B 431 -39.31 -7.71 -33.06
CA ASN B 431 -38.90 -8.55 -31.94
C ASN B 431 -39.82 -8.39 -30.73
N GLU B 432 -40.42 -7.21 -30.58
CA GLU B 432 -41.21 -6.93 -29.38
C GLU B 432 -42.44 -7.83 -29.30
N ILE B 433 -42.95 -8.32 -30.44
CA ILE B 433 -44.15 -9.13 -30.44
C ILE B 433 -43.86 -10.61 -30.36
N LEU B 434 -42.58 -11.00 -30.28
CA LEU B 434 -42.22 -12.39 -30.04
C LEU B 434 -42.48 -12.76 -28.59
N ALA B 435 -42.87 -14.02 -28.37
CA ALA B 435 -43.14 -14.51 -27.03
C ALA B 435 -41.89 -14.64 -26.18
N SER B 436 -40.72 -14.82 -26.79
CA SER B 436 -39.47 -14.96 -26.05
C SER B 436 -38.85 -13.62 -25.68
N SER B 437 -39.25 -12.54 -26.35
CA SER B 437 -38.66 -11.23 -26.07
C SER B 437 -38.99 -10.78 -24.65
N ARG B 438 -38.04 -10.10 -24.03
CA ARG B 438 -38.15 -9.69 -22.63
C ARG B 438 -37.71 -8.24 -22.52
N TYR B 439 -38.68 -7.36 -22.25
CA TYR B 439 -38.42 -5.93 -22.14
C TYR B 439 -38.75 -5.45 -20.73
N ALA B 440 -37.95 -4.52 -20.22
CA ALA B 440 -38.10 -4.07 -18.85
C ALA B 440 -37.79 -2.59 -18.76
N PHE B 441 -38.46 -1.93 -17.82
CA PHE B 441 -38.30 -0.50 -17.59
C PHE B 441 -38.17 -0.24 -16.10
N ARG B 442 -37.51 0.85 -15.75
CA ARG B 442 -37.53 1.32 -14.38
C ARG B 442 -38.97 1.61 -13.96
N ARG B 443 -39.27 1.35 -12.68
CA ARG B 443 -40.65 1.30 -12.22
C ARG B 443 -41.36 2.64 -12.30
N HIS B 444 -40.63 3.74 -12.36
CA HIS B 444 -41.23 5.06 -12.50
C HIS B 444 -41.47 5.45 -13.95
N PHE B 445 -41.01 4.67 -14.91
CA PHE B 445 -41.01 5.10 -16.30
C PHE B 445 -42.36 4.90 -16.94
N PHE B 446 -42.68 5.78 -17.89
CA PHE B 446 -43.97 5.78 -18.58
C PHE B 446 -43.82 5.24 -19.99
N GLN B 447 -44.75 4.37 -20.37
CA GLN B 447 -44.81 3.79 -21.70
C GLN B 447 -46.28 3.65 -22.09
N HIS B 448 -46.54 3.05 -23.25
CA HIS B 448 -47.87 2.57 -23.56
C HIS B 448 -48.09 1.27 -22.80
N ALA B 449 -48.12 1.40 -21.46
CA ALA B 449 -48.04 0.27 -20.55
C ALA B 449 -49.13 0.40 -19.51
N GLY B 450 -49.96 -0.63 -19.40
CA GLY B 450 -50.96 -0.70 -18.36
C GLY B 450 -50.66 -1.88 -17.46
N PHE B 451 -51.70 -2.55 -16.95
CA PHE B 451 -51.46 -3.67 -16.07
C PHE B 451 -52.73 -4.51 -15.90
N ARG B 452 -52.53 -5.82 -15.86
CA ARG B 452 -53.49 -6.78 -15.36
C ARG B 452 -53.07 -7.18 -13.96
N TYR B 453 -54.02 -7.40 -13.07
CA TYR B 453 -53.69 -7.84 -11.72
C TYR B 453 -54.09 -9.30 -11.52
N VAL B 454 -53.47 -9.92 -10.51
CA VAL B 454 -53.68 -11.32 -10.19
C VAL B 454 -53.91 -11.46 -8.69
N GLU B 455 -54.32 -12.67 -8.29
CA GLU B 455 -54.45 -13.04 -6.88
C GLU B 455 -53.71 -14.36 -6.69
N SER B 456 -52.55 -14.30 -6.06
CA SER B 456 -51.75 -15.49 -5.84
C SER B 456 -50.99 -15.34 -4.52
N SER B 457 -50.79 -16.48 -3.86
CA SER B 457 -49.92 -16.56 -2.70
C SER B 457 -48.48 -16.87 -3.08
N TYR B 458 -48.22 -17.21 -4.34
CA TYR B 458 -46.89 -17.57 -4.77
C TYR B 458 -45.92 -16.41 -4.57
N LYS B 459 -44.82 -16.68 -3.87
CA LYS B 459 -43.79 -15.70 -3.60
C LYS B 459 -42.59 -16.02 -4.47
N GLU B 460 -42.38 -15.21 -5.50
CA GLU B 460 -41.23 -15.38 -6.38
C GLU B 460 -39.94 -15.10 -5.61
N LYS B 461 -38.94 -15.97 -5.80
CA LYS B 461 -37.63 -15.77 -5.20
C LYS B 461 -36.74 -14.97 -6.14
N ILE B 462 -36.15 -13.88 -5.63
CA ILE B 462 -35.21 -13.06 -6.39
C ILE B 462 -33.81 -13.31 -5.84
N ASN B 463 -32.86 -13.51 -6.74
CA ASN B 463 -31.48 -13.71 -6.35
C ASN B 463 -30.75 -12.36 -6.28
N SER B 464 -29.49 -12.39 -5.85
CA SER B 464 -28.70 -11.17 -5.82
C SER B 464 -28.50 -10.64 -7.22
N SER B 465 -28.71 -9.35 -7.40
CA SER B 465 -28.71 -8.75 -8.73
C SER B 465 -27.29 -8.40 -9.16
N GLY B 466 -27.15 -8.08 -10.44
CA GLY B 466 -25.92 -7.61 -11.00
C GLY B 466 -24.83 -8.66 -11.06
N TYR B 467 -23.60 -8.16 -11.29
CA TYR B 467 -22.41 -8.98 -11.36
C TYR B 467 -21.40 -8.47 -10.34
N GLU B 468 -20.78 -9.40 -9.62
CA GLU B 468 -19.79 -9.01 -8.63
C GLU B 468 -18.53 -8.52 -9.33
N SER B 469 -18.03 -7.36 -8.91
CA SER B 469 -16.94 -6.70 -9.60
C SER B 469 -15.76 -6.33 -8.72
N ASP B 470 -15.79 -6.65 -7.43
CA ASP B 470 -14.62 -6.43 -6.58
C ASP B 470 -13.46 -7.25 -7.12
N THR B 471 -12.32 -6.59 -7.34
CA THR B 471 -11.18 -7.23 -8.00
C THR B 471 -10.79 -8.53 -7.29
N GLN B 472 -10.68 -8.51 -5.96
CA GLN B 472 -10.27 -9.70 -5.24
C GLN B 472 -11.35 -10.78 -5.28
N VAL B 473 -12.62 -10.39 -5.20
CA VAL B 473 -13.70 -11.37 -5.28
C VAL B 473 -13.78 -11.96 -6.69
N SER B 474 -13.59 -11.13 -7.72
CA SER B 474 -13.65 -11.61 -9.09
C SER B 474 -12.56 -12.65 -9.36
N GLN B 475 -11.35 -12.40 -8.87
CA GLN B 475 -10.23 -13.30 -9.15
C GLN B 475 -10.47 -14.68 -8.56
N TYR B 476 -10.97 -14.75 -7.32
CA TYR B 476 -11.18 -16.04 -6.70
C TYR B 476 -12.47 -16.71 -7.17
N CYS B 477 -13.45 -15.93 -7.63
CA CYS B 477 -14.59 -16.52 -8.32
C CYS B 477 -14.14 -17.26 -9.57
N GLU B 478 -13.24 -16.64 -10.34
CA GLU B 478 -12.69 -17.30 -11.52
C GLU B 478 -11.72 -18.41 -11.14
N PHE B 479 -11.00 -18.25 -10.03
CA PHE B 479 -10.04 -19.27 -9.63
C PHE B 479 -10.71 -20.55 -9.19
N GLY B 480 -11.89 -20.45 -8.57
CA GLY B 480 -12.60 -21.62 -8.10
C GLY B 480 -13.65 -22.12 -9.07
N TRP B 481 -14.25 -21.21 -9.84
CA TRP B 481 -15.40 -21.56 -10.67
C TRP B 481 -15.25 -21.18 -12.14
N GLY B 482 -14.09 -20.70 -12.57
CA GLY B 482 -13.89 -20.23 -13.93
C GLY B 482 -13.28 -21.27 -14.84
N ASP B 483 -12.59 -20.80 -15.87
CA ASP B 483 -12.02 -21.67 -16.88
C ASP B 483 -10.57 -22.02 -16.54
N ARG B 484 -10.04 -23.00 -17.26
CA ARG B 484 -8.66 -23.42 -17.10
C ARG B 484 -7.75 -22.57 -17.97
N TYR B 485 -6.58 -22.24 -17.45
CA TYR B 485 -5.61 -21.41 -18.14
C TYR B 485 -4.27 -22.13 -18.24
N PHE B 486 -3.67 -22.06 -19.43
CA PHE B 486 -2.43 -22.77 -19.74
C PHE B 486 -2.58 -24.28 -19.56
N GLY B 487 -3.81 -24.78 -19.67
CA GLY B 487 -4.07 -26.20 -19.53
C GLY B 487 -3.93 -26.72 -18.11
N ILE B 488 -4.03 -25.85 -17.11
CA ILE B 488 -3.91 -26.24 -15.72
C ILE B 488 -5.30 -26.48 -15.17
N GLU B 489 -5.50 -27.66 -14.57
CA GLU B 489 -6.81 -28.04 -14.06
C GLU B 489 -7.23 -27.11 -12.92
N ASN B 490 -8.52 -27.14 -12.62
CA ASN B 490 -9.05 -26.34 -11.52
C ASN B 490 -8.37 -26.74 -10.21
N TYR B 491 -7.80 -25.76 -9.52
CA TYR B 491 -6.96 -26.02 -8.36
C TYR B 491 -7.77 -26.39 -7.12
N PRO B 492 -8.81 -25.64 -6.73
CA PRO B 492 -9.61 -26.08 -5.58
C PRO B 492 -10.24 -27.45 -5.77
N LYS B 493 -10.66 -27.76 -7.00
CA LYS B 493 -11.24 -29.07 -7.26
C LYS B 493 -10.17 -30.16 -7.20
N ARG B 494 -9.00 -29.91 -7.80
CA ARG B 494 -7.92 -30.89 -7.77
C ARG B 494 -7.52 -31.24 -6.36
N CYS B 495 -7.35 -30.21 -5.50
CA CYS B 495 -6.95 -30.46 -4.12
C CYS B 495 -8.01 -31.27 -3.37
N ALA B 496 -9.28 -30.98 -3.61
CA ALA B 496 -10.34 -31.72 -2.92
C ALA B 496 -10.39 -33.17 -3.39
N LYS B 497 -10.11 -33.42 -4.67
CA LYS B 497 -10.09 -34.80 -5.16
C LYS B 497 -8.93 -35.58 -4.56
N ILE B 498 -7.79 -34.92 -4.33
CA ILE B 498 -6.67 -35.59 -3.68
C ILE B 498 -7.01 -35.88 -2.22
N CYS B 499 -7.73 -34.97 -1.56
CA CYS B 499 -8.22 -35.23 -0.22
C CYS B 499 -9.07 -36.49 -0.19
N ILE B 500 -9.98 -36.63 -1.16
CA ILE B 500 -10.79 -37.84 -1.25
C ILE B 500 -9.92 -39.05 -1.54
N GLU B 501 -8.82 -38.85 -2.27
CA GLU B 501 -7.95 -39.98 -2.62
C GLU B 501 -7.28 -40.57 -1.39
N VAL B 502 -6.64 -39.74 -0.58
CA VAL B 502 -5.79 -40.22 0.51
C VAL B 502 -6.60 -40.45 1.78
N THR B 503 -7.93 -40.33 1.69
CA THR B 503 -8.80 -40.62 2.82
C THR B 503 -9.70 -41.83 2.58
N GLU B 504 -9.41 -42.63 1.57
CA GLU B 504 -10.18 -43.85 1.32
C GLU B 504 -9.92 -44.87 2.43
N GLY B 505 -10.99 -45.47 2.94
CA GLY B 505 -10.90 -46.37 4.05
C GLY B 505 -10.77 -45.70 5.40
N LYS B 506 -11.00 -44.39 5.46
CA LYS B 506 -10.96 -43.61 6.68
C LYS B 506 -12.31 -42.97 6.95
N PRO B 507 -12.60 -42.60 8.20
CA PRO B 507 -13.87 -41.94 8.49
C PRO B 507 -14.03 -40.65 7.70
N ARG B 508 -15.29 -40.35 7.35
CA ARG B 508 -15.61 -39.17 6.55
C ARG B 508 -16.88 -38.50 7.08
N LYS B 509 -17.00 -38.42 8.40
CA LYS B 509 -18.17 -37.78 9.00
C LYS B 509 -18.07 -36.27 8.93
N LYS B 510 -16.98 -35.70 9.44
CA LYS B 510 -16.80 -34.26 9.52
C LYS B 510 -15.51 -33.85 8.82
N ALA B 511 -15.57 -32.76 8.07
CA ALA B 511 -14.42 -32.21 7.37
C ALA B 511 -14.46 -30.70 7.42
N LEU B 512 -13.28 -30.08 7.43
CA LEU B 512 -13.14 -28.64 7.52
C LEU B 512 -12.29 -28.15 6.36
N ASP B 513 -12.66 -26.98 5.84
CA ASP B 513 -11.96 -26.34 4.71
C ASP B 513 -11.60 -24.92 5.14
N VAL B 514 -10.36 -24.74 5.60
CA VAL B 514 -9.87 -23.44 6.05
C VAL B 514 -9.29 -22.69 4.86
N GLY B 515 -9.73 -21.45 4.67
CA GLY B 515 -9.36 -20.69 3.49
C GLY B 515 -10.13 -21.17 2.28
N CYS B 516 -11.45 -21.31 2.42
CA CYS B 516 -12.30 -21.92 1.40
C CYS B 516 -12.59 -21.00 0.24
N ALA B 517 -12.29 -19.71 0.36
CA ALA B 517 -12.55 -18.72 -0.68
C ALA B 517 -14.00 -18.80 -1.14
N ILE B 518 -14.23 -19.03 -2.43
CA ILE B 518 -15.58 -19.03 -3.00
C ILE B 518 -16.17 -20.43 -2.91
N GLY B 519 -15.48 -21.31 -2.18
CA GLY B 519 -16.06 -22.58 -1.77
C GLY B 519 -16.12 -23.67 -2.79
N ARG B 520 -15.23 -23.67 -3.79
CA ARG B 520 -15.19 -24.78 -4.74
C ARG B 520 -14.74 -26.07 -4.05
N SER B 521 -13.64 -25.99 -3.30
CA SER B 521 -13.13 -27.18 -2.63
C SER B 521 -14.05 -27.65 -1.52
N THR B 522 -14.76 -26.72 -0.87
CA THR B 522 -15.67 -27.11 0.20
C THR B 522 -16.83 -27.94 -0.34
N LEU B 523 -17.40 -27.53 -1.47
CA LEU B 523 -18.49 -28.27 -2.07
C LEU B 523 -18.00 -29.59 -2.69
N GLU B 524 -16.77 -29.61 -3.21
CA GLU B 524 -16.22 -30.85 -3.74
C GLU B 524 -15.97 -31.87 -2.64
N LEU B 525 -15.57 -31.40 -1.45
CA LEU B 525 -15.37 -32.32 -0.33
C LEU B 525 -16.69 -32.91 0.14
N ALA B 526 -17.80 -32.22 -0.07
CA ALA B 526 -19.10 -32.66 0.43
C ALA B 526 -19.64 -33.86 -0.33
N THR B 527 -19.06 -34.24 -1.46
CA THR B 527 -19.52 -35.42 -2.18
C THR B 527 -19.17 -36.70 -1.42
N SER B 528 -18.09 -36.69 -0.65
CA SER B 528 -17.66 -37.86 0.10
C SER B 528 -17.70 -37.69 1.62
N PHE B 529 -17.68 -36.46 2.12
CA PHE B 529 -17.78 -36.20 3.55
C PHE B 529 -19.20 -35.79 3.90
N GLU B 530 -19.72 -36.36 5.00
CA GLU B 530 -21.11 -36.12 5.37
C GLU B 530 -21.34 -34.69 5.82
N SER B 531 -20.33 -34.05 6.41
CA SER B 531 -20.45 -32.67 6.88
C SER B 531 -19.14 -31.95 6.61
N VAL B 532 -19.22 -30.91 5.78
CA VAL B 532 -18.05 -30.08 5.45
C VAL B 532 -18.35 -28.66 5.87
N THR B 533 -17.37 -28.02 6.51
CA THR B 533 -17.48 -26.65 6.97
C THR B 533 -16.44 -25.79 6.27
N GLY B 534 -16.89 -24.70 5.65
CA GLY B 534 -16.00 -23.77 4.99
C GLY B 534 -15.78 -22.54 5.86
N LEU B 535 -14.51 -22.19 6.04
CA LEU B 535 -14.13 -21.01 6.80
C LEU B 535 -13.18 -20.16 5.97
N ASP B 536 -13.27 -18.85 6.16
CA ASP B 536 -12.37 -17.93 5.47
C ASP B 536 -12.31 -16.64 6.28
N PHE B 537 -11.14 -15.99 6.24
CA PHE B 537 -10.98 -14.72 6.93
C PHE B 537 -11.84 -13.63 6.31
N SER B 538 -12.06 -13.69 4.99
CA SER B 538 -12.76 -12.64 4.26
C SER B 538 -14.26 -12.82 4.40
N ALA B 539 -14.93 -11.83 4.99
CA ALA B 539 -16.39 -11.91 5.12
C ALA B 539 -17.07 -11.84 3.76
N ARG B 540 -16.45 -11.15 2.79
CA ARG B 540 -17.05 -11.05 1.47
C ARG B 540 -16.91 -12.34 0.69
N PHE B 541 -15.86 -13.12 0.94
CA PHE B 541 -15.73 -14.42 0.30
C PHE B 541 -16.80 -15.39 0.80
N ILE B 542 -17.04 -15.40 2.11
CA ILE B 542 -18.06 -16.30 2.67
C ILE B 542 -19.44 -15.94 2.13
N GLU B 543 -19.72 -14.65 1.97
CA GLU B 543 -21.02 -14.25 1.42
C GLU B 543 -21.20 -14.75 0.00
N MET B 544 -20.11 -14.75 -0.79
CA MET B 544 -20.20 -15.26 -2.15
C MET B 544 -20.29 -16.78 -2.17
N ALA B 545 -19.54 -17.45 -1.30
CA ALA B 545 -19.56 -18.90 -1.25
C ALA B 545 -20.93 -19.40 -0.80
N GLU B 546 -21.53 -18.75 0.20
CA GLU B 546 -22.87 -19.14 0.63
C GLU B 546 -23.90 -18.86 -0.44
N ARG B 547 -23.73 -17.74 -1.17
CA ARG B 547 -24.65 -17.43 -2.27
C ARG B 547 -24.64 -18.53 -3.31
N MET B 548 -23.46 -19.09 -3.60
CA MET B 548 -23.39 -20.22 -4.52
C MET B 548 -24.10 -21.43 -3.97
N ARG B 549 -24.10 -21.61 -2.65
CA ARG B 549 -24.71 -22.80 -2.06
C ARG B 549 -26.23 -22.71 -2.07
N LYS B 550 -26.79 -21.60 -1.58
CA LYS B 550 -28.24 -21.44 -1.54
C LYS B 550 -28.82 -21.32 -2.93
N ASP B 551 -28.36 -20.33 -3.70
CA ASP B 551 -28.99 -20.01 -4.97
C ASP B 551 -28.62 -20.99 -6.08
N GLY B 552 -27.44 -21.62 -5.98
CA GLY B 552 -26.99 -22.53 -7.01
C GLY B 552 -26.23 -21.88 -8.14
N SER B 553 -26.06 -20.55 -8.13
CA SER B 553 -25.32 -19.86 -9.16
C SER B 553 -24.87 -18.51 -8.63
N ILE B 554 -23.70 -18.06 -9.12
CA ILE B 554 -23.16 -16.75 -8.82
C ILE B 554 -22.74 -16.09 -10.13
N ARG B 555 -22.68 -14.76 -10.11
CA ARG B 555 -22.31 -13.99 -11.29
C ARG B 555 -21.26 -12.95 -10.94
N TYR B 556 -20.31 -12.76 -11.84
CA TYR B 556 -19.15 -11.91 -11.60
C TYR B 556 -18.55 -11.51 -12.93
N THR B 557 -17.75 -10.45 -12.91
CA THR B 557 -17.05 -9.96 -14.09
C THR B 557 -15.55 -10.04 -13.88
N ILE B 558 -14.83 -10.52 -14.90
CA ILE B 558 -13.37 -10.56 -14.89
C ILE B 558 -12.86 -9.53 -15.89
N THR B 559 -11.69 -8.97 -15.57
CA THR B 559 -11.11 -7.91 -16.40
C THR B 559 -10.46 -8.51 -17.64
N THR B 560 -10.67 -7.85 -18.78
CA THR B 560 -9.94 -8.17 -20.01
C THR B 560 -8.82 -7.17 -20.21
N GLU B 561 -9.18 -5.91 -20.46
CA GLU B 561 -8.23 -4.81 -20.56
C GLU B 561 -8.81 -3.61 -19.82
N GLY B 562 -8.05 -3.08 -18.87
CA GLY B 562 -8.46 -1.88 -18.16
C GLY B 562 -9.81 -2.00 -17.46
N GLU B 563 -10.80 -1.26 -17.95
CA GLU B 563 -12.15 -1.28 -17.40
C GLU B 563 -13.08 -2.27 -18.09
N LEU B 564 -12.73 -2.72 -19.30
CA LEU B 564 -13.57 -3.69 -19.99
C LEU B 564 -13.58 -5.01 -19.22
N VAL B 565 -14.73 -5.69 -19.24
CA VAL B 565 -14.95 -6.88 -18.45
C VAL B 565 -15.56 -7.96 -19.34
N GLU B 566 -15.61 -9.18 -18.78
CA GLU B 566 -16.37 -10.29 -19.34
C GLU B 566 -17.37 -10.75 -18.29
N TYR B 567 -18.63 -10.89 -18.69
CA TYR B 567 -19.70 -11.25 -17.77
C TYR B 567 -19.77 -12.77 -17.67
N LYS B 568 -19.49 -13.31 -16.49
CA LYS B 568 -19.40 -14.73 -16.26
C LYS B 568 -20.52 -15.20 -15.31
N GLU B 569 -20.98 -16.42 -15.52
CA GLU B 569 -21.92 -17.07 -14.63
C GLU B 569 -21.42 -18.46 -14.30
N ALA B 570 -21.37 -18.78 -13.01
CA ALA B 570 -20.97 -20.11 -12.55
C ALA B 570 -22.18 -20.78 -11.93
N THR B 571 -22.63 -21.88 -12.52
CA THR B 571 -23.77 -22.64 -12.03
C THR B 571 -23.28 -23.93 -11.41
N LEU B 572 -23.87 -24.30 -10.28
CA LEU B 572 -23.48 -25.52 -9.58
C LEU B 572 -23.74 -26.74 -10.47
N PRO B 573 -22.74 -27.59 -10.69
CA PRO B 573 -22.99 -28.83 -11.43
C PRO B 573 -23.99 -29.72 -10.71
N LYS B 574 -24.47 -30.74 -11.41
CA LYS B 574 -25.46 -31.64 -10.84
C LYS B 574 -24.89 -32.39 -9.64
N ARG B 575 -23.62 -32.80 -9.73
CA ARG B 575 -23.01 -33.56 -8.64
C ARG B 575 -22.85 -32.73 -7.37
N LEU B 576 -22.71 -31.41 -7.52
CA LEU B 576 -22.52 -30.55 -6.36
C LEU B 576 -23.83 -30.06 -5.77
N ALA B 577 -24.88 -29.94 -6.59
CA ALA B 577 -26.17 -29.47 -6.09
C ALA B 577 -26.76 -30.45 -5.08
N LYS B 578 -26.43 -31.73 -5.18
CA LYS B 578 -26.99 -32.72 -4.27
C LYS B 578 -26.48 -32.53 -2.84
N VAL B 579 -25.20 -32.18 -2.70
CA VAL B 579 -24.54 -32.15 -1.41
C VAL B 579 -24.60 -30.76 -0.77
N VAL B 580 -25.49 -29.90 -1.26
CA VAL B 580 -25.56 -28.53 -0.74
C VAL B 580 -25.93 -28.50 0.73
N ASP B 581 -26.82 -29.41 1.15
CA ASP B 581 -27.30 -29.42 2.54
C ASP B 581 -26.24 -29.88 3.54
N ARG B 582 -25.09 -30.37 3.07
CA ARG B 582 -24.04 -30.87 3.94
C ARG B 582 -22.93 -29.86 4.18
N VAL B 583 -23.11 -28.61 3.75
CA VAL B 583 -22.07 -27.58 3.77
C VAL B 583 -22.57 -26.37 4.54
N GLU B 584 -21.70 -25.80 5.37
CA GLU B 584 -21.94 -24.53 6.02
C GLU B 584 -20.70 -23.65 5.86
N PHE B 585 -20.93 -22.36 5.63
CA PHE B 585 -19.86 -21.39 5.43
C PHE B 585 -19.93 -20.34 6.52
N TRP B 586 -18.78 -20.04 7.13
CA TRP B 586 -18.71 -19.05 8.20
C TRP B 586 -17.44 -18.24 8.06
N GLN B 587 -17.51 -16.98 8.49
CA GLN B 587 -16.33 -16.14 8.60
C GLN B 587 -15.57 -16.52 9.87
N ALA B 588 -14.25 -16.67 9.76
CA ALA B 588 -13.46 -17.11 10.91
C ALA B 588 -11.99 -16.79 10.68
N ASP B 589 -11.30 -16.45 11.76
CA ASP B 589 -9.86 -16.25 11.75
C ASP B 589 -9.17 -17.58 12.02
N ALA B 590 -8.40 -18.07 11.05
CA ALA B 590 -7.80 -19.39 11.18
C ALA B 590 -6.86 -19.48 12.37
N CYS B 591 -6.25 -18.36 12.77
CA CYS B 591 -5.33 -18.36 13.89
C CYS B 591 -6.02 -18.35 15.24
N ASN B 592 -7.33 -18.08 15.28
CA ASN B 592 -8.09 -17.98 16.54
C ASN B 592 -9.49 -18.57 16.31
N LEU B 593 -9.55 -19.87 16.03
CA LEU B 593 -10.81 -20.51 15.71
C LEU B 593 -11.66 -20.69 16.97
N LYS B 594 -12.98 -20.53 16.80
CA LYS B 594 -13.90 -20.80 17.90
C LYS B 594 -13.87 -22.29 18.25
N PRO B 595 -14.00 -22.63 19.54
CA PRO B 595 -13.89 -24.04 19.94
C PRO B 595 -14.98 -24.94 19.37
N ILE B 596 -16.04 -24.38 18.77
CA ILE B 596 -17.11 -25.21 18.24
C ILE B 596 -16.69 -25.96 16.98
N PHE B 597 -15.66 -25.48 16.28
CA PHE B 597 -15.14 -26.16 15.10
C PHE B 597 -14.13 -27.20 15.56
N THR B 598 -14.58 -28.44 15.73
CA THR B 598 -13.73 -29.51 16.24
C THR B 598 -14.27 -30.85 15.77
N GLY B 599 -13.49 -31.90 16.06
CA GLY B 599 -13.89 -33.26 15.74
C GLY B 599 -13.87 -33.61 14.26
N TYR B 600 -12.87 -33.14 13.52
CA TYR B 600 -12.83 -33.30 12.08
C TYR B 600 -12.00 -34.53 11.69
N ASP B 601 -12.50 -35.26 10.70
CA ASP B 601 -11.74 -36.37 10.11
C ASP B 601 -10.76 -35.89 9.06
N LEU B 602 -10.94 -34.67 8.56
CA LEU B 602 -10.03 -34.07 7.60
C LEU B 602 -10.14 -32.56 7.68
N VAL B 603 -9.01 -31.89 7.84
CA VAL B 603 -8.93 -30.44 7.77
C VAL B 603 -8.04 -30.08 6.60
N PHE B 604 -8.58 -29.35 5.64
CA PHE B 604 -7.85 -28.93 4.45
C PHE B 604 -7.64 -27.42 4.48
N ALA B 605 -6.43 -26.99 4.17
CA ALA B 605 -6.04 -25.58 4.19
C ALA B 605 -5.24 -25.29 2.92
N GLY B 606 -5.91 -24.71 1.92
CA GLY B 606 -5.26 -24.42 0.65
C GLY B 606 -4.68 -23.02 0.58
N ASN B 607 -3.38 -22.93 0.30
CA ASN B 607 -2.70 -21.66 0.07
C ASN B 607 -2.92 -20.70 1.24
N LEU B 608 -2.72 -21.20 2.45
CA LEU B 608 -3.11 -20.45 3.65
C LEU B 608 -1.97 -20.16 4.61
N ILE B 609 -1.10 -21.14 4.87
CA ILE B 609 -0.14 -20.99 5.98
C ILE B 609 0.80 -19.80 5.75
N ASP B 610 1.12 -19.48 4.49
CA ASP B 610 1.97 -18.35 4.18
C ASP B 610 1.19 -17.05 3.99
N ARG B 611 -0.08 -17.04 4.40
CA ARG B 611 -0.87 -15.81 4.45
C ARG B 611 -1.41 -15.56 5.85
N LEU B 612 -0.95 -16.30 6.85
CA LEU B 612 -1.38 -16.15 8.24
C LEU B 612 -0.36 -15.33 9.01
N TYR B 613 -0.83 -14.66 10.06
CA TYR B 613 0.08 -13.87 10.88
C TYR B 613 0.95 -14.77 11.76
N ASP B 614 0.39 -15.86 12.26
CA ASP B 614 1.08 -16.75 13.19
C ASP B 614 0.77 -18.18 12.77
N PRO B 615 1.44 -18.68 11.73
CA PRO B 615 1.13 -20.04 11.24
C PRO B 615 1.42 -21.12 12.26
N ALA B 616 2.44 -20.94 13.12
CA ALA B 616 2.71 -21.93 14.15
C ALA B 616 1.52 -22.05 15.11
N LYS B 617 0.91 -20.92 15.46
CA LYS B 617 -0.25 -20.98 16.35
C LYS B 617 -1.42 -21.69 15.70
N PHE B 618 -1.60 -21.52 14.38
CA PHE B 618 -2.66 -22.24 13.70
C PHE B 618 -2.40 -23.74 13.67
N LEU B 619 -1.15 -24.14 13.44
CA LEU B 619 -0.83 -25.57 13.38
C LEU B 619 -0.98 -26.23 14.75
N ASN B 620 -0.73 -25.49 15.83
CA ASN B 620 -0.92 -26.05 17.16
C ASN B 620 -2.40 -26.11 17.51
N ASP B 621 -3.18 -25.11 17.08
CA ASP B 621 -4.62 -25.11 17.36
C ASP B 621 -5.36 -26.15 16.53
N ILE B 622 -4.97 -26.31 15.27
CA ILE B 622 -5.71 -27.19 14.38
C ILE B 622 -5.49 -28.66 14.75
N GLY B 623 -4.34 -28.99 15.34
CA GLY B 623 -4.07 -30.39 15.66
C GLY B 623 -4.96 -30.92 16.76
N LYS B 624 -5.29 -30.06 17.74
CA LYS B 624 -6.14 -30.47 18.85
C LYS B 624 -7.59 -30.69 18.43
N ARG B 625 -7.95 -30.35 17.19
CA ARG B 625 -9.32 -30.41 16.72
C ARG B 625 -9.53 -31.50 15.69
N ILE B 626 -8.51 -32.30 15.40
CA ILE B 626 -8.60 -33.41 14.45
C ILE B 626 -8.71 -34.70 15.23
N ASN B 627 -9.63 -35.57 14.82
CA ASN B 627 -9.81 -36.86 15.47
C ASN B 627 -8.55 -37.71 15.34
N SER B 628 -8.42 -38.68 16.22
CA SER B 628 -7.28 -39.59 16.17
C SER B 628 -7.29 -40.36 14.85
N GLY B 629 -6.14 -40.38 14.18
CA GLY B 629 -6.03 -40.96 12.87
C GLY B 629 -6.54 -40.09 11.74
N GLY B 630 -6.98 -38.86 12.03
CA GLY B 630 -7.47 -37.98 11.01
C GLY B 630 -6.36 -37.40 10.14
N MET B 631 -6.77 -36.73 9.08
CA MET B 631 -5.86 -36.20 8.08
C MET B 631 -5.82 -34.68 8.13
N LEU B 632 -4.61 -34.13 8.07
CA LEU B 632 -4.39 -32.70 7.89
C LEU B 632 -3.63 -32.51 6.59
N ILE B 633 -4.21 -31.76 5.66
CA ILE B 633 -3.64 -31.57 4.33
C ILE B 633 -3.44 -30.08 4.11
N LEU B 634 -2.20 -29.70 3.80
CA LEU B 634 -1.84 -28.31 3.58
C LEU B 634 -1.25 -28.16 2.18
N THR B 635 -1.58 -27.04 1.53
CA THR B 635 -0.94 -26.66 0.29
C THR B 635 -0.47 -25.21 0.42
N SER B 636 0.69 -24.90 -0.16
CA SER B 636 1.24 -23.56 -0.09
C SER B 636 2.34 -23.40 -1.12
N PRO B 637 2.48 -22.22 -1.72
CA PRO B 637 3.67 -21.90 -2.52
C PRO B 637 4.83 -21.37 -1.70
N TYR B 638 4.66 -21.26 -0.38
CA TYR B 638 5.72 -20.81 0.53
C TYR B 638 6.20 -19.41 0.18
N THR B 639 5.24 -18.51 -0.06
CA THR B 639 5.53 -17.11 -0.35
C THR B 639 5.58 -16.34 0.97
N TRP B 640 6.66 -16.56 1.71
CA TRP B 640 6.83 -15.94 3.02
C TRP B 640 7.18 -14.46 2.85
N LEU B 641 6.33 -13.59 3.39
CA LEU B 641 6.47 -12.16 3.25
C LEU B 641 6.07 -11.47 4.55
N GLU B 642 6.85 -10.45 4.93
CA GLU B 642 6.50 -9.67 6.12
C GLU B 642 5.19 -8.91 5.96
N GLU B 643 4.66 -8.83 4.73
CA GLU B 643 3.32 -8.27 4.55
C GLU B 643 2.28 -9.05 5.33
N PHE B 644 2.45 -10.36 5.46
CA PHE B 644 1.48 -11.23 6.13
C PHE B 644 2.01 -11.85 7.42
N THR B 645 3.29 -12.22 7.46
CA THR B 645 3.83 -12.96 8.58
C THR B 645 5.12 -12.30 9.05
N PRO B 646 5.27 -12.04 10.35
CA PRO B 646 6.57 -11.61 10.87
C PRO B 646 7.62 -12.67 10.58
N LYS B 647 8.84 -12.21 10.30
CA LYS B 647 9.91 -13.14 9.94
C LYS B 647 10.13 -14.18 11.03
N GLN B 648 10.03 -13.76 12.30
CA GLN B 648 10.23 -14.70 13.41
C GLN B 648 9.26 -15.87 13.34
N LYS B 649 8.09 -15.68 12.75
CA LYS B 649 7.05 -16.70 12.73
C LYS B 649 6.93 -17.40 11.38
N TRP B 650 7.93 -17.24 10.50
CA TRP B 650 7.96 -18.03 9.28
C TRP B 650 8.27 -19.50 9.61
N LEU B 651 7.63 -20.40 8.88
CA LEU B 651 7.95 -21.81 9.04
C LEU B 651 9.18 -22.23 8.25
N GLY B 652 9.56 -21.45 7.25
CA GLY B 652 10.74 -21.76 6.46
C GLY B 652 11.28 -20.51 5.79
N GLY B 653 12.19 -20.73 4.85
CA GLY B 653 12.75 -19.61 4.10
C GLY B 653 13.68 -18.73 4.91
N PHE B 654 14.37 -19.30 5.90
CA PHE B 654 15.32 -18.55 6.71
C PHE B 654 16.46 -19.47 7.10
N LYS B 655 17.51 -18.88 7.64
CA LYS B 655 18.68 -19.62 8.09
C LYS B 655 18.70 -19.67 9.61
N GLN B 656 18.92 -20.86 10.15
CA GLN B 656 18.96 -21.08 11.59
C GLN B 656 20.14 -21.99 11.91
N ASP B 657 20.93 -21.59 12.90
CA ASP B 657 22.18 -22.29 13.26
C ASP B 657 23.13 -22.38 12.05
N GLY B 658 22.99 -21.44 11.12
CA GLY B 658 23.82 -21.41 9.93
C GLY B 658 23.42 -22.37 8.84
N GLU B 659 22.28 -23.05 8.97
CA GLU B 659 21.82 -23.97 7.96
C GLU B 659 20.43 -23.56 7.48
N PRO B 660 20.12 -23.76 6.19
CA PRO B 660 18.82 -23.35 5.67
C PRO B 660 17.69 -24.23 6.20
N VAL B 661 16.61 -23.59 6.61
CA VAL B 661 15.41 -24.27 7.07
C VAL B 661 14.36 -24.15 5.96
N LYS B 662 14.11 -25.25 5.26
CA LYS B 662 13.07 -25.26 4.24
C LYS B 662 11.70 -25.37 4.91
N SER B 663 10.68 -24.88 4.19
CA SER B 663 9.34 -24.81 4.77
C SER B 663 8.82 -26.21 5.12
N ILE B 664 9.08 -27.21 4.28
CA ILE B 664 8.62 -28.56 4.56
C ILE B 664 9.27 -29.09 5.83
N ASP B 665 10.54 -28.74 6.06
CA ASP B 665 11.22 -29.20 7.27
C ASP B 665 10.72 -28.47 8.51
N GLY B 666 10.38 -27.18 8.37
CA GLY B 666 9.75 -26.48 9.47
C GLY B 666 8.37 -27.01 9.79
N LEU B 667 7.65 -27.49 8.78
CA LEU B 667 6.36 -28.13 9.02
C LEU B 667 6.54 -29.45 9.78
N LYS B 668 7.57 -30.22 9.44
CA LYS B 668 7.86 -31.44 10.19
C LYS B 668 8.16 -31.11 11.64
N SER B 669 8.90 -30.03 11.90
CA SER B 669 9.29 -29.68 13.25
C SER B 669 8.08 -29.25 14.08
N HIS B 670 7.18 -28.45 13.51
CA HIS B 670 6.01 -28.02 14.26
C HIS B 670 4.96 -29.11 14.39
N LEU B 671 4.98 -30.12 13.51
CA LEU B 671 4.02 -31.21 13.55
C LEU B 671 4.67 -32.53 13.93
N LYS B 672 5.84 -32.49 14.56
CA LYS B 672 6.56 -33.71 14.91
C LYS B 672 5.83 -34.48 16.00
N ASP B 673 5.41 -33.79 17.06
CA ASP B 673 4.85 -34.46 18.23
C ASP B 673 3.48 -35.06 17.98
N SER B 674 2.73 -34.56 16.99
CA SER B 674 1.33 -34.95 16.83
C SER B 674 0.95 -35.42 15.43
N PHE B 675 1.81 -35.26 14.43
CA PHE B 675 1.46 -35.65 13.07
C PHE B 675 2.61 -36.39 12.41
N LYS B 676 2.27 -37.10 11.33
CA LYS B 676 3.22 -37.89 10.55
C LYS B 676 3.04 -37.56 9.08
N LEU B 677 4.15 -37.29 8.40
CA LEU B 677 4.10 -36.88 7.00
C LEU B 677 3.96 -38.12 6.11
N ILE B 678 2.90 -38.17 5.31
CA ILE B 678 2.63 -39.30 4.44
C ILE B 678 3.35 -39.10 3.10
N GLU B 679 3.02 -38.02 2.40
CA GLU B 679 3.63 -37.74 1.11
C GLU B 679 3.49 -36.26 0.81
N THR B 680 4.24 -35.80 -0.19
CA THR B 680 4.13 -34.44 -0.70
C THR B 680 3.94 -34.49 -2.21
N ARG B 681 3.26 -33.48 -2.74
CA ARG B 681 3.01 -33.36 -4.17
C ARG B 681 3.16 -31.91 -4.61
N ASP B 682 3.53 -31.71 -5.87
CA ASP B 682 3.57 -30.40 -6.48
C ASP B 682 2.33 -30.22 -7.36
N ILE B 683 1.59 -29.14 -7.11
CA ILE B 683 0.35 -28.87 -7.83
C ILE B 683 0.43 -27.46 -8.39
N GLU B 684 0.28 -27.33 -9.71
CA GLU B 684 0.28 -26.04 -10.36
C GLU B 684 -1.10 -25.40 -10.29
N PHE B 685 -1.13 -24.07 -10.23
CA PHE B 685 -2.38 -23.34 -10.28
C PHE B 685 -2.15 -21.98 -10.91
N VAL B 686 -3.20 -21.47 -11.54
CA VAL B 686 -3.16 -20.19 -12.25
C VAL B 686 -4.25 -19.29 -11.70
N ILE B 687 -3.88 -18.07 -11.32
CA ILE B 687 -4.82 -17.04 -10.91
C ILE B 687 -4.79 -15.93 -11.95
N ARG B 688 -5.96 -15.60 -12.49
CA ARG B 688 -6.07 -14.64 -13.58
C ARG B 688 -6.19 -13.22 -13.04
N GLU B 689 -5.39 -12.30 -13.58
CA GLU B 689 -5.47 -10.89 -13.26
C GLU B 689 -6.17 -10.10 -14.36
N THR B 690 -5.63 -10.16 -15.57
CA THR B 690 -6.29 -9.59 -16.74
C THR B 690 -6.43 -10.67 -17.80
N ALA B 691 -6.83 -10.29 -19.01
CA ALA B 691 -6.91 -11.28 -20.08
C ALA B 691 -5.55 -11.76 -20.52
N ARG B 692 -4.49 -11.03 -20.17
CA ARG B 692 -3.15 -11.34 -20.63
C ARG B 692 -2.13 -11.49 -19.50
N LYS B 693 -2.51 -11.22 -18.25
CA LYS B 693 -1.59 -11.27 -17.12
C LYS B 693 -2.11 -12.26 -16.09
N PHE B 694 -1.26 -13.23 -15.72
CA PHE B 694 -1.64 -14.30 -14.81
C PHE B 694 -0.52 -14.57 -13.82
N GLN B 695 -0.89 -15.11 -12.67
CA GLN B 695 0.05 -15.74 -11.77
C GLN B 695 0.04 -17.24 -12.00
N HIS B 696 1.21 -17.81 -12.24
CA HIS B 696 1.34 -19.25 -12.47
C HIS B 696 2.31 -19.76 -11.42
N SER B 697 1.81 -20.58 -10.49
CA SER B 697 2.59 -21.00 -9.35
C SER B 697 2.54 -22.52 -9.20
N VAL B 698 3.50 -23.03 -8.43
CA VAL B 698 3.63 -24.45 -8.14
C VAL B 698 3.55 -24.58 -6.62
N ALA B 699 2.39 -24.98 -6.11
CA ALA B 699 2.25 -25.20 -4.67
C ALA B 699 2.71 -26.60 -4.31
N GLN B 700 3.13 -26.76 -3.05
CA GLN B 700 3.45 -28.06 -2.50
C GLN B 700 2.35 -28.47 -1.54
N MET B 701 1.71 -29.61 -1.82
CA MET B 701 0.72 -30.19 -0.93
C MET B 701 1.43 -31.17 0.00
N SER B 702 1.14 -31.07 1.29
CA SER B 702 1.71 -31.97 2.29
C SER B 702 0.57 -32.62 3.05
N ILE B 703 0.59 -33.95 3.11
CA ILE B 703 -0.51 -34.76 3.63
C ILE B 703 -0.07 -35.37 4.94
N TRP B 704 -0.77 -35.04 6.03
CA TRP B 704 -0.38 -35.42 7.37
C TRP B 704 -1.44 -36.31 8.01
N GLU B 705 -1.00 -37.24 8.85
CA GLU B 705 -1.89 -38.13 9.59
C GLU B 705 -1.57 -38.02 11.07
N LYS B 706 -2.61 -37.81 11.88
CA LYS B 706 -2.38 -37.56 13.30
C LYS B 706 -1.97 -38.82 14.03
N ILE B 707 -1.03 -38.67 14.97
CA ILE B 707 -0.56 -39.80 15.77
C ILE B 707 -1.69 -40.30 16.66
N LEU B 708 -1.79 -41.62 16.77
CA LEU B 708 -2.84 -42.24 17.57
C LEU B 708 -2.62 -41.97 19.06
N GLU B 709 -3.69 -42.15 19.83
CA GLU B 709 -3.69 -41.96 21.28
C GLU B 709 -3.17 -40.59 21.68
N PHE C 8 0.52 60.41 -32.77
CA PHE C 8 -0.90 60.62 -32.53
C PHE C 8 -1.37 59.94 -31.24
N ASN C 9 -2.43 59.15 -31.35
CA ASN C 9 -3.02 58.48 -30.20
C ASN C 9 -2.25 57.24 -29.76
N LYS C 10 -1.13 56.93 -30.39
CA LYS C 10 -0.35 55.75 -30.04
C LYS C 10 0.33 55.88 -28.68
N ILE C 11 0.40 57.09 -28.12
CA ILE C 11 0.96 57.26 -26.78
C ILE C 11 0.09 56.55 -25.74
N LEU C 12 -1.21 56.42 -26.00
CA LEU C 12 -2.10 55.74 -25.05
C LEU C 12 -1.75 54.28 -24.86
N LEU C 13 -1.00 53.67 -25.79
CA LEU C 13 -0.58 52.29 -25.63
C LEU C 13 0.63 52.13 -24.72
N ARG C 14 1.25 53.23 -24.28
CA ARG C 14 2.31 53.14 -23.29
C ARG C 14 1.74 52.68 -21.95
N PRO C 15 2.54 51.99 -21.14
CA PRO C 15 2.05 51.53 -19.83
C PRO C 15 1.69 52.70 -18.94
N LEU C 16 0.59 52.55 -18.20
CA LEU C 16 0.07 53.63 -17.39
C LEU C 16 0.86 53.77 -16.08
N LEU C 17 1.33 54.98 -15.82
CA LEU C 17 1.90 55.31 -14.52
C LEU C 17 0.78 55.39 -13.49
N LEU C 18 0.84 54.54 -12.45
CA LEU C 18 -0.29 54.36 -11.56
C LEU C 18 -0.29 55.28 -10.35
N LYS C 19 0.83 55.95 -10.05
CA LYS C 19 0.88 56.90 -8.93
C LYS C 19 0.46 58.29 -9.39
N GLN C 20 -0.76 58.36 -9.92
CA GLN C 20 -1.31 59.61 -10.42
C GLN C 20 -1.67 60.54 -9.26
N LYS C 21 -1.77 61.83 -9.58
CA LYS C 21 -2.13 62.82 -8.56
C LYS C 21 -3.56 62.60 -8.08
N ASN C 22 -4.48 62.33 -9.00
CA ASN C 22 -5.89 62.23 -8.70
C ASN C 22 -6.41 60.84 -9.05
N PRO C 23 -7.30 60.28 -8.24
CA PRO C 23 -7.87 58.97 -8.59
C PRO C 23 -8.73 59.01 -9.84
N GLU C 24 -9.52 60.07 -10.03
CA GLU C 24 -10.41 60.14 -11.18
C GLU C 24 -9.66 60.41 -12.48
N ASN C 25 -8.47 61.01 -12.42
CA ASN C 25 -7.65 61.14 -13.62
C ASN C 25 -7.11 59.78 -14.05
N LEU C 26 -6.81 58.89 -13.11
CA LEU C 26 -6.38 57.55 -13.46
C LEU C 26 -7.54 56.74 -14.05
N ARG C 27 -8.77 57.00 -13.59
CA ARG C 27 -9.92 56.29 -14.13
C ARG C 27 -10.07 56.55 -15.62
N GLN C 28 -9.99 57.81 -16.04
CA GLN C 28 -10.13 58.12 -17.45
C GLN C 28 -8.94 57.63 -18.27
N LEU C 29 -7.75 57.63 -17.69
CA LEU C 29 -6.60 57.06 -18.38
C LEU C 29 -6.78 55.57 -18.61
N ILE C 30 -7.24 54.85 -17.59
CA ILE C 30 -7.52 53.42 -17.75
C ILE C 30 -8.68 53.21 -18.71
N LYS C 31 -9.72 54.06 -18.61
CA LYS C 31 -10.85 53.97 -19.54
C LYS C 31 -10.37 54.11 -20.98
N LYS C 32 -9.49 55.08 -21.24
CA LYS C 32 -8.97 55.24 -22.59
C LYS C 32 -7.96 54.15 -22.93
N SER C 33 -7.16 53.72 -21.95
CA SER C 33 -6.20 52.65 -22.20
C SER C 33 -6.91 51.36 -22.60
N PHE C 34 -8.06 51.09 -22.01
CA PHE C 34 -8.78 49.86 -22.33
C PHE C 34 -9.34 49.90 -23.75
N HIS C 35 -10.13 50.94 -24.06
CA HIS C 35 -10.74 51.04 -25.38
C HIS C 35 -9.68 51.10 -26.48
N ARG C 36 -8.58 51.81 -26.24
CA ARG C 36 -7.53 51.92 -27.24
C ARG C 36 -6.85 50.59 -27.48
N THR C 37 -6.57 49.84 -26.41
CA THR C 37 -6.02 48.49 -26.57
C THR C 37 -7.03 47.56 -27.22
N PHE C 38 -8.30 47.64 -26.80
CA PHE C 38 -9.33 46.83 -27.42
C PHE C 38 -9.49 47.18 -28.89
N ASP C 39 -9.43 48.48 -29.22
CA ASP C 39 -9.50 48.88 -30.62
C ASP C 39 -8.33 48.34 -31.41
N THR C 40 -7.12 48.43 -30.84
CA THR C 40 -5.93 48.04 -31.58
C THR C 40 -5.93 46.55 -31.91
N PHE C 41 -6.33 45.72 -30.95
CA PHE C 41 -6.36 44.28 -31.20
C PHE C 41 -7.33 43.93 -32.31
N GLU C 42 -8.51 44.58 -32.32
CA GLU C 42 -9.50 44.28 -33.36
C GLU C 42 -9.05 44.83 -34.71
N SER C 43 -8.38 45.97 -34.72
CA SER C 43 -7.84 46.50 -35.97
C SER C 43 -6.76 45.59 -36.56
N LEU C 44 -6.12 44.78 -35.72
CA LEU C 44 -5.08 43.87 -36.21
C LEU C 44 -5.66 42.85 -37.18
N PHE C 45 -6.82 42.28 -36.86
CA PHE C 45 -7.42 41.24 -37.68
C PHE C 45 -8.07 41.79 -38.95
N SER C 46 -8.07 43.10 -39.15
CA SER C 46 -8.44 43.64 -40.45
C SER C 46 -7.42 43.30 -41.52
N MET C 47 -6.23 42.86 -41.12
CA MET C 47 -5.22 42.37 -42.07
C MET C 47 -5.51 40.97 -42.57
N LEU C 48 -6.50 40.28 -42.01
CA LEU C 48 -6.99 39.05 -42.60
C LEU C 48 -7.94 39.39 -43.75
N ARG C 49 -7.76 38.72 -44.90
CA ARG C 49 -8.43 39.13 -46.12
C ARG C 49 -9.94 38.95 -46.02
N ASN C 50 -10.40 37.87 -45.39
CA ASN C 50 -11.82 37.60 -45.25
C ASN C 50 -12.05 36.84 -43.95
N ASP C 51 -13.32 36.60 -43.63
CA ASP C 51 -13.65 35.87 -42.41
C ASP C 51 -13.10 34.45 -42.44
N GLU C 52 -13.01 33.84 -43.63
CA GLU C 52 -12.53 32.46 -43.72
C GLU C 52 -11.09 32.34 -43.27
N ALA C 53 -10.30 33.41 -43.39
CA ALA C 53 -8.91 33.37 -42.97
C ALA C 53 -8.78 33.29 -41.46
N PHE C 54 -9.83 33.61 -40.71
CA PHE C 54 -9.77 33.49 -39.25
C PHE C 54 -9.60 32.06 -38.79
N TYR C 55 -9.93 31.09 -39.64
CA TYR C 55 -9.86 29.68 -39.28
C TYR C 55 -8.62 29.00 -39.84
N ASN C 56 -7.71 29.77 -40.43
CA ASN C 56 -6.44 29.25 -40.87
C ASN C 56 -5.50 29.11 -39.67
N ARG C 57 -4.74 28.00 -39.66
CA ARG C 57 -3.75 27.78 -38.61
C ARG C 57 -2.37 28.06 -39.19
N PRO C 58 -1.85 29.28 -39.02
CA PRO C 58 -0.54 29.59 -39.64
C PRO C 58 0.60 28.87 -38.95
N GLU C 59 0.52 28.69 -37.64
CA GLU C 59 1.57 28.04 -36.86
C GLU C 59 1.03 26.74 -36.29
N PRO C 60 1.59 25.59 -36.66
CA PRO C 60 1.05 24.31 -36.14
C PRO C 60 1.09 24.21 -34.62
N LEU C 61 1.94 24.97 -33.94
CA LEU C 61 2.04 24.93 -32.49
C LEU C 61 1.08 25.89 -31.80
N ARG C 62 0.18 26.52 -32.55
CA ARG C 62 -0.77 27.47 -32.00
C ARG C 62 -2.14 27.24 -32.62
N HIS C 63 -3.12 27.98 -32.14
CA HIS C 63 -4.51 27.90 -32.57
C HIS C 63 -4.75 28.80 -33.78
N PRO C 64 -5.84 28.60 -34.51
CA PRO C 64 -6.19 29.54 -35.59
C PRO C 64 -6.48 30.92 -35.04
N HIS C 65 -6.53 31.89 -35.96
CA HIS C 65 -6.71 33.28 -35.57
C HIS C 65 -7.99 33.49 -34.77
N ILE C 66 -9.04 32.73 -35.06
CA ILE C 66 -10.34 32.93 -34.41
C ILE C 66 -10.24 32.74 -32.91
N PHE C 67 -9.39 31.82 -32.46
CA PHE C 67 -9.24 31.58 -31.02
C PHE C 67 -8.74 32.82 -30.30
N TYR C 68 -7.61 33.36 -30.74
CA TYR C 68 -7.06 34.54 -30.09
C TYR C 68 -7.94 35.77 -30.28
N PHE C 69 -8.80 35.77 -31.30
CA PHE C 69 -9.71 36.89 -31.50
C PHE C 69 -10.70 36.99 -30.35
N GLY C 70 -11.19 35.87 -29.85
CA GLY C 70 -12.11 35.87 -28.73
C GLY C 70 -11.44 35.59 -27.40
N HIS C 71 -10.18 35.14 -27.45
CA HIS C 71 -9.48 34.79 -26.22
C HIS C 71 -9.24 36.02 -25.34
N THR C 72 -8.82 37.14 -25.94
CA THR C 72 -8.50 38.30 -25.12
C THR C 72 -9.73 38.94 -24.52
N ALA C 73 -10.90 38.73 -25.12
CA ALA C 73 -12.15 39.21 -24.51
C ALA C 73 -12.62 38.24 -23.44
N VAL C 74 -12.56 36.92 -23.73
CA VAL C 74 -12.93 35.91 -22.75
C VAL C 74 -12.02 35.99 -21.53
N PHE C 75 -10.76 36.38 -21.72
CA PHE C 75 -9.83 36.52 -20.60
C PHE C 75 -10.36 37.48 -19.54
N PHE C 76 -10.93 38.60 -19.97
CA PHE C 76 -11.52 39.55 -19.02
C PHE C 76 -12.58 38.90 -18.16
N ILE C 77 -13.54 38.22 -18.79
CA ILE C 77 -14.67 37.67 -18.05
C ILE C 77 -14.21 36.59 -17.08
N ASN C 78 -13.30 35.72 -17.53
CA ASN C 78 -12.86 34.62 -16.68
C ASN C 78 -12.10 35.12 -15.46
N LYS C 79 -11.34 36.21 -15.61
CA LYS C 79 -10.63 36.77 -14.48
C LYS C 79 -11.56 37.56 -13.56
N LEU C 80 -12.50 38.31 -14.14
CA LEU C 80 -13.45 39.07 -13.33
C LEU C 80 -14.41 38.15 -12.59
N ILE C 81 -14.69 36.96 -13.14
CA ILE C 81 -15.52 35.99 -12.43
C ILE C 81 -14.73 35.35 -11.29
N LEU C 82 -13.49 34.94 -11.56
CA LEU C 82 -12.69 34.26 -10.55
C LEU C 82 -12.39 35.18 -9.37
N SER C 83 -12.17 36.46 -9.64
CA SER C 83 -11.91 37.43 -8.58
C SER C 83 -13.19 37.99 -7.97
N LYS C 84 -14.36 37.42 -8.31
CA LYS C 84 -15.65 37.82 -7.77
C LYS C 84 -15.96 39.29 -7.99
N ILE C 85 -15.31 39.92 -8.98
CA ILE C 85 -15.64 41.31 -9.32
C ILE C 85 -16.99 41.38 -10.01
N ILE C 86 -17.30 40.40 -10.84
CA ILE C 86 -18.62 40.24 -11.44
C ILE C 86 -19.12 38.84 -11.13
N ASP C 87 -20.44 38.66 -11.23
CA ASP C 87 -21.07 37.39 -10.96
C ASP C 87 -21.85 36.83 -12.13
N THR C 88 -21.99 37.56 -13.23
CA THR C 88 -22.82 37.16 -14.36
C THR C 88 -21.93 36.97 -15.59
N ARG C 89 -21.98 35.79 -16.19
CA ARG C 89 -21.22 35.52 -17.40
C ARG C 89 -21.99 36.00 -18.62
N ILE C 90 -21.25 36.30 -19.68
CA ILE C 90 -21.85 36.74 -20.94
C ILE C 90 -22.22 35.56 -21.82
N ASN C 91 -21.27 34.63 -22.02
CA ASN C 91 -21.53 33.40 -22.78
C ASN C 91 -20.55 32.34 -22.25
N ALA C 92 -21.03 31.54 -21.30
CA ALA C 92 -20.18 30.53 -20.68
C ALA C 92 -19.67 29.51 -21.69
N LYS C 93 -20.46 29.25 -22.73
CA LYS C 93 -20.04 28.31 -23.77
C LYS C 93 -18.80 28.81 -24.50
N MET C 94 -18.78 30.10 -24.86
CA MET C 94 -17.61 30.66 -25.52
C MET C 94 -16.49 30.97 -24.53
N GLU C 95 -16.83 31.32 -23.29
CA GLU C 95 -15.80 31.55 -22.28
C GLU C 95 -15.02 30.28 -21.95
N SER C 96 -15.47 29.12 -22.41
CA SER C 96 -14.72 27.88 -22.32
C SER C 96 -13.96 27.55 -23.60
N ILE C 97 -14.52 27.90 -24.75
CA ILE C 97 -13.85 27.61 -26.03
C ILE C 97 -12.61 28.47 -26.20
N PHE C 98 -12.70 29.74 -25.79
CA PHE C 98 -11.60 30.68 -25.89
C PHE C 98 -10.81 30.82 -24.59
N ALA C 99 -10.97 29.86 -23.67
CA ALA C 99 -10.42 29.97 -22.33
C ALA C 99 -8.90 30.04 -22.31
N ILE C 100 -8.23 28.91 -22.58
CA ILE C 100 -6.79 28.80 -22.42
C ILE C 100 -6.15 28.51 -23.77
N GLY C 101 -5.07 29.23 -24.07
CA GLY C 101 -4.24 28.91 -25.21
C GLY C 101 -3.38 27.69 -24.95
N VAL C 102 -2.41 27.49 -25.82
CA VAL C 102 -1.51 26.35 -25.74
C VAL C 102 -0.07 26.85 -25.70
N ASP C 103 0.70 26.32 -24.77
CA ASP C 103 2.16 26.38 -24.82
C ASP C 103 2.66 24.97 -25.16
N GLU C 104 3.63 24.40 -24.42
CA GLU C 104 4.11 23.05 -24.66
C GLU C 104 4.36 22.83 -26.15
N MET C 105 4.84 23.87 -26.82
CA MET C 105 4.99 23.89 -28.28
C MET C 105 6.30 23.30 -28.74
N SER C 106 6.73 22.18 -28.16
CA SER C 106 7.93 21.51 -28.64
C SER C 106 7.72 21.05 -30.07
N TRP C 107 8.71 21.31 -30.92
CA TRP C 107 8.62 21.03 -32.35
C TRP C 107 8.13 19.62 -32.67
N ASN C 111 -3.27 19.96 -29.84
CA ASN C 111 -4.46 20.20 -29.00
C ASN C 111 -5.41 21.11 -29.77
N ASP C 112 -6.70 20.76 -29.82
CA ASP C 112 -7.77 21.50 -30.54
C ASP C 112 -7.46 21.48 -32.04
N ASP C 113 -7.97 20.48 -32.74
CA ASP C 113 -7.63 20.27 -34.15
C ASP C 113 -8.64 20.97 -35.05
N HIS C 114 -9.02 20.33 -36.15
CA HIS C 114 -9.79 20.99 -37.20
C HIS C 114 -11.29 20.75 -36.96
N TYR C 115 -11.78 21.35 -35.89
CA TYR C 115 -13.16 21.18 -35.43
C TYR C 115 -13.90 22.52 -35.55
N GLU C 116 -15.17 22.50 -35.18
CA GLU C 116 -16.08 23.63 -35.44
C GLU C 116 -15.88 24.71 -34.38
N TRP C 117 -15.33 25.86 -34.80
CA TRP C 117 -15.18 27.06 -33.99
C TRP C 117 -16.41 27.96 -34.14
N PRO C 118 -16.62 28.89 -33.23
CA PRO C 118 -17.70 29.86 -33.41
C PRO C 118 -17.47 30.74 -34.64
N SER C 119 -18.55 31.35 -35.11
CA SER C 119 -18.44 32.21 -36.29
C SER C 119 -17.73 33.52 -35.93
N VAL C 120 -17.16 34.14 -36.95
CA VAL C 120 -16.43 35.39 -36.74
C VAL C 120 -17.38 36.49 -36.29
N GLU C 121 -18.60 36.51 -36.84
CA GLU C 121 -19.58 37.50 -36.40
C GLU C 121 -20.04 37.23 -34.97
N GLU C 122 -20.20 35.95 -34.61
CA GLU C 122 -20.51 35.61 -33.23
C GLU C 122 -19.47 36.18 -32.28
N THR C 123 -18.19 36.03 -32.62
CA THR C 123 -17.12 36.50 -31.74
C THR C 123 -17.08 38.02 -31.68
N ARG C 124 -17.38 38.69 -32.81
CA ARG C 124 -17.44 40.15 -32.81
C ARG C 124 -18.47 40.66 -31.81
N LEU C 125 -19.70 40.14 -31.90
CA LEU C 125 -20.76 40.58 -30.99
C LEU C 125 -20.42 40.26 -29.54
N TYR C 126 -19.66 39.19 -29.30
CA TYR C 126 -19.25 38.86 -27.94
C TYR C 126 -18.26 39.88 -27.40
N ARG C 127 -17.25 40.23 -28.20
CA ARG C 127 -16.27 41.22 -27.77
C ARG C 127 -16.94 42.56 -27.45
N ASN C 128 -17.95 42.93 -28.24
CA ASN C 128 -18.66 44.19 -27.98
C ASN C 128 -19.39 44.16 -26.64
N ARG C 129 -19.98 43.01 -26.29
CA ARG C 129 -20.63 42.92 -24.98
C ARG C 129 -19.62 42.90 -23.85
N VAL C 130 -18.44 42.35 -24.10
CA VAL C 130 -17.36 42.41 -23.11
C VAL C 130 -16.88 43.85 -22.93
N ARG C 131 -16.87 44.62 -24.01
CA ARG C 131 -16.38 46.00 -23.94
C ARG C 131 -17.24 46.85 -23.02
N GLU C 132 -18.56 46.68 -23.08
CA GLU C 132 -19.43 47.51 -22.25
C GLU C 132 -19.45 47.05 -20.81
N VAL C 133 -19.21 45.76 -20.54
CA VAL C 133 -19.10 45.29 -19.16
C VAL C 133 -17.87 45.93 -18.50
N VAL C 134 -16.72 45.85 -19.17
CA VAL C 134 -15.51 46.45 -18.63
C VAL C 134 -15.65 47.97 -18.55
N ASP C 135 -16.22 48.58 -19.59
CA ASP C 135 -16.47 50.02 -19.56
C ASP C 135 -17.38 50.40 -18.41
N ASN C 136 -18.39 49.57 -18.13
CA ASN C 136 -19.24 49.82 -16.97
C ASN C 136 -18.46 49.73 -15.67
N LEU C 137 -17.58 48.74 -15.56
CA LEU C 137 -16.79 48.58 -14.33
C LEU C 137 -15.85 49.76 -14.14
N ILE C 138 -15.18 50.19 -15.22
CA ILE C 138 -14.26 51.32 -15.12
C ILE C 138 -14.96 52.58 -14.65
N ASN C 139 -16.27 52.68 -14.90
CA ASN C 139 -17.02 53.87 -14.50
C ASN C 139 -17.57 53.78 -13.09
N THR C 140 -17.89 52.58 -12.60
CA THR C 140 -18.60 52.42 -11.34
C THR C 140 -17.74 51.90 -10.19
N LEU C 141 -16.67 51.17 -10.47
CA LEU C 141 -15.84 50.64 -9.40
C LEU C 141 -15.17 51.78 -8.64
N PRO C 142 -15.12 51.70 -7.31
CA PRO C 142 -14.35 52.68 -6.55
C PRO C 142 -12.86 52.51 -6.80
N LEU C 143 -12.14 53.63 -6.86
CA LEU C 143 -10.70 53.65 -7.09
C LEU C 143 -10.04 54.18 -5.83
N GLU C 144 -9.35 53.31 -5.10
CA GLU C 144 -8.57 53.69 -3.93
C GLU C 144 -7.09 53.63 -4.27
N LEU C 145 -6.37 54.71 -3.95
CA LEU C 145 -4.93 54.81 -4.17
C LEU C 145 -4.18 54.44 -2.89
N PRO C 146 -3.01 53.78 -3.01
CA PRO C 146 -2.46 53.33 -4.29
C PRO C 146 -3.10 52.04 -4.77
N ILE C 147 -2.94 51.73 -6.06
CA ILE C 147 -3.45 50.48 -6.60
C ILE C 147 -2.60 49.33 -6.06
N THR C 148 -3.27 48.30 -5.56
CA THR C 148 -2.61 47.14 -4.97
C THR C 148 -2.98 45.89 -5.76
N TRP C 149 -2.29 44.79 -5.44
CA TRP C 149 -2.62 43.52 -6.08
C TRP C 149 -4.03 43.07 -5.72
N ASP C 150 -4.56 43.52 -4.58
CA ASP C 150 -5.91 43.20 -4.16
C ASP C 150 -6.96 44.08 -4.81
N SER C 151 -6.56 45.17 -5.43
CA SER C 151 -7.53 46.09 -6.02
C SER C 151 -8.18 45.47 -7.25
N PRO C 152 -9.48 45.71 -7.47
CA PRO C 152 -10.11 45.24 -8.71
C PRO C 152 -9.51 45.86 -9.97
N TRP C 153 -8.92 47.06 -9.86
CA TRP C 153 -8.26 47.66 -11.01
C TRP C 153 -7.03 46.88 -11.46
N TRP C 154 -6.48 46.02 -10.59
CA TRP C 154 -5.35 45.19 -11.02
C TRP C 154 -5.80 44.14 -12.03
N ILE C 155 -7.01 43.61 -11.86
CA ILE C 155 -7.51 42.60 -12.80
C ILE C 155 -7.82 43.25 -14.15
N ILE C 156 -8.38 44.46 -14.15
CA ILE C 156 -8.65 45.16 -15.40
C ILE C 156 -7.34 45.48 -16.12
N LEU C 157 -6.33 45.97 -15.39
CA LEU C 157 -5.02 46.17 -15.98
C LEU C 157 -4.45 44.86 -16.51
N MET C 158 -4.67 43.77 -15.78
CA MET C 158 -4.19 42.46 -16.23
C MET C 158 -4.82 42.06 -17.55
N GLY C 159 -6.13 42.30 -17.71
CA GLY C 159 -6.77 41.98 -18.97
C GLY C 159 -6.28 42.85 -20.12
N ILE C 160 -5.96 44.11 -19.83
CA ILE C 160 -5.45 45.02 -20.86
C ILE C 160 -4.07 44.58 -21.29
N GLU C 161 -3.16 44.38 -20.34
CA GLU C 161 -1.78 44.03 -20.68
C GLU C 161 -1.68 42.62 -21.25
N HIS C 162 -2.64 41.74 -20.93
CA HIS C 162 -2.67 40.43 -21.56
C HIS C 162 -3.05 40.54 -23.03
N GLU C 163 -3.92 41.49 -23.37
CA GLU C 163 -4.31 41.67 -24.76
C GLU C 163 -3.17 42.24 -25.58
N ARG C 164 -2.42 43.19 -25.01
CA ARG C 164 -1.28 43.77 -25.73
C ARG C 164 -0.26 42.69 -26.08
N ILE C 165 -0.06 41.72 -25.20
CA ILE C 165 0.80 40.58 -25.53
C ILE C 165 0.28 39.87 -26.77
N HIS C 166 -1.03 39.58 -26.80
CA HIS C 166 -1.61 38.89 -27.94
C HIS C 166 -1.67 39.77 -29.18
N ILE C 167 -1.65 41.09 -29.02
CA ILE C 167 -1.48 41.96 -30.18
C ILE C 167 -0.18 41.64 -30.90
N GLU C 168 0.90 41.45 -30.14
CA GLU C 168 2.18 41.16 -30.77
C GLU C 168 2.25 39.72 -31.28
N THR C 169 1.84 38.76 -30.44
CA THR C 169 1.93 37.36 -30.85
C THR C 169 1.01 37.04 -32.02
N SER C 170 -0.16 37.68 -32.09
CA SER C 170 -1.05 37.42 -33.22
C SER C 170 -0.56 38.11 -34.49
N SER C 171 0.20 39.19 -34.35
CA SER C 171 0.79 39.81 -35.54
C SER C 171 1.86 38.91 -36.15
N VAL C 172 2.56 38.13 -35.32
CA VAL C 172 3.47 37.12 -35.83
C VAL C 172 2.70 36.06 -36.61
N LEU C 173 1.62 35.56 -36.03
CA LEU C 173 0.80 34.56 -36.71
C LEU C 173 0.27 35.10 -38.04
N ILE C 174 -0.13 36.38 -38.07
CA ILE C 174 -0.56 36.98 -39.32
C ILE C 174 0.59 37.01 -40.31
N ARG C 175 1.78 37.38 -39.85
CA ARG C 175 2.97 37.38 -40.70
C ARG C 175 3.34 35.98 -41.18
N GLN C 176 2.96 34.93 -40.43
CA GLN C 176 3.16 33.55 -40.85
C GLN C 176 2.04 33.02 -41.73
N THR C 177 0.96 33.79 -41.90
CA THR C 177 -0.18 33.35 -42.70
C THR C 177 0.13 33.46 -44.19
N ASP C 178 -0.40 32.51 -44.95
CA ASP C 178 -0.23 32.52 -46.41
C ASP C 178 -0.58 33.89 -46.97
N ILE C 179 0.27 34.38 -47.89
CA ILE C 179 0.17 35.75 -48.37
C ILE C 179 -1.17 36.02 -49.04
N SER C 180 -1.80 34.99 -49.59
CA SER C 180 -3.09 35.18 -50.26
C SER C 180 -4.23 35.44 -49.29
N LEU C 181 -4.04 35.19 -48.00
CA LEU C 181 -5.09 35.36 -47.00
C LEU C 181 -4.92 36.62 -46.16
N VAL C 182 -3.97 37.49 -46.50
CA VAL C 182 -3.76 38.72 -45.75
C VAL C 182 -3.99 39.92 -46.66
N LEU C 183 -4.23 41.07 -46.04
CA LEU C 183 -4.57 42.29 -46.74
C LEU C 183 -3.82 43.47 -46.11
N PRO C 184 -2.93 44.13 -46.86
CA PRO C 184 -2.19 45.27 -46.29
C PRO C 184 -3.13 46.40 -45.90
N GLN C 185 -2.93 46.94 -44.70
CA GLN C 185 -3.76 48.01 -44.21
C GLN C 185 -2.94 49.25 -43.91
N PRO C 186 -3.41 50.43 -44.28
CA PRO C 186 -2.63 51.66 -44.02
C PRO C 186 -2.43 51.94 -42.55
N GLU C 187 -3.27 51.41 -41.67
CA GLU C 187 -3.07 51.58 -40.24
C GLU C 187 -1.86 50.79 -39.74
N TRP C 188 -1.36 49.85 -40.53
CA TRP C 188 -0.25 48.98 -40.17
C TRP C 188 0.83 49.01 -41.25
N SER C 189 1.19 50.23 -41.68
CA SER C 189 2.16 50.40 -42.75
C SER C 189 3.54 49.96 -42.31
N LYS C 190 4.29 49.38 -43.24
CA LYS C 190 5.66 48.97 -42.99
C LYS C 190 6.60 50.15 -43.18
N CYS C 191 7.86 49.93 -42.84
CA CYS C 191 8.91 50.87 -43.19
C CYS C 191 9.27 50.68 -44.66
N ASN C 192 9.43 51.79 -45.37
CA ASN C 192 9.68 51.75 -46.81
C ASN C 192 11.13 52.07 -47.16
N VAL C 193 12.01 52.21 -46.17
CA VAL C 193 13.40 52.62 -46.39
C VAL C 193 14.31 51.44 -46.04
N SER C 194 15.27 51.16 -46.91
CA SER C 194 16.25 50.12 -46.68
C SER C 194 17.43 50.34 -47.62
N GLY C 195 18.61 49.98 -47.15
CA GLY C 195 19.82 50.13 -47.93
C GLY C 195 20.79 48.99 -47.70
N LYS C 196 22.07 49.22 -48.01
CA LYS C 196 23.05 48.17 -47.84
C LYS C 196 23.36 47.97 -46.36
N ALA C 197 23.65 46.73 -45.99
CA ALA C 197 23.87 46.41 -44.59
C ALA C 197 25.24 46.92 -44.14
N PRO C 198 25.34 47.55 -42.97
CA PRO C 198 26.65 47.96 -42.47
C PRO C 198 27.42 46.77 -41.93
N GLU C 199 28.73 46.93 -41.83
CA GLU C 199 29.57 45.91 -41.22
C GLU C 199 29.52 46.06 -39.71
N ASN C 200 29.13 45.00 -39.01
CA ASN C 200 29.03 45.01 -37.57
C ASN C 200 30.41 44.91 -36.93
N GLU C 201 30.49 45.34 -35.67
CA GLU C 201 31.74 45.27 -34.93
C GLU C 201 31.44 45.11 -33.44
N LEU C 202 32.40 44.55 -32.73
CA LEU C 202 32.29 44.33 -31.29
C LEU C 202 32.79 45.56 -30.54
N LEU C 203 31.92 46.15 -29.72
CA LEU C 203 32.26 47.33 -28.95
C LEU C 203 32.34 46.99 -27.47
N PHE C 204 33.13 47.77 -26.73
CA PHE C 204 33.35 47.50 -25.32
C PHE C 204 32.07 47.73 -24.53
N VAL C 205 31.81 46.83 -23.59
CA VAL C 205 30.75 47.01 -22.58
C VAL C 205 31.37 46.73 -21.22
N PRO C 206 31.22 47.61 -20.24
CA PRO C 206 31.80 47.37 -18.92
C PRO C 206 30.97 46.39 -18.11
N GLY C 207 31.64 45.74 -17.16
CA GLY C 207 30.99 44.89 -16.20
C GLY C 207 30.54 45.69 -14.99
N GLY C 208 30.31 44.98 -13.90
CA GLY C 208 29.99 45.62 -12.64
C GLY C 208 28.86 44.91 -11.94
N GLU C 209 28.24 45.64 -11.02
CA GLU C 209 27.16 45.10 -10.19
C GLU C 209 25.85 45.18 -10.96
N ILE C 210 25.18 44.04 -11.12
CA ILE C 210 23.85 43.97 -11.74
C ILE C 210 22.83 43.82 -10.62
N GLU C 211 21.78 44.66 -10.65
CA GLU C 211 20.73 44.60 -9.64
C GLU C 211 19.39 44.84 -10.33
N ILE C 212 18.61 43.78 -10.50
CA ILE C 212 17.30 43.87 -11.12
C ILE C 212 16.24 43.32 -10.17
N GLY C 213 14.98 43.43 -10.58
CA GLY C 213 13.89 42.97 -9.74
C GLY C 213 13.01 44.10 -9.25
N LYS C 214 11.70 43.94 -9.39
CA LYS C 214 10.74 44.98 -9.06
C LYS C 214 10.31 44.87 -7.61
N TYR C 215 10.30 45.99 -6.90
CA TYR C 215 9.75 46.02 -5.55
C TYR C 215 8.22 45.96 -5.61
N LYS C 216 7.62 45.48 -4.52
CA LYS C 216 6.17 45.34 -4.48
C LYS C 216 5.47 46.69 -4.67
N SER C 217 6.06 47.77 -4.19
CA SER C 217 5.44 49.09 -4.23
C SER C 217 5.96 49.94 -5.39
N ASP C 218 6.31 49.33 -6.52
CA ASP C 218 6.73 50.08 -7.69
C ASP C 218 5.52 50.47 -8.53
N ASP C 219 5.74 51.35 -9.51
CA ASP C 219 4.65 52.15 -10.06
C ASP C 219 3.82 51.38 -11.08
N TYR C 220 4.46 50.78 -12.09
CA TYR C 220 3.70 50.23 -13.20
C TYR C 220 3.04 48.90 -12.82
N TYR C 221 2.06 48.50 -13.63
CA TYR C 221 1.58 47.13 -13.57
C TYR C 221 2.68 46.18 -14.05
N GLY C 222 2.79 45.05 -13.38
CA GLY C 222 3.81 44.07 -13.73
C GLY C 222 3.33 42.67 -13.45
N TRP C 223 3.82 41.73 -14.25
CA TRP C 223 3.52 40.32 -14.00
C TRP C 223 4.35 39.81 -12.83
N ASP C 224 4.02 38.61 -12.36
CA ASP C 224 4.68 38.07 -11.18
C ASP C 224 6.18 37.89 -11.41
N ASN C 225 6.57 37.45 -12.60
CA ASN C 225 7.98 37.18 -12.87
C ASN C 225 8.85 38.43 -12.91
N GLU C 226 8.28 39.61 -12.76
CA GLU C 226 9.06 40.85 -12.71
C GLU C 226 9.54 41.19 -11.30
N TYR C 227 8.95 40.60 -10.27
CA TYR C 227 9.20 41.01 -8.90
C TYR C 227 10.25 40.11 -8.24
N GLY C 228 10.98 40.69 -7.29
CA GLY C 228 12.02 40.00 -6.58
C GLY C 228 13.31 40.79 -6.59
N LYS C 229 14.42 40.10 -6.34
CA LYS C 229 15.74 40.71 -6.36
C LYS C 229 16.72 39.71 -6.95
N HIS C 230 17.56 40.19 -7.86
CA HIS C 230 18.62 39.38 -8.45
C HIS C 230 19.88 40.22 -8.56
N LYS C 231 20.96 39.78 -7.92
CA LYS C 231 22.23 40.48 -7.96
C LYS C 231 23.35 39.52 -8.37
N THR C 232 24.20 39.99 -9.28
CA THR C 232 25.38 39.25 -9.70
C THR C 232 26.41 40.25 -10.19
N VAL C 233 27.61 39.75 -10.45
CA VAL C 233 28.71 40.55 -10.98
C VAL C 233 29.17 39.92 -12.29
N ILE C 234 29.22 40.72 -13.34
CA ILE C 234 29.69 40.25 -14.65
C ILE C 234 30.94 41.03 -15.03
N PRO C 235 31.86 40.44 -15.79
CA PRO C 235 33.08 41.16 -16.16
C PRO C 235 32.91 42.03 -17.40
N ASP C 236 33.96 42.74 -17.78
CA ASP C 236 33.96 43.46 -19.05
C ASP C 236 33.79 42.48 -20.21
N PHE C 237 33.00 42.88 -21.19
CA PHE C 237 32.76 42.05 -22.37
C PHE C 237 32.59 42.95 -23.58
N LYS C 238 32.24 42.36 -24.71
CA LYS C 238 32.01 43.09 -25.94
C LYS C 238 30.67 42.67 -26.53
N ALA C 239 29.94 43.63 -27.10
CA ALA C 239 28.67 43.35 -27.76
C ALA C 239 28.67 43.98 -29.14
N SER C 240 27.96 43.34 -30.07
CA SER C 240 27.92 43.84 -31.44
C SER C 240 27.23 45.19 -31.49
N LYS C 241 27.76 46.08 -32.34
CA LYS C 241 27.25 47.45 -32.41
C LYS C 241 25.79 47.47 -32.86
N TYR C 242 25.48 46.81 -33.96
CA TYR C 242 24.11 46.70 -34.46
C TYR C 242 23.55 45.32 -34.15
N LEU C 243 22.24 45.18 -34.31
CA LEU C 243 21.66 43.86 -34.40
C LEU C 243 22.16 43.16 -35.66
N VAL C 244 22.08 41.83 -35.66
CA VAL C 244 22.49 41.07 -36.83
C VAL C 244 21.48 41.31 -37.95
N SER C 245 21.93 41.93 -39.04
CA SER C 245 21.06 42.25 -40.14
C SER C 245 20.91 41.05 -41.08
N ASN C 246 19.89 41.12 -41.95
CA ASN C 246 19.73 40.12 -42.99
C ASN C 246 21.01 39.94 -43.78
N GLY C 247 21.65 41.06 -44.15
CA GLY C 247 22.87 40.98 -44.93
C GLY C 247 24.01 40.31 -44.17
N GLU C 248 24.13 40.61 -42.87
CA GLU C 248 25.13 39.94 -42.07
C GLU C 248 24.83 38.46 -41.91
N PHE C 249 23.55 38.13 -41.67
CA PHE C 249 23.15 36.73 -41.57
C PHE C 249 23.28 36.00 -42.91
N MET C 250 23.21 36.75 -44.01
CA MET C 250 23.27 36.13 -45.34
C MET C 250 24.60 35.43 -45.58
N GLU C 251 25.70 35.96 -45.03
CA GLU C 251 26.99 35.29 -45.16
C GLU C 251 26.95 33.89 -44.52
N PHE C 252 26.31 33.79 -43.35
CA PHE C 252 26.14 32.50 -42.69
C PHE C 252 25.34 31.54 -43.54
N VAL C 253 24.26 32.04 -44.17
CA VAL C 253 23.40 31.18 -44.98
C VAL C 253 24.11 30.78 -46.27
N LYS C 254 24.87 31.70 -46.86
CA LYS C 254 25.62 31.40 -48.07
C LYS C 254 26.84 30.53 -47.80
N ASP C 255 27.26 30.40 -46.54
CA ASP C 255 28.35 29.52 -46.16
C ASP C 255 27.85 28.17 -45.65
N GLY C 256 26.65 27.77 -46.06
CA GLY C 256 26.10 26.49 -45.64
C GLY C 256 25.78 26.39 -44.17
N GLY C 257 25.34 27.50 -43.55
CA GLY C 257 25.05 27.47 -42.13
C GLY C 257 24.00 26.44 -41.77
N TYR C 258 22.92 26.39 -42.56
CA TYR C 258 21.89 25.37 -42.34
C TYR C 258 22.30 24.00 -42.84
N GLU C 259 23.42 23.89 -43.56
CA GLU C 259 23.94 22.62 -44.04
C GLU C 259 25.04 22.05 -43.15
N ASN C 260 25.60 22.86 -42.24
CA ASN C 260 26.77 22.49 -41.47
C ASN C 260 26.34 22.18 -40.04
N ASP C 261 26.44 20.91 -39.65
CA ASP C 261 25.96 20.48 -38.33
C ASP C 261 26.83 20.98 -37.19
N LEU C 262 28.07 21.38 -37.46
CA LEU C 262 28.99 21.75 -36.38
C LEU C 262 28.51 22.97 -35.60
N TRP C 263 27.67 23.81 -36.18
CA TRP C 263 27.26 25.03 -35.53
C TRP C 263 26.01 24.87 -34.67
N TRP C 264 25.28 23.75 -34.79
CA TRP C 264 23.99 23.59 -34.14
C TRP C 264 24.14 22.76 -32.88
N GLU C 265 23.65 23.32 -31.77
CA GLU C 265 23.55 22.56 -30.53
C GLU C 265 22.55 21.42 -30.70
N GLU C 266 22.62 20.45 -29.76
CA GLU C 266 21.84 19.22 -29.91
C GLU C 266 20.36 19.51 -30.05
N GLU C 267 19.83 20.44 -29.25
CA GLU C 267 18.42 20.78 -29.36
C GLU C 267 18.11 21.43 -30.72
N GLY C 268 18.96 22.37 -31.14
CA GLY C 268 18.71 23.07 -32.40
C GLY C 268 18.92 22.20 -33.62
N LEU C 269 19.90 21.30 -33.57
CA LEU C 269 20.11 20.38 -34.69
C LEU C 269 18.90 19.49 -34.90
N ALA C 270 18.29 19.03 -33.81
CA ALA C 270 17.11 18.18 -33.93
C ALA C 270 15.92 18.96 -34.44
N TRP C 271 15.80 20.23 -34.05
CA TRP C 271 14.71 21.07 -34.57
C TRP C 271 14.91 21.37 -36.05
N ARG C 272 16.15 21.67 -36.44
CA ARG C 272 16.41 22.05 -37.83
C ARG C 272 16.16 20.87 -38.78
N ASN C 273 16.52 19.66 -38.36
CA ASN C 273 16.25 18.49 -39.18
C ASN C 273 14.75 18.18 -39.23
N PHE C 274 14.02 18.51 -38.17
CA PHE C 274 12.58 18.24 -38.15
C PHE C 274 11.84 19.17 -39.11
N LYS C 275 12.11 20.48 -39.02
CA LYS C 275 11.49 21.43 -39.93
C LYS C 275 12.17 21.48 -41.30
N LYS C 276 13.29 20.79 -41.46
CA LYS C 276 14.07 20.83 -42.70
C LYS C 276 14.44 22.27 -43.06
N ALA C 277 14.79 23.04 -42.03
CA ALA C 277 15.03 24.47 -42.22
C ALA C 277 16.27 24.69 -43.08
N LYS C 278 16.11 25.51 -44.12
CA LYS C 278 17.22 25.92 -44.96
C LYS C 278 17.46 27.43 -44.95
N HIS C 279 16.56 28.20 -44.35
CA HIS C 279 16.62 29.66 -44.39
C HIS C 279 15.73 30.19 -43.28
N PRO C 280 15.91 31.45 -42.87
CA PRO C 280 15.05 32.03 -41.85
C PRO C 280 13.58 31.98 -42.23
N ILE C 281 12.72 32.11 -41.22
CA ILE C 281 11.31 31.80 -41.40
C ILE C 281 10.61 32.84 -42.28
N PHE C 282 11.06 34.10 -42.24
CA PHE C 282 10.45 35.14 -43.05
C PHE C 282 11.29 35.50 -44.27
N TRP C 283 12.05 34.55 -44.79
CA TRP C 283 12.74 34.67 -46.07
C TRP C 283 12.03 33.80 -47.08
N ILE C 284 11.65 34.39 -48.21
CA ILE C 284 10.90 33.69 -49.25
C ILE C 284 11.88 33.35 -50.38
N PRO C 285 12.18 32.07 -50.60
CA PRO C 285 13.13 31.72 -51.68
C PRO C 285 12.55 32.06 -53.05
N PHE C 286 13.27 32.93 -53.76
CA PHE C 286 12.91 33.34 -55.11
C PHE C 286 14.14 33.17 -55.98
N LYS C 287 14.03 32.33 -57.02
CA LYS C 287 15.16 31.81 -57.79
C LYS C 287 16.36 31.57 -56.88
N ASN C 288 17.51 32.17 -57.18
CA ASN C 288 18.71 32.00 -56.37
C ASN C 288 18.80 33.03 -55.24
N GLU C 289 17.87 33.97 -55.16
CA GLU C 289 17.88 35.03 -54.18
C GLU C 289 16.85 34.76 -53.09
N TYR C 290 16.74 35.70 -52.15
CA TYR C 290 15.78 35.61 -51.06
C TYR C 290 14.97 36.91 -50.99
N ARG C 291 13.66 36.77 -50.80
CA ARG C 291 12.78 37.89 -50.56
C ARG C 291 12.35 37.91 -49.09
N TYR C 292 11.74 39.02 -48.69
CA TYR C 292 11.43 39.29 -47.30
C TYR C 292 9.92 39.40 -47.11
N ARG C 293 9.44 38.94 -45.95
CA ARG C 293 8.02 38.94 -45.62
C ARG C 293 7.78 39.86 -44.44
N THR C 294 7.09 40.97 -44.68
CA THR C 294 6.56 41.77 -43.59
C THR C 294 5.22 41.19 -43.16
N LEU C 295 4.45 41.96 -42.37
CA LEU C 295 3.17 41.45 -41.88
C LEU C 295 2.26 41.00 -43.01
N THR C 296 2.16 41.81 -44.06
CA THR C 296 1.21 41.55 -45.12
C THR C 296 1.79 41.66 -46.53
N GLU C 297 3.09 41.90 -46.68
CA GLU C 297 3.68 42.12 -47.99
C GLU C 297 4.95 41.31 -48.14
N ILE C 298 5.20 40.88 -49.38
CA ILE C 298 6.46 40.25 -49.77
C ILE C 298 7.25 41.28 -50.57
N VAL C 299 8.39 41.70 -50.04
CA VAL C 299 9.19 42.76 -50.64
C VAL C 299 10.61 42.26 -50.85
N ASP C 300 11.38 43.03 -51.61
CA ASP C 300 12.80 42.74 -51.78
C ASP C 300 13.51 42.81 -50.44
N MET C 301 14.61 42.08 -50.33
CA MET C 301 15.31 41.94 -49.06
C MET C 301 15.81 43.29 -48.55
N PRO C 302 15.38 43.74 -47.36
CA PRO C 302 15.98 44.93 -46.76
C PRO C 302 17.23 44.55 -45.99
N LEU C 303 18.39 44.62 -46.66
CA LEU C 303 19.61 44.03 -46.12
C LEU C 303 20.06 44.68 -44.82
N ASP C 304 19.65 45.92 -44.54
CA ASP C 304 20.05 46.59 -43.31
C ASP C 304 18.99 46.53 -42.22
N TRP C 305 17.90 45.79 -42.45
CA TRP C 305 16.97 45.48 -41.37
C TRP C 305 17.50 44.27 -40.58
N PRO C 306 17.09 44.12 -39.33
CA PRO C 306 17.50 42.94 -38.57
C PRO C 306 16.84 41.68 -39.10
N VAL C 307 17.50 40.55 -38.87
CA VAL C 307 17.00 39.25 -39.30
C VAL C 307 16.08 38.69 -38.23
N ASP C 308 15.13 37.87 -38.65
CA ASP C 308 14.17 37.21 -37.76
C ASP C 308 14.56 35.74 -37.65
N VAL C 309 15.05 35.34 -36.47
CA VAL C 309 15.48 33.97 -36.22
C VAL C 309 15.01 33.57 -34.83
N ASN C 310 14.91 32.25 -34.61
CA ASN C 310 14.72 31.74 -33.26
C ASN C 310 16.09 31.59 -32.59
N TYR C 311 16.09 31.04 -31.37
CA TYR C 311 17.35 30.87 -30.67
C TYR C 311 18.27 29.92 -31.40
N HIS C 312 17.73 28.82 -31.93
CA HIS C 312 18.57 27.80 -32.55
C HIS C 312 19.34 28.39 -33.74
N GLU C 313 18.67 29.18 -34.57
CA GLU C 313 19.35 29.82 -35.69
C GLU C 313 20.34 30.87 -35.20
N ALA C 314 19.96 31.66 -34.21
CA ALA C 314 20.86 32.67 -33.67
C ALA C 314 22.10 32.02 -33.04
N LYS C 315 21.90 30.96 -32.27
CA LYS C 315 23.02 30.29 -31.63
C LYS C 315 23.98 29.70 -32.68
N ALA C 316 23.43 29.08 -33.72
CA ALA C 316 24.28 28.50 -34.76
C ALA C 316 25.08 29.57 -35.49
N PHE C 317 24.51 30.76 -35.66
CA PHE C 317 25.28 31.86 -36.23
C PHE C 317 26.46 32.23 -35.34
N CYS C 318 26.25 32.27 -34.03
CA CYS C 318 27.32 32.64 -33.12
C CYS C 318 28.42 31.58 -33.10
N ASN C 319 28.06 30.31 -33.22
CA ASN C 319 29.06 29.26 -33.28
C ASN C 319 29.83 29.32 -34.61
N TRP C 320 29.14 29.65 -35.70
CA TRP C 320 29.83 29.81 -36.98
C TRP C 320 30.74 31.03 -36.95
N LEU C 321 30.27 32.15 -36.39
CA LEU C 321 31.09 33.34 -36.30
C LEU C 321 32.27 33.14 -35.35
N SER C 322 32.10 32.30 -34.32
CA SER C 322 33.21 32.00 -33.42
C SER C 322 34.35 31.32 -34.16
N ALA C 323 34.03 30.44 -35.11
CA ALA C 323 35.08 29.75 -35.87
C ALA C 323 35.79 30.71 -36.82
N LYS C 324 35.05 31.65 -37.41
CA LYS C 324 35.67 32.57 -38.37
C LYS C 324 36.59 33.56 -37.66
N LYS C 325 36.09 34.19 -36.58
CA LYS C 325 36.86 35.18 -35.85
C LYS C 325 37.88 34.56 -34.90
N GLY C 326 37.82 33.25 -34.68
CA GLY C 326 38.73 32.63 -33.72
C GLY C 326 38.50 33.05 -32.28
N LYS C 327 37.33 33.61 -31.96
CA LYS C 327 37.02 34.09 -30.63
C LYS C 327 35.71 33.50 -30.15
N PRO C 328 35.55 33.28 -28.84
CA PRO C 328 34.28 32.74 -28.32
C PRO C 328 33.14 33.74 -28.36
N ILE C 329 32.24 33.60 -29.34
CA ILE C 329 31.11 34.51 -29.53
C ILE C 329 29.82 33.75 -29.23
N ARG C 330 28.94 34.38 -28.46
CA ARG C 330 27.69 33.75 -28.06
C ARG C 330 26.62 34.84 -27.95
N LEU C 331 25.41 34.40 -27.59
CA LEU C 331 24.33 35.32 -27.27
C LEU C 331 24.48 35.84 -25.84
N PRO C 332 23.99 37.04 -25.56
CA PRO C 332 24.13 37.60 -24.22
C PRO C 332 23.26 36.86 -23.21
N VAL C 333 23.60 37.02 -21.94
CA VAL C 333 22.69 36.65 -20.87
C VAL C 333 21.84 37.87 -20.53
N GLU C 334 20.71 37.64 -19.87
CA GLU C 334 19.81 38.75 -19.55
C GLU C 334 20.54 39.82 -18.75
N ASP C 335 21.39 39.42 -17.80
CA ASP C 335 22.15 40.40 -17.04
C ASP C 335 23.01 41.26 -17.95
N GLU C 336 23.60 40.67 -19.00
CA GLU C 336 24.45 41.44 -19.89
C GLU C 336 23.66 42.46 -20.69
N TRP C 337 22.46 42.08 -21.16
CA TRP C 337 21.62 43.05 -21.84
C TRP C 337 21.27 44.22 -20.93
N TYR C 338 20.90 43.93 -19.67
CA TYR C 338 20.62 45.01 -18.73
C TYR C 338 21.84 45.89 -18.52
N ARG C 339 23.04 45.29 -18.54
CA ARG C 339 24.26 46.07 -18.38
C ARG C 339 24.49 46.98 -19.59
N LEU C 340 24.25 46.45 -20.79
CA LEU C 340 24.37 47.25 -22.00
C LEU C 340 23.37 48.40 -22.00
N LYS C 341 22.18 48.16 -21.46
CA LYS C 341 21.16 49.20 -21.41
C LYS C 341 21.59 50.34 -20.49
N GLU C 342 22.10 50.01 -19.31
CA GLU C 342 22.56 51.03 -18.38
C GLU C 342 23.77 51.77 -18.92
N TYR C 343 24.68 51.04 -19.59
CA TYR C 343 25.87 51.66 -20.14
C TYR C 343 25.53 52.66 -21.25
N CYS C 344 24.55 52.32 -22.10
CA CYS C 344 24.14 53.21 -23.17
C CYS C 344 23.18 54.29 -22.71
N ASN C 345 22.76 54.27 -21.44
CA ASN C 345 21.83 55.26 -20.89
C ASN C 345 20.52 55.32 -21.68
N VAL C 346 19.93 54.15 -21.90
CA VAL C 346 18.62 54.10 -22.55
C VAL C 346 17.56 54.67 -21.60
N PRO C 347 16.75 55.63 -22.03
CA PRO C 347 15.77 56.23 -21.12
C PRO C 347 14.54 55.34 -20.95
N ASP C 348 14.00 55.36 -19.74
CA ASP C 348 12.76 54.63 -19.45
C ASP C 348 11.58 55.32 -20.11
N VAL C 349 10.49 54.56 -20.25
CA VAL C 349 9.31 55.05 -20.96
C VAL C 349 8.76 56.33 -20.31
N SER C 350 8.90 56.46 -18.99
CA SER C 350 8.39 57.63 -18.29
C SER C 350 9.10 58.91 -18.69
N LYS C 351 10.29 58.80 -19.30
CA LYS C 351 11.07 59.97 -19.71
C LYS C 351 10.97 60.24 -21.21
N TRP C 352 10.14 59.52 -21.93
CA TRP C 352 10.02 59.70 -23.37
C TRP C 352 9.23 60.97 -23.70
N ASP C 353 9.54 61.56 -24.85
CA ASP C 353 8.80 62.71 -25.34
C ASP C 353 7.60 62.26 -26.16
N GLU C 354 7.16 63.09 -27.12
CA GLU C 354 6.00 62.73 -27.94
C GLU C 354 6.28 61.53 -28.83
N LYS C 355 7.54 61.26 -29.16
CA LYS C 355 7.90 60.15 -30.03
C LYS C 355 8.92 59.27 -29.33
N ALA C 356 8.71 57.96 -29.39
CA ALA C 356 9.57 57.01 -28.72
C ALA C 356 10.98 57.06 -29.32
N PRO C 357 12.02 56.92 -28.50
CA PRO C 357 13.39 56.97 -29.03
C PRO C 357 13.84 55.63 -29.59
N ALA C 358 12.89 54.85 -30.10
CA ALA C 358 13.19 53.54 -30.67
C ALA C 358 12.01 53.10 -31.52
N ASN C 359 12.25 52.11 -32.37
CA ASN C 359 11.18 51.49 -33.15
C ASN C 359 10.44 50.52 -32.23
N ILE C 360 9.45 51.05 -31.52
CA ILE C 360 8.77 50.30 -30.46
C ILE C 360 7.41 50.94 -30.22
N ASN C 361 6.50 50.17 -29.60
CA ASN C 361 5.19 50.65 -29.18
C ASN C 361 4.33 51.09 -30.36
N LEU C 362 4.59 50.55 -31.55
CA LEU C 362 3.85 50.89 -32.76
C LEU C 362 3.87 52.40 -33.02
N GLU C 363 4.91 53.08 -32.54
CA GLU C 363 5.00 54.53 -32.68
C GLU C 363 5.73 54.95 -33.96
N HIS C 364 6.25 54.01 -34.74
CA HIS C 364 6.95 54.37 -35.96
C HIS C 364 6.48 53.51 -37.14
N TYR C 365 6.55 52.19 -36.99
CA TYR C 365 6.27 51.29 -38.10
C TYR C 365 5.55 50.05 -37.59
N ALA C 366 4.90 49.36 -38.53
CA ALA C 366 4.39 48.01 -38.31
C ALA C 366 5.34 46.96 -38.86
N SER C 367 6.64 47.23 -38.82
CA SER C 367 7.65 46.29 -39.27
C SER C 367 8.99 46.72 -38.68
N ALA C 368 10.03 45.96 -38.98
CA ALA C 368 11.38 46.35 -38.60
C ALA C 368 11.84 47.52 -39.47
N CYS C 369 12.93 48.16 -39.04
CA CYS C 369 13.51 49.28 -39.78
C CYS C 369 15.02 49.07 -39.85
N PRO C 370 15.78 49.87 -40.62
CA PRO C 370 17.23 49.63 -40.69
C PRO C 370 17.89 49.67 -39.33
N VAL C 371 18.87 48.78 -39.13
CA VAL C 371 19.60 48.70 -37.87
C VAL C 371 20.43 49.95 -37.59
N THR C 372 20.54 50.86 -38.56
CA THR C 372 21.30 52.09 -38.40
C THR C 372 20.42 53.28 -38.03
N GLN C 373 19.15 53.05 -37.70
CA GLN C 373 18.23 54.16 -37.51
C GLN C 373 18.22 54.69 -36.08
N PHE C 374 18.07 53.81 -35.10
CA PHE C 374 17.90 54.22 -33.70
C PHE C 374 19.16 53.91 -32.92
N SER C 375 19.84 54.96 -32.46
CA SER C 375 21.10 54.81 -31.74
C SER C 375 20.88 55.02 -30.25
N PHE C 376 21.69 54.31 -29.46
CA PHE C 376 21.68 54.46 -28.01
C PHE C 376 23.15 54.45 -27.59
N GLY C 377 23.71 55.63 -27.40
CA GLY C 377 25.14 55.71 -27.12
C GLY C 377 25.93 55.30 -28.34
N ASN C 378 26.84 54.35 -28.16
CA ASN C 378 27.62 53.80 -29.25
C ASN C 378 26.92 52.63 -29.94
N PHE C 379 25.76 52.22 -29.45
CA PHE C 379 25.07 51.04 -29.96
C PHE C 379 23.74 51.43 -30.61
N TYR C 380 23.20 50.50 -31.38
CA TYR C 380 21.93 50.69 -32.06
C TYR C 380 20.98 49.57 -31.67
N ASP C 381 19.69 49.91 -31.58
CA ASP C 381 18.62 48.97 -31.26
C ASP C 381 18.90 48.20 -29.97
N VAL C 382 19.31 48.93 -28.94
CA VAL C 382 19.39 48.33 -27.60
C VAL C 382 18.00 47.97 -27.12
N ILE C 383 17.02 48.83 -27.41
CA ILE C 383 15.60 48.51 -27.28
C ILE C 383 14.96 48.74 -28.64
N GLY C 384 13.86 48.03 -28.89
CA GLY C 384 13.09 48.25 -30.09
C GLY C 384 13.65 47.54 -31.31
N ASN C 385 12.93 47.74 -32.42
CA ASN C 385 13.18 47.10 -33.72
C ASN C 385 12.72 45.66 -33.71
N VAL C 386 13.47 44.76 -33.05
CA VAL C 386 13.06 43.37 -32.87
C VAL C 386 13.57 42.92 -31.50
N TRP C 387 12.97 41.84 -31.00
CA TRP C 387 13.45 41.25 -29.76
C TRP C 387 14.88 40.76 -29.93
N GLN C 388 15.59 40.66 -28.80
CA GLN C 388 16.97 40.21 -28.78
C GLN C 388 17.06 38.96 -27.93
N TRP C 389 17.46 37.84 -28.55
CA TRP C 389 17.57 36.59 -27.83
C TRP C 389 18.67 36.64 -26.77
N THR C 390 18.49 35.87 -25.71
CA THR C 390 19.51 35.67 -24.69
C THR C 390 19.75 34.18 -24.52
N GLU C 391 20.77 33.85 -23.73
CA GLU C 391 21.05 32.47 -23.36
C GLU C 391 20.49 32.13 -21.98
N THR C 392 19.64 32.98 -21.41
CA THR C 392 19.14 32.78 -20.07
C THR C 392 17.73 32.22 -20.12
N PRO C 393 17.51 31.00 -19.63
CA PRO C 393 16.13 30.53 -19.47
C PRO C 393 15.46 31.30 -18.35
N ILE C 394 14.19 31.66 -18.57
CA ILE C 394 13.47 32.49 -17.62
C ILE C 394 13.37 31.77 -16.28
N TYR C 395 13.44 32.53 -15.20
CA TYR C 395 13.50 31.97 -13.86
C TYR C 395 12.93 32.99 -12.89
N PRO C 396 12.31 32.55 -11.80
CA PRO C 396 11.80 33.50 -10.81
C PRO C 396 12.92 34.10 -9.96
N PHE C 397 12.81 35.39 -9.70
CA PHE C 397 13.73 36.06 -8.79
C PHE C 397 13.46 35.63 -7.35
N ASN C 398 14.41 35.94 -6.47
CA ASN C 398 14.20 35.69 -5.04
C ASN C 398 13.15 36.67 -4.53
N GLY C 399 12.09 36.13 -3.94
CA GLY C 399 10.93 36.93 -3.58
C GLY C 399 9.78 36.84 -4.54
N PHE C 400 9.86 35.94 -5.53
CA PHE C 400 8.79 35.77 -6.50
C PHE C 400 7.53 35.25 -5.83
N LYS C 401 6.40 35.88 -6.13
CA LYS C 401 5.10 35.49 -5.59
C LYS C 401 4.07 35.55 -6.71
N ILE C 402 3.28 34.49 -6.85
CA ILE C 402 2.26 34.46 -7.89
C ILE C 402 1.08 35.35 -7.49
N HIS C 403 0.34 35.79 -8.52
CA HIS C 403 -0.93 36.45 -8.22
C HIS C 403 -2.04 35.41 -8.18
N PRO C 404 -2.87 35.39 -7.13
CA PRO C 404 -3.87 34.32 -7.00
C PRO C 404 -4.83 34.21 -8.18
N ILE C 405 -5.06 35.29 -8.91
CA ILE C 405 -6.00 35.24 -10.04
C ILE C 405 -5.36 34.62 -11.29
N TYR C 406 -4.03 34.62 -11.39
CA TYR C 406 -3.34 34.03 -12.54
C TYR C 406 -2.04 33.42 -12.01
N ASP C 407 -2.16 32.34 -11.25
CA ASP C 407 -1.03 31.77 -10.55
C ASP C 407 -0.09 30.99 -11.46
N ASP C 408 -0.53 30.62 -12.67
CA ASP C 408 0.30 29.88 -13.61
C ASP C 408 0.64 30.69 -14.84
N PHE C 409 0.69 32.02 -14.71
CA PHE C 409 1.06 32.85 -15.85
C PHE C 409 2.50 32.60 -16.27
N SER C 410 3.40 32.46 -15.30
CA SER C 410 4.82 32.29 -15.58
C SER C 410 5.43 31.03 -15.00
N THR C 411 4.83 30.44 -13.95
CA THR C 411 5.42 29.24 -13.36
C THR C 411 5.59 28.07 -14.34
N PRO C 412 4.71 27.82 -15.32
CA PRO C 412 5.00 26.75 -16.28
C PRO C 412 6.16 27.05 -17.21
N THR C 413 6.58 28.32 -17.34
CA THR C 413 7.74 28.63 -18.17
C THR C 413 9.05 28.45 -17.43
N PHE C 414 9.02 28.25 -16.12
CA PHE C 414 10.24 27.99 -15.35
C PHE C 414 10.67 26.52 -15.51
N ASP C 415 10.91 26.14 -16.75
CA ASP C 415 11.29 24.76 -17.07
C ASP C 415 12.65 24.66 -17.74
N ASN C 416 13.46 25.72 -17.72
CA ASN C 416 14.76 25.79 -18.37
C ASN C 416 14.68 25.64 -19.88
N ARG C 417 13.48 25.72 -20.47
CA ARG C 417 13.33 25.63 -21.91
C ARG C 417 12.82 26.91 -22.56
N HIS C 418 12.40 27.90 -21.78
CA HIS C 418 11.93 29.18 -22.31
C HIS C 418 13.03 30.22 -22.10
N ASN C 419 13.71 30.60 -23.18
CA ASN C 419 14.80 31.57 -23.09
C ASN C 419 14.27 32.98 -23.16
N LEU C 420 14.84 33.86 -22.35
CA LEU C 420 14.40 35.25 -22.30
C LEU C 420 14.75 36.00 -23.59
N ILE C 421 13.92 36.97 -23.92
CA ILE C 421 14.17 37.91 -25.01
C ILE C 421 13.97 39.31 -24.47
N LYS C 422 14.82 40.25 -24.92
CA LYS C 422 14.86 41.58 -24.33
C LYS C 422 14.75 42.64 -25.42
N GLY C 423 14.25 43.81 -25.02
CA GLY C 423 14.26 44.98 -25.87
C GLY C 423 12.92 45.39 -26.43
N GLY C 424 12.10 44.41 -26.81
CA GLY C 424 10.86 44.68 -27.48
C GLY C 424 11.05 44.93 -28.97
N SER C 425 9.96 44.81 -29.72
CA SER C 425 9.96 44.99 -31.15
C SER C 425 9.16 46.23 -31.53
N PHE C 426 8.97 46.43 -32.83
CA PHE C 426 8.16 47.54 -33.31
C PHE C 426 6.73 47.47 -32.79
N ILE C 427 6.24 46.27 -32.48
CA ILE C 427 4.86 46.06 -32.07
C ILE C 427 4.73 45.74 -30.58
N SER C 428 5.84 45.66 -29.85
CA SER C 428 5.77 45.52 -28.41
C SER C 428 5.15 46.77 -27.78
N THR C 429 4.09 46.59 -27.01
CA THR C 429 3.35 47.71 -26.44
C THR C 429 3.18 47.51 -24.94
N GLY C 430 2.79 48.60 -24.27
CA GLY C 430 2.32 48.50 -22.90
C GLY C 430 3.40 48.01 -21.97
N ASN C 431 3.10 46.95 -21.22
CA ASN C 431 4.05 46.40 -20.26
C ASN C 431 5.31 45.88 -20.96
N GLU C 432 5.19 45.46 -22.22
CA GLU C 432 6.32 44.86 -22.92
C GLU C 432 7.48 45.84 -23.08
N ILE C 433 7.20 47.15 -23.10
CA ILE C 433 8.24 48.14 -23.31
C ILE C 433 8.85 48.64 -22.00
N LEU C 434 8.41 48.13 -20.86
CA LEU C 434 9.04 48.45 -19.60
C LEU C 434 10.36 47.69 -19.45
N ALA C 435 11.27 48.28 -18.68
CA ALA C 435 12.57 47.64 -18.49
C ALA C 435 12.45 46.40 -17.62
N SER C 436 11.56 46.43 -16.64
CA SER C 436 11.43 45.32 -15.70
C SER C 436 10.68 44.12 -16.27
N SER C 437 9.95 44.30 -17.38
CA SER C 437 9.20 43.19 -17.94
C SER C 437 10.15 42.11 -18.46
N ARG C 438 9.70 40.86 -18.36
CA ARG C 438 10.53 39.71 -18.72
C ARG C 438 9.68 38.75 -19.54
N TYR C 439 9.97 38.64 -20.83
CA TYR C 439 9.28 37.73 -21.73
C TYR C 439 10.24 36.67 -22.24
N ALA C 440 9.71 35.48 -22.48
CA ALA C 440 10.54 34.34 -22.85
C ALA C 440 9.73 33.39 -23.72
N PHE C 441 10.43 32.70 -24.60
CA PHE C 441 9.83 31.76 -25.53
C PHE C 441 10.69 30.50 -25.58
N ARG C 442 10.06 29.40 -25.96
CA ARG C 442 10.82 28.20 -26.28
C ARG C 442 11.79 28.49 -27.42
N ARG C 443 12.94 27.82 -27.39
CA ARG C 443 14.06 28.23 -28.23
C ARG C 443 13.81 28.00 -29.72
N HIS C 444 12.81 27.19 -30.08
CA HIS C 444 12.47 26.99 -31.47
C HIS C 444 11.39 27.95 -31.96
N PHE C 445 10.81 28.77 -31.08
CA PHE C 445 9.65 29.56 -31.45
C PHE C 445 10.05 30.81 -32.21
N PHE C 446 9.14 31.27 -33.07
CA PHE C 446 9.38 32.40 -33.95
C PHE C 446 8.60 33.63 -33.49
N GLN C 447 9.27 34.76 -33.50
CA GLN C 447 8.67 36.04 -33.14
C GLN C 447 9.30 37.11 -34.03
N HIS C 448 8.88 38.36 -33.83
CA HIS C 448 9.62 39.48 -34.39
C HIS C 448 10.89 39.64 -33.56
N ALA C 449 11.77 38.64 -33.63
CA ALA C 449 12.90 38.51 -32.73
C ALA C 449 14.18 38.30 -33.53
N GLY C 450 15.18 39.11 -33.24
CA GLY C 450 16.50 38.94 -33.81
C GLY C 450 17.51 38.69 -32.71
N PHE C 451 18.75 39.14 -32.89
CA PHE C 451 19.76 38.91 -31.87
C PHE C 451 20.97 39.77 -32.13
N ARG C 452 21.54 40.27 -31.04
CA ARG C 452 22.89 40.83 -30.98
C ARG C 452 23.80 39.78 -30.35
N TYR C 453 25.05 39.72 -30.80
CA TYR C 453 25.99 38.77 -30.23
C TYR C 453 27.00 39.48 -29.34
N VAL C 454 27.65 38.69 -28.49
CA VAL C 454 28.61 39.21 -27.52
C VAL C 454 29.86 38.34 -27.54
N GLU C 455 30.93 38.87 -26.96
CA GLU C 455 32.16 38.14 -26.70
C GLU C 455 32.45 38.23 -25.21
N SER C 456 32.35 37.11 -24.51
CA SER C 456 32.51 37.14 -23.06
C SER C 456 32.93 35.77 -22.57
N SER C 457 33.76 35.78 -21.53
CA SER C 457 34.14 34.57 -20.80
C SER C 457 33.20 34.28 -19.64
N TYR C 458 32.28 35.20 -19.33
CA TYR C 458 31.38 35.03 -18.21
C TYR C 458 30.49 33.80 -18.41
N LYS C 459 30.56 32.86 -17.50
CA LYS C 459 29.79 31.63 -17.56
C LYS C 459 28.68 31.71 -16.52
N GLU C 460 27.45 31.96 -16.99
CA GLU C 460 26.31 32.11 -16.10
C GLU C 460 25.95 30.77 -15.47
N LYS C 461 25.53 30.82 -14.21
CA LYS C 461 25.11 29.63 -13.48
C LYS C 461 23.60 29.46 -13.58
N ILE C 462 23.17 28.26 -13.98
CA ILE C 462 21.76 27.92 -14.11
C ILE C 462 21.40 26.91 -13.04
N ASN C 463 20.35 27.19 -12.28
CA ASN C 463 19.91 26.32 -11.21
C ASN C 463 18.90 25.30 -11.74
N SER C 464 18.48 24.37 -10.88
CA SER C 464 17.46 23.41 -11.24
C SER C 464 16.13 24.13 -11.48
N SER C 465 15.49 23.80 -12.60
CA SER C 465 14.27 24.47 -13.00
C SER C 465 13.06 23.89 -12.27
N GLY C 466 11.93 24.55 -12.44
CA GLY C 466 10.66 24.03 -11.96
C GLY C 466 10.52 23.99 -10.45
N TYR C 467 9.44 23.36 -10.03
CA TYR C 467 9.11 23.18 -8.63
C TYR C 467 8.97 21.70 -8.33
N GLU C 468 9.54 21.26 -7.20
CA GLU C 468 9.42 19.87 -6.80
C GLU C 468 7.99 19.57 -6.36
N SER C 469 7.44 18.47 -6.86
CA SER C 469 6.04 18.14 -6.62
C SER C 469 5.81 16.74 -6.07
N ASP C 470 6.86 15.94 -5.88
CA ASP C 470 6.71 14.66 -5.21
C ASP C 470 6.18 14.90 -3.79
N THR C 471 5.11 14.18 -3.44
CA THR C 471 4.39 14.46 -2.20
C THR C 471 5.31 14.42 -0.98
N GLN C 472 6.19 13.40 -0.92
CA GLN C 472 7.07 13.29 0.24
C GLN C 472 8.11 14.40 0.27
N VAL C 473 8.72 14.71 -0.87
CA VAL C 473 9.73 15.76 -0.90
C VAL C 473 9.10 17.12 -0.60
N SER C 474 7.87 17.35 -1.08
CA SER C 474 7.18 18.59 -0.79
C SER C 474 6.92 18.75 0.71
N GLN C 475 6.41 17.69 1.35
CA GLN C 475 6.07 17.76 2.76
C GLN C 475 7.28 18.05 3.62
N TYR C 476 8.41 17.40 3.32
CA TYR C 476 9.60 17.58 4.13
C TYR C 476 10.35 18.86 3.78
N CYS C 477 10.18 19.36 2.55
CA CYS C 477 10.65 20.72 2.24
C CYS C 477 9.90 21.74 3.09
N GLU C 478 8.56 21.62 3.13
CA GLU C 478 7.76 22.49 3.97
C GLU C 478 8.06 22.29 5.45
N PHE C 479 8.39 21.04 5.84
CA PHE C 479 8.64 20.77 7.25
C PHE C 479 9.94 21.42 7.72
N GLY C 480 10.96 21.43 6.87
CA GLY C 480 12.22 22.02 7.25
C GLY C 480 12.35 23.49 6.91
N TRP C 481 11.68 23.94 5.83
CA TRP C 481 11.91 25.29 5.32
C TRP C 481 10.63 26.10 5.11
N GLY C 482 9.49 25.63 5.58
CA GLY C 482 8.21 26.30 5.36
C GLY C 482 7.81 27.23 6.48
N ASP C 483 6.51 27.45 6.61
CA ASP C 483 5.96 28.31 7.65
C ASP C 483 5.54 27.48 8.86
N ARG C 484 5.23 28.18 9.94
CA ARG C 484 4.75 27.54 11.15
C ARG C 484 3.24 27.35 11.08
N TYR C 485 2.77 26.24 11.64
CA TYR C 485 1.35 25.90 11.66
C TYR C 485 0.90 25.68 13.11
N PHE C 486 -0.28 26.19 13.44
CA PHE C 486 -0.81 26.17 14.80
C PHE C 486 0.15 26.84 15.79
N GLY C 487 0.97 27.77 15.30
CA GLY C 487 1.91 28.47 16.15
C GLY C 487 3.07 27.63 16.63
N ILE C 488 3.33 26.48 16.01
CA ILE C 488 4.38 25.58 16.44
C ILE C 488 5.67 25.95 15.72
N GLU C 489 6.73 26.14 16.50
CA GLU C 489 8.02 26.56 15.94
C GLU C 489 8.60 25.48 15.04
N ASN C 490 9.48 25.91 14.13
CA ASN C 490 10.14 25.00 13.21
C ASN C 490 10.86 23.90 13.99
N TYR C 491 10.59 22.65 13.61
CA TYR C 491 11.04 21.51 14.41
C TYR C 491 12.50 21.17 14.15
N PRO C 492 12.95 20.98 12.90
CA PRO C 492 14.39 20.71 12.70
C PRO C 492 15.28 21.82 13.26
N LYS C 493 14.84 23.07 13.16
CA LYS C 493 15.62 24.18 13.70
C LYS C 493 15.62 24.16 15.23
N ARG C 494 14.45 23.93 15.84
CA ARG C 494 14.38 23.90 17.30
C ARG C 494 15.22 22.75 17.87
N CYS C 495 15.19 21.59 17.22
CA CYS C 495 16.00 20.46 17.68
C CYS C 495 17.48 20.78 17.59
N ALA C 496 17.90 21.43 16.51
CA ALA C 496 19.32 21.79 16.36
C ALA C 496 19.74 22.81 17.40
N LYS C 497 18.86 23.76 17.73
CA LYS C 497 19.19 24.76 18.74
C LYS C 497 19.33 24.12 20.11
N ILE C 498 18.52 23.10 20.41
CA ILE C 498 18.65 22.40 21.69
C ILE C 498 19.95 21.59 21.71
N CYS C 499 20.34 21.02 20.58
CA CYS C 499 21.62 20.33 20.49
C CYS C 499 22.77 21.27 20.84
N ILE C 500 22.74 22.49 20.32
CA ILE C 500 23.74 23.49 20.68
C ILE C 500 23.64 23.83 22.16
N GLU C 501 22.42 23.87 22.69
CA GLU C 501 22.21 24.24 24.08
C GLU C 501 22.90 23.26 25.03
N VAL C 502 22.71 21.96 24.80
CA VAL C 502 23.16 20.95 25.76
C VAL C 502 24.59 20.54 25.45
N THR C 503 25.22 21.22 24.50
CA THR C 503 26.64 20.99 24.22
C THR C 503 27.50 22.18 24.61
N GLU C 504 26.99 23.08 25.45
CA GLU C 504 27.80 24.19 25.93
C GLU C 504 28.98 23.68 26.76
N GLY C 505 30.14 24.27 26.54
CA GLY C 505 31.34 23.83 27.23
C GLY C 505 31.86 22.48 26.81
N LYS C 506 31.42 21.97 25.66
CA LYS C 506 31.83 20.69 25.12
C LYS C 506 32.46 20.88 23.74
N PRO C 507 33.23 19.89 23.28
CA PRO C 507 33.82 20.00 21.93
C PRO C 507 32.74 20.10 20.86
N ARG C 508 33.08 20.74 19.76
CA ARG C 508 32.15 20.98 18.66
C ARG C 508 32.86 20.88 17.32
N LYS C 509 33.78 19.93 17.18
CA LYS C 509 34.53 19.79 15.93
C LYS C 509 33.69 19.11 14.85
N LYS C 510 33.16 17.92 15.14
CA LYS C 510 32.39 17.14 14.17
C LYS C 510 31.04 16.74 14.75
N ALA C 511 30.02 16.80 13.90
CA ALA C 511 28.66 16.41 14.28
C ALA C 511 28.01 15.67 13.12
N LEU C 512 27.05 14.80 13.46
CA LEU C 512 26.37 13.98 12.48
C LEU C 512 24.86 14.13 12.65
N ASP C 513 24.15 14.32 11.54
CA ASP C 513 22.70 14.47 11.53
C ASP C 513 22.12 13.32 10.71
N VAL C 514 21.66 12.26 11.40
CA VAL C 514 21.07 11.11 10.73
C VAL C 514 19.58 11.36 10.55
N GLY C 515 19.08 11.03 9.35
CA GLY C 515 17.73 11.40 8.99
C GLY C 515 17.59 12.89 8.83
N CYS C 516 18.46 13.48 8.01
CA CYS C 516 18.54 14.93 7.89
C CYS C 516 17.43 15.53 7.02
N ALA C 517 16.76 14.71 6.21
CA ALA C 517 15.66 15.13 5.34
C ALA C 517 16.17 16.22 4.41
N ILE C 518 15.60 17.43 4.42
CA ILE C 518 16.04 18.50 3.54
C ILE C 518 17.07 19.35 4.27
N GLY C 519 17.61 18.81 5.36
CA GLY C 519 18.83 19.35 5.95
C GLY C 519 18.72 20.65 6.70
N ARG C 520 17.54 21.02 7.18
CA ARG C 520 17.42 22.24 7.98
C ARG C 520 18.23 22.15 9.25
N SER C 521 18.11 21.03 9.98
CA SER C 521 18.87 20.87 11.21
C SER C 521 20.37 20.77 10.94
N THR C 522 20.75 20.16 9.81
CA THR C 522 22.17 20.01 9.50
C THR C 522 22.84 21.37 9.35
N LEU C 523 22.23 22.25 8.57
CA LEU C 523 22.78 23.60 8.40
C LEU C 523 22.70 24.41 9.69
N GLU C 524 21.64 24.21 10.48
CA GLU C 524 21.54 24.89 11.76
C GLU C 524 22.64 24.46 12.72
N LEU C 525 22.98 23.16 12.70
CA LEU C 525 24.07 22.67 13.54
C LEU C 525 25.41 23.28 13.13
N ALA C 526 25.59 23.59 11.85
CA ALA C 526 26.85 24.11 11.36
C ALA C 526 27.18 25.49 11.92
N THR C 527 26.23 26.14 12.59
CA THR C 527 26.49 27.46 13.16
C THR C 527 27.42 27.39 14.35
N SER C 528 27.47 26.25 15.05
CA SER C 528 28.37 26.06 16.18
C SER C 528 29.29 24.86 16.04
N PHE C 529 29.05 23.98 15.08
CA PHE C 529 29.91 22.83 14.84
C PHE C 529 30.75 23.07 13.59
N GLU C 530 32.06 22.87 13.71
CA GLU C 530 32.97 23.19 12.62
C GLU C 530 32.77 22.29 11.41
N SER C 531 32.26 21.07 11.63
CA SER C 531 32.00 20.14 10.54
C SER C 531 30.74 19.35 10.88
N VAL C 532 29.74 19.43 10.00
CA VAL C 532 28.47 18.74 10.20
C VAL C 532 28.19 17.87 8.97
N THR C 533 27.87 16.60 9.21
CA THR C 533 27.55 15.65 8.15
C THR C 533 26.07 15.29 8.23
N GLY C 534 25.39 15.33 7.09
CA GLY C 534 23.99 14.99 7.00
C GLY C 534 23.80 13.70 6.21
N LEU C 535 23.09 12.76 6.81
CA LEU C 535 22.82 11.47 6.20
C LEU C 535 21.32 11.21 6.17
N ASP C 536 20.88 10.52 5.12
CA ASP C 536 19.47 10.19 4.98
C ASP C 536 19.32 9.05 4.00
N PHE C 537 18.33 8.19 4.26
CA PHE C 537 18.08 7.03 3.40
C PHE C 537 17.63 7.45 2.01
N SER C 538 16.88 8.54 1.90
CA SER C 538 16.29 8.95 0.63
C SER C 538 17.32 9.69 -0.21
N ALA C 539 17.62 9.15 -1.39
CA ALA C 539 18.45 9.88 -2.34
C ALA C 539 17.77 11.16 -2.82
N ARG C 540 16.44 11.14 -2.91
CA ARG C 540 15.71 12.36 -3.29
C ARG C 540 15.90 13.45 -2.25
N PHE C 541 15.84 13.09 -0.96
CA PHE C 541 16.03 14.08 0.10
C PHE C 541 17.44 14.65 0.05
N ILE C 542 18.44 13.78 -0.10
CA ILE C 542 19.84 14.24 -0.09
C ILE C 542 20.10 15.16 -1.27
N GLU C 543 19.46 14.89 -2.41
CA GLU C 543 19.63 15.76 -3.57
C GLU C 543 19.08 17.15 -3.28
N MET C 544 17.90 17.24 -2.65
CA MET C 544 17.34 18.54 -2.31
C MET C 544 18.16 19.24 -1.22
N ALA C 545 18.66 18.48 -0.25
CA ALA C 545 19.49 19.07 0.79
C ALA C 545 20.77 19.64 0.21
N GLU C 546 21.41 18.91 -0.70
CA GLU C 546 22.62 19.41 -1.34
C GLU C 546 22.30 20.59 -2.26
N ARG C 547 21.17 20.53 -2.96
CA ARG C 547 20.75 21.64 -3.80
C ARG C 547 20.59 22.92 -2.98
N MET C 548 19.99 22.82 -1.79
CA MET C 548 19.86 23.98 -0.93
C MET C 548 21.23 24.49 -0.46
N ARG C 549 22.19 23.58 -0.26
CA ARG C 549 23.50 23.99 0.22
C ARG C 549 24.30 24.69 -0.87
N LYS C 550 24.36 24.08 -2.07
CA LYS C 550 25.09 24.69 -3.18
C LYS C 550 24.39 25.94 -3.68
N ASP C 551 23.14 25.79 -4.12
CA ASP C 551 22.44 26.87 -4.82
C ASP C 551 21.90 27.94 -3.88
N GLY C 552 21.72 27.64 -2.60
CA GLY C 552 21.17 28.61 -1.69
C GLY C 552 19.67 28.79 -1.75
N SER C 553 18.97 28.05 -2.60
CA SER C 553 17.53 28.15 -2.69
C SER C 553 16.96 26.89 -3.32
N ILE C 554 15.76 26.51 -2.86
CA ILE C 554 15.01 25.38 -3.40
C ILE C 554 13.58 25.83 -3.65
N ARG C 555 12.91 25.15 -4.57
CA ARG C 555 11.54 25.46 -4.93
C ARG C 555 10.71 24.19 -5.03
N TYR C 556 9.50 24.26 -4.47
CA TYR C 556 8.62 23.10 -4.34
C TYR C 556 7.19 23.62 -4.28
N THR C 557 6.25 22.72 -4.55
CA THR C 557 4.83 23.03 -4.45
C THR C 557 4.20 22.18 -3.36
N ILE C 558 3.32 22.79 -2.55
CA ILE C 558 2.59 22.10 -1.50
C ILE C 558 1.12 22.10 -1.85
N THR C 559 0.44 21.02 -1.49
CA THR C 559 -0.96 20.85 -1.86
C THR C 559 -1.86 21.74 -1.00
N THR C 560 -2.81 22.41 -1.67
CA THR C 560 -3.90 23.11 -1.00
C THR C 560 -5.18 22.28 -1.00
N GLU C 561 -5.73 22.01 -2.18
CA GLU C 561 -6.87 21.11 -2.35
C GLU C 561 -6.67 20.29 -3.61
N GLY C 562 -6.77 18.97 -3.49
CA GLY C 562 -6.67 18.10 -4.64
C GLY C 562 -5.35 18.30 -5.40
N GLU C 563 -5.46 18.68 -6.67
CA GLU C 563 -4.30 18.92 -7.52
C GLU C 563 -3.80 20.36 -7.46
N LEU C 564 -4.58 21.27 -6.88
CA LEU C 564 -4.12 22.65 -6.73
C LEU C 564 -2.95 22.69 -5.75
N VAL C 565 -2.03 23.62 -5.99
CA VAL C 565 -0.79 23.71 -5.24
C VAL C 565 -0.54 25.15 -4.83
N GLU C 566 0.50 25.33 -4.01
CA GLU C 566 1.02 26.62 -3.62
C GLU C 566 2.50 26.64 -3.93
N TYR C 567 2.95 27.64 -4.67
CA TYR C 567 4.34 27.72 -5.11
C TYR C 567 5.18 28.36 -4.02
N LYS C 568 6.11 27.59 -3.46
CA LYS C 568 6.95 28.04 -2.36
C LYS C 568 8.41 28.12 -2.81
N GLU C 569 9.12 29.09 -2.27
CA GLU C 569 10.55 29.26 -2.52
C GLU C 569 11.26 29.41 -1.18
N ALA C 570 12.17 28.50 -0.90
CA ALA C 570 12.96 28.54 0.33
C ALA C 570 14.36 29.01 -0.02
N THR C 571 14.70 30.21 0.45
CA THR C 571 16.03 30.76 0.25
C THR C 571 16.83 30.62 1.52
N LEU C 572 18.09 30.25 1.38
CA LEU C 572 18.95 30.06 2.53
C LEU C 572 19.15 31.39 3.25
N PRO C 573 18.91 31.45 4.56
CA PRO C 573 19.14 32.70 5.30
C PRO C 573 20.61 33.08 5.31
N LYS C 574 20.87 34.35 5.64
CA LYS C 574 22.23 34.86 5.57
C LYS C 574 23.15 34.15 6.55
N ARG C 575 22.64 33.85 7.75
CA ARG C 575 23.50 33.24 8.77
C ARG C 575 23.81 31.78 8.49
N LEU C 576 22.97 31.11 7.69
CA LEU C 576 23.27 29.74 7.28
C LEU C 576 24.10 29.66 6.00
N ALA C 577 24.06 30.69 5.15
CA ALA C 577 24.89 30.69 3.95
C ALA C 577 26.38 30.74 4.30
N LYS C 578 26.72 31.32 5.45
CA LYS C 578 28.12 31.40 5.85
C LYS C 578 28.68 30.03 6.20
N VAL C 579 27.86 29.16 6.79
CA VAL C 579 28.33 27.88 7.28
C VAL C 579 28.08 26.76 6.27
N VAL C 580 27.82 27.12 5.01
CA VAL C 580 27.54 26.11 3.98
C VAL C 580 28.76 25.25 3.73
N ASP C 581 29.96 25.82 3.81
CA ASP C 581 31.18 25.09 3.50
C ASP C 581 31.55 24.06 4.56
N ARG C 582 30.82 24.00 5.67
CA ARG C 582 31.10 23.05 6.74
C ARG C 582 30.22 21.81 6.67
N VAL C 583 29.36 21.71 5.66
CA VAL C 583 28.30 20.70 5.63
C VAL C 583 28.54 19.74 4.47
N GLU C 584 28.32 18.45 4.73
CA GLU C 584 28.29 17.41 3.71
C GLU C 584 26.97 16.68 3.77
N PHE C 585 26.43 16.32 2.61
CA PHE C 585 25.17 15.57 2.51
C PHE C 585 25.41 14.30 1.72
N TRP C 586 25.09 13.15 2.32
CA TRP C 586 25.29 11.85 1.69
C TRP C 586 24.10 10.95 1.97
N GLN C 587 23.80 10.08 1.00
CA GLN C 587 22.81 9.03 1.20
C GLN C 587 23.43 7.89 2.01
N ALA C 588 22.68 7.40 2.99
CA ALA C 588 23.21 6.37 3.88
C ALA C 588 22.06 5.66 4.59
N ASP C 589 22.28 4.38 4.88
CA ASP C 589 21.37 3.58 5.71
C ASP C 589 21.92 3.59 7.14
N ALA C 590 21.13 4.14 8.06
CA ALA C 590 21.61 4.33 9.43
C ALA C 590 21.94 3.00 10.11
N CYS C 591 21.29 1.92 9.70
CA CYS C 591 21.55 0.62 10.32
C CYS C 591 22.84 -0.01 9.85
N ASN C 592 23.37 0.41 8.69
CA ASN C 592 24.62 -0.12 8.12
C ASN C 592 25.44 1.05 7.59
N LEU C 593 25.95 1.87 8.52
CA LEU C 593 26.73 3.03 8.14
C LEU C 593 28.15 2.64 7.74
N LYS C 594 28.69 3.37 6.77
CA LYS C 594 30.08 3.17 6.39
C LYS C 594 31.00 3.57 7.55
N PRO C 595 32.13 2.86 7.72
CA PRO C 595 33.00 3.15 8.86
C PRO C 595 33.66 4.52 8.80
N ILE C 596 33.64 5.19 7.65
CA ILE C 596 34.30 6.50 7.54
C ILE C 596 33.59 7.55 8.38
N PHE C 597 32.28 7.38 8.60
CA PHE C 597 31.51 8.30 9.44
C PHE C 597 31.74 7.95 10.90
N THR C 598 32.69 8.63 11.54
CA THR C 598 33.02 8.32 12.94
C THR C 598 33.64 9.56 13.58
N GLY C 599 33.97 9.44 14.86
CA GLY C 599 34.64 10.51 15.59
C GLY C 599 33.81 11.76 15.83
N TYR C 600 32.53 11.62 16.16
CA TYR C 600 31.63 12.74 16.32
C TYR C 600 31.53 13.17 17.78
N ASP C 601 31.45 14.49 17.99
CA ASP C 601 31.15 15.04 19.31
C ASP C 601 29.65 15.13 19.56
N LEU C 602 28.84 15.11 18.50
CA LEU C 602 27.39 15.06 18.62
C LEU C 602 26.84 14.25 17.46
N VAL C 603 25.92 13.34 17.76
CA VAL C 603 25.14 12.64 16.75
C VAL C 603 23.68 12.90 17.04
N PHE C 604 23.00 13.56 16.11
CA PHE C 604 21.58 13.87 16.26
C PHE C 604 20.79 13.04 15.26
N ALA C 605 19.72 12.39 15.75
CA ALA C 605 18.83 11.58 14.92
C ALA C 605 17.39 12.02 15.23
N GLY C 606 16.80 12.76 14.32
CA GLY C 606 15.46 13.27 14.51
C GLY C 606 14.41 12.41 13.81
N ASN C 607 13.44 11.94 14.59
CA ASN C 607 12.29 11.21 14.06
C ASN C 607 12.71 10.04 13.19
N LEU C 608 13.65 9.25 13.70
CA LEU C 608 14.27 8.19 12.91
C LEU C 608 14.10 6.80 13.49
N ILE C 609 14.32 6.64 14.81
CA ILE C 609 14.49 5.30 15.38
C ILE C 609 13.24 4.45 15.17
N ASP C 610 12.06 5.06 15.17
CA ASP C 610 10.83 4.32 14.92
C ASP C 610 10.50 4.24 13.43
N ARG C 611 11.49 4.51 12.57
CA ARG C 611 11.37 4.31 11.13
C ARG C 611 12.46 3.38 10.61
N LEU C 612 13.26 2.78 11.48
CA LEU C 612 14.36 1.93 11.10
C LEU C 612 13.97 0.47 11.23
N TYR C 613 14.54 -0.37 10.36
CA TYR C 613 14.23 -1.80 10.40
C TYR C 613 14.79 -2.44 11.67
N ASP C 614 15.97 -2.00 12.12
CA ASP C 614 16.64 -2.60 13.27
C ASP C 614 17.23 -1.48 14.12
N PRO C 615 16.41 -0.78 14.89
CA PRO C 615 16.93 0.35 15.68
C PRO C 615 17.97 -0.05 16.72
N ALA C 616 17.87 -1.25 17.29
CA ALA C 616 18.87 -1.69 18.26
C ALA C 616 20.25 -1.77 17.61
N LYS C 617 20.33 -2.28 16.38
CA LYS C 617 21.60 -2.35 15.68
C LYS C 617 22.17 -0.96 15.43
N PHE C 618 21.30 0.01 15.11
CA PHE C 618 21.76 1.37 14.88
C PHE C 618 22.32 1.99 16.15
N LEU C 619 21.66 1.76 17.29
CA LEU C 619 22.17 2.30 18.55
C LEU C 619 23.49 1.64 18.97
N ASN C 620 23.71 0.39 18.54
CA ASN C 620 24.97 -0.26 18.85
C ASN C 620 26.08 0.19 17.92
N ASP C 621 25.74 0.46 16.65
CA ASP C 621 26.75 0.91 15.70
C ASP C 621 27.15 2.36 15.97
N ILE C 622 26.17 3.21 16.29
CA ILE C 622 26.46 4.64 16.44
C ILE C 622 27.24 4.93 17.70
N GLY C 623 27.22 4.04 18.69
CA GLY C 623 27.99 4.27 19.90
C GLY C 623 29.48 4.19 19.66
N LYS C 624 29.91 3.29 18.78
CA LYS C 624 31.31 3.15 18.42
C LYS C 624 31.86 4.40 17.73
N ARG C 625 30.99 5.30 17.26
CA ARG C 625 31.40 6.42 16.42
C ARG C 625 31.22 7.76 17.11
N ILE C 626 31.01 7.77 18.42
CA ILE C 626 30.94 9.00 19.21
C ILE C 626 32.18 9.08 20.09
N ASN C 627 32.78 10.26 20.15
CA ASN C 627 33.95 10.46 20.99
C ASN C 627 33.57 10.36 22.47
N SER C 628 34.57 10.17 23.31
CA SER C 628 34.35 10.13 24.74
C SER C 628 33.76 11.46 25.21
N GLY C 629 32.69 11.38 26.00
CA GLY C 629 31.99 12.56 26.44
C GLY C 629 31.11 13.22 25.40
N GLY C 630 31.00 12.63 24.21
CA GLY C 630 30.13 13.17 23.19
C GLY C 630 28.66 12.96 23.51
N MET C 631 27.82 13.62 22.74
CA MET C 631 26.38 13.63 22.98
C MET C 631 25.67 12.86 21.88
N LEU C 632 24.77 11.97 22.28
CA LEU C 632 23.83 11.31 21.37
C LEU C 632 22.45 11.82 21.72
N ILE C 633 21.78 12.41 20.73
CA ILE C 633 20.46 13.00 20.94
C ILE C 633 19.48 12.35 19.98
N LEU C 634 18.36 11.88 20.52
CA LEU C 634 17.34 11.18 19.77
C LEU C 634 16.01 11.85 20.00
N THR C 635 15.23 12.01 18.93
CA THR C 635 13.85 12.45 19.04
C THR C 635 12.97 11.45 18.30
N SER C 636 11.81 11.13 18.90
CA SER C 636 10.91 10.20 18.25
C SER C 636 9.51 10.32 18.84
N PRO C 637 8.46 10.21 18.04
CA PRO C 637 7.11 10.07 18.61
C PRO C 637 6.78 8.66 19.05
N TYR C 638 7.66 7.69 18.79
CA TYR C 638 7.46 6.28 19.17
C TYR C 638 6.25 5.69 18.47
N THR C 639 6.12 5.96 17.17
CA THR C 639 5.07 5.37 16.35
C THR C 639 5.59 4.05 15.79
N TRP C 640 5.62 3.04 16.67
CA TRP C 640 6.13 1.73 16.30
C TRP C 640 5.10 1.00 15.44
N LEU C 641 5.55 0.51 14.28
CA LEU C 641 4.69 -0.12 13.29
C LEU C 641 5.47 -1.19 12.57
N GLU C 642 4.79 -2.29 12.25
CA GLU C 642 5.41 -3.36 11.48
C GLU C 642 5.68 -2.93 10.03
N GLU C 643 5.13 -1.81 9.59
CA GLU C 643 5.49 -1.26 8.29
C GLU C 643 6.97 -0.91 8.22
N PHE C 644 7.58 -0.56 9.35
CA PHE C 644 8.98 -0.17 9.39
C PHE C 644 9.85 -1.11 10.19
N THR C 645 9.37 -1.57 11.35
CA THR C 645 10.17 -2.36 12.26
C THR C 645 9.43 -3.66 12.58
N PRO C 646 10.10 -4.81 12.52
CA PRO C 646 9.49 -6.03 13.07
C PRO C 646 9.25 -5.85 14.55
N LYS C 647 8.18 -6.48 15.04
CA LYS C 647 7.82 -6.33 16.45
C LYS C 647 8.94 -6.78 17.37
N GLN C 648 9.70 -7.80 16.96
CA GLN C 648 10.82 -8.28 17.77
C GLN C 648 11.88 -7.20 17.97
N LYS C 649 11.99 -6.27 17.04
CA LYS C 649 13.03 -5.24 17.10
C LYS C 649 12.51 -3.90 17.58
N TRP C 650 11.32 -3.85 18.17
CA TRP C 650 10.83 -2.63 18.79
C TRP C 650 11.63 -2.34 20.06
N LEU C 651 11.87 -1.06 20.32
CA LEU C 651 12.51 -0.67 21.57
C LEU C 651 11.50 -0.45 22.70
N GLY C 652 10.24 -0.26 22.36
CA GLY C 652 9.19 -0.12 23.34
C GLY C 652 7.85 -0.44 22.74
N GLY C 653 6.80 -0.19 23.52
CA GLY C 653 5.46 -0.45 23.05
C GLY C 653 5.07 -1.91 23.04
N PHE C 654 5.64 -2.70 23.95
CA PHE C 654 5.33 -4.11 24.06
C PHE C 654 5.47 -4.51 25.52
N LYS C 655 4.86 -5.65 25.86
CA LYS C 655 4.95 -6.22 27.19
C LYS C 655 5.95 -7.36 27.20
N GLN C 656 6.78 -7.41 28.25
CA GLN C 656 7.76 -8.47 28.43
C GLN C 656 7.82 -8.81 29.91
N ASP C 657 7.86 -10.11 30.21
CA ASP C 657 7.82 -10.58 31.60
C ASP C 657 6.58 -10.05 32.33
N GLY C 658 5.52 -9.81 31.58
CA GLY C 658 4.27 -9.32 32.13
C GLY C 658 4.27 -7.85 32.50
N GLU C 659 5.34 -7.11 32.23
CA GLU C 659 5.35 -5.69 32.53
C GLU C 659 5.52 -4.90 31.24
N PRO C 660 4.86 -3.74 31.14
CA PRO C 660 5.02 -2.91 29.94
C PRO C 660 6.44 -2.35 29.84
N VAL C 661 6.96 -2.30 28.63
CA VAL C 661 8.25 -1.68 28.33
C VAL C 661 7.94 -0.41 27.54
N LYS C 662 7.99 0.73 28.22
CA LYS C 662 7.88 2.00 27.52
C LYS C 662 9.16 2.27 26.72
N SER C 663 9.04 3.12 25.69
CA SER C 663 10.12 3.27 24.74
C SER C 663 11.36 3.90 25.37
N ILE C 664 11.17 4.90 26.24
CA ILE C 664 12.33 5.53 26.88
C ILE C 664 13.04 4.55 27.79
N ASP C 665 12.29 3.61 28.41
CA ASP C 665 12.91 2.60 29.24
C ASP C 665 13.66 1.57 28.41
N GLY C 666 13.20 1.30 27.18
CA GLY C 666 13.95 0.43 26.30
C GLY C 666 15.22 1.08 25.77
N LEU C 667 15.19 2.42 25.62
CA LEU C 667 16.40 3.13 25.21
C LEU C 667 17.46 3.06 26.30
N LYS C 668 17.07 3.25 27.56
CA LYS C 668 18.02 3.12 28.65
C LYS C 668 18.59 1.71 28.72
N SER C 669 17.77 0.70 28.43
CA SER C 669 18.24 -0.67 28.49
C SER C 669 19.27 -0.95 27.39
N HIS C 670 19.03 -0.44 26.19
CA HIS C 670 19.99 -0.66 25.10
C HIS C 670 21.22 0.23 25.22
N LEU C 671 21.07 1.44 25.77
CA LEU C 671 22.17 2.36 25.95
C LEU C 671 22.74 2.34 27.37
N LYS C 672 22.56 1.23 28.09
CA LYS C 672 23.02 1.17 29.48
C LYS C 672 24.53 1.07 29.56
N ASP C 673 25.13 0.23 28.71
CA ASP C 673 26.57 -0.03 28.81
C ASP C 673 27.43 1.16 28.44
N SER C 674 26.91 2.10 27.64
CA SER C 674 27.76 3.11 27.04
C SER C 674 27.25 4.54 27.16
N PHE C 675 26.03 4.77 27.64
CA PHE C 675 25.50 6.13 27.68
C PHE C 675 24.76 6.39 28.98
N LYS C 676 24.58 7.68 29.26
CA LYS C 676 23.90 8.17 30.45
C LYS C 676 22.82 9.16 30.03
N LEU C 677 21.61 8.98 30.55
CA LEU C 677 20.50 9.85 30.19
C LEU C 677 20.59 11.16 30.96
N ILE C 678 20.65 12.28 30.24
CA ILE C 678 20.76 13.60 30.85
C ILE C 678 19.38 14.19 31.15
N GLU C 679 18.51 14.24 30.14
CA GLU C 679 17.18 14.80 30.30
C GLU C 679 16.30 14.33 29.15
N THR C 680 15.00 14.55 29.29
CA THR C 680 14.03 14.30 28.24
C THR C 680 13.12 15.51 28.08
N ARG C 681 12.73 15.77 26.84
CA ARG C 681 11.86 16.92 26.55
C ARG C 681 10.79 16.51 25.55
N ASP C 682 9.61 17.11 25.71
CA ASP C 682 8.55 17.00 24.73
C ASP C 682 8.68 18.15 23.74
N ILE C 683 8.66 17.83 22.46
CA ILE C 683 8.76 18.82 21.40
C ILE C 683 7.66 18.54 20.38
N GLU C 684 6.79 19.53 20.16
CA GLU C 684 5.70 19.37 19.21
C GLU C 684 6.18 19.72 17.81
N PHE C 685 5.60 19.05 16.82
CA PHE C 685 5.90 19.36 15.42
C PHE C 685 4.67 19.08 14.58
N VAL C 686 4.56 19.83 13.48
CA VAL C 686 3.44 19.75 12.56
C VAL C 686 3.96 19.44 11.16
N ILE C 687 3.34 18.46 10.50
CA ILE C 687 3.67 18.12 9.12
C ILE C 687 2.41 18.36 8.28
N ARG C 688 2.53 19.25 7.29
CA ARG C 688 1.39 19.63 6.47
C ARG C 688 1.16 18.63 5.34
N GLU C 689 -0.08 18.16 5.22
CA GLU C 689 -0.48 17.31 4.09
C GLU C 689 -1.26 18.11 3.05
N THR C 690 -2.28 18.84 3.48
CA THR C 690 -3.00 19.76 2.60
C THR C 690 -3.15 21.10 3.29
N ALA C 691 -3.92 22.01 2.70
CA ALA C 691 -4.16 23.30 3.34
C ALA C 691 -4.99 23.15 4.60
N ARG C 692 -5.65 22.02 4.78
CA ARG C 692 -6.55 21.82 5.91
C ARG C 692 -6.23 20.58 6.73
N LYS C 693 -5.29 19.73 6.30
CA LYS C 693 -4.99 18.48 6.98
C LYS C 693 -3.53 18.45 7.39
N PHE C 694 -3.30 18.21 8.68
CA PHE C 694 -1.95 18.19 9.24
C PHE C 694 -1.79 17.00 10.17
N GLN C 695 -0.54 16.58 10.35
CA GLN C 695 -0.16 15.71 11.44
C GLN C 695 0.42 16.58 12.54
N HIS C 696 -0.12 16.47 13.75
CA HIS C 696 0.35 17.24 14.90
C HIS C 696 0.78 16.22 15.95
N SER C 697 2.08 16.20 16.26
CA SER C 697 2.63 15.15 17.12
C SER C 697 3.51 15.75 18.20
N VAL C 698 3.77 14.94 19.22
CA VAL C 698 4.59 15.32 20.37
C VAL C 698 5.74 14.34 20.42
N ALA C 699 6.91 14.76 19.95
CA ALA C 699 8.10 13.90 20.02
C ALA C 699 8.73 14.02 21.39
N GLN C 700 9.40 12.94 21.80
CA GLN C 700 10.24 12.98 22.99
C GLN C 700 11.69 13.04 22.56
N MET C 701 12.39 14.08 23.01
CA MET C 701 13.83 14.19 22.79
C MET C 701 14.55 13.62 23.99
N SER C 702 15.40 12.62 23.76
CA SER C 702 16.23 12.02 24.79
C SER C 702 17.68 12.43 24.53
N ILE C 703 18.32 12.99 25.56
CA ILE C 703 19.69 13.49 25.45
C ILE C 703 20.59 12.57 26.24
N TRP C 704 21.56 11.97 25.55
CA TRP C 704 22.46 11.00 26.14
C TRP C 704 23.91 11.48 26.05
N GLU C 705 24.69 11.12 27.06
CA GLU C 705 26.11 11.46 27.13
C GLU C 705 26.91 10.18 27.29
N LYS C 706 27.97 10.04 26.48
CA LYS C 706 28.76 8.81 26.47
C LYS C 706 29.69 8.74 27.68
N ILE C 707 29.89 7.53 28.19
CA ILE C 707 30.77 7.33 29.34
C ILE C 707 32.20 7.72 28.97
N LEU C 708 32.90 8.34 29.91
CA LEU C 708 34.24 8.86 29.64
C LEU C 708 35.25 7.75 29.39
N GLU C 709 35.08 6.59 30.01
CA GLU C 709 36.03 5.50 29.85
C GLU C 709 35.53 4.46 28.87
N LYS D 10 52.07 -40.46 11.21
CA LYS D 10 52.65 -39.16 10.90
C LYS D 10 52.27 -38.70 9.49
N ILE D 11 52.45 -37.40 9.24
CA ILE D 11 52.13 -36.71 7.99
C ILE D 11 50.82 -37.19 7.36
N LEU D 12 49.87 -37.62 8.20
CA LEU D 12 48.55 -37.99 7.73
C LEU D 12 47.65 -36.79 7.50
N LEU D 13 48.07 -35.60 7.95
CA LEU D 13 47.31 -34.38 7.74
C LEU D 13 47.46 -33.82 6.33
N ARG D 14 48.29 -34.45 5.50
CA ARG D 14 48.40 -34.04 4.10
C ARG D 14 47.05 -34.21 3.41
N PRO D 15 46.68 -33.33 2.49
CA PRO D 15 45.42 -33.50 1.76
C PRO D 15 45.40 -34.79 0.98
N LEU D 16 44.30 -35.53 1.10
CA LEU D 16 44.21 -36.86 0.52
C LEU D 16 43.96 -36.81 -0.98
N LEU D 17 44.76 -37.55 -1.73
CA LEU D 17 44.51 -37.74 -3.15
C LEU D 17 43.32 -38.67 -3.31
N LEU D 18 42.23 -38.16 -3.91
CA LEU D 18 40.97 -38.88 -3.93
C LEU D 18 40.81 -39.85 -5.09
N LYS D 19 41.65 -39.75 -6.11
CA LYS D 19 41.60 -40.70 -7.23
C LYS D 19 42.51 -41.90 -6.98
N GLN D 20 42.34 -42.53 -5.82
CA GLN D 20 43.10 -43.73 -5.49
C GLN D 20 42.67 -44.88 -6.39
N LYS D 21 43.64 -45.73 -6.76
CA LYS D 21 43.36 -46.84 -7.66
C LYS D 21 42.45 -47.89 -7.02
N ASN D 22 42.36 -47.93 -5.70
CA ASN D 22 41.56 -48.90 -4.99
C ASN D 22 40.51 -48.19 -4.14
N PRO D 23 39.22 -48.54 -4.28
CA PRO D 23 38.21 -47.90 -3.43
C PRO D 23 38.39 -48.19 -1.95
N GLU D 24 38.75 -49.43 -1.59
CA GLU D 24 38.94 -49.77 -0.18
C GLU D 24 40.18 -49.11 0.41
N ASN D 25 41.18 -48.82 -0.43
CA ASN D 25 42.34 -48.09 0.05
C ASN D 25 41.97 -46.69 0.52
N LEU D 26 41.04 -46.04 -0.19
CA LEU D 26 40.65 -44.68 0.16
C LEU D 26 39.84 -44.64 1.46
N ARG D 27 39.08 -45.70 1.74
CA ARG D 27 38.26 -45.72 2.95
C ARG D 27 39.13 -45.66 4.20
N GLN D 28 40.18 -46.48 4.25
CA GLN D 28 41.07 -46.46 5.41
C GLN D 28 41.90 -45.19 5.47
N LEU D 29 42.28 -44.65 4.31
CA LEU D 29 43.02 -43.39 4.30
C LEU D 29 42.17 -42.26 4.84
N ILE D 30 40.90 -42.20 4.46
CA ILE D 30 40.00 -41.20 5.02
C ILE D 30 39.72 -41.50 6.49
N LYS D 31 39.54 -42.78 6.82
CA LYS D 31 39.31 -43.16 8.21
C LYS D 31 40.47 -42.74 9.10
N LYS D 32 41.70 -43.04 8.68
CA LYS D 32 42.86 -42.64 9.47
C LYS D 32 43.09 -41.14 9.42
N SER D 33 42.74 -40.49 8.32
CA SER D 33 42.91 -39.04 8.24
C SER D 33 41.91 -38.32 9.16
N PHE D 34 40.70 -38.86 9.30
CA PHE D 34 39.72 -38.25 10.18
C PHE D 34 40.14 -38.35 11.63
N HIS D 35 40.44 -39.57 12.10
CA HIS D 35 40.83 -39.75 13.49
C HIS D 35 42.08 -38.98 13.84
N ARG D 36 43.02 -38.86 12.90
CA ARG D 36 44.23 -38.08 13.16
C ARG D 36 43.92 -36.59 13.22
N THR D 37 43.02 -36.10 12.36
CA THR D 37 42.66 -34.69 12.40
C THR D 37 41.87 -34.36 13.67
N PHE D 38 40.96 -35.26 14.07
CA PHE D 38 40.22 -35.03 15.30
C PHE D 38 41.11 -35.19 16.53
N ASP D 39 42.13 -36.05 16.46
CA ASP D 39 43.08 -36.15 17.56
C ASP D 39 43.96 -34.91 17.65
N THR D 40 44.35 -34.35 16.51
CA THR D 40 45.20 -33.16 16.52
C THR D 40 44.47 -31.96 17.10
N PHE D 41 43.19 -31.79 16.75
CA PHE D 41 42.43 -30.66 17.28
C PHE D 41 42.15 -30.82 18.76
N GLU D 42 41.94 -32.05 19.24
CA GLU D 42 41.78 -32.25 20.67
C GLU D 42 43.11 -32.15 21.41
N SER D 43 44.21 -32.57 20.76
CA SER D 43 45.52 -32.44 21.38
C SER D 43 45.92 -30.99 21.58
N LEU D 44 45.42 -30.09 20.74
CA LEU D 44 45.72 -28.66 20.88
C LEU D 44 45.05 -28.09 22.13
N PHE D 45 43.95 -28.69 22.59
CA PHE D 45 43.26 -28.20 23.78
C PHE D 45 44.05 -28.47 25.05
N SER D 46 44.97 -29.42 25.04
CA SER D 46 45.83 -29.63 26.20
C SER D 46 46.77 -28.45 26.44
N MET D 47 47.01 -27.61 25.43
CA MET D 47 47.88 -26.45 25.56
C MET D 47 47.26 -25.34 26.40
N LEU D 48 45.99 -25.46 26.77
CA LEU D 48 45.37 -24.53 27.70
C LEU D 48 45.63 -24.99 29.14
N ARG D 49 45.56 -24.04 30.06
CA ARG D 49 45.81 -24.31 31.47
C ARG D 49 44.91 -25.44 31.99
N ASN D 50 43.61 -25.18 32.03
CA ASN D 50 42.63 -26.17 32.48
C ASN D 50 41.26 -25.72 31.99
N ASP D 51 40.22 -26.37 32.49
CA ASP D 51 38.85 -26.07 32.05
C ASP D 51 38.41 -24.67 32.47
N GLU D 52 39.00 -24.11 33.53
CA GLU D 52 38.62 -22.76 33.94
C GLU D 52 39.05 -21.71 32.92
N ALA D 53 40.15 -21.97 32.22
CA ALA D 53 40.66 -21.03 31.21
C ALA D 53 40.05 -21.25 29.84
N PHE D 54 39.28 -22.32 29.64
CA PHE D 54 38.60 -22.53 28.38
C PHE D 54 37.64 -21.41 28.03
N TYR D 55 37.14 -20.69 29.04
CA TYR D 55 36.18 -19.62 28.83
C TYR D 55 36.83 -18.25 28.68
N ASN D 56 38.14 -18.21 28.44
CA ASN D 56 38.82 -16.96 28.19
C ASN D 56 38.58 -16.51 26.76
N ARG D 57 38.38 -15.20 26.58
CA ARG D 57 38.20 -14.62 25.27
C ARG D 57 39.47 -13.89 24.85
N PRO D 58 40.38 -14.58 24.14
CA PRO D 58 41.67 -13.93 23.81
C PRO D 58 41.53 -12.82 22.79
N GLU D 59 40.65 -13.00 21.80
CA GLU D 59 40.40 -12.01 20.77
C GLU D 59 38.99 -11.47 20.93
N PRO D 60 38.81 -10.15 21.05
CA PRO D 60 37.45 -9.60 21.19
C PRO D 60 36.57 -9.83 19.99
N LEU D 61 37.13 -10.09 18.81
CA LEU D 61 36.36 -10.33 17.60
C LEU D 61 36.00 -11.80 17.42
N ARG D 62 36.23 -12.64 18.42
CA ARG D 62 35.99 -14.07 18.31
C ARG D 62 35.40 -14.57 19.63
N HIS D 63 35.10 -15.86 19.65
CA HIS D 63 34.51 -16.52 20.82
C HIS D 63 35.59 -17.08 21.72
N PRO D 64 35.24 -17.45 22.96
CA PRO D 64 36.20 -18.16 23.82
C PRO D 64 36.51 -19.55 23.29
N HIS D 65 37.42 -20.26 23.96
CA HIS D 65 37.88 -21.55 23.45
C HIS D 65 36.79 -22.62 23.54
N ILE D 66 35.89 -22.50 24.51
CA ILE D 66 34.86 -23.53 24.70
C ILE D 66 33.99 -23.66 23.46
N PHE D 67 33.77 -22.56 22.74
CA PHE D 67 32.96 -22.61 21.52
C PHE D 67 33.64 -23.47 20.46
N TYR D 68 34.86 -23.10 20.08
CA TYR D 68 35.53 -23.79 18.97
C TYR D 68 35.85 -25.25 19.32
N PHE D 69 36.03 -25.55 20.61
CA PHE D 69 36.30 -26.92 21.00
C PHE D 69 35.16 -27.86 20.61
N GLY D 70 33.93 -27.38 20.65
CA GLY D 70 32.80 -28.18 20.23
C GLY D 70 32.32 -27.84 18.84
N HIS D 71 32.77 -26.69 18.33
CA HIS D 71 32.27 -26.21 17.03
C HIS D 71 32.68 -27.14 15.89
N THR D 72 33.91 -27.66 15.93
CA THR D 72 34.38 -28.53 14.86
C THR D 72 33.67 -29.88 14.86
N ALA D 73 33.12 -30.30 15.99
CA ALA D 73 32.36 -31.55 16.07
C ALA D 73 30.89 -31.32 15.76
N VAL D 74 30.32 -30.22 16.25
CA VAL D 74 28.95 -29.85 15.90
C VAL D 74 28.82 -29.66 14.40
N PHE D 75 29.87 -29.13 13.76
CA PHE D 75 29.85 -28.94 12.31
C PHE D 75 29.58 -30.26 11.59
N PHE D 76 30.18 -31.36 12.06
CA PHE D 76 29.96 -32.66 11.46
C PHE D 76 28.47 -33.02 11.50
N ILE D 77 27.86 -32.94 12.70
CA ILE D 77 26.47 -33.35 12.85
C ILE D 77 25.55 -32.44 12.04
N ASN D 78 25.81 -31.13 12.05
CA ASN D 78 24.89 -30.19 11.40
C ASN D 78 24.92 -30.35 9.88
N LYS D 79 26.09 -30.62 9.30
CA LYS D 79 26.16 -30.82 7.87
C LYS D 79 25.66 -32.21 7.45
N LEU D 80 25.80 -33.21 8.32
CA LEU D 80 25.31 -34.53 7.99
C LEU D 80 23.79 -34.58 8.08
N ILE D 81 23.19 -33.88 9.03
CA ILE D 81 21.73 -33.84 9.13
C ILE D 81 21.15 -33.07 7.95
N LEU D 82 21.79 -31.95 7.58
CA LEU D 82 21.31 -31.17 6.43
C LEU D 82 21.42 -31.98 5.14
N SER D 83 22.55 -32.65 4.94
CA SER D 83 22.72 -33.53 3.79
C SER D 83 21.96 -34.84 3.95
N LYS D 84 21.26 -35.04 5.07
CA LYS D 84 20.40 -36.19 5.30
C LYS D 84 21.16 -37.51 5.21
N ILE D 85 22.47 -37.48 5.48
CA ILE D 85 23.23 -38.71 5.55
C ILE D 85 22.88 -39.50 6.81
N ILE D 86 22.67 -38.79 7.92
CA ILE D 86 22.16 -39.37 9.14
C ILE D 86 20.83 -38.72 9.46
N ASP D 87 20.08 -39.35 10.37
CA ASP D 87 18.72 -38.94 10.68
C ASP D 87 18.54 -38.43 12.10
N THR D 88 19.36 -38.87 13.04
CA THR D 88 19.19 -38.55 14.46
C THR D 88 20.27 -37.59 14.93
N ARG D 89 19.87 -36.61 15.74
CA ARG D 89 20.78 -35.64 16.31
C ARG D 89 21.32 -36.14 17.65
N ILE D 90 22.60 -35.87 17.91
CA ILE D 90 23.21 -36.33 19.15
C ILE D 90 22.74 -35.49 20.33
N ASN D 91 22.88 -34.17 20.24
CA ASN D 91 22.41 -33.28 21.29
C ASN D 91 22.03 -31.95 20.65
N ALA D 92 20.72 -31.69 20.53
CA ALA D 92 20.26 -30.53 19.78
C ALA D 92 20.74 -29.23 20.41
N LYS D 93 20.67 -29.12 21.74
CA LYS D 93 21.10 -27.88 22.39
C LYS D 93 22.60 -27.67 22.24
N MET D 94 23.38 -28.75 22.23
CA MET D 94 24.81 -28.63 21.94
C MET D 94 25.05 -28.14 20.53
N GLU D 95 24.30 -28.67 19.57
CA GLU D 95 24.50 -28.34 18.16
C GLU D 95 24.03 -26.95 17.78
N SER D 96 23.32 -26.25 18.67
CA SER D 96 22.88 -24.89 18.39
C SER D 96 23.79 -23.83 18.99
N ILE D 97 24.51 -24.16 20.06
CA ILE D 97 25.38 -23.17 20.69
C ILE D 97 26.73 -23.10 19.99
N PHE D 98 27.28 -24.25 19.59
CA PHE D 98 28.54 -24.29 18.85
C PHE D 98 28.34 -24.17 17.34
N ALA D 99 27.12 -23.87 16.89
CA ALA D 99 26.78 -23.99 15.47
C ALA D 99 27.61 -23.04 14.61
N ILE D 100 27.44 -21.74 14.81
CA ILE D 100 28.04 -20.74 13.93
C ILE D 100 28.94 -19.82 14.73
N GLY D 101 30.12 -19.54 14.16
CA GLY D 101 31.05 -18.60 14.74
C GLY D 101 30.65 -17.17 14.45
N VAL D 102 31.65 -16.32 14.26
CA VAL D 102 31.41 -14.90 14.01
C VAL D 102 32.43 -14.38 13.00
N ASP D 103 31.94 -13.71 11.97
CA ASP D 103 32.75 -12.82 11.17
C ASP D 103 32.03 -11.46 11.19
N GLU D 104 32.07 -10.73 10.08
CA GLU D 104 31.39 -9.43 9.96
C GLU D 104 31.68 -8.56 11.18
N MET D 105 32.97 -8.44 11.50
CA MET D 105 33.43 -7.88 12.77
C MET D 105 34.39 -6.71 12.50
N SER D 106 33.83 -5.56 12.15
CA SER D 106 34.63 -4.35 12.03
C SER D 106 35.39 -4.12 13.33
N TRP D 107 36.64 -3.65 13.19
CA TRP D 107 37.62 -3.73 14.27
C TRP D 107 37.12 -3.15 15.61
N ASP D 108 36.09 -2.30 15.59
CA ASP D 108 35.55 -1.73 16.81
C ASP D 108 34.36 -2.51 17.35
N ASP D 109 33.93 -3.56 16.69
CA ASP D 109 32.80 -4.37 17.17
C ASP D 109 33.18 -5.14 18.42
N ASP D 113 26.26 -12.78 24.59
CA ASP D 113 27.12 -12.33 25.68
C ASP D 113 26.73 -13.00 26.99
N HIS D 114 27.74 -13.33 27.80
CA HIS D 114 27.55 -14.01 29.09
C HIS D 114 26.76 -15.31 28.92
N TYR D 115 26.92 -15.96 27.76
CA TYR D 115 26.13 -17.14 27.45
C TYR D 115 26.52 -18.30 28.38
N GLU D 116 25.57 -19.23 28.54
CA GLU D 116 25.76 -20.39 29.41
C GLU D 116 26.40 -21.51 28.61
N TRP D 117 27.72 -21.45 28.49
CA TRP D 117 28.45 -22.50 27.81
C TRP D 117 28.47 -23.75 28.69
N PRO D 118 28.26 -24.94 28.11
CA PRO D 118 28.41 -26.18 28.89
C PRO D 118 29.85 -26.34 29.39
N SER D 119 30.00 -27.18 30.41
CA SER D 119 31.32 -27.45 30.95
C SER D 119 32.20 -28.12 29.90
N VAL D 120 33.51 -28.01 30.09
CA VAL D 120 34.46 -28.62 29.17
C VAL D 120 34.29 -30.13 29.16
N GLU D 121 34.10 -30.72 30.35
CA GLU D 121 33.85 -32.16 30.42
C GLU D 121 32.50 -32.51 29.81
N GLU D 122 31.49 -31.64 30.01
CA GLU D 122 30.20 -31.85 29.37
C GLU D 122 30.30 -31.77 27.84
N THR D 123 31.37 -31.18 27.32
CA THR D 123 31.59 -31.07 25.89
C THR D 123 32.52 -32.14 25.33
N ARG D 124 33.47 -32.63 26.14
CA ARG D 124 34.38 -33.68 25.67
C ARG D 124 33.62 -34.94 25.27
N LEU D 125 32.65 -35.35 26.10
CA LEU D 125 31.91 -36.58 25.82
C LEU D 125 31.03 -36.43 24.57
N TYR D 126 30.61 -35.20 24.26
CA TYR D 126 29.89 -34.99 23.00
C TYR D 126 30.80 -35.23 21.80
N ARG D 127 32.06 -34.79 21.89
CA ARG D 127 33.00 -35.02 20.80
C ARG D 127 33.25 -36.51 20.59
N ASN D 128 33.36 -37.27 21.68
CA ASN D 128 33.59 -38.72 21.57
C ASN D 128 32.44 -39.41 20.85
N ARG D 129 31.20 -39.03 21.17
CA ARG D 129 30.06 -39.64 20.50
C ARG D 129 30.00 -39.23 19.03
N VAL D 130 30.44 -38.02 18.70
CA VAL D 130 30.53 -37.63 17.30
C VAL D 130 31.61 -38.43 16.60
N ARG D 131 32.69 -38.78 17.30
CA ARG D 131 33.78 -39.51 16.67
C ARG D 131 33.37 -40.93 16.27
N GLU D 132 32.56 -41.59 17.11
CA GLU D 132 32.19 -42.97 16.83
C GLU D 132 31.06 -43.10 15.82
N VAL D 133 30.22 -42.08 15.68
CA VAL D 133 29.16 -42.16 14.68
C VAL D 133 29.69 -41.82 13.29
N VAL D 134 30.72 -40.97 13.20
CA VAL D 134 31.38 -40.75 11.93
C VAL D 134 32.27 -41.94 11.58
N ASP D 135 32.89 -42.55 12.60
CA ASP D 135 33.63 -43.79 12.40
C ASP D 135 32.71 -44.88 11.86
N ASN D 136 31.52 -45.01 12.45
CA ASN D 136 30.56 -45.98 11.95
C ASN D 136 30.09 -45.65 10.54
N LEU D 137 30.06 -44.35 10.20
CA LEU D 137 29.71 -43.95 8.85
C LEU D 137 30.78 -44.36 7.85
N ILE D 138 32.05 -44.11 8.18
CA ILE D 138 33.15 -44.51 7.30
C ILE D 138 33.15 -46.02 7.08
N ASN D 139 32.75 -46.78 8.09
CA ASN D 139 32.74 -48.25 7.96
C ASN D 139 31.59 -48.71 7.06
N THR D 140 30.40 -48.14 7.25
CA THR D 140 29.20 -48.67 6.61
C THR D 140 28.89 -48.01 5.27
N LEU D 141 29.30 -46.76 5.06
CA LEU D 141 28.91 -46.06 3.85
C LEU D 141 29.58 -46.69 2.62
N PRO D 142 28.85 -46.82 1.51
CA PRO D 142 29.46 -47.31 0.27
C PRO D 142 30.33 -46.23 -0.36
N LEU D 143 31.55 -46.61 -0.72
CA LEU D 143 32.50 -45.69 -1.35
C LEU D 143 32.51 -45.97 -2.86
N GLU D 144 32.02 -45.02 -3.64
CA GLU D 144 31.92 -45.14 -5.09
C GLU D 144 32.89 -44.16 -5.75
N LEU D 145 33.70 -44.68 -6.67
CA LEU D 145 34.69 -43.85 -7.33
C LEU D 145 34.24 -43.46 -8.73
N PRO D 146 34.52 -42.21 -9.16
CA PRO D 146 35.23 -41.19 -8.36
C PRO D 146 34.32 -40.48 -7.37
N ILE D 147 34.92 -39.74 -6.44
CA ILE D 147 34.17 -38.97 -5.46
C ILE D 147 33.76 -37.64 -6.09
N THR D 148 32.49 -37.31 -5.98
CA THR D 148 31.93 -36.08 -6.52
C THR D 148 31.35 -35.24 -5.40
N TRP D 149 30.81 -34.07 -5.77
CA TRP D 149 30.20 -33.19 -4.77
C TRP D 149 28.99 -33.84 -4.12
N ASP D 150 28.24 -34.65 -4.87
CA ASP D 150 27.04 -35.29 -4.35
C ASP D 150 27.35 -36.48 -3.46
N SER D 151 28.57 -37.03 -3.55
CA SER D 151 28.90 -38.21 -2.77
C SER D 151 28.83 -37.89 -1.27
N PRO D 152 28.34 -38.83 -0.45
CA PRO D 152 28.30 -38.58 0.99
C PRO D 152 29.68 -38.40 1.60
N TRP D 153 30.73 -38.86 0.93
CA TRP D 153 32.09 -38.70 1.43
C TRP D 153 32.57 -37.26 1.29
N TRP D 154 31.97 -36.48 0.40
CA TRP D 154 32.34 -35.07 0.28
C TRP D 154 31.96 -34.29 1.53
N ILE D 155 30.90 -34.72 2.23
CA ILE D 155 30.49 -34.03 3.45
C ILE D 155 31.41 -34.41 4.62
N ILE D 156 31.93 -35.63 4.63
CA ILE D 156 32.86 -36.01 5.68
C ILE D 156 34.21 -35.34 5.47
N LEU D 157 34.68 -35.28 4.22
CA LEU D 157 35.88 -34.51 3.93
C LEU D 157 35.70 -33.04 4.25
N MET D 158 34.51 -32.50 3.99
CA MET D 158 34.23 -31.11 4.33
C MET D 158 34.37 -30.86 5.82
N GLY D 159 33.89 -31.79 6.64
CA GLY D 159 34.05 -31.65 8.08
C GLY D 159 35.49 -31.75 8.53
N ILE D 160 36.29 -32.57 7.84
CA ILE D 160 37.70 -32.72 8.20
C ILE D 160 38.47 -31.46 7.84
N GLU D 161 38.33 -30.99 6.60
CA GLU D 161 39.05 -29.80 6.17
C GLU D 161 38.57 -28.56 6.91
N HIS D 162 37.31 -28.52 7.34
CA HIS D 162 36.84 -27.42 8.18
C HIS D 162 37.51 -27.47 9.55
N GLU D 163 37.71 -28.67 10.10
CA GLU D 163 38.38 -28.79 11.39
C GLU D 163 39.83 -28.36 11.29
N ARG D 164 40.49 -28.67 10.17
CA ARG D 164 41.88 -28.25 9.98
C ARG D 164 42.01 -26.74 9.94
N ILE D 165 41.00 -26.05 9.39
CA ILE D 165 41.02 -24.58 9.41
C ILE D 165 41.04 -24.08 10.85
N HIS D 166 40.23 -24.68 11.71
CA HIS D 166 40.17 -24.23 13.10
C HIS D 166 41.35 -24.71 13.93
N ILE D 167 42.10 -25.70 13.45
CA ILE D 167 43.38 -26.02 14.09
C ILE D 167 44.30 -24.82 14.02
N GLU D 168 44.30 -24.11 12.89
CA GLU D 168 45.17 -22.95 12.73
C GLU D 168 44.57 -21.72 13.40
N THR D 169 43.29 -21.44 13.18
CA THR D 169 42.69 -20.22 13.73
C THR D 169 42.60 -20.27 15.24
N SER D 170 42.45 -21.47 15.83
CA SER D 170 42.52 -21.57 17.28
C SER D 170 43.94 -21.51 17.80
N SER D 171 44.92 -21.94 16.99
CA SER D 171 46.31 -21.78 17.38
C SER D 171 46.68 -20.30 17.50
N VAL D 172 46.15 -19.47 16.59
CA VAL D 172 46.31 -18.03 16.72
C VAL D 172 45.61 -17.53 17.97
N LEU D 173 44.44 -18.09 18.28
CA LEU D 173 43.71 -17.70 19.49
C LEU D 173 44.52 -18.00 20.74
N ILE D 174 45.06 -19.23 20.84
CA ILE D 174 45.86 -19.60 22.00
C ILE D 174 47.14 -18.76 22.06
N ARG D 175 47.72 -18.44 20.90
CA ARG D 175 48.86 -17.54 20.87
C ARG D 175 48.51 -16.13 21.33
N GLN D 176 47.25 -15.74 21.25
CA GLN D 176 46.77 -14.45 21.73
C GLN D 176 46.28 -14.49 23.17
N THR D 177 46.30 -15.64 23.82
CA THR D 177 45.84 -15.77 25.19
C THR D 177 46.91 -15.26 26.16
N ASP D 178 46.47 -14.89 27.36
CA ASP D 178 47.39 -14.47 28.40
C ASP D 178 48.38 -15.58 28.71
N ILE D 179 49.64 -15.19 28.95
CA ILE D 179 50.71 -16.17 29.16
C ILE D 179 50.43 -17.06 30.37
N SER D 180 49.65 -16.57 31.33
CA SER D 180 49.41 -17.28 32.57
C SER D 180 48.41 -18.43 32.44
N LEU D 181 47.83 -18.65 31.26
CA LEU D 181 46.77 -19.63 31.08
C LEU D 181 47.12 -20.72 30.08
N VAL D 182 48.38 -20.87 29.71
CA VAL D 182 48.81 -21.87 28.73
C VAL D 182 50.13 -22.47 29.19
N LEU D 183 50.23 -23.79 29.18
CA LEU D 183 51.45 -24.49 29.52
C LEU D 183 51.93 -25.30 28.33
N PRO D 184 53.22 -25.22 27.97
CA PRO D 184 53.69 -25.89 26.75
C PRO D 184 53.66 -27.41 26.88
N GLN D 185 53.43 -28.06 25.74
CA GLN D 185 53.41 -29.50 25.61
C GLN D 185 54.46 -29.94 24.60
N PRO D 186 55.03 -31.14 24.76
CA PRO D 186 56.10 -31.57 23.83
C PRO D 186 55.62 -31.73 22.39
N GLU D 187 54.39 -32.17 22.17
CA GLU D 187 53.91 -32.41 20.82
C GLU D 187 53.77 -31.14 20.01
N TRP D 188 53.80 -29.97 20.66
CA TRP D 188 53.71 -28.69 19.97
C TRP D 188 54.99 -27.89 20.18
N SER D 189 56.12 -28.45 19.78
CA SER D 189 57.42 -27.83 20.06
C SER D 189 57.72 -26.71 19.07
N LYS D 190 58.48 -25.73 19.54
CA LYS D 190 58.85 -24.55 18.77
C LYS D 190 60.18 -24.77 18.04
N CYS D 191 60.49 -23.86 17.12
CA CYS D 191 61.81 -23.81 16.52
C CYS D 191 62.78 -23.10 17.47
N ASN D 192 64.02 -23.57 17.50
CA ASN D 192 65.00 -23.12 18.49
C ASN D 192 66.24 -22.53 17.84
N VAL D 193 66.16 -22.11 16.58
CA VAL D 193 67.31 -21.55 15.87
C VAL D 193 67.02 -20.07 15.62
N SER D 194 67.77 -19.21 16.28
CA SER D 194 67.69 -17.77 16.09
C SER D 194 69.06 -17.24 15.68
N GLY D 195 69.07 -16.24 14.81
CA GLY D 195 70.32 -15.73 14.30
C GLY D 195 70.22 -14.35 13.70
N LYS D 196 71.17 -14.04 12.83
CA LYS D 196 71.25 -12.72 12.21
C LYS D 196 70.17 -12.56 11.15
N ALA D 197 69.62 -11.35 11.06
CA ALA D 197 68.61 -11.05 10.06
C ALA D 197 69.28 -10.77 8.72
N PRO D 198 69.05 -11.58 7.69
CA PRO D 198 69.69 -11.33 6.40
C PRO D 198 69.15 -10.08 5.72
N GLU D 199 69.97 -9.50 4.86
CA GLU D 199 69.59 -8.31 4.11
C GLU D 199 68.71 -8.70 2.94
N ASN D 200 67.58 -8.01 2.80
CA ASN D 200 66.58 -8.35 1.79
C ASN D 200 66.82 -7.53 0.53
N GLU D 201 66.62 -8.17 -0.63
CA GLU D 201 66.78 -7.52 -1.91
C GLU D 201 65.67 -7.96 -2.85
N LEU D 202 65.42 -7.15 -3.86
CA LEU D 202 64.38 -7.42 -4.84
C LEU D 202 64.96 -8.27 -5.96
N LEU D 203 64.46 -9.50 -6.08
CA LEU D 203 64.91 -10.44 -7.11
C LEU D 203 63.91 -10.46 -8.27
N PHE D 204 64.44 -10.72 -9.47
CA PHE D 204 63.62 -10.66 -10.68
C PHE D 204 62.66 -11.84 -10.75
N VAL D 205 61.41 -11.53 -11.14
CA VAL D 205 60.40 -12.55 -11.40
C VAL D 205 59.85 -12.29 -12.81
N PRO D 206 59.89 -13.27 -13.71
CA PRO D 206 59.47 -13.01 -15.09
C PRO D 206 57.97 -12.77 -15.20
N GLY D 207 57.60 -11.93 -16.16
CA GLY D 207 56.20 -11.65 -16.43
C GLY D 207 55.67 -12.56 -17.52
N GLY D 208 54.56 -13.24 -17.21
CA GLY D 208 53.96 -14.15 -18.16
C GLY D 208 52.46 -14.21 -18.05
N GLU D 209 51.84 -15.21 -18.68
CA GLU D 209 50.40 -15.36 -18.67
C GLU D 209 49.98 -16.19 -17.47
N ILE D 210 48.99 -15.71 -16.73
CA ILE D 210 48.47 -16.38 -15.55
C ILE D 210 47.20 -17.13 -15.92
N GLU D 211 47.03 -18.32 -15.37
CA GLU D 211 45.81 -19.11 -15.59
C GLU D 211 45.63 -20.01 -14.37
N ILE D 212 44.70 -19.64 -13.49
CA ILE D 212 44.41 -20.42 -12.30
C ILE D 212 42.94 -20.83 -12.35
N GLY D 213 42.51 -21.58 -11.36
CA GLY D 213 41.13 -22.03 -11.32
C GLY D 213 41.08 -23.54 -11.44
N LYS D 214 40.20 -24.15 -10.66
CA LYS D 214 40.10 -25.60 -10.54
C LYS D 214 38.87 -26.08 -11.29
N TYR D 215 39.04 -27.09 -12.14
CA TYR D 215 37.90 -27.73 -12.79
C TYR D 215 37.15 -28.61 -11.78
N LYS D 216 35.89 -28.90 -12.10
CA LYS D 216 35.07 -29.71 -11.19
C LYS D 216 35.55 -31.15 -11.11
N SER D 217 36.30 -31.63 -12.11
CA SER D 217 36.74 -33.00 -12.15
C SER D 217 38.15 -33.20 -11.62
N ASP D 218 38.78 -32.16 -11.08
CA ASP D 218 40.14 -32.29 -10.57
C ASP D 218 40.15 -33.12 -9.28
N ASP D 219 41.35 -33.45 -8.83
CA ASP D 219 41.53 -34.57 -7.91
C ASP D 219 41.17 -34.23 -6.47
N TYR D 220 41.89 -33.30 -5.86
CA TYR D 220 41.79 -33.07 -4.43
C TYR D 220 40.43 -32.48 -4.05
N TYR D 221 40.15 -32.51 -2.74
CA TYR D 221 39.03 -31.76 -2.20
C TYR D 221 39.32 -30.26 -2.26
N GLY D 222 38.27 -29.48 -2.43
CA GLY D 222 38.42 -28.04 -2.47
C GLY D 222 37.11 -27.36 -2.13
N TRP D 223 37.23 -26.14 -1.60
CA TRP D 223 36.04 -25.35 -1.32
C TRP D 223 35.58 -24.65 -2.60
N ASP D 224 34.36 -24.11 -2.55
CA ASP D 224 33.74 -23.58 -3.76
C ASP D 224 34.58 -22.48 -4.40
N ASN D 225 35.16 -21.59 -3.59
CA ASN D 225 35.92 -20.47 -4.12
C ASN D 225 37.20 -20.90 -4.84
N GLU D 226 37.49 -22.20 -4.90
CA GLU D 226 38.66 -22.69 -5.62
C GLU D 226 38.37 -22.98 -7.08
N TYR D 227 37.10 -23.14 -7.45
CA TYR D 227 36.72 -23.59 -8.77
C TYR D 227 36.36 -22.42 -9.67
N GLY D 228 36.54 -22.61 -10.98
CA GLY D 228 36.30 -21.59 -11.98
C GLY D 228 37.51 -21.42 -12.86
N LYS D 229 37.57 -20.27 -13.54
CA LYS D 229 38.66 -19.98 -14.46
C LYS D 229 39.05 -18.51 -14.33
N HIS D 230 40.35 -18.23 -14.36
CA HIS D 230 40.86 -16.86 -14.27
C HIS D 230 42.14 -16.76 -15.08
N LYS D 231 42.14 -15.90 -16.10
CA LYS D 231 43.30 -15.68 -16.95
C LYS D 231 43.61 -14.20 -17.06
N THR D 232 44.85 -13.82 -16.77
CA THR D 232 45.32 -12.46 -16.92
C THR D 232 46.78 -12.49 -17.32
N VAL D 233 47.32 -11.32 -17.64
CA VAL D 233 48.72 -11.18 -18.04
C VAL D 233 49.37 -10.16 -17.12
N ILE D 234 50.46 -10.56 -16.46
CA ILE D 234 51.21 -9.64 -15.60
C ILE D 234 52.59 -9.43 -16.20
N PRO D 235 53.12 -8.22 -16.17
CA PRO D 235 54.42 -7.94 -16.79
C PRO D 235 55.56 -8.35 -15.86
N ASP D 236 56.78 -8.12 -16.34
CA ASP D 236 57.97 -8.41 -15.53
C ASP D 236 57.96 -7.55 -14.28
N PHE D 237 58.27 -8.17 -13.15
CA PHE D 237 58.31 -7.48 -11.87
C PHE D 237 59.41 -8.09 -11.01
N LYS D 238 59.60 -7.53 -9.82
CA LYS D 238 60.61 -8.02 -8.89
C LYS D 238 59.98 -8.22 -7.52
N ALA D 239 60.38 -9.30 -6.85
CA ALA D 239 59.87 -9.64 -5.53
C ALA D 239 61.04 -9.76 -4.55
N SER D 240 60.73 -9.57 -3.27
CA SER D 240 61.74 -9.64 -2.23
C SER D 240 62.28 -11.05 -2.10
N LYS D 241 63.54 -11.16 -1.65
CA LYS D 241 64.20 -12.44 -1.48
C LYS D 241 63.46 -13.32 -0.49
N TYR D 242 63.43 -12.91 0.77
CA TYR D 242 62.80 -13.67 1.83
C TYR D 242 61.62 -12.87 2.40
N LEU D 243 60.87 -13.52 3.30
CA LEU D 243 59.81 -12.84 4.00
C LEU D 243 60.37 -11.74 4.89
N VAL D 244 59.54 -10.73 5.16
CA VAL D 244 59.96 -9.61 6.01
C VAL D 244 60.17 -10.14 7.42
N SER D 245 61.40 -10.10 7.90
CA SER D 245 61.74 -10.64 9.20
C SER D 245 61.45 -9.63 10.30
N ASN D 246 61.47 -10.11 11.54
CA ASN D 246 61.34 -9.20 12.68
C ASN D 246 62.42 -8.12 12.64
N GLY D 247 63.64 -8.49 12.26
CA GLY D 247 64.72 -7.52 12.19
C GLY D 247 64.48 -6.47 11.12
N GLU D 248 64.04 -6.88 9.93
CA GLU D 248 63.72 -5.91 8.90
C GLU D 248 62.53 -5.06 9.30
N PHE D 249 61.58 -5.63 10.02
CA PHE D 249 60.45 -4.86 10.55
C PHE D 249 60.85 -4.04 11.77
N MET D 250 61.91 -4.43 12.47
CA MET D 250 62.40 -3.61 13.57
C MET D 250 62.88 -2.25 13.08
N GLU D 251 63.42 -2.19 11.87
CA GLU D 251 63.79 -0.90 11.28
C GLU D 251 62.56 -0.02 11.07
N PHE D 252 61.41 -0.64 10.78
CA PHE D 252 60.17 0.12 10.63
C PHE D 252 59.70 0.69 11.97
N VAL D 253 59.74 -0.12 13.02
CA VAL D 253 59.27 0.33 14.33
C VAL D 253 60.19 1.41 14.88
N LYS D 254 61.51 1.22 14.75
CA LYS D 254 62.45 2.20 15.29
C LYS D 254 62.46 3.49 14.47
N ASP D 255 61.97 3.47 13.24
CA ASP D 255 61.84 4.68 12.44
C ASP D 255 60.46 5.34 12.61
N GLY D 256 59.75 5.02 13.68
CA GLY D 256 58.46 5.64 13.95
C GLY D 256 57.37 5.22 12.99
N GLY D 257 57.34 3.95 12.60
CA GLY D 257 56.33 3.50 11.66
C GLY D 257 54.92 3.66 12.18
N TYR D 258 54.70 3.31 13.44
CA TYR D 258 53.40 3.50 14.09
C TYR D 258 53.17 4.95 14.53
N GLU D 259 54.10 5.86 14.25
CA GLU D 259 53.96 7.26 14.59
C GLU D 259 53.72 8.16 13.39
N ASN D 260 54.27 7.81 12.23
CA ASN D 260 54.13 8.62 11.03
C ASN D 260 52.86 8.22 10.30
N ASP D 261 51.93 9.16 10.14
CA ASP D 261 50.64 8.88 9.51
C ASP D 261 50.74 8.76 7.99
N LEU D 262 51.87 9.12 7.39
CA LEU D 262 51.98 9.14 5.94
C LEU D 262 52.03 7.74 5.33
N TRP D 263 52.39 6.73 6.12
CA TRP D 263 52.52 5.38 5.59
C TRP D 263 51.23 4.58 5.66
N TRP D 264 50.31 4.95 6.55
CA TRP D 264 49.08 4.19 6.75
C TRP D 264 47.99 4.69 5.81
N GLU D 265 47.35 3.76 5.11
CA GLU D 265 46.24 4.09 4.24
C GLU D 265 45.06 4.58 5.06
N GLU D 266 43.98 4.97 4.37
CA GLU D 266 42.80 5.52 5.05
C GLU D 266 42.23 4.51 6.03
N GLU D 267 42.01 3.27 5.58
CA GLU D 267 41.46 2.25 6.47
C GLU D 267 42.45 1.86 7.56
N GLY D 268 43.73 1.71 7.19
CA GLY D 268 44.71 1.28 8.17
C GLY D 268 44.97 2.31 9.24
N LEU D 269 44.93 3.59 8.87
CA LEU D 269 45.12 4.65 9.86
C LEU D 269 44.02 4.63 10.91
N ALA D 270 42.79 4.26 10.51
CA ALA D 270 41.68 4.23 11.45
C ALA D 270 41.79 3.04 12.40
N TRP D 271 42.34 1.92 11.93
CA TRP D 271 42.49 0.76 12.81
C TRP D 271 43.61 0.98 13.83
N ARG D 272 44.73 1.54 13.39
CA ARG D 272 45.84 1.77 14.30
C ARG D 272 45.43 2.70 15.44
N ASN D 273 44.77 3.81 15.11
CA ASN D 273 44.37 4.76 16.14
C ASN D 273 43.30 4.19 17.07
N PHE D 274 42.48 3.25 16.58
CA PHE D 274 41.54 2.58 17.46
C PHE D 274 42.26 1.63 18.41
N LYS D 275 43.00 0.67 17.85
CA LYS D 275 43.73 -0.29 18.68
C LYS D 275 44.86 0.39 19.45
N LYS D 276 45.23 1.61 19.06
CA LYS D 276 46.38 2.33 19.65
C LYS D 276 47.65 1.49 19.56
N ALA D 277 47.72 0.64 18.54
CA ALA D 277 48.86 -0.25 18.38
C ALA D 277 50.10 0.56 17.99
N LYS D 278 51.20 0.30 18.70
CA LYS D 278 52.48 0.95 18.41
C LYS D 278 53.58 -0.08 18.15
N HIS D 279 53.23 -1.36 18.11
CA HIS D 279 54.18 -2.44 17.85
C HIS D 279 53.39 -3.65 17.37
N PRO D 280 54.01 -4.56 16.60
CA PRO D 280 53.29 -5.75 16.13
C PRO D 280 52.55 -6.52 17.22
N ILE D 281 51.54 -7.28 16.80
CA ILE D 281 50.62 -7.90 17.75
C ILE D 281 51.32 -8.90 18.66
N PHE D 282 52.40 -9.51 18.18
CA PHE D 282 53.09 -10.55 18.93
C PHE D 282 54.47 -10.10 19.42
N TRP D 283 54.62 -8.82 19.76
CA TRP D 283 55.82 -8.31 20.40
C TRP D 283 55.46 -7.81 21.78
N ILE D 284 56.26 -8.18 22.78
CA ILE D 284 56.05 -7.79 24.17
C ILE D 284 57.16 -6.82 24.54
N PRO D 285 56.83 -5.57 24.92
CA PRO D 285 57.88 -4.56 25.11
C PRO D 285 58.71 -4.85 26.35
N PHE D 286 60.04 -4.73 26.20
CA PHE D 286 61.00 -4.91 27.29
C PHE D 286 62.10 -3.88 27.12
N LYS D 287 61.96 -2.74 27.80
CA LYS D 287 62.90 -1.62 27.75
C LYS D 287 62.91 -1.09 26.32
N ASN D 288 64.07 -0.95 25.67
CA ASN D 288 64.13 -0.37 24.33
C ASN D 288 63.81 -1.36 23.23
N GLU D 289 63.78 -2.66 23.53
CA GLU D 289 63.47 -3.69 22.54
C GLU D 289 62.19 -4.42 22.96
N TYR D 290 61.87 -5.49 22.25
CA TYR D 290 60.67 -6.28 22.49
C TYR D 290 61.03 -7.75 22.58
N ARG D 291 60.08 -8.56 23.03
CA ARG D 291 60.24 -10.01 23.11
C ARG D 291 59.14 -10.69 22.30
N TYR D 292 59.47 -11.87 21.78
CA TYR D 292 58.62 -12.60 20.85
C TYR D 292 57.71 -13.58 21.59
N ARG D 293 56.48 -13.71 21.11
CA ARG D 293 55.48 -14.58 21.72
C ARG D 293 55.18 -15.74 20.77
N THR D 294 55.39 -16.96 21.25
CA THR D 294 55.05 -18.16 20.51
C THR D 294 53.69 -18.67 20.98
N LEU D 295 53.39 -19.94 20.71
CA LEU D 295 52.12 -20.51 21.14
C LEU D 295 52.01 -20.58 22.67
N THR D 296 53.13 -20.80 23.35
CA THR D 296 53.09 -21.17 24.76
C THR D 296 53.78 -20.18 25.67
N GLU D 297 55.02 -19.79 25.36
CA GLU D 297 55.78 -18.92 26.25
C GLU D 297 56.56 -17.90 25.43
N ILE D 298 57.02 -16.84 26.12
CA ILE D 298 57.70 -15.71 25.53
C ILE D 298 59.20 -15.95 25.56
N VAL D 299 59.87 -15.67 24.44
CA VAL D 299 61.30 -15.87 24.30
C VAL D 299 61.91 -14.59 23.74
N ASP D 300 63.23 -14.56 23.69
CA ASP D 300 63.94 -13.44 23.08
C ASP D 300 63.68 -13.42 21.58
N MET D 301 63.46 -12.22 21.04
CA MET D 301 62.97 -12.12 19.67
C MET D 301 64.04 -12.55 18.68
N PRO D 302 63.71 -13.44 17.74
CA PRO D 302 64.67 -13.81 16.70
C PRO D 302 64.58 -12.89 15.49
N LEU D 303 65.66 -12.18 15.20
CA LEU D 303 65.64 -11.20 14.12
C LEU D 303 65.38 -11.86 12.77
N ASP D 304 65.77 -13.12 12.60
CA ASP D 304 65.65 -13.81 11.32
C ASP D 304 64.30 -14.49 11.13
N TRP D 305 63.41 -14.46 12.14
CA TRP D 305 62.09 -15.03 11.90
C TRP D 305 61.16 -14.00 11.27
N PRO D 306 60.19 -14.42 10.47
CA PRO D 306 59.27 -13.47 9.86
C PRO D 306 58.41 -12.78 10.91
N VAL D 307 58.04 -11.54 10.61
CA VAL D 307 57.22 -10.75 11.52
C VAL D 307 55.75 -11.10 11.31
N ASP D 308 54.96 -10.95 12.37
CA ASP D 308 53.52 -11.21 12.33
C ASP D 308 52.78 -9.87 12.28
N VAL D 309 52.08 -9.63 11.17
CA VAL D 309 51.36 -8.38 10.95
C VAL D 309 50.00 -8.69 10.33
N ASN D 310 49.19 -7.65 10.21
CA ASN D 310 47.99 -7.69 9.40
C ASN D 310 48.28 -6.94 8.10
N TYR D 311 47.25 -6.77 7.25
CA TYR D 311 47.45 -6.02 6.02
C TYR D 311 47.81 -4.57 6.30
N HIS D 312 47.14 -3.96 7.29
CA HIS D 312 47.33 -2.53 7.54
C HIS D 312 48.78 -2.21 7.89
N GLU D 313 49.42 -3.10 8.65
CA GLU D 313 50.82 -2.89 9.02
C GLU D 313 51.76 -3.19 7.87
N ALA D 314 51.51 -4.29 7.14
CA ALA D 314 52.35 -4.63 6.00
C ALA D 314 52.27 -3.57 4.91
N LYS D 315 51.07 -3.07 4.64
CA LYS D 315 50.93 -2.03 3.62
C LYS D 315 51.62 -0.73 4.05
N ALA D 316 51.51 -0.39 5.34
CA ALA D 316 52.20 0.80 5.83
C ALA D 316 53.72 0.62 5.77
N PHE D 317 54.19 -0.61 6.01
CA PHE D 317 55.61 -0.91 5.85
C PHE D 317 56.06 -0.67 4.41
N CYS D 318 55.23 -1.06 3.44
CA CYS D 318 55.63 -0.98 2.03
C CYS D 318 55.66 0.46 1.53
N ASN D 319 54.77 1.31 2.04
CA ASN D 319 54.84 2.72 1.66
C ASN D 319 56.03 3.42 2.28
N TRP D 320 56.56 2.88 3.38
CA TRP D 320 57.77 3.43 3.98
C TRP D 320 59.01 3.04 3.17
N LEU D 321 59.11 1.77 2.78
CA LEU D 321 60.18 1.38 1.88
C LEU D 321 60.10 2.10 0.55
N SER D 322 58.87 2.37 0.08
CA SER D 322 58.69 3.02 -1.22
C SER D 322 59.29 4.42 -1.24
N ALA D 323 59.19 5.14 -0.11
CA ALA D 323 59.79 6.46 -0.04
C ALA D 323 61.28 6.38 0.23
N LYS D 324 61.72 5.40 1.03
CA LYS D 324 63.14 5.24 1.32
C LYS D 324 63.90 4.82 0.06
N LYS D 325 63.37 3.86 -0.68
CA LYS D 325 64.02 3.36 -1.89
C LYS D 325 63.60 4.13 -3.14
N GLY D 326 62.66 5.06 -3.03
CA GLY D 326 62.27 5.89 -4.15
C GLY D 326 61.64 5.15 -5.31
N LYS D 327 61.10 3.96 -5.09
CA LYS D 327 60.48 3.14 -6.12
C LYS D 327 59.09 2.73 -5.67
N PRO D 328 58.24 2.29 -6.61
CA PRO D 328 56.91 1.80 -6.23
C PRO D 328 56.95 0.39 -5.64
N ILE D 329 56.99 0.29 -4.32
CA ILE D 329 56.94 -1.00 -3.63
C ILE D 329 55.54 -1.18 -3.04
N ARG D 330 55.00 -2.39 -3.18
CA ARG D 330 53.68 -2.69 -2.64
C ARG D 330 53.58 -4.18 -2.34
N LEU D 331 52.46 -4.56 -1.73
CA LEU D 331 52.17 -5.96 -1.53
C LEU D 331 51.79 -6.62 -2.86
N PRO D 332 52.04 -7.91 -3.02
CA PRO D 332 51.71 -8.57 -4.28
C PRO D 332 50.23 -8.87 -4.38
N VAL D 333 49.73 -8.89 -5.62
CA VAL D 333 48.37 -9.36 -5.86
C VAL D 333 48.44 -10.88 -5.85
N GLU D 334 47.27 -11.53 -5.82
CA GLU D 334 47.24 -12.99 -5.82
C GLU D 334 47.90 -13.56 -7.07
N ASP D 335 47.62 -12.97 -8.23
CA ASP D 335 48.21 -13.46 -9.47
C ASP D 335 49.73 -13.34 -9.48
N GLU D 336 50.30 -12.44 -8.69
CA GLU D 336 51.76 -12.32 -8.62
C GLU D 336 52.39 -13.35 -7.70
N TRP D 337 51.62 -13.93 -6.77
CA TRP D 337 52.14 -15.04 -5.98
C TRP D 337 52.06 -16.36 -6.74
N TYR D 338 51.03 -16.53 -7.57
CA TYR D 338 50.97 -17.73 -8.40
C TYR D 338 52.06 -17.72 -9.46
N ARG D 339 52.34 -16.56 -10.04
CA ARG D 339 53.46 -16.44 -10.96
C ARG D 339 54.78 -16.75 -10.27
N LEU D 340 54.94 -16.26 -9.04
CA LEU D 340 56.18 -16.51 -8.30
C LEU D 340 56.29 -17.96 -7.85
N LYS D 341 55.15 -18.61 -7.56
CA LYS D 341 55.18 -20.00 -7.13
C LYS D 341 55.68 -20.91 -8.25
N GLU D 342 55.10 -20.76 -9.44
CA GLU D 342 55.49 -21.62 -10.56
C GLU D 342 56.88 -21.27 -11.09
N TYR D 343 57.28 -20.00 -10.98
CA TYR D 343 58.61 -19.61 -11.44
C TYR D 343 59.70 -20.28 -10.61
N CYS D 344 59.52 -20.33 -9.29
CA CYS D 344 60.42 -21.10 -8.43
C CYS D 344 60.18 -22.60 -8.53
N ASN D 345 59.16 -23.01 -9.28
CA ASN D 345 58.83 -24.43 -9.45
C ASN D 345 58.63 -25.12 -8.10
N VAL D 346 57.77 -24.53 -7.28
CA VAL D 346 57.44 -25.09 -5.97
C VAL D 346 56.70 -26.40 -6.17
N PRO D 347 57.18 -27.51 -5.61
CA PRO D 347 56.55 -28.80 -5.88
C PRO D 347 55.20 -28.93 -5.17
N ASP D 348 54.23 -29.48 -5.90
CA ASP D 348 52.93 -29.76 -5.31
C ASP D 348 53.05 -30.83 -4.23
N VAL D 349 52.06 -30.85 -3.33
CA VAL D 349 52.12 -31.74 -2.17
C VAL D 349 52.14 -33.21 -2.60
N SER D 350 51.58 -33.53 -3.77
CA SER D 350 51.62 -34.90 -4.25
C SER D 350 53.04 -35.35 -4.57
N LYS D 351 53.91 -34.42 -4.95
CA LYS D 351 55.28 -34.73 -5.34
C LYS D 351 56.28 -34.50 -4.22
N TRP D 352 55.82 -34.54 -2.96
CA TRP D 352 56.69 -34.34 -1.81
C TRP D 352 57.22 -35.68 -1.30
N ASP D 353 58.37 -35.61 -0.65
CA ASP D 353 59.16 -36.77 -0.25
C ASP D 353 58.87 -37.07 1.23
N GLU D 354 59.88 -37.38 2.05
CA GLU D 354 59.61 -37.78 3.44
C GLU D 354 58.91 -36.68 4.23
N LYS D 355 59.49 -35.48 4.24
CA LYS D 355 58.89 -34.33 4.90
C LYS D 355 58.68 -33.22 3.90
N ALA D 356 57.82 -32.28 4.26
CA ALA D 356 57.49 -31.17 3.38
C ALA D 356 58.73 -30.29 3.17
N PRO D 357 58.94 -29.79 1.96
CA PRO D 357 60.07 -28.87 1.73
C PRO D 357 59.77 -27.45 2.20
N ALA D 358 58.84 -27.32 3.15
CA ALA D 358 58.50 -26.01 3.71
C ALA D 358 58.03 -26.20 5.14
N ASN D 359 58.11 -25.12 5.91
CA ASN D 359 57.57 -25.13 7.26
C ASN D 359 56.05 -25.10 7.20
N ILE D 360 55.43 -26.28 7.10
CA ILE D 360 54.00 -26.37 6.83
C ILE D 360 53.52 -27.75 7.25
N ASN D 361 52.20 -27.88 7.43
CA ASN D 361 51.53 -29.13 7.78
C ASN D 361 51.99 -29.67 9.13
N LEU D 362 52.56 -28.81 9.98
CA LEU D 362 53.05 -29.21 11.31
C LEU D 362 54.03 -30.37 11.23
N GLU D 363 54.83 -30.42 10.17
CA GLU D 363 55.81 -31.48 9.99
C GLU D 363 57.19 -31.10 10.52
N HIS D 364 57.37 -29.87 10.97
CA HIS D 364 58.69 -29.41 11.43
C HIS D 364 58.59 -28.76 12.80
N TYR D 365 57.96 -27.59 12.87
CA TYR D 365 57.81 -26.87 14.13
C TYR D 365 56.38 -26.42 14.30
N ALA D 366 56.02 -26.13 15.55
CA ALA D 366 54.75 -25.48 15.88
C ALA D 366 54.89 -23.96 15.91
N SER D 367 55.83 -23.40 15.14
CA SER D 367 56.05 -21.97 15.09
C SER D 367 56.82 -21.65 13.82
N ALA D 368 57.14 -20.37 13.64
CA ALA D 368 57.88 -19.94 12.47
C ALA D 368 59.37 -20.30 12.60
N CYS D 369 60.04 -20.36 11.46
CA CYS D 369 61.47 -20.67 11.40
C CYS D 369 62.18 -19.49 10.77
N PRO D 370 63.52 -19.45 10.79
CA PRO D 370 64.23 -18.36 10.10
C PRO D 370 63.90 -18.34 8.62
N VAL D 371 64.08 -17.15 8.01
CA VAL D 371 63.72 -16.93 6.63
C VAL D 371 64.78 -17.49 5.69
N THR D 372 65.68 -18.31 6.23
CA THR D 372 66.77 -18.89 5.44
C THR D 372 66.83 -20.41 5.54
N GLN D 373 65.84 -21.04 6.16
CA GLN D 373 65.87 -22.49 6.32
C GLN D 373 65.26 -23.23 5.12
N PHE D 374 64.18 -22.70 4.55
CA PHE D 374 63.50 -23.33 3.43
C PHE D 374 63.58 -22.41 2.22
N SER D 375 64.09 -22.94 1.11
CA SER D 375 64.30 -22.20 -0.11
C SER D 375 63.50 -22.81 -1.26
N PHE D 376 63.23 -21.99 -2.26
CA PHE D 376 62.50 -22.41 -3.46
C PHE D 376 63.09 -21.65 -4.64
N GLY D 377 63.97 -22.31 -5.38
CA GLY D 377 64.66 -21.62 -6.46
C GLY D 377 65.56 -20.54 -5.89
N ASN D 378 65.38 -19.32 -6.37
CA ASN D 378 66.16 -18.19 -5.87
C ASN D 378 65.54 -17.58 -4.61
N PHE D 379 64.26 -17.82 -4.36
CA PHE D 379 63.54 -17.20 -3.26
C PHE D 379 63.42 -18.15 -2.08
N TYR D 380 63.02 -17.59 -0.94
CA TYR D 380 62.83 -18.33 0.30
C TYR D 380 61.40 -18.18 0.79
N ASP D 381 60.87 -19.25 1.37
CA ASP D 381 59.56 -19.24 2.02
C ASP D 381 58.45 -18.78 1.08
N VAL D 382 58.53 -19.22 -0.19
CA VAL D 382 57.43 -18.98 -1.12
C VAL D 382 56.16 -19.62 -0.60
N ILE D 383 56.28 -20.78 0.04
CA ILE D 383 55.20 -21.39 0.80
C ILE D 383 55.74 -21.74 2.18
N GLY D 384 54.85 -21.75 3.17
CA GLY D 384 55.21 -22.17 4.51
C GLY D 384 55.65 -21.02 5.41
N ASN D 385 55.99 -21.41 6.64
CA ASN D 385 56.42 -20.50 7.70
C ASN D 385 55.27 -19.63 8.20
N VAL D 386 54.92 -18.59 7.45
CA VAL D 386 53.75 -17.77 7.76
C VAL D 386 53.04 -17.43 6.45
N TRP D 387 51.79 -17.00 6.57
CA TRP D 387 51.03 -16.56 5.41
C TRP D 387 51.60 -15.26 4.86
N GLN D 388 51.26 -14.98 3.61
CA GLN D 388 51.74 -13.79 2.91
C GLN D 388 50.54 -12.96 2.46
N TRP D 389 50.47 -11.72 2.92
CA TRP D 389 49.35 -10.85 2.59
C TRP D 389 49.35 -10.49 1.11
N THR D 390 48.16 -10.26 0.57
CA THR D 390 47.99 -9.82 -0.81
C THR D 390 47.10 -8.59 -0.84
N GLU D 391 47.18 -7.86 -1.96
CA GLU D 391 46.31 -6.72 -2.21
C GLU D 391 45.02 -7.12 -2.93
N THR D 392 44.76 -8.42 -3.07
CA THR D 392 43.61 -8.88 -3.85
C THR D 392 42.51 -9.40 -2.91
N PRO D 393 41.44 -8.65 -2.71
CA PRO D 393 40.30 -9.21 -1.96
C PRO D 393 39.74 -10.44 -2.66
N ILE D 394 39.34 -11.43 -1.86
CA ILE D 394 38.89 -12.69 -2.42
C ILE D 394 37.64 -12.47 -3.25
N TYR D 395 37.57 -13.15 -4.40
CA TYR D 395 36.50 -12.96 -5.36
C TYR D 395 36.24 -14.29 -6.05
N PRO D 396 35.03 -14.53 -6.53
CA PRO D 396 34.75 -15.80 -7.22
C PRO D 396 35.29 -15.80 -8.65
N PHE D 397 35.89 -16.92 -9.04
CA PHE D 397 36.28 -17.13 -10.42
C PHE D 397 35.05 -17.30 -11.30
N ASN D 398 35.20 -16.99 -12.57
CA ASN D 398 34.13 -17.26 -13.53
C ASN D 398 33.92 -18.76 -13.65
N GLY D 399 32.69 -19.21 -13.40
CA GLY D 399 32.41 -20.61 -13.22
C GLY D 399 32.18 -21.01 -11.77
N PHE D 400 32.23 -20.05 -10.85
CA PHE D 400 32.00 -20.33 -9.44
C PHE D 400 30.61 -20.91 -9.22
N LYS D 401 30.53 -21.86 -8.29
CA LYS D 401 29.26 -22.50 -7.94
C LYS D 401 29.35 -22.92 -6.48
N ILE D 402 28.30 -22.66 -5.72
CA ILE D 402 28.28 -22.99 -4.30
C ILE D 402 27.93 -24.46 -4.12
N HIS D 403 28.39 -25.03 -3.01
CA HIS D 403 27.94 -26.37 -2.65
C HIS D 403 26.66 -26.29 -1.84
N PRO D 404 25.63 -27.05 -2.19
CA PRO D 404 24.33 -26.89 -1.51
C PRO D 404 24.38 -27.08 0.00
N ILE D 405 25.33 -27.87 0.50
CA ILE D 405 25.37 -28.13 1.94
C ILE D 405 26.05 -27.00 2.69
N TYR D 406 26.94 -26.24 2.03
CA TYR D 406 27.60 -25.09 2.63
C TYR D 406 27.58 -23.96 1.60
N ASP D 407 26.41 -23.35 1.44
CA ASP D 407 26.26 -22.29 0.44
C ASP D 407 26.88 -20.97 0.88
N ASP D 408 26.95 -20.73 2.19
CA ASP D 408 27.46 -19.48 2.73
C ASP D 408 28.93 -19.58 3.16
N PHE D 409 29.68 -20.53 2.62
CA PHE D 409 31.07 -20.70 3.06
C PHE D 409 31.92 -19.50 2.65
N SER D 410 31.86 -19.12 1.38
CA SER D 410 32.71 -18.05 0.86
C SER D 410 31.95 -16.86 0.31
N THR D 411 30.67 -17.00 -0.03
CA THR D 411 29.93 -15.87 -0.60
C THR D 411 29.86 -14.65 0.31
N PRO D 412 29.72 -14.75 1.64
CA PRO D 412 29.70 -13.52 2.45
C PRO D 412 31.04 -12.80 2.46
N THR D 413 32.14 -13.46 2.12
CA THR D 413 33.45 -12.82 2.10
C THR D 413 33.72 -12.05 0.81
N PHE D 414 32.80 -12.09 -0.15
CA PHE D 414 32.95 -11.37 -1.42
C PHE D 414 32.46 -9.93 -1.27
N ASP D 415 33.02 -9.23 -0.28
CA ASP D 415 32.66 -7.85 -0.01
C ASP D 415 33.82 -6.88 -0.21
N ASN D 416 34.92 -7.33 -0.83
CA ASN D 416 36.13 -6.55 -1.00
C ASN D 416 36.71 -6.08 0.32
N ARG D 417 36.40 -6.79 1.41
CA ARG D 417 37.01 -6.53 2.71
C ARG D 417 37.90 -7.68 3.18
N HIS D 418 37.87 -8.82 2.50
CA HIS D 418 38.64 -10.01 2.88
C HIS D 418 39.77 -10.18 1.87
N ASN D 419 40.95 -9.68 2.22
CA ASN D 419 42.12 -9.81 1.36
C ASN D 419 42.72 -11.20 1.48
N LEU D 420 43.21 -11.72 0.35
CA LEU D 420 43.75 -13.06 0.27
C LEU D 420 45.12 -13.15 0.94
N ILE D 421 45.39 -14.32 1.53
CA ILE D 421 46.70 -14.66 2.05
C ILE D 421 47.12 -15.98 1.42
N LYS D 422 48.39 -16.09 1.05
CA LYS D 422 48.90 -17.23 0.30
C LYS D 422 50.09 -17.84 1.02
N GLY D 423 50.47 -19.03 0.57
CA GLY D 423 51.64 -19.74 1.07
C GLY D 423 51.38 -20.71 2.20
N GLY D 424 50.58 -20.31 3.17
CA GLY D 424 50.35 -21.12 4.35
C GLY D 424 51.44 -20.93 5.39
N SER D 425 51.11 -21.29 6.63
CA SER D 425 52.02 -21.14 7.75
C SER D 425 52.49 -22.51 8.22
N PHE D 426 53.22 -22.50 9.34
CA PHE D 426 53.74 -23.75 9.91
C PHE D 426 52.62 -24.69 10.32
N ILE D 427 51.45 -24.16 10.68
CA ILE D 427 50.35 -24.97 11.15
C ILE D 427 49.25 -25.12 10.10
N SER D 428 49.39 -24.49 8.94
CA SER D 428 48.44 -24.71 7.85
C SER D 428 48.52 -26.17 7.39
N THR D 429 47.37 -26.83 7.33
CA THR D 429 47.30 -28.26 7.06
C THR D 429 46.25 -28.56 6.00
N GLY D 430 46.32 -29.78 5.47
CA GLY D 430 45.32 -30.30 4.55
C GLY D 430 45.03 -29.43 3.35
N ASN D 431 43.78 -28.98 3.23
CA ASN D 431 43.38 -28.14 2.11
C ASN D 431 44.19 -26.85 2.04
N GLU D 432 44.64 -26.34 3.19
CA GLU D 432 45.32 -25.06 3.23
C GLU D 432 46.69 -25.12 2.57
N ILE D 433 47.28 -26.30 2.41
CA ILE D 433 48.61 -26.41 1.81
C ILE D 433 48.54 -26.74 0.32
N LEU D 434 47.33 -26.92 -0.23
CA LEU D 434 47.19 -27.07 -1.66
C LEU D 434 47.38 -25.72 -2.36
N ALA D 435 47.77 -25.78 -3.64
CA ALA D 435 47.99 -24.56 -4.40
C ALA D 435 46.67 -23.89 -4.76
N SER D 436 45.67 -24.68 -5.11
CA SER D 436 44.39 -24.12 -5.55
C SER D 436 43.60 -23.47 -4.42
N SER D 437 43.91 -23.81 -3.17
CA SER D 437 43.15 -23.26 -2.04
C SER D 437 43.31 -21.74 -1.97
N ARG D 438 42.28 -21.08 -1.44
CA ARG D 438 42.24 -19.64 -1.35
C ARG D 438 41.62 -19.25 -0.03
N TYR D 439 42.42 -18.58 0.82
CA TYR D 439 41.97 -18.15 2.13
C TYR D 439 42.17 -16.64 2.27
N ALA D 440 41.26 -15.99 2.98
CA ALA D 440 41.25 -14.54 3.07
C ALA D 440 40.75 -14.11 4.44
N PHE D 441 41.26 -12.98 4.89
CA PHE D 441 40.90 -12.42 6.19
C PHE D 441 40.68 -10.92 6.06
N ARG D 442 39.99 -10.36 7.06
CA ARG D 442 39.89 -8.92 7.18
C ARG D 442 41.28 -8.30 7.23
N ARG D 443 41.40 -7.11 6.65
CA ARG D 443 42.69 -6.45 6.54
C ARG D 443 43.25 -6.01 7.89
N HIS D 444 42.45 -6.06 8.96
CA HIS D 444 42.91 -5.77 10.31
C HIS D 444 43.14 -7.02 11.14
N PHE D 445 42.82 -8.20 10.62
CA PHE D 445 42.80 -9.41 11.42
C PHE D 445 44.21 -9.98 11.58
N PHE D 446 44.39 -10.75 12.65
CA PHE D 446 45.69 -11.28 13.03
C PHE D 446 45.73 -12.80 12.86
N GLN D 447 46.76 -13.29 12.18
CA GLN D 447 46.98 -14.72 12.00
C GLN D 447 48.47 -14.96 12.15
N HIS D 448 48.91 -16.20 11.85
CA HIS D 448 50.32 -16.48 11.62
C HIS D 448 50.70 -15.98 10.23
N ALA D 449 50.58 -14.66 10.05
CA ALA D 449 50.64 -14.04 8.74
C ALA D 449 51.75 -12.99 8.70
N GLY D 450 52.61 -13.12 7.69
CA GLY D 450 53.62 -12.11 7.39
C GLY D 450 53.39 -11.55 6.02
N PHE D 451 54.45 -11.14 5.33
CA PHE D 451 54.30 -10.61 3.98
C PHE D 451 55.65 -10.56 3.28
N ARG D 452 55.57 -10.59 1.95
CA ARG D 452 56.70 -10.35 1.07
C ARG D 452 56.33 -9.20 0.14
N TYR D 453 57.25 -8.27 -0.06
CA TYR D 453 56.95 -7.08 -0.85
C TYR D 453 57.45 -7.23 -2.29
N VAL D 454 56.92 -6.37 -3.15
CA VAL D 454 57.04 -6.52 -4.60
C VAL D 454 57.14 -5.12 -5.22
N GLU D 455 57.84 -5.04 -6.35
CA GLU D 455 57.90 -3.82 -7.16
C GLU D 455 57.35 -4.13 -8.55
N SER D 456 56.34 -3.38 -8.97
CA SER D 456 55.69 -3.64 -10.25
C SER D 456 54.89 -2.42 -10.69
N SER D 457 54.74 -2.30 -12.01
CA SER D 457 53.90 -1.28 -12.62
C SER D 457 52.50 -1.79 -12.94
N TYR D 458 52.15 -2.98 -12.44
CA TYR D 458 50.89 -3.63 -12.74
C TYR D 458 49.88 -3.34 -11.62
N LYS D 459 48.72 -2.82 -12.00
CA LYS D 459 47.64 -2.54 -11.07
C LYS D 459 46.41 -3.35 -11.47
N GLU D 460 45.85 -4.09 -10.51
CA GLU D 460 44.78 -5.02 -10.80
C GLU D 460 43.50 -4.30 -11.17
N LYS D 461 42.77 -4.87 -12.14
CA LYS D 461 41.44 -4.40 -12.47
C LYS D 461 40.45 -5.05 -11.52
N ILE D 462 39.84 -4.25 -10.65
CA ILE D 462 38.91 -4.74 -9.64
C ILE D 462 37.49 -4.44 -10.11
N ASN D 463 36.66 -5.49 -10.19
CA ASN D 463 35.28 -5.35 -10.61
C ASN D 463 34.37 -5.17 -9.41
N SER D 464 33.07 -4.98 -9.67
CA SER D 464 32.10 -4.83 -8.60
C SER D 464 32.00 -6.10 -7.77
N SER D 465 31.89 -5.94 -6.46
CA SER D 465 31.95 -7.04 -5.52
C SER D 465 30.55 -7.50 -5.14
N GLY D 466 30.47 -8.73 -4.65
CA GLY D 466 29.24 -9.26 -4.12
C GLY D 466 28.24 -9.66 -5.18
N TYR D 467 27.06 -10.05 -4.70
CA TYR D 467 25.94 -10.44 -5.53
C TYR D 467 24.84 -9.39 -5.40
N GLU D 468 24.35 -8.90 -6.54
CA GLU D 468 23.28 -7.91 -6.55
C GLU D 468 21.99 -8.58 -6.07
N SER D 469 21.54 -8.23 -4.87
CA SER D 469 20.42 -8.91 -4.24
C SER D 469 19.15 -8.06 -4.15
N ASP D 470 19.09 -6.95 -4.89
CA ASP D 470 17.86 -6.16 -4.91
C ASP D 470 16.75 -6.97 -5.57
N THR D 471 15.57 -6.99 -4.92
CA THR D 471 14.46 -7.81 -5.40
C THR D 471 14.12 -7.50 -6.85
N GLN D 472 13.87 -6.23 -7.17
CA GLN D 472 13.46 -5.87 -8.52
C GLN D 472 14.58 -6.10 -9.52
N VAL D 473 15.83 -5.80 -9.15
CA VAL D 473 16.95 -5.99 -10.06
C VAL D 473 17.22 -7.47 -10.26
N SER D 474 17.08 -8.28 -9.21
CA SER D 474 17.27 -9.72 -9.35
C SER D 474 16.31 -10.31 -10.37
N GLN D 475 15.03 -9.93 -10.28
CA GLN D 475 14.01 -10.51 -11.14
C GLN D 475 14.31 -10.27 -12.61
N TYR D 476 14.67 -9.03 -12.96
CA TYR D 476 14.92 -8.70 -14.36
C TYR D 476 16.31 -9.13 -14.82
N CYS D 477 17.24 -9.37 -13.90
CA CYS D 477 18.47 -10.07 -14.28
C CYS D 477 18.14 -11.50 -14.71
N GLU D 478 17.35 -12.21 -13.90
CA GLU D 478 16.91 -13.55 -14.27
C GLU D 478 16.01 -13.53 -15.49
N PHE D 479 15.20 -12.47 -15.63
CA PHE D 479 14.24 -12.43 -16.73
C PHE D 479 14.94 -12.36 -18.08
N GLY D 480 16.08 -11.68 -18.14
CA GLY D 480 16.79 -11.50 -19.38
C GLY D 480 17.98 -12.42 -19.55
N TRP D 481 18.55 -12.90 -18.44
CA TRP D 481 19.77 -13.68 -18.50
C TRP D 481 19.69 -15.01 -17.76
N GLY D 482 18.53 -15.38 -17.22
CA GLY D 482 18.37 -16.59 -16.45
C GLY D 482 17.83 -17.75 -17.26
N ASP D 483 17.20 -18.68 -16.56
CA ASP D 483 16.74 -19.94 -17.15
C ASP D 483 15.31 -19.82 -17.65
N ARG D 484 14.88 -20.86 -18.38
CA ARG D 484 13.51 -20.96 -18.87
C ARG D 484 12.61 -21.56 -17.81
N TYR D 485 11.37 -21.10 -17.78
CA TYR D 485 10.37 -21.62 -16.86
C TYR D 485 9.10 -21.97 -17.64
N PHE D 486 8.52 -23.12 -17.32
CA PHE D 486 7.37 -23.65 -18.04
C PHE D 486 7.66 -23.81 -19.54
N GLY D 487 8.92 -24.05 -19.89
CA GLY D 487 9.32 -24.19 -21.27
C GLY D 487 9.29 -22.93 -22.10
N ILE D 488 8.96 -21.79 -21.50
CA ILE D 488 8.82 -20.54 -22.24
C ILE D 488 10.19 -19.97 -22.56
N GLU D 489 10.40 -19.60 -23.81
CA GLU D 489 11.68 -19.08 -24.28
C GLU D 489 12.01 -17.75 -23.61
N ASN D 490 13.28 -17.36 -23.71
CA ASN D 490 13.74 -16.10 -23.16
C ASN D 490 13.07 -14.95 -23.90
N TYR D 491 12.30 -14.14 -23.15
CA TYR D 491 11.44 -13.14 -23.79
C TYR D 491 12.23 -12.02 -24.45
N PRO D 492 13.19 -11.35 -23.78
CA PRO D 492 13.94 -10.30 -24.49
C PRO D 492 14.68 -10.82 -25.71
N LYS D 493 15.24 -12.03 -25.66
CA LYS D 493 15.93 -12.57 -26.82
C LYS D 493 14.96 -12.88 -27.96
N ARG D 494 13.80 -13.45 -27.64
CA ARG D 494 12.83 -13.80 -28.67
C ARG D 494 12.31 -12.55 -29.37
N CYS D 495 11.94 -11.53 -28.59
CA CYS D 495 11.48 -10.28 -29.20
C CYS D 495 12.56 -9.68 -30.10
N ALA D 496 13.83 -9.79 -29.69
CA ALA D 496 14.91 -9.26 -30.51
C ALA D 496 15.07 -10.07 -31.79
N LYS D 497 15.00 -11.40 -31.70
CA LYS D 497 15.06 -12.23 -32.90
C LYS D 497 13.92 -11.89 -33.85
N ILE D 498 12.73 -11.60 -33.32
CA ILE D 498 11.62 -11.18 -34.16
C ILE D 498 11.93 -9.82 -34.80
N CYS D 499 12.53 -8.92 -34.04
CA CYS D 499 12.92 -7.62 -34.59
C CYS D 499 13.83 -7.80 -35.80
N ILE D 500 14.86 -8.63 -35.68
CA ILE D 500 15.74 -8.92 -36.80
C ILE D 500 14.96 -9.56 -37.94
N GLU D 501 13.96 -10.39 -37.61
CA GLU D 501 13.25 -11.14 -38.64
C GLU D 501 12.37 -10.24 -39.50
N VAL D 502 11.67 -9.27 -38.88
CA VAL D 502 10.77 -8.40 -39.61
C VAL D 502 11.49 -7.20 -40.23
N THR D 503 12.80 -7.08 -40.03
CA THR D 503 13.60 -6.05 -40.68
C THR D 503 14.52 -6.64 -41.75
N GLU D 504 14.30 -7.88 -42.16
CA GLU D 504 15.10 -8.48 -43.23
C GLU D 504 14.87 -7.71 -44.53
N GLY D 505 15.96 -7.29 -45.17
CA GLY D 505 15.88 -6.49 -46.37
C GLY D 505 15.72 -5.00 -46.13
N LYS D 506 15.65 -4.56 -44.88
CA LYS D 506 15.57 -3.17 -44.50
C LYS D 506 16.91 -2.71 -43.94
N PRO D 507 17.16 -1.39 -43.91
CA PRO D 507 18.42 -0.91 -43.34
C PRO D 507 18.49 -1.20 -41.84
N ARG D 508 19.73 -1.41 -41.36
CA ARG D 508 19.99 -1.75 -39.97
C ARG D 508 21.18 -0.95 -39.45
N LYS D 509 21.14 0.36 -39.63
CA LYS D 509 22.24 1.23 -39.20
C LYS D 509 22.12 1.63 -37.73
N LYS D 510 20.93 2.06 -37.29
CA LYS D 510 20.72 2.46 -35.91
C LYS D 510 19.42 1.85 -35.40
N ALA D 511 19.48 1.27 -34.21
CA ALA D 511 18.30 0.76 -33.52
C ALA D 511 18.27 1.33 -32.12
N LEU D 512 17.07 1.35 -31.53
CA LEU D 512 16.87 1.85 -30.17
C LEU D 512 16.00 0.87 -29.41
N ASP D 513 16.35 0.65 -28.14
CA ASP D 513 15.64 -0.29 -27.27
C ASP D 513 15.19 0.48 -26.04
N VAL D 514 13.91 0.85 -26.00
CA VAL D 514 13.34 1.60 -24.88
C VAL D 514 12.82 0.60 -23.85
N GLY D 515 13.14 0.85 -22.59
CA GLY D 515 12.85 -0.11 -21.54
C GLY D 515 13.73 -1.35 -21.64
N CYS D 516 15.03 -1.15 -21.86
CA CYS D 516 15.94 -2.26 -22.16
C CYS D 516 16.22 -3.13 -20.93
N ALA D 517 15.92 -2.64 -19.72
CA ALA D 517 16.10 -3.39 -18.48
C ALA D 517 17.56 -3.80 -18.37
N ILE D 518 17.89 -5.09 -18.24
CA ILE D 518 19.27 -5.52 -18.09
C ILE D 518 19.88 -5.76 -19.46
N GLY D 519 19.16 -5.36 -20.50
CA GLY D 519 19.73 -5.27 -21.83
C GLY D 519 20.02 -6.58 -22.53
N ARG D 520 19.19 -7.60 -22.34
CA ARG D 520 19.33 -8.80 -23.15
C ARG D 520 18.95 -8.53 -24.60
N SER D 521 17.78 -7.92 -24.81
CA SER D 521 17.33 -7.63 -26.17
C SER D 521 18.23 -6.63 -26.86
N THR D 522 18.88 -5.76 -26.10
CA THR D 522 19.77 -4.76 -26.71
C THR D 522 20.98 -5.43 -27.35
N LEU D 523 21.66 -6.29 -26.59
CA LEU D 523 22.83 -6.98 -27.14
C LEU D 523 22.43 -7.91 -28.27
N GLU D 524 21.27 -8.55 -28.15
CA GLU D 524 20.78 -9.40 -29.24
C GLU D 524 20.56 -8.59 -30.51
N LEU D 525 20.03 -7.38 -30.39
CA LEU D 525 19.82 -6.53 -31.56
C LEU D 525 21.15 -6.12 -32.19
N ALA D 526 22.21 -5.98 -31.39
CA ALA D 526 23.50 -5.57 -31.91
C ALA D 526 24.12 -6.62 -32.83
N THR D 527 23.63 -7.85 -32.83
CA THR D 527 24.16 -8.86 -33.74
C THR D 527 23.85 -8.56 -35.19
N SER D 528 22.81 -7.77 -35.46
CA SER D 528 22.46 -7.41 -36.84
C SER D 528 22.39 -5.92 -37.09
N PHE D 529 22.32 -5.08 -36.06
CA PHE D 529 22.31 -3.64 -36.22
C PHE D 529 23.68 -3.06 -35.88
N GLU D 530 24.10 -2.05 -36.64
CA GLU D 530 25.43 -1.50 -36.45
C GLU D 530 25.54 -0.68 -35.17
N SER D 531 24.44 -0.04 -34.76
CA SER D 531 24.42 0.77 -33.55
C SER D 531 23.10 0.54 -32.83
N VAL D 532 23.19 0.19 -31.55
CA VAL D 532 22.01 -0.03 -30.73
C VAL D 532 22.17 0.75 -29.43
N THR D 533 21.09 1.43 -29.03
CA THR D 533 21.07 2.22 -27.81
C THR D 533 20.00 1.67 -26.87
N GLY D 534 20.40 1.36 -25.64
CA GLY D 534 19.47 0.86 -24.63
C GLY D 534 19.11 1.94 -23.63
N LEU D 535 17.82 2.18 -23.47
CA LEU D 535 17.30 3.20 -22.57
C LEU D 535 16.34 2.59 -21.57
N ASP D 536 16.40 3.07 -20.33
CA ASP D 536 15.50 2.62 -19.28
C ASP D 536 15.40 3.70 -18.22
N PHE D 537 14.20 3.83 -17.64
CA PHE D 537 13.99 4.85 -16.62
C PHE D 537 14.76 4.54 -15.34
N SER D 538 14.95 3.27 -15.03
CA SER D 538 15.63 2.87 -13.81
C SER D 538 17.14 3.02 -13.98
N ALA D 539 17.75 3.89 -13.17
CA ALA D 539 19.20 4.05 -13.22
C ALA D 539 19.93 2.80 -12.77
N ARG D 540 19.36 2.06 -11.81
CA ARG D 540 20.00 0.83 -11.36
C ARG D 540 19.93 -0.26 -12.43
N PHE D 541 18.87 -0.26 -13.24
CA PHE D 541 18.79 -1.21 -14.34
C PHE D 541 19.92 -1.00 -15.34
N ILE D 542 20.16 0.26 -15.70
CA ILE D 542 21.21 0.58 -16.67
C ILE D 542 22.58 0.16 -16.14
N GLU D 543 22.80 0.26 -14.84
CA GLU D 543 24.10 -0.10 -14.28
C GLU D 543 24.41 -1.57 -14.51
N MET D 544 23.46 -2.45 -14.19
CA MET D 544 23.66 -3.87 -14.46
C MET D 544 23.79 -4.14 -15.95
N ALA D 545 23.04 -3.40 -16.77
CA ALA D 545 23.15 -3.56 -18.22
C ALA D 545 24.54 -3.17 -18.70
N GLU D 546 25.08 -2.07 -18.18
CA GLU D 546 26.44 -1.66 -18.55
C GLU D 546 27.48 -2.59 -17.93
N ARG D 547 27.21 -3.14 -16.74
CA ARG D 547 28.14 -4.07 -16.12
C ARG D 547 28.26 -5.34 -16.94
N MET D 548 27.17 -5.79 -17.55
CA MET D 548 27.23 -6.95 -18.42
C MET D 548 27.97 -6.64 -19.71
N ARG D 549 27.95 -5.38 -20.15
CA ARG D 549 28.57 -5.01 -21.42
C ARG D 549 30.08 -4.87 -21.30
N LYS D 550 30.56 -4.21 -20.25
CA LYS D 550 32.00 -4.07 -20.06
C LYS D 550 32.62 -5.38 -19.58
N ASP D 551 32.07 -5.97 -18.52
CA ASP D 551 32.74 -7.08 -17.84
C ASP D 551 32.45 -8.43 -18.47
N GLY D 552 31.34 -8.56 -19.21
CA GLY D 552 30.98 -9.84 -19.78
C GLY D 552 30.30 -10.80 -18.83
N SER D 553 30.00 -10.37 -17.60
CA SER D 553 29.28 -11.22 -16.67
C SER D 553 28.69 -10.37 -15.55
N ILE D 554 27.56 -10.83 -15.01
CA ILE D 554 26.93 -10.21 -13.85
C ILE D 554 26.58 -11.31 -12.86
N ARG D 555 26.47 -10.91 -11.59
CA ARG D 555 26.18 -11.84 -10.51
C ARG D 555 25.00 -11.31 -9.69
N TYR D 556 24.06 -12.20 -9.38
CA TYR D 556 22.87 -11.81 -8.64
C TYR D 556 22.32 -13.03 -7.91
N THR D 557 21.42 -12.77 -6.97
CA THR D 557 20.74 -13.81 -6.21
C THR D 557 19.25 -13.77 -6.51
N ILE D 558 18.65 -14.95 -6.71
CA ILE D 558 17.20 -15.08 -6.86
C ILE D 558 16.66 -15.81 -5.64
N THR D 559 15.43 -15.47 -5.29
CA THR D 559 14.81 -16.01 -4.07
C THR D 559 14.27 -17.41 -4.32
N THR D 560 14.58 -18.33 -3.41
CA THR D 560 13.98 -19.66 -3.40
C THR D 560 12.78 -19.71 -2.44
N GLU D 561 13.03 -19.45 -1.16
CA GLU D 561 11.98 -19.31 -0.16
C GLU D 561 12.42 -18.23 0.82
N GLY D 562 11.60 -17.20 0.98
CA GLY D 562 11.88 -16.18 1.98
C GLY D 562 13.21 -15.51 1.74
N GLU D 563 14.09 -15.56 2.76
CA GLU D 563 15.42 -14.98 2.66
C GLU D 563 16.43 -15.91 1.98
N LEU D 564 16.11 -17.20 1.86
CA LEU D 564 17.03 -18.12 1.19
C LEU D 564 17.14 -17.78 -0.29
N VAL D 565 18.37 -17.82 -0.81
CA VAL D 565 18.64 -17.34 -2.15
C VAL D 565 19.37 -18.43 -2.94
N GLU D 566 19.44 -18.21 -4.25
CA GLU D 566 20.28 -19.00 -5.15
C GLU D 566 21.26 -18.06 -5.81
N TYR D 567 22.54 -18.46 -5.86
CA TYR D 567 23.60 -17.61 -6.36
C TYR D 567 23.80 -17.88 -7.86
N LYS D 568 23.48 -16.90 -8.68
CA LYS D 568 23.54 -17.01 -10.14
C LYS D 568 24.63 -16.12 -10.71
N GLU D 569 25.35 -16.64 -11.71
CA GLU D 569 26.31 -15.87 -12.48
C GLU D 569 25.91 -15.96 -13.95
N ALA D 570 25.67 -14.82 -14.58
CA ALA D 570 25.25 -14.76 -15.97
C ALA D 570 26.44 -14.37 -16.82
N THR D 571 26.97 -15.34 -17.58
CA THR D 571 28.14 -15.12 -18.43
C THR D 571 27.70 -14.73 -19.83
N LEU D 572 28.28 -13.67 -20.35
CA LEU D 572 27.93 -13.19 -21.68
C LEU D 572 28.37 -14.22 -22.72
N PRO D 573 27.47 -14.64 -23.61
CA PRO D 573 27.90 -15.53 -24.70
C PRO D 573 28.91 -14.83 -25.60
N LYS D 574 29.81 -15.63 -26.19
CA LYS D 574 30.79 -15.07 -27.11
C LYS D 574 30.12 -14.43 -28.31
N ARG D 575 28.97 -14.95 -28.72
CA ARG D 575 28.21 -14.34 -29.82
C ARG D 575 27.82 -12.90 -29.52
N LEU D 576 27.53 -12.58 -28.26
CA LEU D 576 27.21 -11.21 -27.88
C LEU D 576 28.44 -10.40 -27.46
N ALA D 577 29.51 -11.06 -27.04
CA ALA D 577 30.73 -10.34 -26.69
C ALA D 577 31.35 -9.66 -27.91
N LYS D 578 31.03 -10.12 -29.11
CA LYS D 578 31.59 -9.52 -30.32
C LYS D 578 31.01 -8.13 -30.56
N VAL D 579 29.81 -7.86 -30.06
CA VAL D 579 29.06 -6.67 -30.43
C VAL D 579 28.88 -5.71 -29.27
N VAL D 580 29.58 -5.94 -28.15
CA VAL D 580 29.45 -5.04 -27.01
C VAL D 580 29.95 -3.64 -27.32
N ASP D 581 30.83 -3.50 -28.31
CA ASP D 581 31.33 -2.20 -28.71
C ASP D 581 30.30 -1.41 -29.54
N ARG D 582 29.20 -2.04 -29.93
CA ARG D 582 28.17 -1.39 -30.73
C ARG D 582 26.95 -1.01 -29.90
N VAL D 583 27.08 -0.96 -28.58
CA VAL D 583 25.95 -0.76 -27.68
C VAL D 583 26.28 0.34 -26.68
N GLU D 584 25.31 1.21 -26.41
CA GLU D 584 25.36 2.17 -25.32
C GLU D 584 24.12 2.00 -24.46
N PHE D 585 24.28 2.22 -23.16
CA PHE D 585 23.18 2.20 -22.22
C PHE D 585 23.10 3.55 -21.50
N TRP D 586 21.89 4.08 -21.38
CA TRP D 586 21.68 5.37 -20.75
C TRP D 586 20.36 5.38 -20.00
N GLN D 587 20.35 6.01 -18.83
CA GLN D 587 19.10 6.31 -18.16
C GLN D 587 18.34 7.36 -18.97
N ALA D 588 17.03 7.17 -19.11
CA ALA D 588 16.24 8.07 -19.93
C ALA D 588 14.76 7.87 -19.62
N ASP D 589 14.00 8.96 -19.65
CA ASP D 589 12.55 8.91 -19.54
C ASP D 589 11.96 8.83 -20.94
N ALA D 590 11.16 7.79 -21.18
CA ALA D 590 10.61 7.57 -22.52
C ALA D 590 9.59 8.63 -22.92
N CYS D 591 8.95 9.29 -21.96
CA CYS D 591 8.01 10.36 -22.24
C CYS D 591 8.68 11.72 -22.38
N ASN D 592 10.01 11.76 -22.35
CA ASN D 592 10.74 13.00 -22.52
C ASN D 592 12.17 12.70 -22.97
N LEU D 593 12.31 12.05 -24.12
CA LEU D 593 13.62 11.65 -24.60
C LEU D 593 14.44 12.86 -25.05
N LYS D 594 15.75 12.77 -24.85
CA LYS D 594 16.64 13.83 -25.30
C LYS D 594 16.66 13.90 -26.83
N PRO D 595 16.89 15.10 -27.39
CA PRO D 595 16.89 15.23 -28.85
C PRO D 595 17.97 14.39 -29.55
N ILE D 596 19.06 14.07 -28.85
CA ILE D 596 20.16 13.33 -29.49
C ILE D 596 19.71 11.94 -29.91
N PHE D 597 18.76 11.34 -29.18
CA PHE D 597 18.25 10.01 -29.52
C PHE D 597 17.22 10.16 -30.65
N THR D 598 17.71 10.09 -31.89
CA THR D 598 16.83 10.16 -33.05
C THR D 598 17.54 9.52 -34.24
N GLY D 599 16.75 9.25 -35.28
CA GLY D 599 17.28 8.72 -36.52
C GLY D 599 17.47 7.21 -36.51
N TYR D 600 16.42 6.47 -36.12
CA TYR D 600 16.52 5.04 -35.88
C TYR D 600 15.82 4.25 -36.98
N ASP D 601 16.48 3.19 -37.43
CA ASP D 601 15.86 2.26 -38.37
C ASP D 601 14.94 1.26 -37.69
N LEU D 602 15.07 1.10 -36.37
CA LEU D 602 14.17 0.29 -35.57
C LEU D 602 14.13 0.84 -34.16
N VAL D 603 12.94 0.91 -33.58
CA VAL D 603 12.75 1.25 -32.18
C VAL D 603 11.89 0.17 -31.56
N PHE D 604 12.47 -0.62 -30.66
CA PHE D 604 11.74 -1.66 -29.94
C PHE D 604 11.47 -1.18 -28.52
N ALA D 605 10.23 -1.37 -28.06
CA ALA D 605 9.82 -0.97 -26.72
C ALA D 605 9.09 -2.15 -26.09
N GLY D 606 9.80 -2.94 -25.29
CA GLY D 606 9.24 -4.13 -24.68
C GLY D 606 8.56 -3.89 -23.34
N ASN D 607 7.26 -4.21 -23.27
CA ASN D 607 6.49 -4.16 -22.02
C ASN D 607 6.58 -2.78 -21.37
N LEU D 608 6.39 -1.75 -22.19
CA LEU D 608 6.66 -0.40 -21.72
C LEU D 608 5.46 0.53 -21.75
N ILE D 609 4.60 0.44 -22.77
CA ILE D 609 3.58 1.48 -22.97
C ILE D 609 2.60 1.50 -21.81
N ASP D 610 2.27 0.34 -21.26
CA ASP D 610 1.40 0.29 -20.09
C ASP D 610 2.14 0.56 -18.79
N ARG D 611 3.35 1.13 -18.87
CA ARG D 611 4.09 1.60 -17.71
C ARG D 611 4.42 3.08 -17.80
N LEU D 612 4.08 3.74 -18.91
CA LEU D 612 4.40 5.15 -19.10
C LEU D 612 3.24 6.03 -18.63
N TYR D 613 3.57 7.18 -18.07
CA TYR D 613 2.55 8.11 -17.61
C TYR D 613 1.72 8.63 -18.78
N ASP D 614 2.37 8.93 -19.91
CA ASP D 614 1.72 9.53 -21.08
C ASP D 614 2.09 8.70 -22.30
N PRO D 615 1.39 7.57 -22.51
CA PRO D 615 1.75 6.70 -23.65
C PRO D 615 1.60 7.39 -25.00
N ALA D 616 0.57 8.23 -25.15
CA ALA D 616 0.38 8.90 -26.44
C ALA D 616 1.52 9.86 -26.75
N LYS D 617 2.10 10.50 -25.73
CA LYS D 617 3.21 11.40 -25.97
C LYS D 617 4.46 10.65 -26.43
N PHE D 618 4.67 9.44 -25.91
CA PHE D 618 5.80 8.64 -26.36
C PHE D 618 5.62 8.22 -27.82
N LEU D 619 4.44 7.68 -28.16
CA LEU D 619 4.17 7.27 -29.53
C LEU D 619 4.31 8.44 -30.50
N ASN D 620 3.90 9.64 -30.07
CA ASN D 620 4.02 10.80 -30.94
C ASN D 620 5.47 11.23 -31.09
N ASP D 621 6.24 11.23 -30.01
CA ASP D 621 7.65 11.60 -30.09
C ASP D 621 8.45 10.56 -30.87
N ILE D 622 8.26 9.28 -30.55
CA ILE D 622 9.09 8.23 -31.15
C ILE D 622 8.85 8.09 -32.64
N GLY D 623 7.71 8.56 -33.15
CA GLY D 623 7.49 8.52 -34.58
C GLY D 623 8.37 9.50 -35.33
N LYS D 624 8.55 10.70 -34.78
CA LYS D 624 9.41 11.72 -35.38
C LYS D 624 10.88 11.38 -35.30
N ARG D 625 11.26 10.29 -34.63
CA ARG D 625 12.65 9.92 -34.47
C ARG D 625 13.02 8.64 -35.22
N ILE D 626 12.06 8.02 -35.88
CA ILE D 626 12.30 6.84 -36.71
C ILE D 626 12.40 7.29 -38.17
N ASN D 627 13.41 6.78 -38.87
CA ASN D 627 13.59 7.12 -40.28
C ASN D 627 12.39 6.66 -41.11
N SER D 628 12.22 7.28 -42.27
CA SER D 628 11.16 6.85 -43.18
C SER D 628 11.43 5.42 -43.65
N GLY D 629 10.39 4.59 -43.58
CA GLY D 629 10.53 3.17 -43.87
C GLY D 629 11.00 2.34 -42.70
N GLY D 630 11.33 2.96 -41.57
CA GLY D 630 11.79 2.23 -40.41
C GLY D 630 10.64 1.57 -39.65
N MET D 631 11.02 0.69 -38.74
CA MET D 631 10.08 -0.14 -38.00
C MET D 631 9.97 0.30 -36.56
N LEU D 632 8.73 0.32 -36.05
CA LEU D 632 8.45 0.48 -34.63
C LEU D 632 7.77 -0.79 -34.14
N ILE D 633 8.36 -1.44 -33.14
CA ILE D 633 7.87 -2.71 -32.63
C ILE D 633 7.57 -2.54 -31.15
N LEU D 634 6.30 -2.73 -30.78
CA LEU D 634 5.83 -2.57 -29.41
C LEU D 634 5.30 -3.89 -28.88
N THR D 635 5.57 -4.17 -27.61
CA THR D 635 4.96 -5.30 -26.93
C THR D 635 4.37 -4.83 -25.62
N SER D 636 3.23 -5.41 -25.24
CA SER D 636 2.59 -5.07 -23.97
C SER D 636 1.53 -6.10 -23.60
N PRO D 637 1.38 -6.43 -22.31
CA PRO D 637 0.22 -7.20 -21.86
C PRO D 637 -1.03 -6.37 -21.67
N TYR D 638 -0.95 -5.06 -21.91
CA TYR D 638 -2.07 -4.12 -21.72
C TYR D 638 -2.62 -4.18 -20.30
N THR D 639 -1.74 -3.95 -19.34
CA THR D 639 -2.10 -3.90 -17.93
C THR D 639 -2.24 -2.45 -17.48
N TRP D 640 -3.25 -1.79 -18.05
CA TRP D 640 -3.50 -0.39 -17.72
C TRP D 640 -3.91 -0.26 -16.26
N LEU D 641 -3.21 0.61 -15.53
CA LEU D 641 -3.45 0.81 -14.11
C LEU D 641 -3.28 2.29 -13.78
N GLU D 642 -4.08 2.77 -12.83
CA GLU D 642 -3.91 4.11 -12.32
C GLU D 642 -2.54 4.31 -11.69
N GLU D 643 -1.84 3.22 -11.35
CA GLU D 643 -0.52 3.34 -10.74
C GLU D 643 0.47 3.97 -11.71
N PHE D 644 0.40 3.61 -13.00
CA PHE D 644 1.34 4.11 -14.00
C PHE D 644 0.74 5.13 -14.95
N THR D 645 -0.56 5.06 -15.25
CA THR D 645 -1.15 5.93 -16.26
C THR D 645 -2.52 6.40 -15.81
N PRO D 646 -2.81 7.70 -15.89
CA PRO D 646 -4.18 8.16 -15.67
C PRO D 646 -5.13 7.53 -16.68
N LYS D 647 -6.38 7.36 -16.25
CA LYS D 647 -7.36 6.62 -17.07
C LYS D 647 -7.56 7.29 -18.42
N GLN D 648 -7.52 8.63 -18.47
CA GLN D 648 -7.76 9.32 -19.72
C GLN D 648 -6.63 9.12 -20.73
N LYS D 649 -5.46 8.66 -20.27
CA LYS D 649 -4.33 8.44 -21.16
C LYS D 649 -4.12 6.96 -21.49
N TRP D 650 -4.99 6.08 -21.03
CA TRP D 650 -4.95 4.69 -21.45
C TRP D 650 -5.20 4.61 -22.96
N LEU D 651 -4.37 3.84 -23.66
CA LEU D 651 -4.58 3.68 -25.09
C LEU D 651 -5.78 2.79 -25.39
N GLY D 652 -6.11 1.88 -24.47
CA GLY D 652 -7.28 1.05 -24.62
C GLY D 652 -7.90 0.71 -23.28
N GLY D 653 -8.78 -0.29 -23.25
CA GLY D 653 -9.36 -0.73 -22.00
C GLY D 653 -10.44 0.17 -21.46
N PHE D 654 -11.25 0.77 -22.33
CA PHE D 654 -12.35 1.62 -21.90
C PHE D 654 -13.40 1.64 -23.00
N LYS D 655 -14.56 2.18 -22.66
CA LYS D 655 -15.65 2.36 -23.62
C LYS D 655 -15.74 3.83 -24.00
N GLN D 656 -15.83 4.10 -25.29
CA GLN D 656 -16.04 5.44 -25.82
C GLN D 656 -17.12 5.37 -26.88
N ASP D 657 -18.05 6.32 -26.83
CA ASP D 657 -19.27 6.31 -27.64
C ASP D 657 -20.10 5.05 -27.40
N GLY D 658 -19.89 4.39 -26.26
CA GLY D 658 -20.63 3.20 -25.89
C GLY D 658 -20.13 1.92 -26.52
N GLU D 659 -18.95 1.93 -27.12
CA GLU D 659 -18.35 0.75 -27.72
C GLU D 659 -16.96 0.56 -27.14
N PRO D 660 -16.51 -0.69 -27.00
CA PRO D 660 -15.18 -0.92 -26.43
C PRO D 660 -14.08 -0.45 -27.37
N VAL D 661 -12.98 0.01 -26.78
CA VAL D 661 -11.78 0.38 -27.50
C VAL D 661 -10.67 -0.53 -26.99
N LYS D 662 -10.36 -1.58 -27.73
CA LYS D 662 -9.22 -2.41 -27.38
C LYS D 662 -7.92 -1.64 -27.61
N SER D 663 -6.89 -2.01 -26.87
CA SER D 663 -5.63 -1.27 -26.92
C SER D 663 -5.03 -1.29 -28.32
N ILE D 664 -5.15 -2.41 -29.02
CA ILE D 664 -4.61 -2.49 -30.37
C ILE D 664 -5.32 -1.51 -31.31
N ASP D 665 -6.62 -1.26 -31.07
CA ASP D 665 -7.32 -0.24 -31.85
C ASP D 665 -6.85 1.15 -31.44
N GLY D 666 -6.60 1.36 -30.16
CA GLY D 666 -6.05 2.64 -29.72
C GLY D 666 -4.68 2.92 -30.32
N LEU D 667 -3.87 1.87 -30.49
CA LEU D 667 -2.58 2.04 -31.15
C LEU D 667 -2.76 2.43 -32.61
N LYS D 668 -3.74 1.84 -33.29
CA LYS D 668 -4.03 2.25 -34.67
C LYS D 668 -4.42 3.72 -34.72
N SER D 669 -5.30 4.15 -33.82
CA SER D 669 -5.81 5.52 -33.86
C SER D 669 -4.70 6.55 -33.65
N HIS D 670 -3.68 6.19 -32.87
CA HIS D 670 -2.59 7.13 -32.61
C HIS D 670 -1.45 7.00 -33.61
N LEU D 671 -1.37 5.88 -34.34
CA LEU D 671 -0.30 5.66 -35.32
C LEU D 671 -0.81 5.63 -36.75
N LYS D 672 -2.08 5.98 -36.98
CA LYS D 672 -2.63 5.87 -38.32
C LYS D 672 -1.98 6.85 -39.29
N ASP D 673 -1.60 8.04 -38.82
CA ASP D 673 -1.12 9.09 -39.71
C ASP D 673 0.34 8.90 -40.13
N SER D 674 1.09 8.02 -39.48
CA SER D 674 2.49 7.84 -39.82
C SER D 674 2.99 6.41 -39.71
N PHE D 675 2.10 5.43 -39.52
CA PHE D 675 2.53 4.04 -39.40
C PHE D 675 1.44 3.13 -39.95
N LYS D 676 1.86 2.02 -40.56
CA LYS D 676 0.98 0.93 -40.95
C LYS D 676 1.21 -0.25 -40.02
N LEU D 677 0.13 -0.94 -39.67
CA LEU D 677 0.24 -2.15 -38.85
C LEU D 677 0.57 -3.32 -39.78
N ILE D 678 1.78 -3.87 -39.65
CA ILE D 678 2.17 -5.00 -40.47
C ILE D 678 1.52 -6.29 -39.97
N GLU D 679 1.68 -6.60 -38.69
CA GLU D 679 1.12 -7.81 -38.13
C GLU D 679 1.07 -7.68 -36.62
N THR D 680 0.37 -8.63 -35.99
CA THR D 680 0.42 -8.83 -34.55
C THR D 680 0.61 -10.31 -34.26
N ARG D 681 1.29 -10.59 -33.16
CA ARG D 681 1.44 -11.96 -32.70
C ARG D 681 1.59 -11.96 -31.19
N ASP D 682 1.13 -13.03 -30.55
CA ASP D 682 1.19 -13.16 -29.10
C ASP D 682 2.49 -13.83 -28.68
N ILE D 683 3.11 -13.29 -27.63
CA ILE D 683 4.36 -13.81 -27.09
C ILE D 683 4.18 -14.03 -25.61
N GLU D 684 4.35 -15.28 -25.16
CA GLU D 684 4.31 -15.59 -23.74
C GLU D 684 5.64 -15.26 -23.09
N PHE D 685 5.58 -14.90 -21.81
CA PHE D 685 6.79 -14.66 -21.04
C PHE D 685 6.51 -14.96 -19.57
N VAL D 686 7.57 -15.31 -18.84
CA VAL D 686 7.48 -15.72 -17.44
C VAL D 686 8.50 -14.93 -16.65
N ILE D 687 8.05 -14.26 -15.58
CA ILE D 687 8.92 -13.57 -14.65
C ILE D 687 8.92 -14.33 -13.33
N ARG D 688 10.11 -14.75 -12.89
CA ARG D 688 10.23 -15.52 -11.66
C ARG D 688 10.18 -14.59 -10.45
N GLU D 689 9.34 -14.93 -9.48
CA GLU D 689 9.26 -14.20 -8.22
C GLU D 689 9.90 -14.98 -7.07
N THR D 690 9.46 -16.22 -6.85
CA THR D 690 10.15 -17.14 -5.96
C THR D 690 10.44 -18.42 -6.71
N ALA D 691 10.88 -19.47 -6.01
CA ALA D 691 11.06 -20.77 -6.66
C ALA D 691 9.72 -21.39 -7.05
N ARG D 692 8.61 -20.88 -6.50
CA ARG D 692 7.31 -21.49 -6.72
C ARG D 692 6.25 -20.51 -7.20
N LYS D 693 6.57 -19.23 -7.33
CA LYS D 693 5.60 -18.22 -7.75
C LYS D 693 6.14 -17.47 -8.95
N PHE D 694 5.30 -17.31 -9.97
CA PHE D 694 5.71 -16.68 -11.21
C PHE D 694 4.58 -15.83 -11.75
N GLN D 695 4.94 -14.82 -12.54
CA GLN D 695 4.00 -14.17 -13.43
C GLN D 695 4.12 -14.81 -14.80
N HIS D 696 2.99 -15.26 -15.33
CA HIS D 696 2.94 -15.89 -16.64
C HIS D 696 1.94 -15.11 -17.47
N SER D 697 2.42 -14.42 -18.50
CA SER D 697 1.60 -13.47 -19.23
C SER D 697 1.71 -13.73 -20.73
N VAL D 698 0.74 -13.17 -21.46
CA VAL D 698 0.71 -13.26 -22.91
C VAL D 698 0.71 -11.82 -23.43
N ALA D 699 1.89 -11.29 -23.72
CA ALA D 699 1.99 -9.97 -24.32
C ALA D 699 1.60 -10.03 -25.80
N GLN D 700 1.14 -8.90 -26.32
CA GLN D 700 0.89 -8.75 -27.75
C GLN D 700 1.98 -7.89 -28.35
N MET D 701 2.62 -8.39 -29.40
CA MET D 701 3.60 -7.63 -30.16
C MET D 701 2.91 -7.05 -31.39
N SER D 702 2.99 -5.74 -31.55
CA SER D 702 2.47 -5.05 -32.73
C SER D 702 3.64 -4.45 -33.51
N ILE D 703 3.72 -4.77 -34.79
CA ILE D 703 4.83 -4.37 -35.64
C ILE D 703 4.35 -3.29 -36.62
N TRP D 704 5.04 -2.16 -36.65
CA TRP D 704 4.62 -1.00 -37.41
C TRP D 704 5.70 -0.57 -38.39
N GLU D 705 5.29 0.14 -39.43
CA GLU D 705 6.18 0.58 -40.49
C GLU D 705 5.86 2.04 -40.81
N LYS D 706 6.85 2.91 -40.71
CA LYS D 706 6.59 4.34 -40.88
C LYS D 706 6.28 4.67 -42.33
N ILE D 707 5.20 5.41 -42.55
CA ILE D 707 4.78 5.78 -43.89
C ILE D 707 5.84 6.67 -44.52
N LEU D 708 6.17 6.38 -45.78
CA LEU D 708 7.26 7.05 -46.47
C LEU D 708 6.97 8.54 -46.66
N GLU D 709 8.03 9.29 -46.92
CA GLU D 709 7.96 10.73 -47.17
C GLU D 709 7.29 11.47 -46.00
#